data_7LL1
#
_entry.id   7LL1
#
_cell.length_a   1.00
_cell.length_b   1.00
_cell.length_c   1.00
_cell.angle_alpha   90.00
_cell.angle_beta   90.00
_cell.angle_gamma   90.00
#
_symmetry.space_group_name_H-M   'P 1'
#
loop_
_entity.id
_entity.type
_entity.pdbx_description
1 polymer 'Envelope glycoprotein gp120'
2 polymer 'Envelope glycoprotein gp41'
3 polymer 'VRC40.01 Fab Heavy chain'
4 polymer 'VRC40.01 Fab Light chain'
5 branched beta-D-mannopyranose-(1-4)-2-acetamido-2-deoxy-beta-D-glucopyranose-(1-4)-2-acetamido-2-deoxy-beta-D-glucopyranose
6 branched alpha-D-mannopyranose-(1-2)-alpha-D-mannopyranose-(1-3)-[alpha-D-mannopyranose-(1-6)]beta-D-mannopyranose-(1-4)-2-acetamido-2-deoxy-beta-D-glucopyranose-(1-4)-2-acetamido-2-deoxy-beta-D-glucopyranose
7 non-polymer 2-acetamido-2-deoxy-beta-D-glucopyranose
#
loop_
_entity_poly.entity_id
_entity_poly.type
_entity_poly.pdbx_seq_one_letter_code
_entity_poly.pdbx_strand_id
1 'polypeptide(L)'
;AENLWVTVYYGVPVWKDAETTLFCASDAKAYETEKHNVWATHACVPTDPNPQEIHLENVTEEFNMWKNNMVEQMHTDIIS
LWDQSLKPCVKLTPLCVTLQCTNVTNNITDDMRGELKNCSFNMTTELRDKKQKVYSLFYRLDVVQINENQGNRSNNSNKE
YRLINCNTSACTQACPKVSFEPIPIHYCAPAGFAILKCKDKKFNGTGPCPSVSTVQCTHGIKPVVSTQLLLNGSLAEEEV
MIRSENITNNAKNILVQFNTPVQINCTRPNNNTRKSIRIGPGQAFYATGDIIGDIRQAHCNVSKATWNETLGKVVKQLRK
HFGNNTIIRFANSSGGDLEVTTHSFNCGGEFFYCNTSGLFNSTWISNTSVQGSNSTGSNDSITLPCRIKQIINMWQRIGQ
CMYAPPIQGVIRCVSNITGLILTRDGGSTNSTTETFRPGGGDMRDNWRSELYKYKVVKIEPLGVAPTRCKRRV
;
A,C,G
2 'polypeptide(L)'
;AVGIGAVFLGFLGAAGSTMGAASMTLTVQARNLLSGIVQQQSNLLRAIEAQQHLLKLTVWGIKQLQARVLAVERYLRDQQ
LLGIWGCSGKLICCTNVPWNSSWSNRNLSEIWDNMTWLQWDKEISNYTQIIYGLLEESQNQQEKNEQDLLALD
;
B,D,I
3 'polypeptide(L)'
;QVQLIQSGPQFKTPGASVTVSCKASGYIFTDYLIHWVRLVPGKGLEWLGRINTNAGLMYLSHKFEGRLILRRVVDWRTPS
LGTVNMELRNVRSDDSAIYFCGRVVDGFNAAGPLEFWGQGSPVIVSSASTKGPSVFPLAPSSKSTSGGTAALGCLVKDYF
PEPVTVSWNSGALTSGVHTFPAVLQSSGLYSLSSVVTVPSSSLGTQTYICNVNHKPSNTKVDKKVEPKS
;
H,E,J
4 'polypeptide(L)'
;QVVMTQSPATLSLSPGETAAVSCRASQYVDRSISWYQLKTGRAPRLLVYAASSRSIGVPDRFSGSGSGRDFTLTIRGVQS
DDFALYYCQQDYYWPVTFGQGTRLDMKRTVAAPSVFIFPPSDEQLKSGTASVVCLLNNFYPREAKVQWKVDNALQSGNSQ
ESVTEQDSKDSTYSLSSTLTLSKADYEKHKVYACEVTHQGLSSPVTKSFNRGEC
;
L,F,K
#
loop_
_chem_comp.id
_chem_comp.type
_chem_comp.name
_chem_comp.formula
BMA D-saccharide, beta linking beta-D-mannopyranose 'C6 H12 O6'
MAN D-saccharide, alpha linking alpha-D-mannopyranose 'C6 H12 O6'
NAG D-saccharide, beta linking 2-acetamido-2-deoxy-beta-D-glucopyranose 'C8 H15 N O6'
#
# COMPACT_ATOMS: atom_id res chain seq x y z
N ALA A 1 -67.21 -19.42 -2.20
CA ALA A 1 -66.96 -19.62 -3.64
C ALA A 1 -66.07 -20.86 -3.88
N GLU A 2 -66.43 -21.72 -4.83
CA GLU A 2 -65.76 -23.01 -5.03
C GLU A 2 -64.43 -22.91 -5.78
N ASN A 3 -64.26 -21.90 -6.63
CA ASN A 3 -62.99 -21.67 -7.31
C ASN A 3 -61.89 -21.29 -6.32
N LEU A 4 -60.66 -21.64 -6.66
CA LEU A 4 -59.54 -21.52 -5.74
C LEU A 4 -59.06 -20.08 -5.61
N TRP A 5 -58.34 -19.79 -4.52
CA TRP A 5 -57.82 -18.47 -4.21
C TRP A 5 -56.32 -18.50 -4.04
N VAL A 6 -55.64 -17.44 -4.46
CA VAL A 6 -54.20 -17.32 -4.31
C VAL A 6 -53.83 -17.34 -2.83
N THR A 7 -52.86 -18.13 -2.44
CA THR A 7 -52.26 -18.06 -1.10
C THR A 7 -50.76 -18.00 -1.21
N VAL A 8 -50.13 -17.19 -0.37
CA VAL A 8 -48.68 -16.98 -0.42
C VAL A 8 -48.01 -17.60 0.78
N TYR A 9 -46.86 -18.20 0.57
CA TYR A 9 -46.09 -18.91 1.57
C TYR A 9 -44.71 -18.30 1.66
N TYR A 10 -44.18 -18.14 2.86
CA TYR A 10 -42.78 -17.76 3.06
C TYR A 10 -41.99 -18.91 3.65
N GLY A 11 -40.75 -19.10 3.24
CA GLY A 11 -39.97 -20.27 3.65
C GLY A 11 -40.34 -21.56 2.90
N VAL A 12 -40.87 -21.48 1.69
CA VAL A 12 -41.07 -22.67 0.86
C VAL A 12 -39.71 -23.20 0.41
N PRO A 13 -39.45 -24.53 0.41
CA PRO A 13 -38.15 -25.09 0.07
C PRO A 13 -37.93 -25.12 -1.45
N VAL A 14 -37.35 -24.07 -2.00
CA VAL A 14 -37.08 -23.90 -3.44
C VAL A 14 -35.74 -23.19 -3.63
N TRP A 15 -35.01 -23.54 -4.68
CA TRP A 15 -33.73 -22.92 -5.00
C TRP A 15 -33.51 -22.75 -6.50
N LYS A 16 -32.60 -21.86 -6.88
CA LYS A 16 -32.13 -21.68 -8.26
C LYS A 16 -30.61 -21.57 -8.31
N ASP A 17 -30.01 -22.03 -9.39
CA ASP A 17 -28.55 -22.01 -9.60
C ASP A 17 -28.01 -20.58 -9.62
N ALA A 18 -26.86 -20.32 -9.01
CA ALA A 18 -26.35 -18.96 -8.85
C ALA A 18 -24.83 -18.91 -8.64
N GLU A 19 -24.23 -17.75 -8.91
CA GLU A 19 -22.83 -17.46 -8.58
C GLU A 19 -22.77 -16.44 -7.45
N THR A 20 -22.03 -16.75 -6.39
CA THR A 20 -21.91 -15.91 -5.19
C THR A 20 -20.53 -16.09 -4.58
N THR A 21 -19.96 -15.06 -3.95
CA THR A 21 -18.62 -15.16 -3.35
C THR A 21 -18.68 -16.02 -2.09
N LEU A 22 -18.15 -17.24 -2.17
CA LEU A 22 -17.99 -18.11 -1.00
C LEU A 22 -17.00 -17.49 -0.02
N PHE A 23 -17.06 -17.89 1.24
CA PHE A 23 -16.11 -17.48 2.27
C PHE A 23 -15.36 -18.71 2.77
N CYS A 24 -14.10 -18.56 3.18
CA CYS A 24 -13.24 -19.70 3.50
C CYS A 24 -12.90 -19.76 4.98
N ALA A 25 -12.92 -20.97 5.54
CA ALA A 25 -12.71 -21.23 6.95
C ALA A 25 -11.71 -22.37 7.16
N SER A 26 -10.85 -22.29 8.17
CA SER A 26 -9.80 -23.28 8.46
C SER A 26 -9.94 -23.85 9.87
N ASP A 27 -9.46 -25.07 10.06
CA ASP A 27 -9.56 -25.78 11.34
C ASP A 27 -9.01 -24.92 12.48
N ALA A 28 -9.75 -24.80 13.59
CA ALA A 28 -9.42 -23.83 14.63
C ALA A 28 -8.02 -24.02 15.22
N LYS A 29 -7.50 -25.25 15.30
CA LYS A 29 -6.11 -25.54 15.72
C LYS A 29 -5.03 -24.92 14.83
N ALA A 30 -5.27 -24.76 13.52
CA ALA A 30 -4.39 -23.95 12.68
C ALA A 30 -4.52 -22.45 13.01
N TYR A 31 -5.74 -21.98 13.28
CA TYR A 31 -5.99 -20.59 13.69
C TYR A 31 -5.28 -20.25 15.02
N GLU A 32 -5.30 -21.20 15.96
CA GLU A 32 -4.63 -21.15 17.26
C GLU A 32 -3.09 -21.27 17.14
N THR A 33 -2.61 -21.95 16.09
CA THR A 33 -1.19 -21.96 15.70
C THR A 33 -0.85 -20.62 15.02
N GLU A 34 -0.87 -19.56 15.83
CA GLU A 34 -0.99 -18.17 15.40
C GLU A 34 0.21 -17.62 14.61
N LYS A 35 -0.02 -16.46 13.96
CA LYS A 35 1.00 -15.55 13.42
C LYS A 35 1.94 -16.20 12.40
N HIS A 36 1.32 -16.61 11.29
CA HIS A 36 1.98 -16.83 10.00
C HIS A 36 3.03 -17.95 9.96
N ASN A 37 2.81 -19.06 10.69
CA ASN A 37 3.54 -20.31 10.45
C ASN A 37 3.31 -20.85 9.02
N VAL A 38 2.11 -20.61 8.48
CA VAL A 38 1.66 -20.76 7.09
C VAL A 38 0.80 -19.56 6.75
N TRP A 39 0.54 -19.30 5.47
CA TRP A 39 -0.45 -18.30 5.06
C TRP A 39 -1.91 -18.78 5.26
N ALA A 40 -2.86 -17.94 4.87
CA ALA A 40 -4.31 -18.13 4.94
C ALA A 40 -4.93 -18.16 6.34
N THR A 41 -4.55 -19.08 7.23
CA THR A 41 -5.43 -19.49 8.36
C THR A 41 -6.03 -18.33 9.15
N HIS A 42 -5.23 -17.32 9.49
CA HIS A 42 -5.63 -16.08 10.17
C HIS A 42 -6.77 -15.29 9.50
N ALA A 43 -6.80 -15.24 8.16
CA ALA A 43 -7.90 -14.65 7.38
C ALA A 43 -9.01 -15.68 7.09
N CYS A 44 -8.62 -16.95 6.93
CA CYS A 44 -9.46 -18.09 6.69
C CYS A 44 -10.10 -18.57 8.02
N VAL A 45 -11.07 -17.79 8.50
CA VAL A 45 -11.75 -17.83 9.81
C VAL A 45 -11.93 -19.22 10.45
N PRO A 46 -11.93 -19.35 11.80
CA PRO A 46 -12.09 -20.65 12.43
C PRO A 46 -13.42 -21.33 12.05
N THR A 47 -13.34 -22.54 11.51
CA THR A 47 -14.52 -23.36 11.18
C THR A 47 -15.38 -23.62 12.41
N ASP A 48 -16.68 -23.66 12.19
CA ASP A 48 -17.56 -24.46 13.03
C ASP A 48 -17.18 -25.94 12.89
N PRO A 49 -16.79 -26.65 13.97
CA PRO A 49 -16.41 -28.06 13.93
C PRO A 49 -17.57 -29.02 13.60
N ASN A 50 -18.79 -28.51 13.41
CA ASN A 50 -19.99 -29.26 13.09
C ASN A 50 -20.44 -28.99 11.63
N PRO A 51 -19.85 -29.62 10.60
CA PRO A 51 -20.23 -29.39 9.21
C PRO A 51 -21.66 -29.86 8.93
N GLN A 52 -22.07 -30.97 9.56
CA GLN A 52 -23.46 -31.43 9.74
C GLN A 52 -24.27 -31.39 8.44
N GLU A 53 -23.91 -32.26 7.49
CA GLU A 53 -24.70 -32.43 6.27
C GLU A 53 -26.13 -32.89 6.58
N ILE A 54 -27.08 -32.52 5.73
CA ILE A 54 -28.44 -33.05 5.74
C ILE A 54 -28.68 -33.73 4.41
N HIS A 55 -29.02 -35.01 4.42
CA HIS A 55 -29.37 -35.73 3.20
C HIS A 55 -30.74 -35.29 2.74
N LEU A 56 -30.85 -34.70 1.54
CA LEU A 56 -32.12 -34.18 1.05
C LEU A 56 -32.95 -35.35 0.56
N GLU A 57 -34.04 -35.63 1.25
CA GLU A 57 -34.90 -36.74 0.86
C GLU A 57 -35.32 -36.61 -0.60
N ASN A 58 -35.28 -37.71 -1.36
CA ASN A 58 -36.10 -37.88 -2.57
C ASN A 58 -35.74 -36.94 -3.74
N VAL A 59 -34.74 -36.08 -3.58
CA VAL A 59 -34.15 -35.24 -4.63
C VAL A 59 -33.32 -35.83 -5.76
N THR A 60 -33.31 -35.21 -6.93
CA THR A 60 -32.41 -35.53 -8.05
C THR A 60 -32.21 -34.32 -8.93
N GLU A 61 -30.99 -33.80 -9.05
CA GLU A 61 -30.72 -32.63 -9.90
C GLU A 61 -29.35 -32.64 -10.58
N GLU A 62 -29.22 -31.83 -11.62
CA GLU A 62 -28.07 -31.86 -12.52
C GLU A 62 -26.89 -31.04 -12.03
N PHE A 63 -25.75 -31.71 -11.83
CA PHE A 63 -24.45 -31.10 -11.59
C PHE A 63 -23.67 -31.01 -12.90
N ASN A 64 -22.73 -30.06 -12.98
CA ASN A 64 -21.74 -29.98 -14.05
C ASN A 64 -20.43 -29.46 -13.47
N MET A 65 -19.46 -30.35 -13.25
CA MET A 65 -18.18 -29.97 -12.64
C MET A 65 -17.26 -29.16 -13.56
N TRP A 66 -17.49 -29.15 -14.87
CA TRP A 66 -16.69 -28.35 -15.79
C TRP A 66 -17.04 -26.86 -15.74
N LYS A 67 -18.33 -26.53 -15.67
CA LYS A 67 -18.81 -25.14 -15.55
C LYS A 67 -19.03 -24.65 -14.11
N ASN A 68 -18.72 -25.47 -13.10
CA ASN A 68 -18.87 -25.11 -11.69
C ASN A 68 -18.03 -23.87 -11.36
N ASN A 69 -18.68 -22.79 -10.95
CA ASN A 69 -18.03 -21.52 -10.69
C ASN A 69 -17.01 -21.56 -9.56
N MET A 70 -17.22 -22.36 -8.51
CA MET A 70 -16.37 -22.23 -7.32
C MET A 70 -14.91 -22.68 -7.55
N VAL A 71 -14.61 -23.45 -8.60
CA VAL A 71 -13.22 -23.76 -8.97
C VAL A 71 -12.46 -22.51 -9.38
N GLU A 72 -13.10 -21.58 -10.07
CA GLU A 72 -12.48 -20.33 -10.47
C GLU A 72 -12.27 -19.42 -9.25
N GLN A 73 -13.19 -19.45 -8.27
CA GLN A 73 -12.98 -18.74 -7.03
C GLN A 73 -11.75 -19.27 -6.30
N MET A 74 -11.58 -20.59 -6.20
CA MET A 74 -10.40 -21.15 -5.54
C MET A 74 -9.13 -20.70 -6.24
N HIS A 75 -9.07 -20.81 -7.57
CA HIS A 75 -7.92 -20.36 -8.34
C HIS A 75 -7.59 -18.89 -8.10
N THR A 76 -8.60 -18.03 -8.14
CA THR A 76 -8.43 -16.58 -7.94
C THR A 76 -8.06 -16.23 -6.51
N ASP A 77 -8.62 -16.92 -5.52
CA ASP A 77 -8.21 -16.78 -4.13
C ASP A 77 -6.74 -17.14 -3.98
N ILE A 78 -6.34 -18.35 -4.37
CA ILE A 78 -5.00 -18.85 -4.12
C ILE A 78 -3.94 -17.91 -4.71
N ILE A 79 -4.09 -17.43 -5.94
CA ILE A 79 -3.13 -16.48 -6.52
C ILE A 79 -2.98 -15.25 -5.64
N SER A 80 -4.10 -14.65 -5.21
CA SER A 80 -4.04 -13.42 -4.42
C SER A 80 -3.49 -13.67 -3.02
N LEU A 81 -3.86 -14.79 -2.41
CA LEU A 81 -3.39 -15.27 -1.11
C LEU A 81 -1.88 -15.53 -1.13
N TRP A 82 -1.38 -16.17 -2.19
CA TRP A 82 0.04 -16.36 -2.42
C TRP A 82 0.76 -15.02 -2.48
N ASP A 83 0.36 -14.11 -3.36
CA ASP A 83 1.03 -12.80 -3.47
C ASP A 83 1.06 -12.07 -2.14
N GLN A 84 -0.07 -12.02 -1.43
CA GLN A 84 -0.14 -11.31 -0.18
C GLN A 84 0.83 -11.92 0.84
N SER A 85 0.96 -13.23 0.90
CA SER A 85 1.91 -13.89 1.80
C SER A 85 3.37 -13.55 1.49
N LEU A 86 3.73 -13.29 0.23
CA LEU A 86 5.09 -12.86 -0.14
C LEU A 86 5.32 -11.36 0.09
N LYS A 87 4.27 -10.54 0.06
CA LYS A 87 4.40 -9.07 0.03
C LYS A 87 5.26 -8.44 1.15
N PRO A 88 5.24 -8.88 2.43
CA PRO A 88 6.10 -8.27 3.46
C PRO A 88 7.59 -8.65 3.33
N CYS A 89 7.95 -9.66 2.54
CA CYS A 89 9.32 -10.17 2.46
C CYS A 89 10.23 -9.30 1.57
N VAL A 90 11.54 -9.46 1.75
CA VAL A 90 12.57 -8.61 1.14
C VAL A 90 12.70 -8.76 -0.39
N LYS A 91 12.74 -7.62 -1.09
CA LYS A 91 13.01 -7.55 -2.54
C LYS A 91 14.51 -7.76 -2.76
N LEU A 92 14.88 -8.76 -3.54
CA LEU A 92 16.25 -9.23 -3.66
C LEU A 92 17.08 -8.47 -4.72
N THR A 93 16.60 -7.32 -5.19
CA THR A 93 17.13 -6.59 -6.35
C THR A 93 18.66 -6.37 -6.35
N PRO A 94 19.33 -6.05 -5.23
CA PRO A 94 20.78 -5.86 -5.22
C PRO A 94 21.61 -7.07 -5.67
N LEU A 95 21.03 -8.27 -5.74
CA LEU A 95 21.70 -9.48 -6.22
C LEU A 95 21.78 -9.58 -7.77
N CYS A 96 21.12 -8.71 -8.52
CA CYS A 96 21.35 -8.57 -9.96
C CYS A 96 22.73 -7.93 -10.23
N VAL A 97 23.81 -8.72 -10.17
CA VAL A 97 25.19 -8.23 -10.24
C VAL A 97 26.09 -9.24 -10.94
N THR A 98 27.16 -8.79 -11.58
CA THR A 98 28.01 -9.65 -12.41
C THR A 98 28.75 -10.68 -11.58
N LEU A 99 28.43 -11.96 -11.73
CA LEU A 99 29.02 -13.07 -10.98
C LEU A 99 30.24 -13.65 -11.71
N GLN A 100 31.33 -13.92 -11.01
CA GLN A 100 32.35 -14.89 -11.43
C GLN A 100 31.87 -16.29 -11.04
N CYS A 101 32.09 -17.34 -11.84
CA CYS A 101 31.70 -18.71 -11.43
C CYS A 101 32.64 -19.81 -11.95
N THR A 102 32.54 -20.98 -11.31
CA THR A 102 33.23 -22.24 -11.66
C THR A 102 32.40 -23.44 -11.18
N ASN A 103 32.69 -24.66 -11.63
CA ASN A 103 31.98 -25.87 -11.17
C ASN A 103 32.32 -26.21 -9.71
N VAL A 104 31.52 -27.06 -9.05
CA VAL A 104 31.78 -27.48 -7.66
C VAL A 104 32.69 -28.72 -7.57
N THR A 105 33.42 -28.86 -6.46
CA THR A 105 34.56 -29.78 -6.29
C THR A 105 34.24 -31.16 -5.71
N ASN A 106 33.54 -31.24 -4.57
CA ASN A 106 33.36 -32.45 -3.76
C ASN A 106 32.29 -33.44 -4.30
N ASN A 107 32.35 -33.76 -5.59
CA ASN A 107 31.63 -34.88 -6.17
C ASN A 107 32.34 -36.21 -5.90
N MET A 112 25.19 -38.71 -12.85
CA MET A 112 26.28 -37.75 -12.66
C MET A 112 25.79 -36.31 -12.63
N ARG A 113 26.66 -35.42 -12.16
CA ARG A 113 26.38 -34.00 -11.87
C ARG A 113 27.33 -33.08 -12.67
N GLY A 114 27.47 -31.83 -12.23
CA GLY A 114 27.81 -30.67 -13.07
C GLY A 114 26.71 -29.60 -13.05
N GLU A 115 25.55 -29.91 -12.47
CA GLU A 115 24.42 -29.00 -12.26
C GLU A 115 24.68 -27.88 -11.25
N LEU A 116 25.67 -28.00 -10.36
CA LEU A 116 25.97 -26.98 -9.36
C LEU A 116 27.13 -26.09 -9.80
N LYS A 117 26.90 -24.78 -9.71
CA LYS A 117 27.88 -23.72 -9.97
C LYS A 117 28.23 -23.04 -8.66
N ASN A 118 29.50 -22.71 -8.49
CA ASN A 118 30.05 -21.99 -7.35
C ASN A 118 30.44 -20.59 -7.83
N CYS A 119 29.87 -19.55 -7.22
CA CYS A 119 29.91 -18.20 -7.76
C CYS A 119 30.30 -17.15 -6.72
N SER A 120 31.07 -16.15 -7.15
CA SER A 120 31.56 -15.05 -6.30
C SER A 120 31.21 -13.70 -6.90
N PHE A 121 30.85 -12.73 -6.06
CA PHE A 121 30.31 -11.44 -6.46
C PHE A 121 30.50 -10.38 -5.38
N ASN A 122 30.19 -9.12 -5.67
CA ASN A 122 30.32 -8.00 -4.72
C ASN A 122 28.96 -7.60 -4.18
N MET A 123 28.82 -7.43 -2.86
CA MET A 123 27.54 -7.13 -2.23
C MET A 123 27.63 -6.02 -1.18
N THR A 124 26.62 -5.14 -1.13
CA THR A 124 26.53 -4.03 -0.18
C THR A 124 26.46 -4.50 1.27
N THR A 125 27.21 -3.86 2.17
CA THR A 125 26.97 -4.01 3.62
C THR A 125 25.76 -3.18 4.03
N GLU A 126 25.46 -3.09 5.33
CA GLU A 126 24.50 -2.10 5.83
C GLU A 126 24.95 -0.67 5.55
N LEU A 127 26.24 -0.39 5.77
CA LEU A 127 26.82 0.93 5.54
C LEU A 127 26.81 1.23 4.04
N ARG A 128 26.11 2.27 3.61
CA ARG A 128 25.98 2.61 2.19
C ARG A 128 27.34 2.69 1.46
N ASP A 129 28.39 3.18 2.11
CA ASP A 129 29.69 3.38 1.48
C ASP A 129 30.62 2.15 1.51
N LYS A 130 30.16 0.98 1.98
CA LYS A 130 31.00 -0.23 2.14
C LYS A 130 30.35 -1.47 1.52
N LYS A 131 31.16 -2.28 0.82
CA LYS A 131 30.74 -3.52 0.14
C LYS A 131 31.82 -4.60 0.23
N GLN A 132 31.42 -5.86 0.06
CA GLN A 132 32.23 -7.04 0.38
C GLN A 132 32.29 -8.01 -0.81
N LYS A 133 33.42 -8.69 -1.00
CA LYS A 133 33.50 -9.90 -1.85
C LYS A 133 32.84 -11.06 -1.11
N VAL A 134 31.95 -11.80 -1.77
CA VAL A 134 31.20 -12.89 -1.15
C VAL A 134 30.89 -14.00 -2.15
N TYR A 135 30.63 -15.22 -1.70
CA TYR A 135 30.41 -16.38 -2.57
C TYR A 135 29.20 -17.23 -2.16
N SER A 136 28.59 -17.93 -3.11
CA SER A 136 27.49 -18.88 -2.89
C SER A 136 27.38 -19.93 -4.00
N LEU A 137 26.66 -21.02 -3.75
CA LEU A 137 26.33 -22.03 -4.76
C LEU A 137 24.95 -21.77 -5.38
N PHE A 138 24.84 -21.96 -6.69
CA PHE A 138 23.60 -21.87 -7.46
C PHE A 138 23.42 -23.11 -8.34
N TYR A 139 22.18 -23.50 -8.62
CA TYR A 139 21.95 -24.52 -9.65
C TYR A 139 22.08 -23.90 -11.03
N ARG A 140 22.48 -24.68 -12.03
CA ARG A 140 22.64 -24.22 -13.41
C ARG A 140 21.37 -23.57 -13.98
N LEU A 141 20.21 -24.00 -13.50
CA LEU A 141 18.91 -23.45 -13.88
C LEU A 141 18.65 -22.04 -13.33
N ASP A 142 19.37 -21.59 -12.30
CA ASP A 142 19.25 -20.23 -11.73
C ASP A 142 20.13 -19.18 -12.45
N VAL A 143 21.11 -19.57 -13.26
CA VAL A 143 22.15 -18.66 -13.80
C VAL A 143 22.28 -18.69 -15.31
N VAL A 144 22.73 -17.59 -15.91
CA VAL A 144 22.94 -17.43 -17.35
C VAL A 144 24.33 -16.87 -17.61
N GLN A 145 25.09 -17.43 -18.54
CA GLN A 145 26.38 -16.89 -18.96
C GLN A 145 26.17 -15.55 -19.66
N ILE A 146 26.76 -14.47 -19.16
CA ILE A 146 26.64 -13.13 -19.76
C ILE A 146 27.70 -12.88 -20.84
N ASN A 147 28.86 -13.55 -20.72
CA ASN A 147 30.02 -13.33 -21.58
C ASN A 147 29.76 -13.79 -23.03
N SER A 157 40.09 -17.11 -20.24
CA SER A 157 39.43 -16.48 -19.08
C SER A 157 38.25 -17.30 -18.56
N ASN A 158 37.95 -17.21 -17.26
CA ASN A 158 36.75 -17.84 -16.68
C ASN A 158 35.46 -17.15 -17.16
N LYS A 159 34.34 -17.88 -17.09
CA LYS A 159 33.04 -17.37 -17.49
C LYS A 159 32.43 -16.46 -16.42
N GLU A 160 31.57 -15.57 -16.88
CA GLU A 160 30.83 -14.61 -16.05
C GLU A 160 29.34 -14.80 -16.26
N TYR A 161 28.55 -14.53 -15.22
CA TYR A 161 27.14 -14.90 -15.16
C TYR A 161 26.29 -13.82 -14.53
N ARG A 162 24.98 -13.94 -14.70
CA ARG A 162 23.94 -13.21 -13.96
C ARG A 162 22.85 -14.19 -13.52
N LEU A 163 21.99 -13.81 -12.59
CA LEU A 163 20.78 -14.59 -12.34
C LEU A 163 19.85 -14.57 -13.55
N ILE A 164 19.11 -15.65 -13.74
CA ILE A 164 18.19 -15.89 -14.87
C ILE A 164 17.13 -14.79 -15.01
N ASN A 165 16.48 -14.39 -13.91
CA ASN A 165 15.40 -13.40 -13.91
C ASN A 165 15.84 -12.00 -14.34
N CYS A 166 17.13 -11.70 -14.28
CA CYS A 166 17.58 -10.32 -14.11
C CYS A 166 17.27 -9.40 -15.30
N ASN A 167 17.17 -9.93 -16.52
CA ASN A 167 16.79 -9.13 -17.69
C ASN A 167 15.28 -8.84 -17.77
N THR A 168 14.44 -9.40 -16.89
CA THR A 168 12.97 -9.34 -17.04
C THR A 168 12.22 -8.91 -15.78
N SER A 169 12.65 -9.27 -14.56
CA SER A 169 12.15 -8.64 -13.32
C SER A 169 13.09 -8.87 -12.15
N ALA A 170 12.96 -8.07 -11.09
CA ALA A 170 13.46 -8.44 -9.77
C ALA A 170 12.66 -9.61 -9.17
N CYS A 171 13.11 -10.14 -8.03
CA CYS A 171 12.46 -11.24 -7.32
C CYS A 171 12.22 -10.90 -5.85
N THR A 172 11.18 -11.44 -5.24
CA THR A 172 11.00 -11.39 -3.78
C THR A 172 11.57 -12.65 -3.15
N GLN A 173 12.37 -12.55 -2.09
CA GLN A 173 12.79 -13.73 -1.34
C GLN A 173 11.65 -14.20 -0.44
N ALA A 174 11.27 -15.48 -0.46
CA ALA A 174 10.30 -16.01 0.49
C ALA A 174 10.86 -16.03 1.92
N CYS A 175 10.12 -15.47 2.89
CA CYS A 175 10.59 -15.36 4.27
C CYS A 175 10.80 -16.73 4.94
N PRO A 176 11.90 -16.98 5.68
CA PRO A 176 12.16 -18.29 6.29
C PRO A 176 11.09 -18.75 7.29
N LYS A 177 10.34 -17.83 7.92
CA LYS A 177 9.30 -18.18 8.90
C LYS A 177 8.06 -18.84 8.31
N VAL A 178 7.69 -18.52 7.06
CA VAL A 178 6.45 -19.00 6.43
C VAL A 178 6.70 -20.36 5.77
N SER A 179 6.05 -21.41 6.26
CA SER A 179 6.05 -22.71 5.57
C SER A 179 5.05 -22.72 4.41
N PHE A 180 5.42 -23.40 3.32
CA PHE A 180 4.55 -23.62 2.17
C PHE A 180 3.64 -24.85 2.32
N GLU A 181 3.74 -25.64 3.39
CA GLU A 181 2.94 -26.86 3.54
C GLU A 181 1.42 -26.56 3.55
N PRO A 182 0.60 -27.29 2.79
CA PRO A 182 -0.79 -26.90 2.54
C PRO A 182 -1.74 -27.37 3.65
N ILE A 183 -2.34 -26.42 4.36
CA ILE A 183 -3.42 -26.66 5.33
C ILE A 183 -4.77 -26.90 4.64
N PRO A 184 -5.73 -27.58 5.27
CA PRO A 184 -7.09 -27.64 4.75
C PRO A 184 -7.78 -26.27 4.78
N ILE A 185 -8.55 -25.97 3.73
CA ILE A 185 -9.24 -24.71 3.48
C ILE A 185 -10.70 -25.04 3.13
N HIS A 186 -11.60 -24.98 4.10
CA HIS A 186 -13.02 -25.26 3.89
C HIS A 186 -13.69 -24.05 3.22
N TYR A 187 -14.00 -24.15 1.95
CA TYR A 187 -14.95 -23.24 1.30
C TYR A 187 -16.34 -23.43 1.91
N CYS A 188 -17.08 -22.34 2.09
CA CYS A 188 -18.32 -22.36 2.86
C CYS A 188 -19.35 -21.33 2.35
N ALA A 189 -20.64 -21.60 2.56
CA ALA A 189 -21.74 -20.87 1.93
C ALA A 189 -22.17 -19.61 2.71
N PRO A 190 -22.35 -18.46 2.06
CA PRO A 190 -22.92 -17.27 2.70
C PRO A 190 -24.42 -17.42 2.92
N ALA A 191 -25.00 -16.63 3.82
CA ALA A 191 -26.40 -16.74 4.22
C ALA A 191 -27.38 -16.61 3.04
N GLY A 192 -28.43 -17.45 3.04
CA GLY A 192 -29.47 -17.44 2.01
C GLY A 192 -29.09 -18.09 0.68
N PHE A 193 -27.84 -18.46 0.50
CA PHE A 193 -27.42 -19.49 -0.45
C PHE A 193 -27.17 -20.80 0.30
N ALA A 194 -26.96 -21.90 -0.41
CA ALA A 194 -26.62 -23.19 0.18
C ALA A 194 -25.69 -23.97 -0.75
N ILE A 195 -24.80 -24.77 -0.19
CA ILE A 195 -24.01 -25.73 -0.97
C ILE A 195 -24.77 -27.05 -1.04
N LEU A 196 -24.75 -27.67 -2.20
CA LEU A 196 -25.20 -29.04 -2.43
C LEU A 196 -23.99 -29.90 -2.72
N LYS A 197 -24.08 -31.18 -2.38
CA LYS A 197 -23.08 -32.20 -2.66
C LYS A 197 -23.76 -33.37 -3.33
N CYS A 198 -23.22 -33.86 -4.43
CA CYS A 198 -23.67 -35.12 -5.00
C CYS A 198 -23.05 -36.29 -4.24
N LYS A 199 -23.88 -37.17 -3.68
CA LYS A 199 -23.44 -38.30 -2.84
C LYS A 199 -23.11 -39.56 -3.65
N ASP A 200 -23.61 -39.67 -4.88
CA ASP A 200 -23.51 -40.87 -5.71
C ASP A 200 -22.05 -41.29 -6.01
N LYS A 201 -21.65 -42.47 -5.54
CA LYS A 201 -20.26 -42.97 -5.65
C LYS A 201 -19.80 -43.23 -7.07
N LYS A 202 -20.71 -43.33 -8.03
CA LYS A 202 -20.43 -43.62 -9.44
C LYS A 202 -20.63 -42.40 -10.35
N PHE A 203 -20.69 -41.21 -9.76
CA PHE A 203 -20.84 -39.93 -10.46
C PHE A 203 -19.60 -39.61 -11.33
N ASN A 204 -19.81 -39.40 -12.62
CA ASN A 204 -18.77 -39.07 -13.60
C ASN A 204 -18.61 -37.56 -13.83
N GLY A 205 -19.19 -36.72 -12.98
CA GLY A 205 -18.98 -35.27 -12.99
C GLY A 205 -20.00 -34.44 -13.76
N THR A 206 -20.81 -35.02 -14.64
CA THR A 206 -21.83 -34.24 -15.38
C THR A 206 -23.08 -35.07 -15.66
N GLY A 207 -24.17 -34.78 -14.95
CA GLY A 207 -25.45 -35.45 -15.16
C GLY A 207 -26.39 -35.31 -13.97
N PRO A 208 -27.58 -35.94 -14.02
CA PRO A 208 -28.55 -35.91 -12.94
C PRO A 208 -28.09 -36.79 -11.77
N CYS A 209 -27.54 -36.20 -10.72
CA CYS A 209 -27.14 -36.92 -9.53
C CYS A 209 -28.38 -37.40 -8.75
N PRO A 210 -28.56 -38.70 -8.50
CA PRO A 210 -29.80 -39.26 -7.98
C PRO A 210 -29.89 -39.32 -6.44
N SER A 211 -28.90 -38.77 -5.73
CA SER A 211 -28.89 -38.70 -4.26
C SER A 211 -27.96 -37.57 -3.81
N VAL A 212 -28.48 -36.65 -3.00
CA VAL A 212 -27.85 -35.35 -2.73
C VAL A 212 -27.96 -34.96 -1.28
N SER A 213 -26.98 -34.22 -0.78
CA SER A 213 -27.04 -33.61 0.55
C SER A 213 -26.81 -32.12 0.44
N THR A 214 -27.42 -31.33 1.30
CA THR A 214 -26.91 -30.00 1.57
C THR A 214 -25.85 -30.06 2.66
N VAL A 215 -24.91 -29.14 2.68
CA VAL A 215 -23.97 -28.99 3.78
C VAL A 215 -23.54 -27.53 3.90
N GLN A 216 -23.23 -27.04 5.10
CA GLN A 216 -22.87 -25.63 5.28
C GLN A 216 -21.50 -25.31 4.69
N CYS A 217 -20.49 -26.11 4.99
CA CYS A 217 -19.14 -25.98 4.45
C CYS A 217 -18.67 -27.25 3.75
N THR A 218 -17.82 -27.09 2.74
CA THR A 218 -17.07 -28.19 2.10
C THR A 218 -16.14 -28.90 3.10
N HIS A 219 -15.71 -30.12 2.77
CA HIS A 219 -14.78 -30.90 3.58
C HIS A 219 -13.38 -30.29 3.62
N GLY A 220 -12.40 -30.98 4.19
CA GLY A 220 -11.00 -30.55 4.21
C GLY A 220 -10.31 -30.63 2.85
N ILE A 221 -10.74 -29.81 1.88
CA ILE A 221 -9.99 -29.54 0.64
C ILE A 221 -8.65 -28.91 1.02
N LYS A 222 -7.54 -29.24 0.35
CA LYS A 222 -6.23 -28.60 0.60
C LYS A 222 -5.54 -28.12 -0.68
N PRO A 223 -4.89 -26.95 -0.68
CA PRO A 223 -4.33 -26.32 -1.87
C PRO A 223 -2.90 -26.82 -2.17
N VAL A 224 -2.76 -28.09 -2.54
CA VAL A 224 -1.51 -28.59 -3.17
C VAL A 224 -1.30 -27.92 -4.52
N VAL A 225 -0.07 -27.87 -5.04
CA VAL A 225 0.15 -27.57 -6.46
C VAL A 225 1.12 -28.57 -7.07
N SER A 226 0.75 -29.14 -8.20
CA SER A 226 1.62 -30.01 -8.99
C SER A 226 1.14 -30.14 -10.43
N THR A 227 2.03 -30.59 -11.32
CA THR A 227 1.74 -30.66 -12.76
C THR A 227 1.18 -32.03 -13.17
N GLN A 228 2.03 -32.95 -13.62
CA GLN A 228 1.60 -34.14 -14.39
C GLN A 228 0.77 -35.14 -13.58
N LEU A 229 0.93 -35.17 -12.26
CA LEU A 229 0.16 -36.02 -11.37
C LEU A 229 -0.09 -35.29 -10.05
N LEU A 230 -1.17 -35.66 -9.37
CA LEU A 230 -1.71 -34.92 -8.23
C LEU A 230 -1.81 -35.83 -7.01
N LEU A 231 -1.50 -35.26 -5.84
CA LEU A 231 -1.04 -36.03 -4.69
C LEU A 231 -1.46 -35.40 -3.37
N ASN A 232 -1.53 -36.21 -2.32
CA ASN A 232 -2.18 -35.93 -1.03
C ASN A 232 -3.66 -35.47 -1.14
N GLY A 233 -4.32 -35.68 -2.29
CA GLY A 233 -5.74 -35.37 -2.50
C GLY A 233 -6.69 -36.51 -2.13
N SER A 234 -7.97 -36.39 -2.54
CA SER A 234 -9.05 -37.33 -2.18
C SER A 234 -9.30 -38.45 -3.21
N LEU A 235 -9.49 -39.68 -2.73
CA LEU A 235 -9.71 -40.90 -3.53
C LEU A 235 -11.20 -41.21 -3.74
N ALA A 236 -11.55 -41.97 -4.78
CA ALA A 236 -12.90 -42.50 -4.98
C ALA A 236 -13.00 -43.94 -4.44
N GLU A 237 -14.10 -44.30 -3.78
CA GLU A 237 -14.21 -45.57 -3.05
C GLU A 237 -14.58 -46.78 -3.93
N GLU A 238 -15.22 -46.54 -5.07
CA GLU A 238 -15.90 -47.58 -5.84
C GLU A 238 -14.98 -48.28 -6.87
N GLU A 239 -14.29 -47.50 -7.69
CA GLU A 239 -13.41 -47.91 -8.79
C GLU A 239 -12.55 -46.72 -9.22
N VAL A 240 -11.51 -46.92 -10.02
CA VAL A 240 -10.84 -45.79 -10.69
C VAL A 240 -11.86 -45.04 -11.53
N MET A 241 -11.97 -43.73 -11.39
CA MET A 241 -12.86 -42.92 -12.24
C MET A 241 -12.04 -42.08 -13.20
N ILE A 242 -12.55 -41.94 -14.43
CA ILE A 242 -11.97 -41.07 -15.46
C ILE A 242 -13.04 -40.11 -15.96
N ARG A 243 -12.68 -38.83 -16.10
CA ARG A 243 -13.63 -37.74 -16.38
C ARG A 243 -13.07 -36.76 -17.38
N SER A 244 -13.91 -36.20 -18.24
CA SER A 244 -13.53 -35.14 -19.17
C SER A 244 -14.75 -34.35 -19.62
N GLU A 245 -14.58 -33.12 -20.09
CA GLU A 245 -15.68 -32.32 -20.63
C GLU A 245 -16.26 -32.91 -21.92
N ASN A 246 -15.50 -33.73 -22.66
CA ASN A 246 -16.03 -34.49 -23.79
C ASN A 246 -15.32 -35.83 -24.11
N ILE A 247 -14.13 -36.10 -23.55
CA ILE A 247 -13.24 -37.22 -23.90
C ILE A 247 -12.73 -37.18 -25.34
N THR A 248 -13.61 -37.24 -26.34
CA THR A 248 -13.24 -37.45 -27.75
C THR A 248 -12.53 -36.23 -28.38
N ASN A 249 -12.77 -35.02 -27.91
CA ASN A 249 -12.07 -33.82 -28.37
C ASN A 249 -10.71 -33.67 -27.67
N ASN A 250 -9.60 -33.98 -28.36
CA ASN A 250 -8.25 -34.08 -27.79
C ASN A 250 -7.77 -32.87 -26.97
N ALA A 251 -8.22 -31.66 -27.29
CA ALA A 251 -7.78 -30.48 -26.55
C ALA A 251 -8.27 -30.46 -25.09
N LYS A 252 -9.29 -31.25 -24.74
CA LYS A 252 -9.77 -31.44 -23.36
C LYS A 252 -8.92 -32.48 -22.63
N ASN A 253 -8.51 -32.17 -21.41
CA ASN A 253 -7.85 -33.13 -20.52
C ASN A 253 -8.75 -34.32 -20.19
N ILE A 254 -8.13 -35.43 -19.81
CA ILE A 254 -8.74 -36.53 -19.08
C ILE A 254 -8.20 -36.41 -17.66
N LEU A 255 -9.08 -36.38 -16.65
CA LEU A 255 -8.70 -36.43 -15.23
C LEU A 255 -8.94 -37.85 -14.75
N VAL A 256 -7.96 -38.45 -14.08
CA VAL A 256 -8.08 -39.79 -13.49
C VAL A 256 -8.01 -39.69 -11.98
N GLN A 257 -8.97 -40.27 -11.27
CA GLN A 257 -8.98 -40.37 -9.81
C GLN A 257 -8.87 -41.83 -9.38
N PHE A 258 -7.92 -42.17 -8.51
CA PHE A 258 -7.68 -43.55 -8.14
C PHE A 258 -8.61 -44.11 -7.05
N ASN A 259 -8.76 -45.45 -7.11
CA ASN A 259 -9.45 -46.28 -6.13
C ASN A 259 -8.69 -46.39 -4.80
N THR A 260 -7.36 -46.32 -4.87
CA THR A 260 -6.41 -46.51 -3.77
C THR A 260 -5.19 -45.60 -3.97
N PRO A 261 -4.52 -45.13 -2.92
CA PRO A 261 -3.30 -44.36 -3.11
C PRO A 261 -2.22 -45.27 -3.70
N VAL A 262 -1.27 -44.70 -4.43
CA VAL A 262 0.02 -45.35 -4.71
C VAL A 262 1.12 -44.45 -4.20
N GLN A 263 2.06 -44.98 -3.42
CA GLN A 263 2.78 -44.16 -2.45
C GLN A 263 4.20 -43.86 -2.94
N ILE A 264 4.54 -42.58 -3.04
CA ILE A 264 5.80 -42.08 -3.61
C ILE A 264 6.72 -41.60 -2.48
N ASN A 265 8.01 -41.96 -2.53
CA ASN A 265 9.06 -41.43 -1.65
C ASN A 265 9.96 -40.52 -2.48
N CYS A 266 10.32 -39.32 -2.02
CA CYS A 266 11.25 -38.43 -2.69
C CYS A 266 12.33 -37.94 -1.72
N THR A 267 13.57 -37.78 -2.17
CA THR A 267 14.69 -37.40 -1.30
C THR A 267 15.65 -36.42 -1.96
N ARG A 268 16.37 -35.66 -1.15
CA ARG A 268 17.43 -34.72 -1.56
C ARG A 268 18.61 -34.87 -0.60
N PRO A 269 19.61 -35.70 -0.93
CA PRO A 269 20.63 -36.14 0.02
C PRO A 269 21.79 -35.15 0.24
N ASN A 270 21.92 -34.07 -0.54
CA ASN A 270 22.91 -33.03 -0.28
C ASN A 270 22.68 -32.38 1.09
N ASN A 271 23.62 -32.55 2.03
CA ASN A 271 23.50 -31.95 3.36
C ASN A 271 23.80 -30.45 3.28
N ASN A 272 22.75 -29.64 3.22
CA ASN A 272 22.82 -28.20 2.96
C ASN A 272 23.24 -27.39 4.17
N THR A 273 24.21 -26.50 3.98
CA THR A 273 24.52 -25.43 4.94
C THR A 273 24.07 -24.09 4.36
N ARG A 274 23.05 -23.48 4.95
CA ARG A 274 22.61 -22.11 4.66
C ARG A 274 23.57 -21.11 5.29
N LYS A 275 23.87 -20.03 4.59
CA LYS A 275 24.65 -18.89 5.10
C LYS A 275 23.85 -17.60 4.93
N SER A 276 23.92 -16.70 5.91
CA SER A 276 23.25 -15.41 5.85
C SER A 276 24.21 -14.36 5.33
N ILE A 277 23.78 -13.56 4.34
CA ILE A 277 24.51 -12.38 3.88
C ILE A 277 23.63 -11.18 4.17
N ARG A 278 24.13 -10.19 4.90
CA ARG A 278 23.37 -8.97 5.18
C ARG A 278 23.52 -7.98 4.01
N ILE A 279 22.43 -7.77 3.29
CA ILE A 279 22.32 -6.93 2.09
C ILE A 279 22.28 -5.44 2.44
N GLY A 280 21.75 -5.09 3.61
CA GLY A 280 21.47 -3.70 3.97
C GLY A 280 21.05 -3.57 5.44
N PRO A 281 20.64 -2.37 5.90
CA PRO A 281 20.21 -2.11 7.27
C PRO A 281 18.96 -2.91 7.65
N GLY A 282 19.16 -4.15 8.12
CA GLY A 282 18.11 -5.08 8.51
C GLY A 282 17.62 -6.02 7.39
N GLN A 283 18.27 -6.08 6.24
CA GLN A 283 17.92 -6.97 5.13
C GLN A 283 18.92 -8.10 5.02
N ALA A 284 18.46 -9.35 4.96
CA ALA A 284 19.31 -10.53 4.82
C ALA A 284 18.91 -11.41 3.64
N PHE A 285 19.89 -12.08 3.05
CA PHE A 285 19.74 -12.98 1.92
C PHE A 285 20.39 -14.32 2.26
N TYR A 286 19.72 -15.42 1.92
CA TYR A 286 20.15 -16.75 2.33
C TYR A 286 20.90 -17.48 1.23
N ALA A 287 22.20 -17.23 1.17
CA ALA A 287 23.09 -17.95 0.28
C ALA A 287 23.09 -19.45 0.57
N THR A 288 23.21 -20.25 -0.48
CA THR A 288 23.70 -21.62 -0.33
C THR A 288 25.16 -21.50 0.07
N GLY A 289 25.53 -21.92 1.29
CA GLY A 289 26.87 -21.71 1.82
C GLY A 289 27.82 -22.80 1.39
N ASP A 290 27.54 -24.03 1.82
CA ASP A 290 28.38 -25.19 1.53
C ASP A 290 27.58 -26.51 1.63
N ILE A 291 28.00 -27.55 0.93
CA ILE A 291 27.45 -28.90 1.04
C ILE A 291 28.51 -29.82 1.64
N ILE A 292 28.21 -30.39 2.81
CA ILE A 292 29.11 -31.34 3.48
C ILE A 292 28.86 -32.78 2.98
N GLY A 293 29.86 -33.64 3.10
CA GLY A 293 29.86 -34.95 2.45
C GLY A 293 30.15 -34.84 0.95
N ASP A 294 29.59 -35.74 0.15
CA ASP A 294 29.64 -35.68 -1.32
C ASP A 294 28.29 -35.28 -1.90
N ILE A 295 28.28 -34.49 -2.97
CA ILE A 295 27.04 -34.17 -3.68
C ILE A 295 26.45 -35.42 -4.36
N ARG A 296 25.12 -35.60 -4.28
CA ARG A 296 24.37 -36.70 -4.92
C ARG A 296 22.94 -36.26 -5.28
N GLN A 297 22.38 -36.86 -6.33
CA GLN A 297 21.17 -36.37 -7.02
C GLN A 297 19.88 -36.50 -6.20
N ALA A 298 18.99 -35.51 -6.28
CA ALA A 298 17.63 -35.64 -5.74
C ALA A 298 16.76 -36.53 -6.64
N HIS A 299 15.93 -37.40 -6.08
CA HIS A 299 15.17 -38.39 -6.85
C HIS A 299 13.96 -38.93 -6.11
N CYS A 300 13.05 -39.59 -6.84
CA CYS A 300 11.83 -40.17 -6.29
C CYS A 300 11.65 -41.64 -6.68
N ASN A 301 10.95 -42.40 -5.84
CA ASN A 301 10.73 -43.84 -5.97
C ASN A 301 9.25 -44.18 -5.86
N VAL A 302 8.82 -45.27 -6.50
CA VAL A 302 7.51 -45.90 -6.27
C VAL A 302 7.57 -47.41 -6.51
N SER A 303 6.75 -48.19 -5.80
CA SER A 303 6.64 -49.65 -5.99
C SER A 303 6.22 -50.00 -7.42
N LYS A 304 7.07 -50.70 -8.17
CA LYS A 304 6.79 -51.06 -9.55
C LYS A 304 5.56 -51.95 -9.66
N ALA A 305 5.40 -52.90 -8.75
CA ALA A 305 4.25 -53.79 -8.73
C ALA A 305 2.93 -53.03 -8.58
N THR A 306 2.81 -52.16 -7.57
CA THR A 306 1.57 -51.40 -7.36
C THR A 306 1.33 -50.35 -8.43
N TRP A 307 2.38 -49.73 -8.98
CA TRP A 307 2.21 -48.82 -10.10
C TRP A 307 1.65 -49.54 -11.32
N ASN A 308 2.31 -50.62 -11.75
CA ASN A 308 1.88 -51.42 -12.88
C ASN A 308 0.45 -51.91 -12.70
N GLU A 309 0.13 -52.45 -11.53
CA GLU A 309 -1.23 -52.85 -11.17
C GLU A 309 -2.25 -51.69 -11.28
N THR A 310 -1.88 -50.48 -10.83
CA THR A 310 -2.77 -49.32 -10.91
C THR A 310 -3.05 -48.94 -12.36
N LEU A 311 -2.06 -48.94 -13.24
CA LEU A 311 -2.33 -48.75 -14.67
C LEU A 311 -3.22 -49.86 -15.23
N GLY A 312 -3.07 -51.10 -14.76
CA GLY A 312 -3.98 -52.19 -15.13
C GLY A 312 -5.45 -51.85 -14.88
N LYS A 313 -5.75 -51.08 -13.82
CA LYS A 313 -7.11 -50.56 -13.57
C LYS A 313 -7.48 -49.46 -14.54
N VAL A 314 -6.65 -48.42 -14.70
CA VAL A 314 -7.03 -47.28 -15.57
C VAL A 314 -7.25 -47.72 -17.01
N VAL A 315 -6.46 -48.67 -17.51
CA VAL A 315 -6.66 -49.23 -18.85
C VAL A 315 -8.00 -49.92 -18.99
N LYS A 316 -8.45 -50.70 -18.00
CA LYS A 316 -9.77 -51.34 -18.05
C LYS A 316 -10.89 -50.31 -18.17
N GLN A 317 -10.76 -49.16 -17.53
CA GLN A 317 -11.74 -48.09 -17.70
C GLN A 317 -11.68 -47.49 -19.11
N LEU A 318 -10.50 -47.15 -19.62
CA LEU A 318 -10.38 -46.53 -20.94
C LEU A 318 -10.98 -47.40 -22.06
N ARG A 319 -10.92 -48.73 -21.95
CA ARG A 319 -11.56 -49.61 -22.94
C ARG A 319 -13.07 -49.46 -23.04
N LYS A 320 -13.75 -48.89 -22.04
CA LYS A 320 -15.19 -48.62 -22.13
C LYS A 320 -15.50 -47.52 -23.14
N HIS A 321 -14.66 -46.50 -23.22
CA HIS A 321 -14.83 -45.39 -24.17
C HIS A 321 -14.17 -45.67 -25.53
N PHE A 322 -13.07 -46.41 -25.55
CA PHE A 322 -12.21 -46.57 -26.75
C PHE A 322 -12.21 -47.97 -27.38
N GLY A 323 -13.27 -48.75 -27.17
CA GLY A 323 -13.42 -50.11 -27.70
C GLY A 323 -12.58 -51.16 -26.97
N ASN A 324 -12.82 -52.43 -27.26
CA ASN A 324 -12.23 -53.56 -26.53
C ASN A 324 -10.76 -53.76 -26.88
N ASN A 325 -10.44 -54.43 -27.99
CA ASN A 325 -9.05 -54.64 -28.39
C ASN A 325 -8.53 -53.48 -29.24
N THR A 326 -8.40 -52.31 -28.63
CA THR A 326 -7.61 -51.19 -29.13
C THR A 326 -6.39 -50.99 -28.23
N ILE A 327 -5.25 -50.67 -28.84
CA ILE A 327 -3.94 -50.83 -28.20
C ILE A 327 -3.62 -49.60 -27.35
N ILE A 328 -4.22 -49.45 -26.18
CA ILE A 328 -3.93 -48.34 -25.26
C ILE A 328 -2.47 -48.38 -24.83
N ARG A 329 -1.77 -47.24 -24.89
CA ARG A 329 -0.36 -47.14 -24.53
C ARG A 329 0.04 -45.77 -24.01
N PHE A 330 1.10 -45.72 -23.22
CA PHE A 330 1.58 -44.51 -22.59
C PHE A 330 2.89 -44.00 -23.23
N ALA A 331 3.22 -42.74 -23.01
CA ALA A 331 4.44 -42.09 -23.45
C ALA A 331 4.79 -40.92 -22.53
N ASN A 332 6.01 -40.43 -22.54
CA ASN A 332 6.42 -39.28 -21.73
C ASN A 332 5.94 -37.94 -22.32
N SER A 333 6.05 -36.85 -21.56
CA SER A 333 5.49 -35.54 -21.96
C SER A 333 6.31 -34.84 -23.04
N SER A 334 6.08 -35.20 -24.29
CA SER A 334 6.88 -34.75 -25.43
C SER A 334 6.89 -33.23 -25.61
N GLY A 335 8.11 -32.66 -25.71
CA GLY A 335 8.37 -31.30 -26.16
C GLY A 335 8.07 -30.17 -25.18
N GLY A 336 8.41 -28.95 -25.59
CA GLY A 336 8.30 -27.77 -24.74
C GLY A 336 9.48 -27.58 -23.80
N ASP A 337 9.27 -26.78 -22.76
CA ASP A 337 10.24 -26.45 -21.71
C ASP A 337 10.18 -27.40 -20.48
N LEU A 338 10.93 -27.08 -19.43
CA LEU A 338 11.02 -27.93 -18.24
C LEU A 338 9.67 -28.17 -17.55
N GLU A 339 8.85 -27.14 -17.29
CA GLU A 339 7.70 -27.33 -16.39
C GLU A 339 6.49 -27.96 -17.08
N VAL A 340 6.52 -28.17 -18.40
CA VAL A 340 5.60 -29.09 -19.08
C VAL A 340 6.21 -30.48 -19.27
N THR A 341 7.50 -30.60 -19.57
CA THR A 341 8.14 -31.91 -19.71
C THR A 341 8.25 -32.68 -18.40
N THR A 342 8.11 -32.06 -17.23
CA THR A 342 8.30 -32.70 -15.91
C THR A 342 7.09 -32.67 -15.01
N HIS A 343 6.98 -33.68 -14.14
CA HIS A 343 6.23 -33.58 -12.90
C HIS A 343 6.93 -32.60 -11.98
N SER A 344 6.19 -31.64 -11.44
CA SER A 344 6.76 -30.63 -10.56
C SER A 344 5.87 -30.39 -9.36
N PHE A 345 6.47 -30.15 -8.20
CA PHE A 345 5.79 -29.96 -6.92
C PHE A 345 6.75 -29.30 -5.92
N ASN A 346 6.22 -28.70 -4.85
CA ASN A 346 7.03 -28.30 -3.71
C ASN A 346 7.21 -29.48 -2.75
N CYS A 347 8.42 -29.68 -2.23
CA CYS A 347 8.65 -30.56 -1.10
C CYS A 347 9.30 -29.79 0.05
N GLY A 348 8.59 -29.61 1.17
CA GLY A 348 9.12 -29.03 2.40
C GLY A 348 9.75 -27.63 2.30
N GLY A 349 9.46 -26.85 1.25
CA GLY A 349 10.15 -25.61 0.96
C GLY A 349 11.39 -25.76 0.06
N GLU A 350 11.31 -26.61 -0.96
CA GLU A 350 12.31 -26.73 -2.03
C GLU A 350 11.62 -27.36 -3.26
N PHE A 351 11.68 -26.69 -4.41
CA PHE A 351 10.91 -27.08 -5.60
C PHE A 351 11.57 -28.16 -6.47
N PHE A 352 10.81 -29.21 -6.77
CA PHE A 352 11.27 -30.36 -7.55
C PHE A 352 10.74 -30.31 -8.98
N TYR A 353 11.56 -30.77 -9.92
CA TYR A 353 11.21 -30.98 -11.32
C TYR A 353 11.75 -32.35 -11.72
N CYS A 354 10.88 -33.35 -11.78
CA CYS A 354 11.23 -34.75 -12.01
C CYS A 354 10.71 -35.20 -13.36
N ASN A 355 11.51 -35.88 -14.18
CA ASN A 355 10.99 -36.44 -15.42
C ASN A 355 10.39 -37.83 -15.19
N THR A 356 9.43 -38.23 -16.02
CA THR A 356 8.42 -39.23 -15.61
C THR A 356 8.32 -40.43 -16.53
N SER A 357 9.27 -40.58 -17.46
CA SER A 357 9.18 -41.59 -18.52
C SER A 357 9.04 -43.00 -17.96
N GLY A 358 9.74 -43.33 -16.88
CA GLY A 358 9.70 -44.67 -16.29
C GLY A 358 8.31 -45.09 -15.78
N LEU A 359 7.47 -44.13 -15.39
CA LEU A 359 6.07 -44.39 -15.06
C LEU A 359 5.23 -44.61 -16.33
N PHE A 360 5.38 -43.75 -17.34
CA PHE A 360 4.52 -43.68 -18.52
C PHE A 360 5.20 -44.24 -19.76
N ASN A 361 5.58 -45.52 -19.73
CA ASN A 361 6.24 -46.19 -20.85
C ASN A 361 5.82 -47.65 -20.91
N SER A 362 4.64 -47.93 -21.45
CA SER A 362 4.01 -49.26 -21.49
C SER A 362 2.94 -49.33 -22.57
N THR A 363 2.57 -50.52 -23.02
CA THR A 363 1.54 -50.74 -24.05
C THR A 363 0.71 -51.98 -23.75
N TRP A 364 -0.60 -51.95 -24.04
CA TRP A 364 -1.59 -52.92 -23.52
C TRP A 364 -2.50 -53.48 -24.60
N ILE A 365 -2.80 -54.77 -24.54
CA ILE A 365 -3.64 -55.52 -25.49
C ILE A 365 -4.78 -56.18 -24.72
N SER A 366 -5.98 -56.33 -25.31
CA SER A 366 -7.14 -56.94 -24.63
C SER A 366 -7.09 -58.48 -24.55
N ASN A 367 -6.00 -59.03 -24.03
CA ASN A 367 -5.90 -60.45 -23.66
C ASN A 367 -6.76 -60.75 -22.42
N ASN A 379 7.62 -55.81 -5.59
CA ASN A 379 8.87 -56.46 -5.19
C ASN A 379 10.07 -55.48 -5.19
N ASP A 380 10.04 -54.49 -6.08
CA ASP A 380 11.14 -53.58 -6.40
C ASP A 380 10.62 -52.20 -6.87
N SER A 381 11.47 -51.17 -6.83
CA SER A 381 11.07 -49.79 -7.05
C SER A 381 11.44 -49.26 -8.42
N ILE A 382 10.49 -48.61 -9.11
CA ILE A 382 10.81 -47.61 -10.13
C ILE A 382 11.52 -46.46 -9.41
N THR A 383 12.55 -45.86 -10.04
CA THR A 383 13.15 -44.61 -9.56
C THR A 383 13.28 -43.62 -10.69
N LEU A 384 13.10 -42.33 -10.41
CA LEU A 384 13.13 -41.28 -11.41
C LEU A 384 13.86 -40.03 -10.91
N PRO A 385 14.75 -39.42 -11.71
CA PRO A 385 15.64 -38.38 -11.27
C PRO A 385 14.96 -37.01 -11.25
N CYS A 386 15.43 -36.11 -10.39
CA CYS A 386 14.87 -34.79 -10.23
C CYS A 386 15.93 -33.69 -10.30
N ARG A 387 15.50 -32.51 -10.70
CA ARG A 387 16.27 -31.27 -10.82
C ARG A 387 15.60 -30.22 -9.93
N ILE A 388 16.35 -29.26 -9.43
CA ILE A 388 15.85 -28.27 -8.47
C ILE A 388 16.15 -26.85 -8.97
N LYS A 389 15.31 -25.89 -8.63
CA LYS A 389 15.50 -24.46 -8.89
C LYS A 389 15.35 -23.69 -7.59
N GLN A 390 16.15 -22.64 -7.36
CA GLN A 390 15.93 -21.77 -6.21
C GLN A 390 14.95 -20.65 -6.54
N ILE A 391 15.10 -20.00 -7.68
CA ILE A 391 14.04 -19.12 -8.17
C ILE A 391 12.93 -19.95 -8.81
N ILE A 392 11.69 -19.54 -8.60
CA ILE A 392 10.54 -20.09 -9.31
C ILE A 392 9.65 -18.96 -9.80
N ASN A 393 8.82 -19.28 -10.78
CA ASN A 393 7.75 -18.43 -11.25
C ASN A 393 6.46 -19.24 -11.27
N MET A 394 5.32 -18.64 -10.94
CA MET A 394 4.09 -19.38 -10.66
C MET A 394 2.90 -18.90 -11.51
N TRP A 395 2.05 -19.83 -11.95
CA TRP A 395 0.92 -19.57 -12.86
C TRP A 395 1.31 -18.85 -14.17
N GLN A 396 2.54 -19.05 -14.62
CA GLN A 396 3.17 -18.39 -15.79
C GLN A 396 3.10 -16.86 -15.78
N ARG A 397 3.03 -16.23 -14.61
CA ARG A 397 2.92 -14.77 -14.44
C ARG A 397 4.29 -14.11 -14.63
N ILE A 398 4.59 -13.62 -15.82
CA ILE A 398 5.96 -13.36 -16.27
C ILE A 398 6.75 -12.38 -15.37
N GLY A 399 6.12 -11.32 -14.88
CA GLY A 399 6.79 -10.33 -14.02
C GLY A 399 7.02 -10.76 -12.57
N GLN A 400 6.51 -11.92 -12.15
CA GLN A 400 6.43 -12.35 -10.74
C GLN A 400 7.43 -13.47 -10.42
N CYS A 401 8.73 -13.19 -10.56
CA CYS A 401 9.76 -14.07 -10.01
C CYS A 401 9.67 -14.11 -8.47
N MET A 402 9.94 -15.26 -7.84
CA MET A 402 10.26 -15.31 -6.41
C MET A 402 11.40 -16.29 -6.12
N TYR A 403 12.18 -16.03 -5.09
CA TYR A 403 13.35 -16.81 -4.71
C TYR A 403 13.04 -17.59 -3.44
N ALA A 404 13.11 -18.92 -3.49
CA ALA A 404 12.94 -19.77 -2.32
C ALA A 404 14.31 -20.08 -1.68
N PRO A 405 14.52 -19.78 -0.39
CA PRO A 405 15.82 -19.95 0.25
C PRO A 405 16.23 -21.42 0.33
N PRO A 406 17.53 -21.74 0.37
CA PRO A 406 18.00 -23.08 0.68
C PRO A 406 17.57 -23.47 2.09
N ILE A 407 17.27 -24.75 2.31
CA ILE A 407 16.86 -25.29 3.61
C ILE A 407 17.93 -26.20 4.20
N GLN A 408 18.23 -26.00 5.48
CA GLN A 408 19.33 -26.67 6.18
C GLN A 408 19.18 -28.20 6.19
N GLY A 409 20.29 -28.93 6.13
CA GLY A 409 20.29 -30.38 6.34
C GLY A 409 19.91 -31.19 5.10
N VAL A 410 19.20 -32.30 5.32
CA VAL A 410 18.76 -33.28 4.31
C VAL A 410 17.25 -33.47 4.44
N ILE A 411 16.53 -33.64 3.34
CA ILE A 411 15.05 -33.67 3.34
C ILE A 411 14.46 -34.76 2.44
N ARG A 412 13.31 -35.29 2.87
CA ARG A 412 12.52 -36.28 2.11
C ARG A 412 11.02 -36.13 2.29
N CYS A 413 10.27 -36.32 1.21
CA CYS A 413 8.81 -36.28 1.15
C CYS A 413 8.25 -37.69 1.00
N VAL A 414 7.21 -38.03 1.76
CA VAL A 414 6.46 -39.28 1.61
C VAL A 414 5.01 -38.94 1.33
N SER A 415 4.45 -39.33 0.18
CA SER A 415 3.15 -38.81 -0.29
C SER A 415 2.28 -39.85 -0.99
N ASN A 416 0.98 -39.63 -1.03
CA ASN A 416 0.04 -40.48 -1.76
C ASN A 416 -0.21 -39.88 -3.14
N ILE A 417 0.14 -40.54 -4.25
CA ILE A 417 -0.40 -40.15 -5.57
C ILE A 417 -1.87 -40.52 -5.58
N THR A 418 -2.74 -39.53 -5.75
CA THR A 418 -4.19 -39.68 -5.71
C THR A 418 -4.77 -39.94 -7.08
N GLY A 419 -4.14 -39.39 -8.10
CA GLY A 419 -4.67 -39.37 -9.45
C GLY A 419 -3.76 -38.57 -10.38
N LEU A 420 -4.06 -38.58 -11.66
CA LEU A 420 -3.15 -38.06 -12.67
C LEU A 420 -3.90 -37.48 -13.85
N ILE A 421 -3.23 -36.65 -14.63
CA ILE A 421 -3.84 -35.89 -15.71
C ILE A 421 -3.30 -36.42 -17.02
N LEU A 422 -4.16 -36.79 -17.95
CA LEU A 422 -3.76 -37.36 -19.23
C LEU A 422 -4.27 -36.50 -20.38
N THR A 423 -3.53 -36.51 -21.48
CA THR A 423 -3.96 -35.92 -22.75
C THR A 423 -3.83 -36.99 -23.83
N ARG A 424 -4.76 -37.02 -24.79
CA ARG A 424 -4.81 -38.03 -25.85
C ARG A 424 -4.20 -37.47 -27.14
N ASP A 425 -3.90 -38.34 -28.09
CA ASP A 425 -3.44 -37.97 -29.43
C ASP A 425 -4.35 -38.60 -30.51
N GLY A 426 -4.41 -38.04 -31.72
CA GLY A 426 -5.18 -38.63 -32.81
C GLY A 426 -4.69 -40.03 -33.22
N GLY A 427 -5.34 -40.65 -34.19
CA GLY A 427 -5.02 -42.02 -34.63
C GLY A 427 -3.55 -42.19 -35.04
N SER A 428 -2.76 -42.83 -34.20
CA SER A 428 -1.30 -42.93 -34.36
C SER A 428 -0.92 -43.69 -35.64
N THR A 429 -1.72 -44.71 -35.95
CA THR A 429 -1.86 -45.42 -37.22
C THR A 429 -3.33 -45.90 -37.31
N ASN A 430 -3.65 -46.78 -38.25
CA ASN A 430 -4.98 -47.38 -38.35
C ASN A 430 -5.40 -48.17 -37.08
N SER A 431 -4.45 -48.76 -36.34
CA SER A 431 -4.74 -49.68 -35.22
C SER A 431 -5.23 -48.99 -33.94
N THR A 432 -4.61 -47.86 -33.57
CA THR A 432 -4.82 -47.21 -32.27
C THR A 432 -5.02 -45.70 -32.38
N THR A 433 -5.94 -45.19 -31.57
CA THR A 433 -6.22 -43.78 -31.29
C THR A 433 -5.99 -43.48 -29.79
N GLU A 434 -5.09 -44.24 -29.16
CA GLU A 434 -4.98 -44.35 -27.71
C GLU A 434 -3.54 -44.27 -27.19
N THR A 435 -2.64 -43.54 -27.84
CA THR A 435 -1.49 -43.01 -27.10
C THR A 435 -1.96 -41.97 -26.09
N PHE A 436 -1.49 -42.06 -24.86
CA PHE A 436 -1.75 -41.08 -23.81
C PHE A 436 -0.46 -40.56 -23.22
N ARG A 437 -0.43 -39.29 -22.87
CA ARG A 437 0.74 -38.60 -22.32
C ARG A 437 0.36 -37.85 -21.06
N PRO A 438 1.21 -37.76 -20.04
CA PRO A 438 0.91 -36.94 -18.86
C PRO A 438 0.74 -35.49 -19.28
N GLY A 439 -0.42 -34.95 -18.99
CA GLY A 439 -0.88 -33.68 -19.53
C GLY A 439 -0.45 -32.49 -18.68
N GLY A 440 -1.32 -31.49 -18.61
CA GLY A 440 -1.13 -30.29 -17.83
C GLY A 440 -2.15 -29.22 -18.21
N GLY A 441 -1.79 -27.97 -17.98
CA GLY A 441 -2.64 -26.81 -18.21
C GLY A 441 -2.42 -25.77 -17.13
N ASP A 442 -3.31 -24.80 -17.03
CA ASP A 442 -3.44 -23.97 -15.84
C ASP A 442 -3.75 -24.85 -14.62
N MET A 443 -3.23 -24.48 -13.45
CA MET A 443 -3.32 -25.30 -12.22
C MET A 443 -4.76 -25.56 -11.78
N ARG A 444 -5.72 -24.81 -12.34
CA ARG A 444 -7.15 -24.80 -12.06
C ARG A 444 -7.79 -26.17 -12.01
N ASP A 445 -7.43 -27.11 -12.86
CA ASP A 445 -8.05 -28.44 -12.81
C ASP A 445 -7.52 -29.34 -11.69
N ASN A 446 -6.45 -28.98 -10.96
CA ASN A 446 -6.23 -29.57 -9.64
C ASN A 446 -7.42 -29.30 -8.72
N TRP A 447 -7.99 -28.08 -8.72
CA TRP A 447 -9.16 -27.80 -7.91
C TRP A 447 -10.37 -28.56 -8.42
N ARG A 448 -10.53 -28.67 -9.74
CA ARG A 448 -11.61 -29.45 -10.35
C ARG A 448 -11.53 -30.95 -10.03
N SER A 449 -10.40 -31.46 -9.55
CA SER A 449 -10.33 -32.79 -8.94
C SER A 449 -11.03 -32.86 -7.58
N GLU A 450 -10.86 -31.87 -6.71
CA GLU A 450 -11.38 -31.92 -5.34
C GLU A 450 -12.80 -31.37 -5.22
N LEU A 451 -13.10 -30.27 -5.93
CA LEU A 451 -14.43 -29.66 -6.06
C LEU A 451 -15.31 -30.39 -7.08
N TYR A 452 -15.04 -31.67 -7.38
CA TYR A 452 -15.67 -32.37 -8.50
C TYR A 452 -17.16 -32.66 -8.30
N LYS A 453 -17.69 -32.52 -7.09
CA LYS A 453 -19.07 -32.90 -6.76
C LYS A 453 -19.85 -31.93 -5.86
N TYR A 454 -19.32 -30.74 -5.60
CA TYR A 454 -20.08 -29.66 -4.97
C TYR A 454 -20.80 -28.80 -6.01
N LYS A 455 -21.83 -28.07 -5.56
CA LYS A 455 -22.58 -27.06 -6.31
C LYS A 455 -23.07 -26.00 -5.34
N VAL A 456 -23.35 -24.79 -5.79
CA VAL A 456 -23.90 -23.71 -4.94
C VAL A 456 -25.20 -23.18 -5.54
N VAL A 457 -26.22 -22.94 -4.70
CA VAL A 457 -27.56 -22.54 -5.12
C VAL A 457 -28.10 -21.42 -4.24
N LYS A 458 -29.02 -20.63 -4.77
CA LYS A 458 -29.69 -19.52 -4.11
C LYS A 458 -31.07 -19.96 -3.68
N ILE A 459 -31.46 -19.76 -2.43
CA ILE A 459 -32.81 -20.06 -1.96
C ILE A 459 -33.79 -19.02 -2.50
N GLU A 460 -34.96 -19.43 -2.97
CA GLU A 460 -36.06 -18.53 -3.33
C GLU A 460 -37.28 -18.81 -2.46
N PRO A 461 -37.35 -18.22 -1.27
CA PRO A 461 -38.27 -18.67 -0.23
C PRO A 461 -39.73 -18.35 -0.51
N LEU A 462 -40.03 -17.33 -1.31
CA LEU A 462 -41.41 -16.92 -1.63
C LEU A 462 -42.05 -17.94 -2.58
N GLY A 463 -43.27 -18.34 -2.27
CA GLY A 463 -44.06 -19.23 -3.11
C GLY A 463 -45.50 -18.77 -3.16
N VAL A 464 -46.18 -19.08 -4.25
CA VAL A 464 -47.58 -18.73 -4.44
C VAL A 464 -48.33 -19.92 -5.04
N ALA A 465 -49.47 -20.30 -4.49
CA ALA A 465 -50.18 -21.50 -4.92
C ALA A 465 -51.65 -21.43 -4.51
N PRO A 466 -52.56 -22.09 -5.23
CA PRO A 466 -53.98 -21.96 -4.97
C PRO A 466 -54.48 -22.93 -3.92
N THR A 467 -55.43 -22.46 -3.12
CA THR A 467 -56.26 -23.26 -2.20
C THR A 467 -57.51 -22.46 -1.85
N ARG A 468 -58.52 -23.04 -1.22
CA ARG A 468 -59.80 -22.37 -0.98
C ARG A 468 -59.86 -21.59 0.33
N CYS A 469 -59.42 -20.32 0.34
CA CYS A 469 -59.71 -19.39 1.41
C CYS A 469 -59.63 -17.90 1.00
N LYS A 470 -60.72 -17.14 1.17
CA LYS A 470 -60.68 -15.67 1.21
C LYS A 470 -60.08 -15.18 2.53
N ARG A 471 -59.59 -13.94 2.56
CA ARG A 471 -59.54 -13.14 3.80
C ARG A 471 -60.87 -12.41 3.98
N ARG A 472 -61.59 -12.69 5.06
CA ARG A 472 -63.05 -12.45 5.15
C ARG A 472 -63.40 -11.05 5.67
N VAL A 473 -62.91 -10.02 4.97
CA VAL A 473 -63.08 -8.60 5.35
C VAL A 473 -64.54 -8.16 5.33
N ALA B 1 -31.59 -40.24 5.17
CA ALA B 1 -32.79 -41.07 4.89
C ALA B 1 -33.67 -40.41 3.80
N VAL B 2 -34.61 -41.16 3.21
CA VAL B 2 -35.49 -40.68 2.13
C VAL B 2 -36.93 -41.17 2.32
N GLY B 3 -37.90 -40.27 2.20
CA GLY B 3 -39.33 -40.60 2.26
C GLY B 3 -40.24 -39.38 2.16
N ILE B 4 -41.09 -39.22 3.18
CA ILE B 4 -41.99 -38.07 3.43
C ILE B 4 -42.12 -37.83 4.95
N GLY B 5 -42.24 -36.56 5.38
CA GLY B 5 -42.58 -36.22 6.77
C GLY B 5 -41.51 -36.45 7.84
N ALA B 6 -40.22 -36.56 7.47
CA ALA B 6 -39.15 -37.00 8.37
C ALA B 6 -38.08 -35.92 8.65
N VAL B 7 -37.30 -35.49 7.66
CA VAL B 7 -36.11 -34.62 7.86
C VAL B 7 -36.49 -33.13 8.03
N PHE B 8 -37.76 -32.83 8.31
CA PHE B 8 -38.28 -31.46 8.45
C PHE B 8 -37.61 -30.67 9.59
N LEU B 9 -36.97 -31.37 10.52
CA LEU B 9 -36.15 -30.83 11.61
C LEU B 9 -34.75 -30.34 11.16
N GLY B 10 -34.44 -30.38 9.85
CA GLY B 10 -33.22 -29.80 9.27
C GLY B 10 -33.48 -28.93 8.04
N PHE B 11 -32.54 -28.03 7.75
CA PHE B 11 -32.64 -27.09 6.63
C PHE B 11 -32.79 -27.79 5.29
N LEU B 12 -33.72 -27.33 4.45
CA LEU B 12 -34.11 -27.95 3.17
C LEU B 12 -34.54 -29.42 3.21
N GLY B 13 -34.49 -30.12 4.34
CA GLY B 13 -34.66 -31.58 4.40
C GLY B 13 -35.95 -32.10 3.79
N ALA B 14 -36.99 -31.26 3.74
CA ALA B 14 -38.27 -31.57 3.14
C ALA B 14 -38.29 -31.60 1.60
N ALA B 15 -37.29 -31.07 0.89
CA ALA B 15 -37.49 -30.53 -0.46
C ALA B 15 -38.07 -31.50 -1.50
N GLY B 16 -37.80 -32.80 -1.39
CA GLY B 16 -38.36 -33.80 -2.31
C GLY B 16 -39.74 -34.33 -1.93
N SER B 17 -40.26 -33.97 -0.76
CA SER B 17 -41.61 -34.37 -0.32
C SER B 17 -42.70 -33.50 -0.95
N THR B 18 -43.94 -33.98 -1.01
CA THR B 18 -44.99 -33.25 -1.72
C THR B 18 -45.43 -31.97 -1.01
N MET B 19 -45.97 -30.99 -1.75
CA MET B 19 -46.22 -29.62 -1.28
C MET B 19 -47.07 -29.57 -0.02
N GLY B 20 -48.05 -30.46 0.12
CA GLY B 20 -48.88 -30.56 1.31
C GLY B 20 -48.03 -30.78 2.56
N ALA B 21 -47.33 -31.90 2.66
CA ALA B 21 -46.50 -32.19 3.82
C ALA B 21 -45.38 -31.16 4.04
N ALA B 22 -44.76 -30.66 2.96
CA ALA B 22 -43.76 -29.61 3.07
C ALA B 22 -44.31 -28.29 3.64
N SER B 23 -45.61 -28.06 3.69
CA SER B 23 -46.19 -26.84 4.27
C SER B 23 -45.93 -26.69 5.77
N MET B 24 -45.65 -27.78 6.51
CA MET B 24 -45.41 -27.71 7.96
C MET B 24 -44.01 -27.19 8.31
N THR B 25 -43.00 -27.39 7.46
CA THR B 25 -41.60 -27.08 7.81
C THR B 25 -41.24 -25.60 7.71
N LEU B 26 -42.03 -24.76 7.04
CA LEU B 26 -41.64 -23.43 6.53
C LEU B 26 -40.83 -22.57 7.49
N THR B 27 -41.14 -22.61 8.79
CA THR B 27 -40.38 -21.90 9.82
C THR B 27 -38.87 -22.16 9.79
N VAL B 28 -38.42 -23.37 9.44
CA VAL B 28 -37.00 -23.74 9.40
C VAL B 28 -36.27 -23.11 8.23
N GLN B 29 -36.81 -23.27 7.02
CA GLN B 29 -36.30 -22.61 5.82
C GLN B 29 -36.31 -21.08 5.98
N ALA B 30 -37.29 -20.53 6.72
CA ALA B 30 -37.35 -19.10 7.03
C ALA B 30 -36.27 -18.67 8.03
N ARG B 31 -36.19 -19.29 9.21
CA ARG B 31 -35.21 -18.93 10.26
C ARG B 31 -33.78 -18.93 9.74
N ASN B 32 -33.40 -19.97 9.00
CA ASN B 32 -32.05 -20.15 8.49
C ASN B 32 -31.70 -19.28 7.26
N LEU B 33 -32.65 -18.52 6.72
CA LEU B 33 -32.43 -17.58 5.61
C LEU B 33 -31.58 -16.37 6.00
N LEU B 34 -31.47 -16.08 7.30
CA LEU B 34 -30.78 -14.90 7.84
C LEU B 34 -29.86 -15.24 9.02
N SER B 35 -30.35 -15.97 10.02
CA SER B 35 -29.58 -16.29 11.25
C SER B 35 -28.29 -17.08 10.99
N GLY B 36 -28.13 -17.70 9.82
CA GLY B 36 -26.86 -18.29 9.36
C GLY B 36 -25.69 -17.29 9.29
N ILE B 37 -25.96 -15.98 9.37
CA ILE B 37 -24.93 -14.95 9.55
C ILE B 37 -24.13 -15.15 10.87
N VAL B 38 -24.58 -16.02 11.79
CA VAL B 38 -23.77 -16.51 12.93
C VAL B 38 -22.43 -17.12 12.49
N GLN B 39 -22.38 -17.78 11.34
CA GLN B 39 -21.15 -18.33 10.75
C GLN B 39 -20.15 -17.25 10.29
N GLN B 40 -20.60 -15.99 10.22
CA GLN B 40 -19.80 -14.82 9.85
C GLN B 40 -19.48 -13.94 11.07
N GLN B 41 -20.50 -13.53 11.81
CA GLN B 41 -20.35 -12.54 12.89
C GLN B 41 -19.61 -13.08 14.11
N SER B 42 -19.46 -14.41 14.23
CA SER B 42 -18.61 -15.02 15.25
C SER B 42 -17.11 -14.81 15.01
N ASN B 43 -16.69 -14.47 13.78
CA ASN B 43 -15.29 -14.64 13.36
C ASN B 43 -14.71 -13.60 12.38
N LEU B 44 -15.50 -12.73 11.73
CA LEU B 44 -14.96 -11.64 10.91
C LEU B 44 -14.19 -10.65 11.81
N LEU B 45 -12.88 -10.48 11.57
CA LEU B 45 -12.00 -9.64 12.40
C LEU B 45 -10.78 -9.11 11.63
N ARG B 46 -10.33 -7.90 11.98
CA ARG B 46 -9.12 -7.30 11.32
C ARG B 46 -7.83 -7.96 11.83
N ALA B 47 -6.72 -7.23 11.83
CA ALA B 47 -5.41 -7.81 12.22
C ALA B 47 -5.24 -7.84 13.74
N ILE B 48 -4.09 -8.34 14.24
CA ILE B 48 -3.76 -8.40 15.70
C ILE B 48 -4.44 -9.64 16.32
N GLU B 49 -5.06 -10.49 15.51
CA GLU B 49 -5.62 -11.76 16.04
C GLU B 49 -4.65 -12.88 15.67
N ALA B 50 -5.12 -13.93 14.97
CA ALA B 50 -4.18 -14.96 14.48
C ALA B 50 -3.27 -14.25 13.47
N GLN B 51 -3.76 -13.15 12.89
CA GLN B 51 -2.95 -12.35 11.97
C GLN B 51 -1.96 -11.47 12.76
N GLN B 52 -0.74 -11.25 12.25
CA GLN B 52 0.13 -10.16 12.69
C GLN B 52 0.68 -9.40 11.48
N HIS B 53 0.43 -8.08 11.43
CA HIS B 53 0.59 -7.27 10.20
C HIS B 53 -0.08 -7.97 9.00
N LEU B 54 0.50 -7.94 7.80
CA LEU B 54 -0.07 -8.45 6.54
C LEU B 54 -1.52 -7.93 6.35
N LEU B 55 -1.75 -6.65 6.66
CA LEU B 55 -3.09 -6.07 6.86
C LEU B 55 -4.04 -6.30 5.68
N LYS B 56 -3.53 -6.35 4.45
CA LYS B 56 -4.32 -6.66 3.23
C LYS B 56 -5.05 -8.00 3.31
N LEU B 57 -4.48 -9.05 3.88
CA LEU B 57 -5.20 -10.33 4.06
C LEU B 57 -6.41 -10.21 5.01
N THR B 58 -6.53 -9.12 5.77
CA THR B 58 -7.76 -8.79 6.51
C THR B 58 -8.66 -7.74 5.84
N VAL B 59 -8.15 -6.86 4.98
CA VAL B 59 -9.00 -5.99 4.12
C VAL B 59 -9.61 -6.75 2.93
N TRP B 60 -9.01 -7.87 2.54
CA TRP B 60 -9.63 -8.99 1.83
C TRP B 60 -10.96 -9.43 2.47
N GLY B 61 -11.15 -9.19 3.78
CA GLY B 61 -12.40 -9.39 4.52
C GLY B 61 -13.60 -8.61 3.97
N ILE B 62 -13.42 -7.65 3.06
CA ILE B 62 -14.53 -7.05 2.30
C ILE B 62 -15.33 -8.11 1.55
N LYS B 63 -14.73 -9.24 1.11
CA LYS B 63 -15.49 -10.39 0.59
C LYS B 63 -16.56 -10.87 1.57
N GLN B 64 -16.15 -11.20 2.79
CA GLN B 64 -17.05 -11.68 3.84
C GLN B 64 -18.05 -10.59 4.26
N LEU B 65 -17.62 -9.34 4.37
CA LEU B 65 -18.49 -8.24 4.78
C LEU B 65 -19.55 -7.91 3.72
N GLN B 66 -19.20 -7.92 2.43
CA GLN B 66 -20.16 -7.71 1.35
C GLN B 66 -21.24 -8.79 1.34
N ALA B 67 -20.88 -10.05 1.57
CA ALA B 67 -21.85 -11.14 1.63
C ALA B 67 -22.91 -10.91 2.73
N ARG B 68 -22.53 -10.32 3.86
CA ARG B 68 -23.47 -9.97 4.93
C ARG B 68 -24.48 -8.94 4.48
N VAL B 69 -24.07 -7.83 3.87
CA VAL B 69 -25.04 -6.79 3.48
C VAL B 69 -25.97 -7.29 2.39
N LEU B 70 -25.49 -8.11 1.45
CA LEU B 70 -26.36 -8.73 0.46
C LEU B 70 -27.42 -9.62 1.10
N ALA B 71 -27.05 -10.41 2.10
CA ALA B 71 -27.99 -11.30 2.77
C ALA B 71 -29.11 -10.55 3.48
N VAL B 72 -28.80 -9.55 4.31
CA VAL B 72 -29.86 -8.78 5.00
C VAL B 72 -30.72 -8.03 4.00
N GLU B 73 -30.13 -7.55 2.91
CA GLU B 73 -30.84 -6.76 1.93
C GLU B 73 -31.82 -7.61 1.10
N ARG B 74 -31.47 -8.85 0.75
CA ARG B 74 -32.43 -9.80 0.18
C ARG B 74 -33.56 -10.11 1.16
N TYR B 75 -33.23 -10.43 2.41
CA TYR B 75 -34.25 -10.71 3.43
C TYR B 75 -35.23 -9.55 3.56
N LEU B 76 -34.70 -8.35 3.69
CA LEU B 76 -35.49 -7.16 3.94
C LEU B 76 -36.38 -6.82 2.74
N ARG B 77 -35.89 -7.04 1.52
CA ARG B 77 -36.71 -6.89 0.32
C ARG B 77 -37.86 -7.89 0.27
N ASP B 78 -37.65 -9.15 0.63
CA ASP B 78 -38.77 -10.08 0.73
C ASP B 78 -39.80 -9.59 1.72
N GLN B 79 -39.37 -9.15 2.90
CA GLN B 79 -40.29 -8.65 3.90
C GLN B 79 -41.02 -7.39 3.43
N GLN B 80 -40.39 -6.54 2.62
CA GLN B 80 -41.12 -5.45 1.99
C GLN B 80 -42.19 -5.99 1.04
N LEU B 81 -41.84 -6.89 0.14
CA LEU B 81 -42.76 -7.38 -0.87
C LEU B 81 -43.94 -8.15 -0.26
N LEU B 82 -43.70 -8.89 0.81
CA LEU B 82 -44.74 -9.54 1.59
C LEU B 82 -45.58 -8.52 2.37
N GLY B 83 -44.99 -7.38 2.73
CA GLY B 83 -45.69 -6.27 3.36
C GLY B 83 -46.68 -5.58 2.43
N ILE B 84 -46.26 -5.19 1.22
CA ILE B 84 -47.13 -4.41 0.32
C ILE B 84 -48.33 -5.21 -0.20
N TRP B 85 -48.29 -6.55 -0.21
CA TRP B 85 -49.46 -7.41 -0.45
C TRP B 85 -50.43 -7.49 0.73
N GLY B 86 -50.09 -6.86 1.86
CA GLY B 86 -50.92 -6.84 3.07
C GLY B 86 -50.84 -8.16 3.84
N CYS B 87 -49.63 -8.65 4.08
CA CYS B 87 -49.37 -10.00 4.56
C CYS B 87 -48.19 -10.07 5.55
N SER B 88 -47.78 -8.94 6.14
CA SER B 88 -46.48 -8.77 6.82
C SER B 88 -46.24 -9.64 8.05
N GLY B 89 -47.30 -10.07 8.75
CA GLY B 89 -47.17 -10.75 10.04
C GLY B 89 -47.07 -12.28 9.98
N LYS B 90 -47.13 -12.88 8.79
CA LYS B 90 -47.58 -14.26 8.63
C LYS B 90 -46.67 -15.08 7.72
N LEU B 91 -46.57 -16.38 7.97
CA LEU B 91 -45.86 -17.32 7.09
C LEU B 91 -46.78 -17.87 5.98
N ILE B 92 -48.09 -17.79 6.16
CA ILE B 92 -49.14 -18.19 5.23
C ILE B 92 -50.08 -17.00 5.07
N CYS B 93 -50.61 -16.68 3.89
CA CYS B 93 -51.77 -15.77 3.79
C CYS B 93 -52.83 -16.33 2.87
N CYS B 94 -54.09 -16.18 3.27
CA CYS B 94 -55.19 -16.16 2.33
C CYS B 94 -55.32 -14.77 1.71
N THR B 95 -55.65 -14.65 0.42
CA THR B 95 -55.76 -13.34 -0.25
C THR B 95 -56.89 -13.33 -1.26
N ASN B 96 -57.50 -12.17 -1.48
CA ASN B 96 -58.63 -12.06 -2.40
C ASN B 96 -58.14 -11.76 -3.81
N VAL B 97 -57.47 -12.74 -4.42
CA VAL B 97 -57.31 -12.86 -5.87
C VAL B 97 -57.78 -14.27 -6.27
N PRO B 98 -58.75 -14.42 -7.18
CA PRO B 98 -59.20 -15.73 -7.63
C PRO B 98 -58.16 -16.37 -8.53
N TRP B 99 -57.97 -17.68 -8.42
CA TRP B 99 -56.98 -18.39 -9.21
C TRP B 99 -57.44 -18.52 -10.67
N ASN B 100 -56.82 -17.79 -11.59
CA ASN B 100 -57.06 -17.98 -13.02
C ASN B 100 -56.37 -19.27 -13.47
N SER B 101 -57.14 -20.33 -13.73
CA SER B 101 -56.58 -21.64 -14.07
C SER B 101 -55.83 -21.68 -15.41
N SER B 102 -55.84 -20.61 -16.20
CA SER B 102 -54.89 -20.46 -17.30
C SER B 102 -53.42 -20.45 -16.83
N TRP B 103 -53.13 -20.01 -15.58
CA TRP B 103 -51.78 -20.10 -15.01
C TRP B 103 -51.35 -21.54 -14.71
N SER B 104 -52.30 -22.43 -14.41
CA SER B 104 -52.12 -23.89 -14.43
C SER B 104 -53.47 -24.58 -14.35
N ASN B 105 -53.71 -25.51 -15.27
CA ASN B 105 -55.00 -26.21 -15.42
C ASN B 105 -55.27 -27.27 -14.33
N ARG B 106 -54.33 -27.45 -13.41
CA ARG B 106 -54.25 -28.59 -12.48
C ARG B 106 -55.23 -28.49 -11.32
N ASN B 107 -55.75 -29.64 -10.87
CA ASN B 107 -56.76 -29.72 -9.81
C ASN B 107 -56.17 -29.58 -8.40
N LEU B 108 -57.04 -29.35 -7.40
CA LEU B 108 -56.61 -29.06 -6.03
C LEU B 108 -55.87 -30.24 -5.37
N SER B 109 -56.21 -31.49 -5.69
CA SER B 109 -55.47 -32.62 -5.12
C SER B 109 -54.06 -32.69 -5.66
N GLU B 110 -53.88 -32.70 -6.99
CA GLU B 110 -52.58 -33.05 -7.56
C GLU B 110 -51.49 -32.04 -7.20
N ILE B 111 -51.84 -30.76 -7.06
CA ILE B 111 -50.89 -29.74 -6.60
C ILE B 111 -50.42 -29.98 -5.16
N TRP B 112 -51.30 -30.35 -4.22
CA TRP B 112 -50.90 -30.52 -2.83
C TRP B 112 -50.38 -31.92 -2.52
N ASP B 113 -50.81 -32.92 -3.27
CA ASP B 113 -50.65 -34.32 -2.91
C ASP B 113 -49.62 -35.08 -3.75
N ASN B 114 -49.28 -34.57 -4.94
CA ASN B 114 -48.37 -35.26 -5.84
C ASN B 114 -47.08 -34.48 -6.06
N MET B 115 -47.17 -33.19 -6.38
CA MET B 115 -46.00 -32.39 -6.78
C MET B 115 -45.10 -32.03 -5.60
N THR B 116 -43.80 -31.87 -5.84
CA THR B 116 -42.89 -31.16 -4.94
C THR B 116 -42.94 -29.66 -5.24
N TRP B 117 -42.48 -28.81 -4.32
CA TRP B 117 -42.41 -27.37 -4.61
C TRP B 117 -41.50 -27.05 -5.80
N LEU B 118 -40.43 -27.81 -6.00
CA LEU B 118 -39.55 -27.66 -7.16
C LEU B 118 -40.27 -27.99 -8.48
N GLN B 119 -41.20 -28.95 -8.48
CA GLN B 119 -42.00 -29.22 -9.68
C GLN B 119 -43.02 -28.11 -9.93
N TRP B 120 -43.58 -27.52 -8.88
CA TRP B 120 -44.55 -26.43 -9.02
C TRP B 120 -43.90 -25.12 -9.48
N ASP B 121 -42.71 -24.80 -8.97
CA ASP B 121 -41.91 -23.65 -9.40
C ASP B 121 -41.78 -23.59 -10.93
N LYS B 122 -41.53 -24.73 -11.57
CA LYS B 122 -41.35 -24.82 -13.01
C LYS B 122 -42.61 -24.51 -13.82
N GLU B 123 -43.81 -24.53 -13.23
CA GLU B 123 -45.01 -24.08 -13.93
C GLU B 123 -45.23 -22.58 -13.75
N ILE B 124 -45.54 -22.15 -12.53
CA ILE B 124 -45.99 -20.78 -12.25
C ILE B 124 -44.91 -19.72 -12.50
N SER B 125 -43.66 -20.11 -12.69
CA SER B 125 -42.59 -19.22 -13.15
C SER B 125 -42.90 -18.54 -14.50
N ASN B 126 -43.79 -19.08 -15.32
CA ASN B 126 -44.30 -18.36 -16.50
C ASN B 126 -45.20 -17.16 -16.18
N TYR B 127 -45.89 -17.18 -15.04
CA TYR B 127 -47.01 -16.27 -14.74
C TYR B 127 -46.82 -15.42 -13.47
N THR B 128 -45.73 -15.63 -12.73
CA THR B 128 -45.57 -15.05 -11.39
C THR B 128 -45.65 -13.53 -11.39
N GLN B 129 -45.07 -12.85 -12.38
CA GLN B 129 -45.13 -11.38 -12.45
C GLN B 129 -46.53 -10.83 -12.79
N ILE B 130 -47.47 -11.65 -13.27
CA ILE B 130 -48.89 -11.28 -13.31
C ILE B 130 -49.46 -11.32 -11.89
N ILE B 131 -49.22 -12.43 -11.19
CA ILE B 131 -49.82 -12.70 -9.88
C ILE B 131 -49.35 -11.65 -8.87
N TYR B 132 -48.07 -11.28 -8.85
CA TYR B 132 -47.62 -10.21 -7.97
C TYR B 132 -48.30 -8.86 -8.28
N GLY B 133 -48.64 -8.61 -9.54
CA GLY B 133 -49.42 -7.44 -9.93
C GLY B 133 -50.83 -7.48 -9.36
N LEU B 134 -51.55 -8.59 -9.54
CA LEU B 134 -52.91 -8.72 -9.02
C LEU B 134 -52.97 -8.64 -7.50
N LEU B 135 -52.02 -9.25 -6.79
CA LEU B 135 -51.95 -9.15 -5.34
C LEU B 135 -51.78 -7.69 -4.89
N GLU B 136 -50.83 -6.96 -5.47
CA GLU B 136 -50.59 -5.57 -5.12
C GLU B 136 -51.85 -4.73 -5.30
N GLU B 137 -52.50 -4.83 -6.46
CA GLU B 137 -53.67 -4.01 -6.74
C GLU B 137 -54.84 -4.37 -5.83
N SER B 138 -55.06 -5.66 -5.56
CA SER B 138 -56.12 -6.12 -4.67
C SER B 138 -55.93 -5.58 -3.24
N GLN B 139 -54.71 -5.57 -2.72
CA GLN B 139 -54.44 -4.96 -1.42
C GLN B 139 -54.54 -3.44 -1.46
N ASN B 140 -54.02 -2.78 -2.48
CA ASN B 140 -53.98 -1.32 -2.52
C ASN B 140 -55.39 -0.72 -2.45
N GLN B 141 -56.34 -1.24 -3.24
CA GLN B 141 -57.72 -0.79 -3.15
C GLN B 141 -58.37 -1.18 -1.81
N GLN B 142 -58.00 -2.31 -1.22
CA GLN B 142 -58.53 -2.74 0.08
C GLN B 142 -58.15 -1.77 1.21
N GLU B 143 -56.94 -1.22 1.24
CA GLU B 143 -56.55 -0.22 2.24
C GLU B 143 -57.46 1.01 2.18
N LYS B 144 -57.74 1.50 0.97
CA LYS B 144 -58.63 2.64 0.73
C LYS B 144 -60.09 2.30 1.04
N ASN B 145 -60.57 1.10 0.71
CA ASN B 145 -61.94 0.71 1.07
C ASN B 145 -62.11 0.67 2.59
N GLU B 146 -61.15 0.11 3.31
CA GLU B 146 -61.17 0.11 4.77
C GLU B 146 -61.19 1.53 5.33
N GLN B 147 -60.35 2.44 4.81
CA GLN B 147 -60.34 3.82 5.27
C GLN B 147 -61.70 4.51 5.11
N ASP B 148 -62.38 4.35 3.98
CA ASP B 148 -63.74 4.87 3.82
C ASP B 148 -64.73 4.25 4.81
N LEU B 149 -64.64 2.93 5.04
CA LEU B 149 -65.54 2.21 5.95
C LEU B 149 -65.30 2.54 7.43
N LEU B 150 -64.19 3.20 7.79
CA LEU B 150 -64.04 3.90 9.08
C LEU B 150 -64.50 5.36 8.96
N ALA B 151 -64.22 6.03 7.84
CA ALA B 151 -64.55 7.43 7.61
C ALA B 151 -66.07 7.72 7.57
N LEU B 152 -66.88 6.70 7.32
CA LEU B 152 -68.35 6.81 7.43
C LEU B 152 -68.86 6.93 8.88
N ASP B 153 -67.99 6.84 9.90
CA ASP B 153 -68.37 7.13 11.29
C ASP B 153 -68.79 8.60 11.47
N ALA C 1 -67.67 12.04 16.52
CA ALA C 1 -66.65 13.10 16.60
C ALA C 1 -66.38 13.69 15.21
N GLU C 2 -66.93 14.87 14.89
CA GLU C 2 -66.75 15.50 13.58
C GLU C 2 -65.34 16.05 13.36
N ASN C 3 -64.64 16.42 14.44
CA ASN C 3 -63.27 16.91 14.34
C ASN C 3 -62.35 15.82 13.78
N LEU C 4 -61.29 16.26 13.11
CA LEU C 4 -60.47 15.40 12.29
C LEU C 4 -59.49 14.57 13.13
N TRP C 5 -59.01 13.47 12.56
CA TRP C 5 -58.11 12.51 13.18
C TRP C 5 -56.85 12.35 12.34
N VAL C 6 -55.68 12.30 12.95
CA VAL C 6 -54.44 12.19 12.18
C VAL C 6 -54.33 10.82 11.55
N THR C 7 -53.86 10.77 10.32
CA THR C 7 -53.63 9.51 9.60
C THR C 7 -52.24 9.53 9.00
N VAL C 8 -51.50 8.44 9.11
CA VAL C 8 -50.11 8.37 8.66
C VAL C 8 -50.03 7.63 7.34
N TYR C 9 -49.27 8.17 6.40
CA TYR C 9 -49.07 7.63 5.06
C TYR C 9 -47.60 7.29 4.89
N TYR C 10 -47.28 6.13 4.35
CA TYR C 10 -45.91 5.78 4.00
C TYR C 10 -45.73 5.74 2.49
N GLY C 11 -44.61 6.27 2.00
CA GLY C 11 -44.37 6.42 0.55
C GLY C 11 -45.04 7.65 -0.06
N VAL C 12 -45.30 8.70 0.71
CA VAL C 12 -45.80 9.96 0.15
C VAL C 12 -44.72 10.59 -0.74
N PRO C 13 -45.06 11.24 -1.87
CA PRO C 13 -44.09 11.76 -2.83
C PRO C 13 -43.49 13.09 -2.38
N VAL C 14 -42.53 13.07 -1.46
CA VAL C 14 -41.90 14.26 -0.86
C VAL C 14 -40.40 14.10 -0.77
N TRP C 15 -39.65 15.19 -0.94
CA TRP C 15 -38.19 15.20 -0.84
C TRP C 15 -37.66 16.45 -0.16
N LYS C 16 -36.40 16.40 0.28
CA LYS C 16 -35.60 17.56 0.72
C LYS C 16 -34.21 17.52 0.11
N ASP C 17 -33.57 18.68 -0.07
CA ASP C 17 -32.22 18.78 -0.64
C ASP C 17 -31.15 18.21 0.31
N ALA C 18 -30.12 17.54 -0.20
CA ALA C 18 -29.13 16.85 0.62
C ALA C 18 -27.80 16.59 -0.09
N GLU C 19 -26.75 16.27 0.65
CA GLU C 19 -25.48 15.76 0.14
C GLU C 19 -25.36 14.26 0.42
N THR C 20 -25.02 13.47 -0.60
CA THR C 20 -24.80 12.03 -0.48
C THR C 20 -23.78 11.56 -1.51
N THR C 21 -23.07 10.47 -1.27
CA THR C 21 -22.07 9.94 -2.22
C THR C 21 -22.76 9.37 -3.46
N LEU C 22 -22.77 10.12 -4.56
CA LEU C 22 -23.18 9.56 -5.86
C LEU C 22 -22.17 8.50 -6.27
N PHE C 23 -22.65 7.31 -6.66
CA PHE C 23 -21.79 6.33 -7.30
C PHE C 23 -21.74 6.60 -8.80
N CYS C 24 -20.72 6.09 -9.50
CA CYS C 24 -20.58 6.31 -10.93
C CYS C 24 -20.50 5.00 -11.71
N ALA C 25 -21.03 5.01 -12.92
CA ALA C 25 -21.08 3.85 -13.80
C ALA C 25 -20.73 4.23 -15.25
N SER C 26 -20.05 3.33 -15.98
CA SER C 26 -19.60 3.55 -17.36
C SER C 26 -20.19 2.54 -18.34
N ASP C 27 -20.32 2.93 -19.62
CA ASP C 27 -20.96 2.09 -20.63
C ASP C 27 -20.27 0.72 -20.75
N ALA C 28 -21.05 -0.36 -20.80
CA ALA C 28 -20.53 -1.72 -20.68
C ALA C 28 -19.46 -2.05 -21.74
N LYS C 29 -19.58 -1.56 -22.98
CA LYS C 29 -18.59 -1.74 -24.05
C LYS C 29 -17.15 -1.31 -23.69
N ALA C 30 -16.99 -0.23 -22.93
CA ALA C 30 -15.67 0.17 -22.43
C ALA C 30 -15.19 -0.77 -21.31
N TYR C 31 -16.09 -1.22 -20.43
CA TYR C 31 -15.79 -2.22 -19.40
C TYR C 31 -15.40 -3.58 -20.00
N GLU C 32 -16.03 -3.97 -21.11
CA GLU C 32 -15.72 -5.18 -21.89
C GLU C 32 -14.37 -5.10 -22.60
N THR C 33 -13.92 -3.90 -22.98
CA THR C 33 -12.57 -3.64 -23.51
C THR C 33 -11.56 -3.63 -22.36
N GLU C 34 -11.48 -4.74 -21.64
CA GLU C 34 -11.09 -4.82 -20.23
C GLU C 34 -9.64 -4.44 -19.88
N LYS C 35 -9.38 -4.33 -18.57
CA LYS C 35 -8.05 -4.22 -17.95
C LYS C 35 -7.25 -3.02 -18.44
N HIS C 36 -7.61 -1.86 -17.91
CA HIS C 36 -6.80 -0.63 -17.92
C HIS C 36 -6.55 -0.02 -19.31
N ASN C 37 -7.42 -0.28 -20.28
CA ASN C 37 -7.47 0.44 -21.55
C ASN C 37 -7.58 1.96 -21.34
N VAL C 38 -8.38 2.37 -20.35
CA VAL C 38 -8.57 3.74 -19.85
C VAL C 38 -8.65 3.73 -18.34
N TRP C 39 -8.40 4.89 -17.73
CA TRP C 39 -8.17 5.06 -16.30
C TRP C 39 -9.43 4.95 -15.40
N ALA C 40 -10.64 5.11 -15.93
CA ALA C 40 -11.86 5.13 -15.12
C ALA C 40 -12.66 3.80 -15.08
N THR C 41 -12.88 3.15 -16.23
CA THR C 41 -13.97 2.13 -16.37
C THR C 41 -13.86 0.96 -15.40
N HIS C 42 -12.65 0.45 -15.16
CA HIS C 42 -12.43 -0.71 -14.28
C HIS C 42 -12.73 -0.42 -12.79
N ALA C 43 -12.94 0.85 -12.42
CA ALA C 43 -13.54 1.25 -11.13
C ALA C 43 -15.01 1.69 -11.29
N CYS C 44 -15.28 2.48 -12.33
CA CYS C 44 -16.58 3.01 -12.71
C CYS C 44 -17.46 1.91 -13.34
N VAL C 45 -18.01 1.05 -12.48
CA VAL C 45 -18.77 -0.18 -12.76
C VAL C 45 -19.78 -0.11 -13.94
N PRO C 46 -20.07 -1.24 -14.63
CA PRO C 46 -20.90 -1.22 -15.84
C PRO C 46 -22.34 -0.76 -15.61
N THR C 47 -22.81 0.16 -16.44
CA THR C 47 -24.15 0.78 -16.37
C THR C 47 -25.29 -0.18 -16.67
N ASP C 48 -26.46 0.10 -16.10
CA ASP C 48 -27.74 -0.26 -16.72
C ASP C 48 -27.97 0.71 -17.91
N PRO C 49 -28.12 0.21 -19.16
CA PRO C 49 -28.31 1.07 -20.34
C PRO C 49 -29.69 1.74 -20.43
N ASN C 50 -30.57 1.58 -19.43
CA ASN C 50 -31.90 2.19 -19.36
C ASN C 50 -31.93 3.41 -18.40
N PRO C 51 -31.58 4.63 -18.82
CA PRO C 51 -31.61 5.80 -17.94
C PRO C 51 -33.04 6.18 -17.53
N GLN C 52 -33.98 6.10 -18.48
CA GLN C 52 -35.43 6.18 -18.32
C GLN C 52 -35.87 7.31 -17.38
N GLU C 53 -35.70 8.55 -17.83
CA GLU C 53 -36.23 9.70 -17.08
C GLU C 53 -37.75 9.63 -16.93
N ILE C 54 -38.28 10.25 -15.88
CA ILE C 54 -39.71 10.49 -15.71
C ILE C 54 -39.91 11.98 -15.53
N HIS C 55 -40.75 12.59 -16.36
CA HIS C 55 -41.07 14.00 -16.25
C HIS C 55 -41.98 14.21 -15.05
N LEU C 56 -41.59 15.06 -14.09
CA LEU C 56 -42.39 15.31 -12.91
C LEU C 56 -43.48 16.29 -13.30
N GLU C 57 -44.70 15.79 -13.48
CA GLU C 57 -45.84 16.63 -13.81
C GLU C 57 -45.89 17.85 -12.91
N ASN C 58 -46.19 19.03 -13.47
CA ASN C 58 -46.73 20.15 -12.70
C ASN C 58 -45.76 20.76 -11.65
N VAL C 59 -44.50 20.31 -11.62
CA VAL C 59 -43.46 20.82 -10.73
C VAL C 59 -42.69 22.10 -11.02
N THR C 60 -42.17 22.78 -10.00
CA THR C 60 -41.33 23.97 -10.12
C THR C 60 -40.51 24.15 -8.85
N GLU C 61 -39.18 24.07 -8.93
CA GLU C 61 -38.32 24.26 -7.75
C GLU C 61 -36.96 24.88 -8.05
N GLU C 62 -36.34 25.44 -7.01
CA GLU C 62 -35.13 26.27 -7.15
C GLU C 62 -33.84 25.44 -7.27
N PHE C 63 -33.19 25.54 -8.42
CA PHE C 63 -31.84 25.01 -8.66
C PHE C 63 -30.78 26.10 -8.41
N ASN C 64 -29.55 25.67 -8.15
CA ASN C 64 -28.38 26.53 -8.08
C ASN C 64 -27.14 25.70 -8.43
N MET C 65 -26.45 26.00 -9.54
CA MET C 65 -25.26 25.25 -9.95
C MET C 65 -23.98 25.69 -9.25
N TRP C 66 -23.92 26.88 -8.66
CA TRP C 66 -22.72 27.37 -8.02
C TRP C 66 -22.51 26.68 -6.67
N LYS C 67 -23.56 26.60 -5.86
CA LYS C 67 -23.58 25.85 -4.57
C LYS C 67 -23.86 24.36 -4.71
N ASN C 68 -23.78 23.79 -5.92
CA ASN C 68 -24.07 22.39 -6.19
C ASN C 68 -22.93 21.49 -5.68
N ASN C 69 -23.20 20.59 -4.73
CA ASN C 69 -22.17 19.72 -4.17
C ASN C 69 -21.53 18.75 -5.18
N MET C 70 -22.26 18.18 -6.13
CA MET C 70 -21.70 17.05 -6.88
C MET C 70 -20.54 17.43 -7.82
N VAL C 71 -20.35 18.70 -8.18
CA VAL C 71 -19.14 19.13 -8.88
C VAL C 71 -17.89 18.87 -8.04
N GLU C 72 -17.99 19.04 -6.72
CA GLU C 72 -16.90 18.78 -5.80
C GLU C 72 -16.59 17.28 -5.71
N GLN C 73 -17.63 16.44 -5.67
CA GLN C 73 -17.43 14.99 -5.73
C GLN C 73 -16.75 14.59 -7.02
N MET C 74 -17.21 15.11 -8.16
CA MET C 74 -16.60 14.78 -9.45
C MET C 74 -15.14 15.20 -9.50
N HIS C 75 -14.84 16.43 -9.09
CA HIS C 75 -13.47 16.92 -9.03
C HIS C 75 -12.58 16.01 -8.19
N THR C 76 -13.03 15.67 -6.99
CA THR C 76 -12.30 14.83 -6.06
C THR C 76 -12.13 13.41 -6.59
N ASP C 77 -13.14 12.85 -7.24
CA ASP C 77 -13.05 11.53 -7.84
C ASP C 77 -12.06 11.50 -8.99
N ILE C 78 -12.08 12.45 -9.93
CA ILE C 78 -11.15 12.41 -11.07
C ILE C 78 -9.71 12.38 -10.58
N ILE C 79 -9.35 13.20 -9.59
CA ILE C 79 -8.01 13.19 -9.01
C ILE C 79 -7.67 11.79 -8.49
N SER C 80 -8.59 11.16 -7.76
CA SER C 80 -8.31 9.84 -7.21
C SER C 80 -8.14 8.77 -8.30
N LEU C 81 -9.00 8.78 -9.33
CA LEU C 81 -8.90 7.84 -10.44
C LEU C 81 -7.61 8.07 -11.25
N TRP C 82 -7.23 9.32 -11.45
CA TRP C 82 -5.97 9.69 -12.08
C TRP C 82 -4.79 9.10 -11.32
N ASP C 83 -4.70 9.31 -10.01
CA ASP C 83 -3.60 8.77 -9.22
C ASP C 83 -3.47 7.26 -9.33
N GLN C 84 -4.56 6.51 -9.18
CA GLN C 84 -4.46 5.06 -9.29
C GLN C 84 -4.02 4.63 -10.69
N SER C 85 -4.41 5.36 -11.74
CA SER C 85 -3.94 5.06 -13.09
C SER C 85 -2.43 5.27 -13.29
N LEU C 86 -1.78 6.11 -12.46
CA LEU C 86 -0.32 6.24 -12.43
C LEU C 86 0.35 5.26 -11.47
N LYS C 87 -0.33 4.90 -10.37
CA LYS C 87 0.23 4.19 -9.21
C LYS C 87 1.12 2.98 -9.51
N PRO C 88 0.80 2.05 -10.43
CA PRO C 88 1.66 0.89 -10.70
C PRO C 88 2.86 1.20 -11.59
N CYS C 89 2.89 2.35 -12.27
CA CYS C 89 3.90 2.65 -13.29
C CYS C 89 5.26 3.03 -12.68
N VAL C 90 6.31 2.99 -13.51
CA VAL C 90 7.71 3.11 -13.09
C VAL C 90 8.08 4.50 -12.59
N LYS C 91 8.74 4.56 -11.43
CA LYS C 91 9.24 5.80 -10.83
C LYS C 91 10.62 6.08 -11.39
N LEU C 92 10.81 7.27 -11.93
CA LEU C 92 11.88 7.59 -12.87
C LEU C 92 13.14 8.15 -12.20
N THR C 93 13.28 8.01 -10.89
CA THR C 93 14.34 8.62 -10.08
C THR C 93 15.76 8.52 -10.66
N PRO C 94 16.21 7.39 -11.24
CA PRO C 94 17.52 7.30 -11.89
C PRO C 94 17.79 8.31 -13.01
N LEU C 95 16.76 8.90 -13.61
CA LEU C 95 16.88 9.88 -14.68
C LEU C 95 17.22 11.30 -14.17
N CYS C 96 17.08 11.58 -12.89
CA CYS C 96 17.45 12.84 -12.26
C CYS C 96 18.99 12.91 -12.08
N VAL C 97 19.69 13.07 -13.21
CA VAL C 97 21.15 12.91 -13.35
C VAL C 97 21.71 13.98 -14.29
N THR C 98 23.00 14.31 -14.17
CA THR C 98 23.59 15.43 -14.93
C THR C 98 23.68 15.14 -16.43
N LEU C 99 23.09 16.00 -17.27
CA LEU C 99 23.03 15.81 -18.72
C LEU C 99 23.98 16.77 -19.44
N GLN C 100 24.84 16.24 -20.31
CA GLN C 100 25.51 17.04 -21.35
C GLN C 100 24.50 17.34 -22.45
N CYS C 101 24.40 18.56 -23.00
CA CYS C 101 23.45 18.84 -24.08
C CYS C 101 23.95 19.82 -25.15
N THR C 102 23.29 19.79 -26.29
CA THR C 102 23.49 20.68 -27.44
C THR C 102 22.17 20.85 -28.22
N ASN C 103 22.03 21.85 -29.08
CA ASN C 103 20.79 22.02 -29.86
C ASN C 103 20.63 20.91 -30.90
N VAL C 104 19.39 20.67 -31.35
CA VAL C 104 19.12 19.81 -32.51
C VAL C 104 19.64 20.42 -33.82
N THR C 105 20.02 19.57 -34.78
CA THR C 105 20.83 19.95 -35.95
C THR C 105 20.03 20.24 -37.23
N ASN C 106 19.13 19.33 -37.61
CA ASN C 106 18.61 19.16 -38.97
C ASN C 106 17.32 19.92 -39.29
N ASN C 107 17.16 21.14 -38.77
CA ASN C 107 16.00 21.99 -39.05
C ASN C 107 15.90 22.36 -40.54
N MET C 112 10.23 29.62 -36.41
CA MET C 112 11.55 29.02 -36.13
C MET C 112 11.60 28.34 -34.77
N ARG C 113 12.57 27.43 -34.60
CA ARG C 113 12.64 26.49 -33.48
C ARG C 113 14.07 26.40 -32.93
N GLY C 114 14.31 27.00 -31.77
CA GLY C 114 15.42 26.65 -30.87
C GLY C 114 15.01 25.69 -29.75
N GLU C 115 13.80 25.12 -29.82
CA GLU C 115 13.10 24.46 -28.71
C GLU C 115 13.57 23.05 -28.37
N LEU C 116 14.34 22.37 -29.22
CA LEU C 116 14.70 20.97 -29.01
C LEU C 116 16.16 20.83 -28.61
N LYS C 117 16.38 20.24 -27.43
CA LYS C 117 17.69 19.92 -26.86
C LYS C 117 17.99 18.46 -27.07
N ASN C 118 19.23 18.17 -27.42
CA ASN C 118 19.78 16.84 -27.61
C ASN C 118 20.78 16.56 -26.49
N CYS C 119 20.57 15.51 -25.70
CA CYS C 119 21.24 15.34 -24.41
C CYS C 119 21.78 13.94 -24.17
N SER C 120 22.99 13.83 -23.62
CA SER C 120 23.67 12.57 -23.31
C SER C 120 24.02 12.46 -21.83
N PHE C 121 23.93 11.27 -21.26
CA PHE C 121 24.06 11.01 -19.83
C PHE C 121 24.39 9.54 -19.54
N ASN C 122 24.69 9.22 -18.29
CA ASN C 122 25.04 7.87 -17.85
C ASN C 122 23.85 7.24 -17.14
N MET C 123 23.45 6.04 -17.53
CA MET C 123 22.26 5.38 -17.01
C MET C 123 22.57 3.97 -16.50
N THR C 124 21.91 3.52 -15.44
CA THR C 124 22.09 2.15 -14.95
C THR C 124 21.61 1.10 -15.95
N THR C 125 22.21 -0.08 -15.95
CA THR C 125 21.64 -1.27 -16.62
C THR C 125 20.87 -2.11 -15.61
N GLU C 126 20.41 -3.31 -15.98
CA GLU C 126 19.86 -4.27 -15.02
C GLU C 126 20.91 -4.70 -13.99
N LEU C 127 22.15 -4.90 -14.44
CA LEU C 127 23.26 -5.28 -13.59
C LEU C 127 23.68 -4.06 -12.76
N ARG C 128 23.58 -4.16 -11.43
CA ARG C 128 23.91 -3.07 -10.50
C ARG C 128 25.30 -2.50 -10.76
N ASP C 129 26.29 -3.33 -11.09
CA ASP C 129 27.66 -2.89 -11.31
C ASP C 129 27.93 -2.30 -12.71
N LYS C 130 26.96 -2.30 -13.64
CA LYS C 130 27.13 -1.81 -15.02
C LYS C 130 26.21 -0.66 -15.36
N LYS C 131 26.74 0.35 -16.04
CA LYS C 131 26.04 1.55 -16.50
C LYS C 131 26.54 2.00 -17.87
N GLN C 132 25.68 2.66 -18.62
CA GLN C 132 25.79 2.88 -20.06
C GLN C 132 25.70 4.38 -20.38
N LYS C 133 26.55 4.87 -21.28
CA LYS C 133 26.36 6.19 -21.90
C LYS C 133 25.23 6.11 -22.91
N VAL C 134 24.26 7.00 -22.83
CA VAL C 134 23.07 6.99 -23.69
C VAL C 134 22.56 8.41 -23.92
N TYR C 135 21.75 8.64 -24.96
CA TYR C 135 21.28 9.98 -25.32
C TYR C 135 19.79 10.01 -25.71
N SER C 136 19.15 11.17 -25.54
CA SER C 136 17.75 11.41 -25.92
C SER C 136 17.47 12.88 -26.20
N LEU C 137 16.36 13.20 -26.88
CA LEU C 137 15.89 14.57 -27.06
C LEU C 137 14.89 14.99 -25.96
N PHE C 138 14.90 16.27 -25.61
CA PHE C 138 13.94 16.91 -24.71
C PHE C 138 13.53 18.28 -25.23
N TYR C 139 12.33 18.75 -24.90
CA TYR C 139 11.96 20.13 -25.19
C TYR C 139 12.62 21.07 -24.18
N ARG C 140 12.91 22.30 -24.58
CA ARG C 140 13.60 23.27 -23.71
C ARG C 140 12.87 23.52 -22.40
N LEU C 141 11.55 23.34 -22.37
CA LEU C 141 10.72 23.46 -21.17
C LEU C 141 10.93 22.31 -20.16
N ASP C 142 11.46 21.16 -20.58
CA ASP C 142 11.75 20.01 -19.70
C ASP C 142 13.04 20.18 -18.89
N VAL C 143 13.93 21.12 -19.24
CA VAL C 143 15.31 21.17 -18.71
C VAL C 143 15.71 22.52 -18.12
N VAL C 144 16.63 22.48 -17.15
CA VAL C 144 17.25 23.65 -16.52
C VAL C 144 18.76 23.57 -16.71
N GLN C 145 19.41 24.67 -17.06
CA GLN C 145 20.86 24.73 -17.15
C GLN C 145 21.47 24.72 -15.74
N ILE C 146 21.95 23.57 -15.28
CA ILE C 146 22.54 23.43 -13.94
C ILE C 146 23.91 24.12 -13.86
N ASN C 147 24.64 24.19 -14.98
CA ASN C 147 25.88 24.93 -15.13
C ASN C 147 25.69 26.42 -14.81
N SER C 157 33.08 26.12 -22.98
CA SER C 157 32.50 24.79 -22.76
C SER C 157 31.05 24.71 -23.23
N ASN C 158 30.56 23.52 -23.58
CA ASN C 158 29.14 23.28 -23.82
C ASN C 158 28.31 23.45 -22.53
N LYS C 159 27.05 23.83 -22.68
CA LYS C 159 26.10 23.93 -21.56
C LYS C 159 25.72 22.55 -21.02
N GLU C 160 25.30 22.49 -19.76
CA GLU C 160 25.06 21.26 -19.00
C GLU C 160 23.82 21.40 -18.10
N TYR C 161 23.03 20.35 -17.95
CA TYR C 161 21.60 20.44 -17.63
C TYR C 161 21.12 19.40 -16.62
N ARG C 162 19.93 19.63 -16.07
CA ARG C 162 19.12 18.64 -15.33
C ARG C 162 17.67 18.70 -15.79
N LEU C 163 16.87 17.68 -15.48
CA LEU C 163 15.42 17.80 -15.62
C LEU C 163 14.83 18.83 -14.66
N ILE C 164 13.75 19.50 -15.07
CA ILE C 164 13.07 20.55 -14.31
C ILE C 164 12.58 20.09 -12.94
N ASN C 165 12.02 18.88 -12.80
CA ASN C 165 11.48 18.35 -11.54
C ASN C 165 12.55 17.99 -10.50
N CYS C 166 13.79 17.80 -10.92
CA CYS C 166 14.80 17.04 -10.19
C CYS C 166 15.28 17.69 -8.87
N ASN C 167 14.88 18.93 -8.57
CA ASN C 167 15.09 19.57 -7.27
C ASN C 167 13.86 19.54 -6.34
N THR C 168 12.73 18.94 -6.74
CA THR C 168 11.47 19.03 -5.99
C THR C 168 10.66 17.73 -5.91
N SER C 169 10.71 16.83 -6.89
CA SER C 169 10.17 15.48 -6.74
C SER C 169 10.78 14.50 -7.75
N ALA C 170 10.67 13.21 -7.47
CA ALA C 170 10.70 12.20 -8.52
C ALA C 170 9.48 12.34 -9.44
N CYS C 171 9.49 11.66 -10.59
CA CYS C 171 8.36 11.60 -11.51
C CYS C 171 7.95 10.14 -11.75
N THR C 172 6.67 9.90 -12.00
CA THR C 172 6.22 8.59 -12.51
C THR C 172 6.06 8.69 -14.03
N GLN C 173 6.64 7.77 -14.79
CA GLN C 173 6.33 7.67 -16.22
C GLN C 173 4.96 7.03 -16.38
N ALA C 174 4.05 7.64 -17.12
CA ALA C 174 2.74 7.04 -17.39
C ALA C 174 2.87 5.77 -18.25
N CYS C 175 2.26 4.67 -17.83
CA CYS C 175 2.35 3.38 -18.53
C CYS C 175 1.82 3.47 -19.96
N PRO C 176 2.55 2.99 -20.99
CA PRO C 176 2.10 3.08 -22.38
C PRO C 176 0.75 2.41 -22.67
N LYS C 177 0.40 1.35 -21.94
CA LYS C 177 -0.86 0.62 -22.17
C LYS C 177 -2.13 1.41 -21.83
N VAL C 178 -2.07 2.37 -20.90
CA VAL C 178 -3.23 3.14 -20.47
C VAL C 178 -3.42 4.36 -21.37
N SER C 179 -4.56 4.46 -22.07
CA SER C 179 -4.91 5.67 -22.81
C SER C 179 -5.47 6.73 -21.87
N PHE C 180 -5.16 8.00 -22.14
CA PHE C 180 -5.74 9.13 -21.41
C PHE C 180 -7.19 9.44 -21.82
N GLU C 181 -7.65 8.93 -22.96
CA GLU C 181 -8.84 9.47 -23.63
C GLU C 181 -10.10 9.46 -22.73
N PRO C 182 -10.83 10.58 -22.63
CA PRO C 182 -11.93 10.70 -21.68
C PRO C 182 -13.16 9.94 -22.18
N ILE C 183 -13.50 8.84 -21.51
CA ILE C 183 -14.76 8.10 -21.76
C ILE C 183 -15.95 8.82 -21.12
N PRO C 184 -17.19 8.61 -21.60
CA PRO C 184 -18.36 9.04 -20.87
C PRO C 184 -18.50 8.30 -19.54
N ILE C 185 -18.85 9.04 -18.50
CA ILE C 185 -19.10 8.62 -17.13
C ILE C 185 -20.51 9.05 -16.76
N HIS C 186 -21.28 8.18 -16.12
CA HIS C 186 -22.61 8.52 -15.59
C HIS C 186 -22.56 8.55 -14.07
N TYR C 187 -23.11 9.58 -13.43
CA TYR C 187 -23.26 9.63 -11.97
C TYR C 187 -24.69 9.24 -11.62
N CYS C 188 -24.87 8.34 -10.65
CA CYS C 188 -26.15 7.73 -10.32
C CYS C 188 -26.57 8.02 -8.88
N ALA C 189 -27.87 8.15 -8.65
CA ALA C 189 -28.41 8.39 -7.32
C ALA C 189 -28.42 7.09 -6.50
N PRO C 190 -27.86 7.04 -5.30
CA PRO C 190 -27.97 5.87 -4.44
C PRO C 190 -29.41 5.68 -3.96
N ALA C 191 -29.80 4.45 -3.61
CA ALA C 191 -31.18 4.14 -3.26
C ALA C 191 -31.71 5.01 -2.12
N GLY C 192 -32.97 5.44 -2.21
CA GLY C 192 -33.57 6.39 -1.27
C GLY C 192 -33.27 7.86 -1.55
N PHE C 193 -32.56 8.16 -2.64
CA PHE C 193 -32.34 9.50 -3.17
C PHE C 193 -32.74 9.55 -4.65
N ALA C 194 -33.01 10.74 -5.18
CA ALA C 194 -33.31 10.96 -6.57
C ALA C 194 -32.43 12.08 -7.12
N ILE C 195 -31.91 11.93 -8.34
CA ILE C 195 -31.41 13.08 -9.09
C ILE C 195 -32.62 13.77 -9.74
N LEU C 196 -32.60 15.10 -9.76
CA LEU C 196 -33.47 15.91 -10.59
C LEU C 196 -32.65 16.57 -11.68
N LYS C 197 -33.26 16.79 -12.82
CA LYS C 197 -32.70 17.48 -13.97
C LYS C 197 -33.64 18.61 -14.35
N CYS C 198 -33.15 19.84 -14.44
CA CYS C 198 -33.95 20.93 -15.00
C CYS C 198 -34.04 20.82 -16.52
N LYS C 199 -35.25 20.92 -17.07
CA LYS C 199 -35.54 20.71 -18.49
C LYS C 199 -35.64 22.02 -19.28
N ASP C 200 -35.92 23.14 -18.62
CA ASP C 200 -36.12 24.44 -19.27
C ASP C 200 -34.87 24.90 -20.04
N LYS C 201 -34.98 25.01 -21.37
CA LYS C 201 -33.86 25.34 -22.27
C LYS C 201 -33.34 26.77 -22.16
N LYS C 202 -34.00 27.61 -21.35
CA LYS C 202 -33.62 29.01 -21.12
C LYS C 202 -33.14 29.28 -19.68
N PHE C 203 -32.92 28.23 -18.90
CA PHE C 203 -32.40 28.29 -17.53
C PHE C 203 -30.93 28.75 -17.52
N ASN C 204 -30.63 29.85 -16.82
CA ASN C 204 -29.25 30.19 -16.42
C ASN C 204 -28.85 29.37 -15.19
N GLY C 205 -27.67 29.58 -14.60
CA GLY C 205 -27.18 28.74 -13.49
C GLY C 205 -27.94 28.80 -12.15
N THR C 206 -29.01 29.59 -11.99
CA THR C 206 -29.72 29.74 -10.69
C THR C 206 -31.19 30.11 -10.87
N GLY C 207 -32.06 29.64 -9.97
CA GLY C 207 -33.44 30.11 -9.84
C GLY C 207 -34.51 29.01 -10.00
N PRO C 208 -35.79 29.36 -9.97
CA PRO C 208 -36.89 28.42 -10.05
C PRO C 208 -37.05 27.84 -11.45
N CYS C 209 -36.55 26.62 -11.67
CA CYS C 209 -36.75 25.90 -12.93
C CYS C 209 -38.22 25.47 -13.06
N PRO C 210 -38.96 25.85 -14.12
CA PRO C 210 -40.39 25.63 -14.23
C PRO C 210 -40.78 24.30 -14.92
N SER C 211 -39.83 23.41 -15.17
CA SER C 211 -40.09 22.07 -15.71
C SER C 211 -38.94 21.13 -15.41
N VAL C 212 -39.19 20.00 -14.77
CA VAL C 212 -38.13 19.13 -14.23
C VAL C 212 -38.44 17.66 -14.46
N SER C 213 -37.42 16.85 -14.64
CA SER C 213 -37.56 15.38 -14.66
C SER C 213 -36.70 14.77 -13.58
N THR C 214 -37.12 13.66 -13.01
CA THR C 214 -36.17 12.80 -12.29
C THR C 214 -35.48 11.88 -13.28
N VAL C 215 -34.27 11.44 -12.96
CA VAL C 215 -33.60 10.36 -13.68
C VAL C 215 -32.74 9.58 -12.69
N GLN C 216 -32.57 8.27 -12.87
CA GLN C 216 -31.78 7.48 -11.93
C GLN C 216 -30.28 7.72 -12.09
N CYS C 217 -29.82 8.06 -13.29
CA CYS C 217 -28.41 8.34 -13.56
C CYS C 217 -28.23 9.37 -14.69
N THR C 218 -27.16 10.17 -14.64
CA THR C 218 -26.95 11.30 -15.57
C THR C 218 -26.71 10.87 -17.02
N HIS C 219 -26.70 11.85 -17.92
CA HIS C 219 -26.02 11.82 -19.22
C HIS C 219 -24.60 11.23 -19.14
N GLY C 220 -24.06 10.81 -20.28
CA GLY C 220 -22.66 10.41 -20.39
C GLY C 220 -21.73 11.62 -20.42
N ILE C 221 -21.40 12.15 -19.24
CA ILE C 221 -20.47 13.28 -19.10
C ILE C 221 -19.05 12.76 -19.34
N LYS C 222 -18.23 13.37 -20.20
CA LYS C 222 -16.82 12.94 -20.38
C LYS C 222 -15.85 13.88 -19.66
N PRO C 223 -14.87 13.37 -18.89
CA PRO C 223 -13.96 14.18 -18.09
C PRO C 223 -12.79 14.74 -18.93
N VAL C 224 -13.07 15.58 -19.93
CA VAL C 224 -12.03 16.37 -20.60
C VAL C 224 -11.35 17.31 -19.61
N VAL C 225 -10.06 17.59 -19.75
CA VAL C 225 -9.36 18.62 -18.98
C VAL C 225 -8.77 19.68 -19.91
N SER C 226 -9.14 20.94 -19.70
CA SER C 226 -8.71 22.06 -20.54
C SER C 226 -8.73 23.39 -19.79
N THR C 227 -7.88 24.34 -20.16
CA THR C 227 -7.78 25.64 -19.49
C THR C 227 -8.74 26.69 -20.09
N GLN C 228 -8.30 27.45 -21.10
CA GLN C 228 -8.95 28.71 -21.49
C GLN C 228 -10.28 28.52 -22.22
N LEU C 229 -10.48 27.41 -22.90
CA LEU C 229 -11.73 27.09 -23.55
C LEU C 229 -11.99 25.59 -23.51
N LEU C 230 -13.26 25.19 -23.61
CA LEU C 230 -13.71 23.84 -23.32
C LEU C 230 -14.38 23.21 -24.52
N LEU C 231 -14.16 21.92 -24.70
CA LEU C 231 -14.30 21.25 -25.99
C LEU C 231 -14.73 19.79 -25.84
N ASN C 232 -15.37 19.25 -26.86
CA ASN C 232 -16.15 18.01 -26.87
C ASN C 232 -17.29 17.94 -25.82
N GLY C 233 -17.61 19.03 -25.13
CA GLY C 233 -18.72 19.12 -24.17
C GLY C 233 -20.08 19.40 -24.78
N SER C 234 -21.13 19.40 -23.95
CA SER C 234 -22.53 19.58 -24.36
C SER C 234 -22.89 21.02 -24.78
N LEU C 235 -23.81 21.16 -25.75
CA LEU C 235 -24.23 22.44 -26.35
C LEU C 235 -25.67 22.81 -25.94
N ALA C 236 -25.92 24.06 -25.56
CA ALA C 236 -27.29 24.55 -25.36
C ALA C 236 -28.01 24.70 -26.72
N GLU C 237 -29.27 24.30 -26.81
CA GLU C 237 -29.98 24.17 -28.09
C GLU C 237 -30.57 25.49 -28.64
N GLU C 238 -30.86 26.44 -27.75
CA GLU C 238 -31.72 27.58 -28.07
C GLU C 238 -30.95 28.78 -28.64
N GLU C 239 -29.88 29.18 -27.94
CA GLU C 239 -29.12 30.41 -28.13
C GLU C 239 -27.77 30.26 -27.40
N VAL C 240 -26.79 31.15 -27.63
CA VAL C 240 -25.57 31.15 -26.81
C VAL C 240 -25.94 31.45 -25.37
N MET C 241 -25.48 30.65 -24.41
CA MET C 241 -25.77 30.87 -22.99
C MET C 241 -24.55 31.38 -22.27
N ILE C 242 -24.74 32.35 -21.36
CA ILE C 242 -23.70 32.84 -20.47
C ILE C 242 -24.16 32.82 -19.02
N ARG C 243 -23.31 32.36 -18.11
CA ARG C 243 -23.64 32.10 -16.71
C ARG C 243 -22.53 32.61 -15.80
N SER C 244 -22.86 33.11 -14.63
CA SER C 244 -21.89 33.48 -13.60
C SER C 244 -22.53 33.48 -12.23
N GLU C 245 -21.74 33.35 -11.17
CA GLU C 245 -22.27 33.46 -9.81
C GLU C 245 -22.73 34.89 -9.47
N ASN C 246 -22.23 35.92 -10.19
CA ASN C 246 -22.79 37.28 -10.10
C ASN C 246 -22.61 38.16 -11.37
N ILE C 247 -21.73 37.83 -12.31
CA ILE C 247 -21.27 38.70 -13.42
C ILE C 247 -20.55 39.96 -12.94
N THR C 248 -21.22 40.86 -12.21
CA THR C 248 -20.72 42.21 -11.89
C THR C 248 -19.42 42.18 -11.07
N ASN C 249 -19.29 41.23 -10.15
CA ASN C 249 -18.09 41.04 -9.34
C ASN C 249 -16.97 40.33 -10.12
N ASN C 250 -15.95 41.08 -10.53
CA ASN C 250 -14.88 40.64 -11.44
C ASN C 250 -14.11 39.39 -11.04
N ALA C 251 -14.05 39.04 -9.75
CA ALA C 251 -13.34 37.83 -9.33
C ALA C 251 -14.06 36.53 -9.76
N LYS C 252 -15.33 36.60 -10.21
CA LYS C 252 -16.08 35.46 -10.74
C LYS C 252 -15.85 35.27 -12.24
N ASN C 253 -15.73 34.01 -12.66
CA ASN C 253 -15.73 33.68 -14.09
C ASN C 253 -17.09 33.97 -14.73
N ILE C 254 -17.10 34.20 -16.03
CA ILE C 254 -18.28 34.13 -16.89
C ILE C 254 -18.07 32.87 -17.71
N LEU C 255 -18.92 31.86 -17.57
CA LEU C 255 -18.91 30.69 -18.45
C LEU C 255 -19.73 31.01 -19.68
N VAL C 256 -19.27 30.61 -20.86
CA VAL C 256 -20.01 30.75 -22.12
C VAL C 256 -20.17 29.38 -22.75
N GLN C 257 -21.37 29.06 -23.22
CA GLN C 257 -21.70 27.81 -23.89
C GLN C 257 -22.38 28.10 -25.22
N PHE C 258 -21.93 27.46 -26.30
CA PHE C 258 -22.39 27.79 -27.65
C PHE C 258 -23.67 27.10 -28.09
N ASN C 259 -24.37 27.75 -29.02
CA ASN C 259 -25.54 27.26 -29.73
C ASN C 259 -25.16 26.16 -30.73
N THR C 260 -24.01 26.31 -31.37
CA THR C 260 -23.38 25.37 -32.33
C THR C 260 -21.89 25.27 -32.04
N PRO C 261 -21.24 24.12 -32.22
CA PRO C 261 -19.81 24.02 -31.99
C PRO C 261 -19.04 24.82 -33.03
N VAL C 262 -17.77 25.09 -32.76
CA VAL C 262 -16.82 25.56 -33.77
C VAL C 262 -15.58 24.68 -33.74
N GLN C 263 -15.11 24.25 -34.89
CA GLN C 263 -14.36 23.00 -34.99
C GLN C 263 -12.87 23.27 -35.19
N ILE C 264 -12.03 22.73 -34.30
CA ILE C 264 -10.59 22.96 -34.25
C ILE C 264 -9.82 21.75 -34.75
N ASN C 265 -8.81 21.95 -35.61
CA ASN C 265 -7.85 20.94 -36.03
C ASN C 265 -6.51 21.23 -35.34
N CYS C 266 -5.85 20.26 -34.71
CA CYS C 266 -4.54 20.43 -34.08
C CYS C 266 -3.57 19.35 -34.53
N THR C 267 -2.26 19.64 -34.59
CA THR C 267 -1.26 18.66 -35.07
C THR C 267 0.13 18.85 -34.44
N ARG C 268 0.91 17.77 -34.37
CA ARG C 268 2.34 17.77 -34.05
C ARG C 268 3.11 17.10 -35.20
N PRO C 269 3.52 17.84 -36.24
CA PRO C 269 4.00 17.27 -37.50
C PRO C 269 5.37 16.58 -37.47
N ASN C 270 6.12 16.64 -36.37
CA ASN C 270 7.39 15.91 -36.23
C ASN C 270 7.14 14.40 -36.16
N ASN C 271 7.70 13.63 -37.09
CA ASN C 271 7.60 12.17 -37.10
C ASN C 271 8.49 11.57 -35.99
N ASN C 272 7.89 11.30 -34.83
CA ASN C 272 8.59 10.85 -33.64
C ASN C 272 8.98 9.37 -33.72
N THR C 273 10.23 9.06 -33.42
CA THR C 273 10.68 7.69 -33.15
C THR C 273 11.01 7.57 -31.67
N ARG C 274 10.24 6.76 -30.93
CA ARG C 274 10.51 6.36 -29.55
C ARG C 274 11.63 5.33 -29.50
N LYS C 275 12.44 5.36 -28.44
CA LYS C 275 13.47 4.34 -28.15
C LYS C 275 13.39 3.90 -26.69
N SER C 276 13.63 2.63 -26.42
CA SER C 276 13.54 2.07 -25.07
C SER C 276 14.91 2.04 -24.41
N ILE C 277 15.02 2.56 -23.20
CA ILE C 277 16.19 2.41 -22.34
C ILE C 277 15.79 1.52 -21.17
N ARG C 278 16.53 0.46 -20.87
CA ARG C 278 16.25 -0.36 -19.69
C ARG C 278 17.01 0.19 -18.48
N ILE C 279 16.28 0.82 -17.56
CA ILE C 279 16.79 1.43 -16.34
C ILE C 279 17.32 0.38 -15.37
N GLY C 280 16.62 -0.75 -15.27
CA GLY C 280 16.84 -1.73 -14.21
C GLY C 280 16.21 -3.08 -14.55
N PRO C 281 16.32 -4.07 -13.65
CA PRO C 281 15.80 -5.42 -13.85
C PRO C 281 14.28 -5.44 -13.92
N GLY C 282 13.75 -5.24 -15.14
CA GLY C 282 12.32 -5.18 -15.44
C GLY C 282 11.73 -3.76 -15.57
N GLN C 283 12.54 -2.71 -15.48
CA GLN C 283 12.07 -1.31 -15.55
C GLN C 283 12.61 -0.62 -16.81
N ALA C 284 11.73 -0.02 -17.60
CA ALA C 284 12.08 0.64 -18.85
C ALA C 284 11.63 2.11 -18.89
N PHE C 285 12.45 2.95 -19.50
CA PHE C 285 12.24 4.38 -19.71
C PHE C 285 12.18 4.67 -21.20
N TYR C 286 11.18 5.42 -21.65
CA TYR C 286 10.95 5.67 -23.07
C TYR C 286 11.50 7.01 -23.52
N ALA C 287 12.80 7.03 -23.83
CA ALA C 287 13.46 8.16 -24.45
C ALA C 287 12.79 8.61 -25.75
N THR C 288 12.82 9.92 -26.02
CA THR C 288 12.66 10.44 -27.38
C THR C 288 13.90 10.01 -28.15
N GLY C 289 13.74 9.12 -29.13
CA GLY C 289 14.87 8.45 -29.78
C GLY C 289 15.45 9.29 -30.91
N ASP C 290 14.62 9.61 -31.90
CA ASP C 290 15.00 10.45 -33.03
C ASP C 290 13.77 11.05 -33.72
N ILE C 291 13.97 12.11 -34.50
CA ILE C 291 12.98 12.62 -35.44
C ILE C 291 13.45 12.34 -36.86
N ILE C 292 12.58 11.75 -37.67
CA ILE C 292 12.86 11.41 -39.07
C ILE C 292 12.16 12.41 -40.00
N GLY C 293 12.88 12.90 -41.02
CA GLY C 293 12.47 14.07 -41.80
C GLY C 293 12.73 15.40 -41.09
N ASP C 294 12.21 16.50 -41.63
CA ASP C 294 12.35 17.84 -41.03
C ASP C 294 11.53 18.01 -39.75
N ILE C 295 11.93 18.97 -38.92
CA ILE C 295 11.19 19.40 -37.73
C ILE C 295 10.39 20.67 -38.02
N ARG C 296 9.15 20.73 -37.54
CA ARG C 296 8.17 21.80 -37.78
C ARG C 296 7.22 21.95 -36.57
N GLN C 297 6.68 23.15 -36.39
CA GLN C 297 5.98 23.56 -35.18
C GLN C 297 4.63 22.84 -34.97
N ALA C 298 4.31 22.44 -33.73
CA ALA C 298 2.94 22.03 -33.39
C ALA C 298 1.99 23.22 -33.43
N HIS C 299 0.80 23.08 -33.99
CA HIS C 299 -0.13 24.20 -34.18
C HIS C 299 -1.58 23.74 -34.30
N CYS C 300 -2.50 24.68 -34.15
CA CYS C 300 -3.93 24.46 -34.26
C CYS C 300 -4.61 25.50 -35.16
N ASN C 301 -5.70 25.10 -35.82
CA ASN C 301 -6.44 25.91 -36.79
C ASN C 301 -7.92 25.96 -36.47
N VAL C 302 -8.58 27.07 -36.81
CA VAL C 302 -10.04 27.23 -36.77
C VAL C 302 -10.52 28.15 -37.90
N SER C 303 -11.69 27.88 -38.48
CA SER C 303 -12.26 28.69 -39.57
C SER C 303 -12.58 30.10 -39.11
N LYS C 304 -11.93 31.11 -39.71
CA LYS C 304 -12.05 32.49 -39.27
C LYS C 304 -13.47 33.01 -39.37
N ALA C 305 -14.18 32.67 -40.43
CA ALA C 305 -15.58 33.08 -40.60
C ALA C 305 -16.47 32.54 -39.47
N THR C 306 -16.39 31.24 -39.16
CA THR C 306 -17.22 30.66 -38.10
C THR C 306 -16.83 31.14 -36.70
N TRP C 307 -15.56 31.44 -36.45
CA TRP C 307 -15.15 32.08 -35.21
C TRP C 307 -15.74 33.48 -35.09
N ASN C 308 -15.60 34.29 -36.13
CA ASN C 308 -16.13 35.65 -36.16
C ASN C 308 -17.65 35.67 -35.99
N GLU C 309 -18.39 34.76 -36.64
CA GLU C 309 -19.82 34.56 -36.38
C GLU C 309 -20.09 34.26 -34.91
N THR C 310 -19.35 33.32 -34.33
CA THR C 310 -19.59 32.87 -32.95
C THR C 310 -19.37 34.01 -31.98
N LEU C 311 -18.28 34.76 -32.07
CA LEU C 311 -18.10 35.94 -31.23
C LEU C 311 -19.19 37.00 -31.48
N GLY C 312 -19.66 37.18 -32.71
CA GLY C 312 -20.79 38.06 -32.98
C GLY C 312 -22.03 37.69 -32.15
N LYS C 313 -22.29 36.39 -31.97
CA LYS C 313 -23.38 35.90 -31.13
C LYS C 313 -23.10 36.06 -29.63
N VAL C 314 -21.89 35.76 -29.13
CA VAL C 314 -21.60 35.97 -27.69
C VAL C 314 -21.69 37.45 -27.32
N VAL C 315 -21.21 38.36 -28.17
CA VAL C 315 -21.31 39.80 -27.91
C VAL C 315 -22.76 40.24 -27.81
N LYS C 316 -23.63 39.79 -28.71
CA LYS C 316 -25.05 40.14 -28.69
C LYS C 316 -25.74 39.67 -27.40
N GLN C 317 -25.29 38.58 -26.77
CA GLN C 317 -25.76 38.26 -25.42
C GLN C 317 -25.18 39.20 -24.37
N LEU C 318 -23.86 39.40 -24.32
CA LEU C 318 -23.25 40.25 -23.29
C LEU C 318 -23.80 41.68 -23.26
N ARG C 319 -24.22 42.22 -24.41
CA ARG C 319 -24.87 43.55 -24.46
C ARG C 319 -26.12 43.66 -23.59
N LYS C 320 -26.83 42.56 -23.35
CA LYS C 320 -28.04 42.57 -22.52
C LYS C 320 -27.72 42.91 -21.07
N HIS C 321 -26.63 42.38 -20.52
CA HIS C 321 -26.18 42.70 -19.17
C HIS C 321 -25.43 44.03 -19.12
N PHE C 322 -24.54 44.30 -20.09
CA PHE C 322 -23.66 45.48 -20.09
C PHE C 322 -24.17 46.70 -20.84
N GLY C 323 -25.48 46.95 -20.78
CA GLY C 323 -26.04 48.27 -21.09
C GLY C 323 -26.03 48.68 -22.57
N ASN C 324 -26.29 47.73 -23.47
CA ASN C 324 -26.46 47.95 -24.91
C ASN C 324 -25.23 48.55 -25.62
N ASN C 325 -25.17 49.88 -25.74
CA ASN C 325 -24.16 50.59 -26.49
C ASN C 325 -22.89 50.82 -25.66
N THR C 326 -22.18 49.73 -25.39
CA THR C 326 -20.87 49.71 -24.72
C THR C 326 -19.89 48.92 -25.56
N ILE C 327 -18.64 49.39 -25.63
CA ILE C 327 -17.66 48.89 -26.58
C ILE C 327 -17.02 47.61 -26.02
N ILE C 328 -17.68 46.47 -26.22
CA ILE C 328 -17.15 45.16 -25.79
C ILE C 328 -15.93 44.79 -26.62
N ARG C 329 -14.87 44.27 -25.98
CA ARG C 329 -13.65 43.87 -26.68
C ARG C 329 -12.92 42.73 -25.99
N PHE C 330 -12.13 42.01 -26.75
CA PHE C 330 -11.39 40.83 -26.29
C PHE C 330 -9.89 41.11 -26.32
N ALA C 331 -9.15 40.52 -25.40
CA ALA C 331 -7.70 40.60 -25.31
C ALA C 331 -7.14 39.27 -24.82
N ASN C 332 -5.85 39.03 -24.99
CA ASN C 332 -5.22 37.78 -24.60
C ASN C 332 -4.99 37.65 -23.09
N SER C 333 -4.65 36.45 -22.62
CA SER C 333 -4.51 36.13 -21.19
C SER C 333 -3.26 36.74 -20.57
N SER C 334 -3.32 38.01 -20.22
CA SER C 334 -2.18 38.79 -19.74
C SER C 334 -1.49 38.20 -18.51
N GLY C 335 -0.22 37.83 -18.69
CA GLY C 335 0.77 37.70 -17.62
C GLY C 335 0.74 36.42 -16.80
N GLY C 336 1.73 36.29 -15.92
CA GLY C 336 2.03 35.05 -15.21
C GLY C 336 2.76 34.03 -16.09
N ASP C 337 2.69 32.76 -15.69
CA ASP C 337 3.40 31.63 -16.32
C ASP C 337 2.65 31.00 -17.52
N LEU C 338 3.22 29.92 -18.08
CA LEU C 338 2.69 29.26 -19.26
C LEU C 338 1.26 28.72 -19.08
N GLU C 339 0.89 28.11 -17.96
CA GLU C 339 -0.42 27.44 -17.88
C GLU C 339 -1.58 28.38 -17.57
N VAL C 340 -1.33 29.60 -17.10
CA VAL C 340 -2.36 30.66 -17.11
C VAL C 340 -2.38 31.42 -18.43
N THR C 341 -1.24 31.66 -19.05
CA THR C 341 -1.19 32.40 -20.34
C THR C 341 -1.67 31.59 -21.54
N THR C 342 -1.74 30.26 -21.50
CA THR C 342 -2.08 29.43 -22.69
C THR C 342 -3.30 28.53 -22.54
N HIS C 343 -3.97 28.28 -23.67
CA HIS C 343 -4.91 27.17 -23.82
C HIS C 343 -4.13 25.87 -23.80
N SER C 344 -4.44 24.98 -22.87
CA SER C 344 -3.72 23.74 -22.69
C SER C 344 -4.66 22.57 -22.57
N PHE C 345 -4.33 21.48 -23.26
CA PHE C 345 -5.18 20.30 -23.41
C PHE C 345 -4.31 19.10 -23.78
N ASN C 346 -4.83 17.88 -23.60
CA ASN C 346 -4.18 16.67 -24.08
C ASN C 346 -4.74 16.30 -25.45
N CYS C 347 -3.89 15.94 -26.40
CA CYS C 347 -4.27 15.27 -27.63
C CYS C 347 -3.57 13.91 -27.73
N GLY C 348 -4.31 12.83 -27.50
CA GLY C 348 -3.87 11.44 -27.68
C GLY C 348 -2.61 10.98 -26.93
N GLY C 349 -2.15 11.72 -25.93
CA GLY C 349 -0.90 11.44 -25.21
C GLY C 349 0.19 12.50 -25.32
N GLU C 350 -0.01 13.57 -26.07
CA GLU C 350 0.81 14.78 -26.03
C GLU C 350 0.05 15.91 -25.34
N PHE C 351 0.71 16.68 -24.49
CA PHE C 351 0.12 17.84 -23.80
C PHE C 351 0.51 19.12 -24.53
N PHE C 352 -0.46 19.81 -25.09
CA PHE C 352 -0.27 21.03 -25.86
C PHE C 352 -0.43 22.26 -24.97
N TYR C 353 0.25 23.34 -25.32
CA TYR C 353 0.12 24.66 -24.71
C TYR C 353 0.17 25.70 -25.83
N CYS C 354 -0.95 26.33 -26.15
CA CYS C 354 -1.11 27.17 -27.35
C CYS C 354 -1.54 28.59 -26.99
N ASN C 355 -1.03 29.61 -27.68
CA ASN C 355 -1.22 31.00 -27.27
C ASN C 355 -2.36 31.70 -28.03
N THR C 356 -3.53 31.69 -27.43
CA THR C 356 -4.83 32.04 -28.03
C THR C 356 -5.02 33.50 -28.47
N SER C 357 -4.00 34.34 -28.45
CA SER C 357 -4.14 35.75 -28.84
C SER C 357 -4.65 35.96 -30.26
N GLY C 358 -4.47 34.99 -31.17
CA GLY C 358 -5.06 35.06 -32.51
C GLY C 358 -6.60 35.03 -32.50
N LEU C 359 -7.20 34.42 -31.49
CA LEU C 359 -8.65 34.28 -31.32
C LEU C 359 -9.27 35.47 -30.57
N PHE C 360 -8.64 35.90 -29.47
CA PHE C 360 -9.19 36.89 -28.55
C PHE C 360 -8.55 38.26 -28.77
N ASN C 361 -8.76 38.85 -29.93
CA ASN C 361 -8.20 40.15 -30.29
C ASN C 361 -9.15 40.89 -31.24
N SER C 362 -10.16 41.57 -30.71
CA SER C 362 -11.27 42.16 -31.46
C SER C 362 -11.98 43.23 -30.64
N THR C 363 -12.73 44.12 -31.28
CA THR C 363 -13.56 45.14 -30.61
C THR C 363 -14.88 45.36 -31.34
N TRP C 364 -15.95 45.70 -30.60
CA TRP C 364 -17.32 45.66 -31.09
C TRP C 364 -18.12 46.89 -30.66
N ILE C 365 -18.26 47.85 -31.56
CA ILE C 365 -19.20 48.97 -31.42
C ILE C 365 -20.62 48.44 -31.63
N SER C 366 -21.65 49.08 -31.07
CA SER C 366 -23.06 48.66 -31.27
C SER C 366 -23.61 49.02 -32.66
N ASN C 367 -23.15 48.30 -33.68
CA ASN C 367 -23.60 48.43 -35.08
C ASN C 367 -25.13 48.42 -35.21
N ASN C 379 -13.71 30.99 -44.98
CA ASN C 379 -12.95 30.82 -46.23
C ASN C 379 -11.45 30.60 -46.01
N ASP C 380 -10.95 30.89 -44.82
CA ASP C 380 -9.55 30.75 -44.40
C ASP C 380 -9.45 30.43 -42.89
N SER C 381 -8.34 29.85 -42.47
CA SER C 381 -8.14 29.42 -41.10
C SER C 381 -7.29 30.42 -40.33
N ILE C 382 -7.74 30.85 -39.15
CA ILE C 382 -6.82 31.33 -38.12
C ILE C 382 -5.91 30.16 -37.77
N THR C 383 -4.61 30.40 -37.63
CA THR C 383 -3.68 29.43 -37.05
C THR C 383 -3.13 30.00 -35.75
N LEU C 384 -2.95 29.17 -34.74
CA LEU C 384 -2.28 29.54 -33.50
C LEU C 384 -1.21 28.49 -33.17
N PRO C 385 0.01 28.90 -32.80
CA PRO C 385 1.10 27.97 -32.56
C PRO C 385 1.05 27.38 -31.16
N CYS C 386 1.80 26.32 -30.93
CA CYS C 386 1.84 25.62 -29.66
C CYS C 386 3.25 25.25 -29.23
N ARG C 387 3.41 24.98 -27.95
CA ARG C 387 4.61 24.45 -27.29
C ARG C 387 4.20 23.18 -26.54
N ILE C 388 5.14 22.28 -26.30
CA ILE C 388 4.87 20.96 -25.73
C ILE C 388 5.80 20.67 -24.56
N LYS C 389 5.36 19.86 -23.60
CA LYS C 389 6.13 19.41 -22.44
C LYS C 389 6.07 17.89 -22.33
N GLN C 390 7.14 17.22 -21.88
CA GLN C 390 7.06 15.81 -21.54
C GLN C 390 6.62 15.60 -20.09
N ILE C 391 7.23 16.32 -19.14
CA ILE C 391 6.73 16.32 -17.76
C ILE C 391 5.55 17.27 -17.64
N ILE C 392 4.55 16.90 -16.85
CA ILE C 392 3.40 17.73 -16.52
C ILE C 392 3.10 17.62 -15.03
N ASN C 393 2.35 18.57 -14.50
CA ASN C 393 2.06 18.67 -13.08
C ASN C 393 0.61 19.11 -12.84
N MET C 394 -0.32 18.16 -12.91
CA MET C 394 -1.75 18.44 -12.93
C MET C 394 -2.30 19.02 -11.61
N TRP C 395 -3.31 19.88 -11.70
CA TRP C 395 -4.00 20.51 -10.55
C TRP C 395 -3.08 21.26 -9.56
N GLN C 396 -1.94 21.74 -10.05
CA GLN C 396 -0.88 22.43 -9.30
C GLN C 396 -0.39 21.68 -8.04
N ARG C 397 -0.52 20.35 -8.01
CA ARG C 397 -0.11 19.51 -6.89
C ARG C 397 1.42 19.41 -6.84
N ILE C 398 2.08 20.22 -6.02
CA ILE C 398 3.53 20.47 -6.09
C ILE C 398 4.40 19.19 -6.09
N GLY C 399 4.05 18.20 -5.27
CA GLY C 399 4.81 16.94 -5.17
C GLY C 399 4.60 15.96 -6.32
N GLN C 400 3.58 16.14 -7.16
CA GLN C 400 3.10 15.13 -8.11
C GLN C 400 3.50 15.49 -9.55
N CYS C 401 4.79 15.38 -9.87
CA CYS C 401 5.23 15.29 -11.26
C CYS C 401 4.71 14.01 -11.91
N MET C 402 4.37 14.03 -13.20
CA MET C 402 4.36 12.82 -14.01
C MET C 402 4.95 13.07 -15.40
N TYR C 403 5.56 12.05 -15.99
CA TYR C 403 6.27 12.12 -17.26
C TYR C 403 5.47 11.36 -18.32
N ALA C 404 5.11 12.03 -19.42
CA ALA C 404 4.39 11.40 -20.52
C ALA C 404 5.35 10.89 -21.59
N PRO C 405 5.37 9.59 -21.93
CA PRO C 405 6.27 9.06 -22.95
C PRO C 405 5.98 9.65 -24.34
N PRO C 406 6.99 9.85 -25.20
CA PRO C 406 6.82 10.40 -26.54
C PRO C 406 6.07 9.41 -27.43
N ILE C 407 4.92 9.80 -27.96
CA ILE C 407 4.10 8.94 -28.81
C ILE C 407 4.56 8.94 -30.27
N GLN C 408 4.53 7.76 -30.86
CA GLN C 408 5.14 7.41 -32.14
C GLN C 408 4.51 8.13 -33.34
N GLY C 409 5.29 8.43 -34.37
CA GLY C 409 4.79 8.94 -35.64
C GLY C 409 4.35 10.41 -35.57
N VAL C 410 3.29 10.75 -36.30
CA VAL C 410 2.66 12.09 -36.34
C VAL C 410 1.24 11.99 -35.81
N ILE C 411 0.78 13.02 -35.10
CA ILE C 411 -0.57 13.05 -34.51
C ILE C 411 -1.37 14.26 -34.94
N ARG C 412 -2.69 14.10 -34.97
CA ARG C 412 -3.64 15.21 -35.09
C ARG C 412 -4.95 14.93 -34.35
N CYS C 413 -5.60 16.00 -33.91
CA CYS C 413 -6.89 15.99 -33.22
C CYS C 413 -7.88 16.86 -33.98
N VAL C 414 -9.15 16.47 -33.98
CA VAL C 414 -10.23 17.14 -34.70
C VAL C 414 -11.42 17.22 -33.76
N SER C 415 -11.66 18.40 -33.17
CA SER C 415 -12.43 18.53 -31.94
C SER C 415 -13.44 19.68 -32.00
N ASN C 416 -14.51 19.59 -31.22
CA ASN C 416 -15.57 20.59 -31.23
C ASN C 416 -15.35 21.56 -30.07
N ILE C 417 -14.99 22.82 -30.28
CA ILE C 417 -15.02 23.82 -29.20
C ILE C 417 -16.48 24.07 -28.85
N THR C 418 -16.83 23.79 -27.60
CA THR C 418 -18.19 23.83 -27.08
C THR C 418 -18.54 25.18 -26.49
N GLY C 419 -17.55 25.85 -25.94
CA GLY C 419 -17.73 27.02 -25.10
C GLY C 419 -16.39 27.45 -24.51
N LEU C 420 -16.39 28.57 -23.81
CA LEU C 420 -15.15 29.20 -23.37
C LEU C 420 -15.34 29.93 -22.06
N ILE C 421 -14.26 30.21 -21.35
CA ILE C 421 -14.32 30.84 -20.03
C ILE C 421 -13.77 32.25 -20.16
N LEU C 422 -14.54 33.24 -19.74
CA LEU C 422 -14.16 34.64 -19.81
C LEU C 422 -13.99 35.19 -18.41
N THR C 423 -13.11 36.18 -18.27
CA THR C 423 -12.94 36.99 -17.07
C THR C 423 -13.02 38.45 -17.47
N ARG C 424 -13.73 39.26 -16.69
CA ARG C 424 -13.94 40.70 -16.95
C ARG C 424 -12.86 41.54 -16.29
N ASP C 425 -12.68 42.78 -16.72
CA ASP C 425 -11.86 43.78 -16.03
C ASP C 425 -12.66 45.04 -15.71
N GLY C 426 -12.29 45.79 -14.67
CA GLY C 426 -13.00 47.02 -14.31
C GLY C 426 -12.95 48.10 -15.40
N GLY C 427 -13.69 49.19 -15.21
CA GLY C 427 -13.86 50.27 -16.19
C GLY C 427 -12.54 50.79 -16.76
N SER C 428 -12.21 50.41 -17.99
CA SER C 428 -10.93 50.73 -18.62
C SER C 428 -10.79 52.23 -18.87
N THR C 429 -11.92 52.88 -19.14
CA THR C 429 -12.11 54.33 -19.27
C THR C 429 -13.56 54.66 -18.88
N ASN C 430 -13.97 55.91 -19.06
CA ASN C 430 -15.37 56.33 -18.94
C ASN C 430 -16.31 55.52 -19.87
N SER C 431 -15.84 55.13 -21.06
CA SER C 431 -16.66 54.49 -22.12
C SER C 431 -17.00 53.03 -21.86
N THR C 432 -16.03 52.22 -21.44
CA THR C 432 -16.13 50.76 -21.41
C THR C 432 -15.71 50.15 -20.08
N THR C 433 -16.44 49.12 -19.69
CA THR C 433 -16.22 48.21 -18.57
C THR C 433 -16.16 46.74 -19.04
N GLU C 434 -15.81 46.54 -20.32
CA GLU C 434 -16.04 45.29 -21.02
C GLU C 434 -14.83 44.80 -21.83
N THR C 435 -13.61 45.02 -21.37
CA THR C 435 -12.52 44.14 -21.80
C THR C 435 -12.72 42.77 -21.20
N PHE C 436 -12.66 41.73 -22.01
CA PHE C 436 -12.71 40.34 -21.56
C PHE C 436 -11.47 39.59 -21.99
N ARG C 437 -11.02 38.67 -21.16
CA ARG C 437 -9.82 37.87 -21.36
C ARG C 437 -10.12 36.41 -21.09
N PRO C 438 -9.51 35.42 -21.76
CA PRO C 438 -9.74 34.03 -21.45
C PRO C 438 -9.25 33.72 -20.04
N GLY C 439 -10.15 33.19 -19.23
CA GLY C 439 -9.97 33.05 -17.79
C GLY C 439 -9.28 31.76 -17.40
N GLY C 440 -9.73 31.18 -16.29
CA GLY C 440 -9.20 29.94 -15.75
C GLY C 440 -9.51 29.80 -14.27
N GLY C 441 -8.49 29.46 -13.48
CA GLY C 441 -8.62 29.06 -12.09
C GLY C 441 -8.43 27.54 -11.96
N ASP C 442 -9.06 26.93 -10.98
CA ASP C 442 -9.12 25.48 -10.83
C ASP C 442 -9.90 24.82 -11.98
N MET C 443 -9.54 23.58 -12.33
CA MET C 443 -10.22 22.84 -13.42
C MET C 443 -11.70 22.57 -13.12
N ARG C 444 -12.11 22.73 -11.86
CA ARG C 444 -13.42 22.37 -11.30
C ARG C 444 -14.61 22.91 -12.08
N ASP C 445 -14.53 24.11 -12.65
CA ASP C 445 -15.66 24.62 -13.42
C ASP C 445 -15.81 24.03 -14.83
N ASN C 446 -14.87 23.22 -15.33
CA ASN C 446 -15.17 22.31 -16.43
C ASN C 446 -16.34 21.39 -16.06
N TRP C 447 -16.37 20.83 -14.85
CA TRP C 447 -17.48 19.97 -14.44
C TRP C 447 -18.75 20.79 -14.27
N ARG C 448 -18.64 22.01 -13.72
CA ARG C 448 -19.77 22.92 -13.57
C ARG C 448 -20.38 23.33 -14.93
N SER C 449 -19.64 23.25 -16.03
CA SER C 449 -20.23 23.40 -17.36
C SER C 449 -21.23 22.28 -17.68
N GLU C 450 -20.92 21.03 -17.37
CA GLU C 450 -21.76 19.88 -17.76
C GLU C 450 -22.84 19.55 -16.72
N LEU C 451 -22.53 19.69 -15.44
CA LEU C 451 -23.43 19.48 -14.30
C LEU C 451 -24.35 20.67 -14.01
N TYR C 452 -24.54 21.59 -14.97
CA TYR C 452 -25.27 22.84 -14.74
C TYR C 452 -26.75 22.65 -14.42
N LYS C 453 -27.37 21.61 -14.98
CA LYS C 453 -28.81 21.34 -14.87
C LYS C 453 -29.21 20.26 -13.86
N TYR C 454 -28.26 19.60 -13.19
CA TYR C 454 -28.56 18.53 -12.25
C TYR C 454 -28.66 19.03 -10.80
N LYS C 455 -29.37 18.25 -9.97
CA LYS C 455 -29.55 18.43 -8.54
C LYS C 455 -29.77 17.07 -7.89
N VAL C 456 -29.49 16.91 -6.60
CA VAL C 456 -29.68 15.66 -5.86
C VAL C 456 -30.55 15.90 -4.63
N VAL C 457 -31.53 15.03 -4.40
CA VAL C 457 -32.52 15.18 -3.32
C VAL C 457 -32.78 13.85 -2.62
N LYS C 458 -33.19 13.93 -1.36
CA LYS C 458 -33.45 12.81 -0.47
C LYS C 458 -34.95 12.64 -0.32
N ILE C 459 -35.48 11.44 -0.55
CA ILE C 459 -36.90 11.16 -0.35
C ILE C 459 -37.21 11.18 1.15
N GLU C 460 -38.28 11.85 1.57
CA GLU C 460 -38.82 11.75 2.94
C GLU C 460 -40.21 11.13 2.89
N PRO C 461 -40.31 9.79 2.88
CA PRO C 461 -41.51 9.10 2.48
C PRO C 461 -42.63 9.13 3.53
N LEU C 462 -42.33 9.37 4.80
CA LEU C 462 -43.36 9.50 5.85
C LEU C 462 -44.14 10.79 5.68
N GLY C 463 -45.42 10.76 6.02
CA GLY C 463 -46.27 11.92 6.01
C GLY C 463 -47.45 11.74 6.94
N VAL C 464 -47.98 12.82 7.47
CA VAL C 464 -49.15 12.79 8.34
C VAL C 464 -50.12 13.90 7.97
N ALA C 465 -51.41 13.58 7.88
CA ALA C 465 -52.44 14.51 7.45
C ALA C 465 -53.79 14.12 8.05
N PRO C 466 -54.69 15.07 8.27
CA PRO C 466 -55.95 14.79 8.92
C PRO C 466 -57.02 14.33 7.95
N THR C 467 -57.82 13.36 8.38
CA THR C 467 -59.11 13.01 7.75
C THR C 467 -60.05 12.49 8.84
N ARG C 468 -61.18 11.85 8.52
CA ARG C 468 -62.24 11.55 9.49
C ARG C 468 -62.43 10.08 9.85
N CYS C 469 -61.34 9.29 9.89
CA CYS C 469 -61.36 7.90 10.30
C CYS C 469 -60.61 7.65 11.62
N LYS C 470 -61.11 6.72 12.44
CA LYS C 470 -60.64 6.40 13.80
C LYS C 470 -60.42 4.89 13.95
N ARG C 471 -59.39 4.44 14.68
CA ARG C 471 -59.22 3.00 14.99
C ARG C 471 -59.95 2.60 16.27
N ARG C 472 -60.39 1.36 16.39
CA ARG C 472 -61.28 0.90 17.47
C ARG C 472 -60.73 -0.30 18.25
N VAL C 473 -61.10 -0.39 19.53
CA VAL C 473 -60.62 -1.40 20.49
C VAL C 473 -61.80 -1.98 21.29
N ALA D 1 -45.21 14.82 -19.47
CA ALA D 1 -46.64 15.23 -19.37
C ALA D 1 -46.88 16.14 -18.16
N VAL D 2 -47.95 16.93 -18.17
CA VAL D 2 -48.41 17.71 -17.01
C VAL D 2 -49.92 17.55 -16.82
N GLY D 3 -50.36 17.31 -15.58
CA GLY D 3 -51.75 17.01 -15.28
C GLY D 3 -52.02 16.70 -13.81
N ILE D 4 -52.98 15.80 -13.64
CA ILE D 4 -53.35 15.05 -12.43
C ILE D 4 -53.62 13.58 -12.86
N GLY D 5 -53.19 12.60 -12.07
CA GLY D 5 -53.55 11.19 -12.30
C GLY D 5 -52.76 10.42 -13.38
N ALA D 6 -51.80 11.03 -14.08
CA ALA D 6 -51.19 10.43 -15.28
C ALA D 6 -49.96 9.54 -15.00
N VAL D 7 -48.87 10.10 -14.50
CA VAL D 7 -47.55 9.43 -14.45
C VAL D 7 -47.38 8.59 -13.17
N PHE D 8 -48.48 8.12 -12.58
CA PHE D 8 -48.45 7.39 -11.30
C PHE D 8 -47.76 6.01 -11.43
N LEU D 9 -47.59 5.50 -12.64
CA LEU D 9 -46.72 4.34 -12.95
C LEU D 9 -45.21 4.66 -12.91
N GLY D 10 -44.83 5.91 -12.64
CA GLY D 10 -43.44 6.36 -12.56
C GLY D 10 -43.03 6.77 -11.15
N PHE D 11 -41.77 6.51 -10.78
CA PHE D 11 -41.21 6.98 -9.52
C PHE D 11 -41.28 8.50 -9.42
N LEU D 12 -41.70 9.04 -8.26
CA LEU D 12 -42.04 10.46 -8.04
C LEU D 12 -43.06 11.09 -9.00
N GLY D 13 -43.60 10.37 -9.98
CA GLY D 13 -44.37 10.97 -11.08
C GLY D 13 -45.60 11.76 -10.63
N ALA D 14 -46.16 11.43 -9.47
CA ALA D 14 -47.30 12.13 -8.90
C ALA D 14 -46.99 13.50 -8.29
N ALA D 15 -45.73 13.89 -8.09
CA ALA D 15 -45.36 14.88 -7.07
C ALA D 15 -46.06 16.25 -7.17
N GLY D 16 -46.43 16.70 -8.37
CA GLY D 16 -47.15 17.96 -8.56
C GLY D 16 -48.67 17.87 -8.48
N SER D 17 -49.23 16.66 -8.39
CA SER D 17 -50.67 16.45 -8.27
C SER D 17 -51.18 16.66 -6.85
N THR D 18 -52.49 16.85 -6.66
CA THR D 18 -53.03 17.17 -5.33
C THR D 18 -53.09 15.96 -4.39
N MET D 19 -53.03 16.18 -3.08
CA MET D 19 -52.80 15.13 -2.05
C MET D 19 -53.78 13.97 -2.15
N GLY D 20 -55.04 14.23 -2.49
CA GLY D 20 -56.05 13.21 -2.72
C GLY D 20 -55.62 12.24 -3.80
N ALA D 21 -55.57 12.69 -5.06
CA ALA D 21 -55.17 11.84 -6.18
C ALA D 21 -53.77 11.24 -6.01
N ALA D 22 -52.82 11.97 -5.41
CA ALA D 22 -51.50 11.43 -5.14
C ALA D 22 -51.52 10.20 -4.22
N SER D 23 -52.52 10.05 -3.35
CA SER D 23 -52.57 8.93 -2.40
C SER D 23 -52.62 7.55 -3.04
N MET D 24 -53.06 7.42 -4.29
CA MET D 24 -53.05 6.13 -5.00
C MET D 24 -51.64 5.65 -5.36
N THR D 25 -50.64 6.54 -5.43
CA THR D 25 -49.30 6.16 -5.93
C THR D 25 -48.42 5.44 -4.91
N LEU D 26 -48.72 5.49 -3.60
CA LEU D 26 -47.75 5.30 -2.52
C LEU D 26 -46.89 4.03 -2.63
N THR D 27 -47.45 2.93 -3.15
CA THR D 27 -46.70 1.71 -3.41
C THR D 27 -45.46 1.93 -4.29
N VAL D 28 -45.51 2.78 -5.31
CA VAL D 28 -44.44 2.98 -6.29
C VAL D 28 -43.24 3.72 -5.70
N GLN D 29 -43.47 4.72 -4.86
CA GLN D 29 -42.45 5.36 -4.05
C GLN D 29 -41.86 4.37 -3.05
N ALA D 30 -42.72 3.65 -2.30
CA ALA D 30 -42.27 2.71 -1.29
C ALA D 30 -41.39 1.59 -1.86
N ARG D 31 -41.74 1.04 -3.02
CA ARG D 31 -40.95 -0.03 -3.65
C ARG D 31 -39.56 0.43 -4.06
N ASN D 32 -39.45 1.61 -4.65
CA ASN D 32 -38.17 2.16 -5.12
C ASN D 32 -37.29 2.75 -4.01
N LEU D 33 -37.85 3.01 -2.82
CA LEU D 33 -37.11 3.46 -1.64
C LEU D 33 -36.03 2.48 -1.17
N LEU D 34 -36.19 1.18 -1.44
CA LEU D 34 -35.19 0.16 -1.09
C LEU D 34 -34.70 -0.65 -2.29
N SER D 35 -35.60 -1.21 -3.10
CA SER D 35 -35.22 -2.14 -4.18
C SER D 35 -34.39 -1.52 -5.31
N GLY D 36 -34.28 -0.19 -5.36
CA GLY D 36 -33.36 0.53 -6.26
C GLY D 36 -31.88 0.11 -6.10
N ILE D 37 -31.53 -0.57 -4.99
CA ILE D 37 -30.23 -1.20 -4.77
C ILE D 37 -29.88 -2.24 -5.86
N VAL D 38 -30.84 -2.69 -6.68
CA VAL D 38 -30.57 -3.47 -7.90
C VAL D 38 -29.50 -2.83 -8.79
N GLN D 39 -29.50 -1.50 -8.90
CA GLN D 39 -28.52 -0.74 -9.68
C GLN D 39 -27.11 -0.78 -9.11
N GLN D 40 -26.97 -1.07 -7.80
CA GLN D 40 -25.70 -1.23 -7.10
C GLN D 40 -25.24 -2.70 -7.10
N GLN D 41 -26.07 -3.61 -6.59
CA GLN D 41 -25.67 -5.00 -6.39
C GLN D 41 -25.45 -5.78 -7.70
N SER D 42 -25.99 -5.29 -8.82
CA SER D 42 -25.76 -5.90 -10.15
C SER D 42 -24.33 -5.71 -10.67
N ASN D 43 -23.58 -4.71 -10.18
CA ASN D 43 -22.28 -4.36 -10.74
C ASN D 43 -21.14 -4.13 -9.71
N LEU D 44 -21.45 -3.93 -8.41
CA LEU D 44 -20.45 -3.84 -7.34
C LEU D 44 -19.80 -5.23 -7.10
N LEU D 45 -18.65 -5.47 -7.75
CA LEU D 45 -17.98 -6.77 -7.84
C LEU D 45 -16.46 -6.60 -7.72
N ARG D 46 -15.82 -7.40 -6.85
CA ARG D 46 -14.36 -7.21 -6.59
C ARG D 46 -13.53 -8.23 -7.39
N ALA D 47 -13.72 -9.53 -7.13
CA ALA D 47 -12.87 -10.54 -7.79
C ALA D 47 -13.05 -10.48 -9.32
N ILE D 48 -11.94 -10.47 -10.05
CA ILE D 48 -11.91 -10.59 -11.54
C ILE D 48 -12.85 -9.53 -12.13
N GLU D 49 -13.73 -9.94 -13.05
CA GLU D 49 -14.66 -9.01 -13.72
C GLU D 49 -13.91 -7.81 -14.31
N ALA D 50 -13.19 -8.04 -15.41
CA ALA D 50 -12.56 -6.91 -16.12
C ALA D 50 -11.57 -6.05 -15.30
N GLN D 51 -11.18 -6.50 -14.10
CA GLN D 51 -10.37 -5.74 -13.14
C GLN D 51 -9.63 -6.69 -12.18
N GLN D 52 -8.30 -6.71 -12.24
CA GLN D 52 -7.45 -7.63 -11.45
C GLN D 52 -6.11 -7.01 -10.97
N HIS D 53 -5.90 -5.71 -11.21
CA HIS D 53 -4.75 -4.94 -10.73
C HIS D 53 -5.13 -3.46 -10.54
N LEU D 54 -4.30 -2.67 -9.87
CA LEU D 54 -4.68 -1.35 -9.31
C LEU D 54 -5.83 -1.51 -8.29
N LEU D 55 -5.84 -2.58 -7.49
CA LEU D 55 -6.97 -2.93 -6.61
C LEU D 55 -7.20 -1.96 -5.43
N LYS D 56 -6.37 -0.91 -5.30
CA LYS D 56 -6.76 0.35 -4.64
C LYS D 56 -8.15 0.82 -5.10
N LEU D 57 -8.46 0.66 -6.39
CA LEU D 57 -9.74 1.03 -7.00
C LEU D 57 -10.92 0.15 -6.61
N THR D 58 -10.71 -1.09 -6.14
CA THR D 58 -11.79 -1.90 -5.55
C THR D 58 -11.92 -1.69 -4.04
N VAL D 59 -10.92 -1.12 -3.36
CA VAL D 59 -11.05 -0.61 -1.97
C VAL D 59 -11.67 0.79 -1.94
N TRP D 60 -11.43 1.61 -2.96
CA TRP D 60 -12.23 2.80 -3.32
C TRP D 60 -13.72 2.47 -3.52
N GLY D 61 -14.04 1.21 -3.81
CA GLY D 61 -15.40 0.63 -3.79
C GLY D 61 -16.13 0.74 -2.45
N ILE D 62 -15.45 1.05 -1.35
CA ILE D 62 -16.08 1.32 -0.04
C ILE D 62 -17.09 2.47 -0.14
N LYS D 63 -16.92 3.47 -1.02
CA LYS D 63 -17.97 4.49 -1.27
C LYS D 63 -19.29 3.84 -1.70
N GLN D 64 -19.24 2.93 -2.66
CA GLN D 64 -20.43 2.26 -3.19
C GLN D 64 -21.05 1.31 -2.16
N LEU D 65 -20.24 0.65 -1.31
CA LEU D 65 -20.77 -0.19 -0.22
C LEU D 65 -21.39 0.65 0.91
N GLN D 66 -20.78 1.78 1.26
CA GLN D 66 -21.29 2.69 2.27
C GLN D 66 -22.70 3.20 1.94
N ALA D 67 -22.97 3.53 0.68
CA ALA D 67 -24.30 3.91 0.24
C ALA D 67 -25.34 2.79 0.44
N ARG D 68 -24.96 1.52 0.24
CA ARG D 68 -25.86 0.38 0.50
C ARG D 68 -26.21 0.26 1.98
N VAL D 69 -25.22 0.30 2.88
CA VAL D 69 -25.54 0.19 4.32
C VAL D 69 -26.33 1.38 4.81
N LEU D 70 -26.14 2.58 4.24
CA LEU D 70 -27.01 3.71 4.55
C LEU D 70 -28.45 3.45 4.11
N ALA D 71 -28.67 3.00 2.89
CA ALA D 71 -30.02 2.81 2.35
C ALA D 71 -30.83 1.81 3.16
N VAL D 72 -30.30 0.62 3.45
CA VAL D 72 -31.03 -0.38 4.24
C VAL D 72 -31.31 0.14 5.64
N GLU D 73 -30.37 0.86 6.23
CA GLU D 73 -30.47 1.32 7.61
C GLU D 73 -31.48 2.47 7.76
N ARG D 74 -31.48 3.43 6.83
CA ARG D 74 -32.46 4.53 6.85
C ARG D 74 -33.88 4.00 6.65
N TYR D 75 -34.07 3.08 5.71
CA TYR D 75 -35.36 2.42 5.53
C TYR D 75 -35.80 1.67 6.78
N LEU D 76 -34.90 0.89 7.38
CA LEU D 76 -35.25 0.08 8.55
C LEU D 76 -35.67 0.95 9.72
N ARG D 77 -35.08 2.14 9.87
CA ARG D 77 -35.52 3.10 10.88
C ARG D 77 -36.93 3.63 10.66
N ASP D 78 -37.35 3.87 9.42
CA ASP D 78 -38.75 4.21 9.17
C ASP D 78 -39.67 3.08 9.64
N GLN D 79 -39.33 1.83 9.33
CA GLN D 79 -40.16 0.70 9.70
C GLN D 79 -40.24 0.52 11.22
N GLN D 80 -39.18 0.85 11.96
CA GLN D 80 -39.27 0.91 13.41
C GLN D 80 -40.26 1.99 13.85
N LEU D 81 -40.09 3.21 13.37
CA LEU D 81 -40.90 4.36 13.79
C LEU D 81 -42.37 4.20 13.42
N LEU D 82 -42.65 3.65 12.24
CA LEU D 82 -43.99 3.30 11.80
C LEU D 82 -44.55 2.11 12.59
N GLY D 83 -43.68 1.26 13.14
CA GLY D 83 -44.08 0.15 13.97
C GLY D 83 -44.58 0.57 15.34
N ILE D 84 -43.83 1.39 16.07
CA ILE D 84 -44.17 1.76 17.46
C ILE D 84 -45.43 2.63 17.59
N TRP D 85 -45.93 3.24 16.51
CA TRP D 85 -47.26 3.88 16.48
C TRP D 85 -48.41 2.88 16.35
N GLY D 86 -48.10 1.58 16.26
CA GLY D 86 -49.08 0.49 16.10
C GLY D 86 -49.60 0.40 14.67
N CYS D 87 -48.71 0.41 13.69
CA CYS D 87 -49.07 0.67 12.30
C CYS D 87 -48.18 -0.08 11.29
N SER D 88 -47.48 -1.15 11.71
CA SER D 88 -46.33 -1.71 10.98
C SER D 88 -46.64 -2.38 9.64
N GLY D 89 -47.86 -2.90 9.46
CA GLY D 89 -48.19 -3.74 8.30
C GLY D 89 -48.77 -2.99 7.10
N LYS D 90 -48.89 -1.67 7.18
CA LYS D 90 -49.85 -0.89 6.37
C LYS D 90 -49.20 0.34 5.74
N LEU D 91 -49.72 0.75 4.59
CA LEU D 91 -49.34 1.99 3.91
C LEU D 91 -50.11 3.20 4.45
N ILE D 92 -51.26 2.97 5.08
CA ILE D 92 -52.19 3.97 5.58
C ILE D 92 -52.61 3.55 7.00
N CYS D 93 -52.71 4.45 7.98
CA CYS D 93 -53.37 4.12 9.25
C CYS D 93 -54.32 5.22 9.66
N CYS D 94 -55.48 4.85 10.17
CA CYS D 94 -56.26 5.71 11.05
C CYS D 94 -55.72 5.55 12.47
N THR D 95 -55.68 6.62 13.27
CA THR D 95 -55.07 6.58 14.62
C THR D 95 -55.84 7.47 15.59
N ASN D 96 -55.73 7.19 16.89
CA ASN D 96 -56.46 7.93 17.91
C ASN D 96 -55.59 9.05 18.47
N VAL D 97 -55.30 10.04 17.62
CA VAL D 97 -54.87 11.38 18.02
C VAL D 97 -55.78 12.38 17.31
N PRO D 98 -56.45 13.30 18.02
CA PRO D 98 -57.32 14.28 17.40
C PRO D 98 -56.50 15.42 16.79
N TRP D 99 -56.87 15.89 15.61
CA TRP D 99 -56.13 16.95 14.92
C TRP D 99 -56.38 18.30 15.59
N ASN D 100 -55.40 18.83 16.32
CA ASN D 100 -55.45 20.21 16.79
C ASN D 100 -55.26 21.14 15.58
N SER D 101 -56.31 21.82 15.14
CA SER D 101 -56.24 22.71 13.97
C SER D 101 -55.38 23.97 14.19
N SER D 102 -54.77 24.17 15.36
CA SER D 102 -53.64 25.08 15.49
C SER D 102 -52.42 24.62 14.65
N TRP D 103 -52.26 23.32 14.39
CA TRP D 103 -51.20 22.81 13.51
C TRP D 103 -51.42 23.22 12.05
N SER D 104 -52.67 23.35 11.62
CA SER D 104 -53.06 24.11 10.43
C SER D 104 -54.56 24.38 10.44
N ASN D 105 -54.95 25.62 10.18
CA ASN D 105 -56.34 26.09 10.22
C ASN D 105 -57.17 25.63 9.01
N ARG D 106 -56.56 24.90 8.07
CA ARG D 106 -57.10 24.58 6.75
C ARG D 106 -58.17 23.50 6.81
N ASN D 107 -59.23 23.65 6.03
CA ASN D 107 -60.39 22.75 6.03
C ASN D 107 -60.10 21.42 5.30
N LEU D 108 -60.93 20.40 5.55
CA LEU D 108 -60.67 19.06 5.02
C LEU D 108 -60.70 18.99 3.49
N SER D 109 -61.46 19.85 2.81
CA SER D 109 -61.43 19.86 1.35
C SER D 109 -60.09 20.41 0.84
N GLU D 110 -59.69 21.60 1.24
CA GLU D 110 -58.54 22.25 0.59
C GLU D 110 -57.24 21.47 0.78
N ILE D 111 -57.07 20.78 1.92
CA ILE D 111 -55.89 19.93 2.12
C ILE D 111 -55.84 18.76 1.16
N TRP D 112 -56.96 18.07 0.90
CA TRP D 112 -56.95 16.90 0.02
C TRP D 112 -57.09 17.27 -1.46
N ASP D 113 -57.70 18.42 -1.74
CA ASP D 113 -58.17 18.75 -3.09
C ASP D 113 -57.37 19.86 -3.78
N ASN D 114 -56.67 20.71 -3.03
CA ASN D 114 -55.92 21.83 -3.60
C ASN D 114 -54.41 21.60 -3.53
N MET D 115 -53.88 21.22 -2.38
CA MET D 115 -52.44 21.22 -2.13
C MET D 115 -51.73 20.01 -2.74
N THR D 116 -50.45 20.13 -3.06
CA THR D 116 -49.56 18.98 -3.27
C THR D 116 -48.95 18.55 -1.95
N TRP D 117 -48.42 17.33 -1.85
CA TRP D 117 -47.73 16.90 -0.63
C TRP D 117 -46.51 17.76 -0.30
N LEU D 118 -45.79 18.25 -1.32
CA LEU D 118 -44.68 19.19 -1.11
C LEU D 118 -45.12 20.52 -0.51
N GLN D 119 -46.34 20.98 -0.78
CA GLN D 119 -46.86 22.19 -0.14
C GLN D 119 -47.25 21.91 1.31
N TRP D 120 -47.85 20.75 1.59
CA TRP D 120 -48.27 20.40 2.95
C TRP D 120 -47.09 20.25 3.91
N ASP D 121 -46.01 19.61 3.48
CA ASP D 121 -44.77 19.46 4.26
C ASP D 121 -44.31 20.78 4.90
N LYS D 122 -44.33 21.86 4.13
CA LYS D 122 -43.84 23.17 4.56
C LYS D 122 -44.69 23.79 5.67
N GLU D 123 -45.95 23.39 5.86
CA GLU D 123 -46.70 23.76 7.05
C GLU D 123 -46.36 22.85 8.23
N ILE D 124 -46.60 21.55 8.09
CA ILE D 124 -46.58 20.63 9.24
C ILE D 124 -45.19 20.37 9.80
N SER D 125 -44.12 20.73 9.08
CA SER D 125 -42.74 20.65 9.56
C SER D 125 -42.47 21.54 10.79
N ASN D 126 -43.37 22.45 11.16
CA ASN D 126 -43.36 23.07 12.49
C ASN D 126 -43.74 22.08 13.60
N TYR D 127 -44.82 21.32 13.41
CA TYR D 127 -45.50 20.56 14.46
C TYR D 127 -45.22 19.06 14.46
N THR D 128 -44.46 18.56 13.48
CA THR D 128 -44.29 17.11 13.27
C THR D 128 -43.75 16.41 14.52
N GLN D 129 -42.77 16.99 15.22
CA GLN D 129 -42.25 16.40 16.46
C GLN D 129 -43.23 16.39 17.62
N ILE D 130 -44.29 17.21 17.60
CA ILE D 130 -45.40 17.10 18.55
C ILE D 130 -46.27 15.90 18.18
N ILE D 131 -46.66 15.82 16.92
CA ILE D 131 -47.58 14.78 16.43
C ILE D 131 -46.97 13.39 16.60
N TYR D 132 -45.69 13.21 16.32
CA TYR D 132 -45.03 11.94 16.58
C TYR D 132 -45.02 11.56 18.07
N GLY D 133 -44.84 12.54 18.97
CA GLY D 133 -44.90 12.28 20.41
C GLY D 133 -46.29 11.84 20.85
N LEU D 134 -47.34 12.50 20.36
CA LEU D 134 -48.71 12.14 20.67
C LEU D 134 -49.08 10.75 20.11
N LEU D 135 -48.68 10.43 18.88
CA LEU D 135 -48.91 9.09 18.32
C LEU D 135 -48.26 8.01 19.17
N GLU D 136 -47.00 8.20 19.57
CA GLU D 136 -46.30 7.23 20.41
C GLU D 136 -47.05 6.97 21.71
N GLU D 137 -47.39 8.01 22.46
CA GLU D 137 -48.04 7.81 23.76
C GLU D 137 -49.46 7.25 23.61
N SER D 138 -50.19 7.66 22.57
CA SER D 138 -51.51 7.11 22.27
C SER D 138 -51.45 5.60 22.05
N GLN D 139 -50.45 5.10 21.33
CA GLN D 139 -50.26 3.65 21.20
C GLN D 139 -49.76 3.01 22.49
N ASN D 140 -48.82 3.63 23.20
CA ASN D 140 -48.17 2.99 24.34
C ASN D 140 -49.16 2.63 25.45
N GLN D 141 -50.18 3.47 25.68
CA GLN D 141 -51.27 3.14 26.60
C GLN D 141 -52.28 2.15 25.99
N GLN D 142 -52.52 2.21 24.68
CA GLN D 142 -53.44 1.30 24.00
C GLN D 142 -53.02 -0.17 24.13
N GLU D 143 -51.73 -0.47 24.06
CA GLU D 143 -51.21 -1.82 24.31
C GLU D 143 -51.63 -2.34 25.69
N LYS D 144 -51.51 -1.50 26.73
CA LYS D 144 -51.86 -1.86 28.11
C LYS D 144 -53.36 -2.05 28.26
N ASN D 145 -54.18 -1.15 27.70
CA ASN D 145 -55.63 -1.31 27.75
C ASN D 145 -56.08 -2.61 27.08
N GLU D 146 -55.44 -3.02 25.99
CA GLU D 146 -55.71 -4.31 25.37
C GLU D 146 -55.23 -5.48 26.24
N GLN D 147 -54.05 -5.39 26.87
CA GLN D 147 -53.60 -6.44 27.79
C GLN D 147 -54.58 -6.65 28.95
N ASP D 148 -55.15 -5.58 29.50
CA ASP D 148 -56.21 -5.71 30.51
C ASP D 148 -57.50 -6.30 29.94
N LEU D 149 -57.92 -5.91 28.74
CA LEU D 149 -59.12 -6.47 28.09
C LEU D 149 -58.99 -7.98 27.80
N LEU D 150 -57.78 -8.47 27.57
CA LEU D 150 -57.47 -9.90 27.50
C LEU D 150 -57.32 -10.53 28.89
N ALA D 151 -56.86 -9.76 29.89
CA ALA D 151 -56.67 -10.25 31.26
C ALA D 151 -57.98 -10.37 32.06
N LEU D 152 -59.02 -9.62 31.70
CA LEU D 152 -60.33 -9.73 32.36
C LEU D 152 -61.15 -10.97 31.94
N ASP D 153 -60.60 -11.85 31.10
CA ASP D 153 -61.20 -13.18 30.83
C ASP D 153 -61.45 -13.96 32.13
N ALA E 1 -59.41 -19.65 32.49
CA ALA E 1 -58.46 -20.45 33.30
C ALA E 1 -57.55 -19.55 34.13
N GLU E 2 -57.32 -19.91 35.40
CA GLU E 2 -56.63 -19.05 36.38
C GLU E 2 -55.10 -19.08 36.28
N ASN E 3 -54.53 -20.17 35.74
CA ASN E 3 -53.09 -20.29 35.60
C ASN E 3 -52.54 -19.28 34.60
N LEU E 4 -51.25 -18.96 34.75
CA LEU E 4 -50.62 -17.89 34.00
C LEU E 4 -50.27 -18.30 32.58
N TRP E 5 -50.11 -17.33 31.69
CA TRP E 5 -49.73 -17.50 30.29
C TRP E 5 -48.48 -16.69 29.99
N VAL E 6 -47.59 -17.21 29.14
CA VAL E 6 -46.37 -16.50 28.83
C VAL E 6 -46.68 -15.31 27.94
N THR E 7 -46.07 -14.17 28.22
CA THR E 7 -46.23 -12.95 27.42
C THR E 7 -44.87 -12.41 27.09
N VAL E 8 -44.68 -11.93 25.87
CA VAL E 8 -43.38 -11.48 25.38
C VAL E 8 -43.33 -9.97 25.29
N TYR E 9 -42.21 -9.39 25.68
CA TYR E 9 -41.97 -7.96 25.74
C TYR E 9 -40.75 -7.63 24.89
N TYR E 10 -40.75 -6.47 24.23
CA TYR E 10 -39.59 -6.01 23.50
C TYR E 10 -39.09 -4.68 24.06
N GLY E 11 -37.78 -4.49 24.15
CA GLY E 11 -37.19 -3.31 24.79
C GLY E 11 -37.22 -3.35 26.32
N VAL E 12 -37.25 -4.54 26.92
CA VAL E 12 -37.03 -4.70 28.36
C VAL E 12 -35.63 -4.22 28.72
N PRO E 13 -35.42 -3.49 29.83
CA PRO E 13 -34.11 -2.96 30.21
C PRO E 13 -33.21 -4.05 30.82
N VAL E 14 -32.55 -4.85 29.99
CA VAL E 14 -31.64 -5.94 30.41
C VAL E 14 -30.39 -5.94 29.55
N TRP E 15 -29.24 -6.27 30.14
CA TRP E 15 -27.96 -6.36 29.45
C TRP E 15 -27.12 -7.53 29.92
N LYS E 16 -26.11 -7.90 29.14
CA LYS E 16 -25.04 -8.84 29.53
C LYS E 16 -23.68 -8.34 29.04
N ASP E 17 -22.62 -8.74 29.71
CA ASP E 17 -21.24 -8.36 29.42
C ASP E 17 -20.77 -8.90 28.05
N ALA E 18 -20.01 -8.12 27.27
CA ALA E 18 -19.59 -8.54 25.93
C ALA E 18 -18.31 -7.88 25.43
N GLU E 19 -17.55 -8.56 24.57
CA GLU E 19 -16.53 -7.96 23.72
C GLU E 19 -17.19 -7.26 22.53
N THR E 20 -16.84 -6.00 22.26
CA THR E 20 -17.39 -5.25 21.12
C THR E 20 -16.41 -4.18 20.68
N THR E 21 -16.35 -3.83 19.39
CA THR E 21 -15.41 -2.80 18.90
C THR E 21 -15.98 -1.41 19.15
N LEU E 22 -15.43 -0.72 20.15
CA LEU E 22 -15.72 0.70 20.37
C LEU E 22 -15.21 1.52 19.19
N PHE E 23 -15.84 2.66 18.91
CA PHE E 23 -15.38 3.60 17.89
C PHE E 23 -15.00 4.91 18.56
N CYS E 24 -13.96 5.58 18.08
CA CYS E 24 -13.41 6.75 18.73
C CYS E 24 -13.94 8.05 18.13
N ALA E 25 -14.21 9.05 18.97
CA ALA E 25 -14.64 10.38 18.56
C ALA E 25 -13.78 11.48 19.20
N SER E 26 -13.41 12.51 18.45
CA SER E 26 -12.51 13.59 18.89
C SER E 26 -13.20 14.95 18.83
N ASP E 27 -12.83 15.87 19.72
CA ASP E 27 -13.56 17.14 19.85
C ASP E 27 -13.41 18.05 18.65
N ALA E 28 -14.52 18.67 18.25
CA ALA E 28 -14.69 19.21 16.90
C ALA E 28 -13.65 20.29 16.53
N LYS E 29 -13.21 21.14 17.46
CA LYS E 29 -12.20 22.18 17.19
C LYS E 29 -10.81 21.63 16.79
N ALA E 30 -10.41 20.47 17.33
CA ALA E 30 -9.24 19.77 16.82
C ALA E 30 -9.51 19.23 15.40
N TYR E 31 -10.69 18.64 15.17
CA TYR E 31 -11.10 18.11 13.87
C TYR E 31 -11.16 19.22 12.78
N GLU E 32 -11.66 20.40 13.14
CA GLU E 32 -11.72 21.62 12.32
C GLU E 32 -10.33 22.17 11.97
N THR E 33 -9.30 21.82 12.75
CA THR E 33 -7.89 22.07 12.38
C THR E 33 -7.44 20.96 11.41
N GLU E 34 -8.10 20.89 10.26
CA GLU E 34 -8.04 19.76 9.33
C GLU E 34 -6.64 19.46 8.77
N LYS E 35 -6.45 18.25 8.24
CA LYS E 35 -5.21 17.75 7.62
C LYS E 35 -4.04 17.72 8.61
N HIS E 36 -4.35 17.19 9.80
CA HIS E 36 -3.42 16.53 10.71
C HIS E 36 -2.14 17.31 11.05
N ASN E 37 -2.35 18.43 11.75
CA ASN E 37 -1.36 18.97 12.68
C ASN E 37 -1.04 17.95 13.81
N VAL E 38 -1.98 17.05 14.12
CA VAL E 38 -1.84 15.88 15.00
C VAL E 38 -2.52 14.67 14.36
N TRP E 39 -2.09 13.47 14.75
CA TRP E 39 -2.77 12.22 14.40
C TRP E 39 -4.04 12.00 15.25
N ALA E 40 -4.70 10.86 15.04
CA ALA E 40 -6.01 10.48 15.57
C ALA E 40 -7.18 11.33 15.04
N THR E 41 -7.21 12.66 15.22
CA THR E 41 -8.41 13.45 14.85
C THR E 41 -8.79 13.35 13.37
N HIS E 42 -7.82 13.19 12.48
CA HIS E 42 -8.05 12.93 11.05
C HIS E 42 -8.87 11.67 10.71
N ALA E 43 -9.10 10.76 11.67
CA ALA E 43 -9.86 9.51 11.51
C ALA E 43 -10.95 9.37 12.59
N CYS E 44 -10.63 9.79 13.80
CA CYS E 44 -11.48 9.85 14.98
C CYS E 44 -12.56 10.93 14.81
N VAL E 45 -13.75 10.52 14.39
CA VAL E 45 -14.89 11.35 13.97
C VAL E 45 -15.29 12.45 14.98
N PRO E 46 -15.91 13.57 14.56
CA PRO E 46 -16.27 14.64 15.49
C PRO E 46 -17.29 14.18 16.54
N THR E 47 -17.04 14.53 17.80
CA THR E 47 -17.96 14.26 18.92
C THR E 47 -19.29 14.99 18.76
N ASP E 48 -20.34 14.39 19.30
CA ASP E 48 -21.50 15.14 19.78
C ASP E 48 -21.13 15.78 21.13
N PRO E 49 -21.24 17.11 21.29
CA PRO E 49 -20.88 17.81 22.52
C PRO E 49 -21.84 17.56 23.70
N ASN E 50 -22.85 16.70 23.54
CA ASN E 50 -23.83 16.31 24.55
C ASN E 50 -23.55 14.86 25.03
N PRO E 51 -22.64 14.62 25.99
CA PRO E 51 -22.29 13.27 26.43
C PRO E 51 -23.43 12.55 27.16
N GLN E 52 -24.22 13.30 27.95
CA GLN E 52 -25.49 12.92 28.55
C GLN E 52 -25.43 11.60 29.35
N GLU E 53 -24.85 11.67 30.55
CA GLU E 53 -25.05 10.63 31.56
C GLU E 53 -26.53 10.43 31.89
N ILE E 54 -26.88 9.22 32.32
CA ILE E 54 -28.09 8.97 33.09
C ILE E 54 -27.74 8.01 34.23
N HIS E 55 -28.10 8.37 35.46
CA HIS E 55 -27.90 7.52 36.63
C HIS E 55 -28.86 6.33 36.58
N LEU E 56 -28.34 5.11 36.62
CA LEU E 56 -29.17 3.92 36.58
C LEU E 56 -29.64 3.60 37.99
N GLU E 57 -30.75 4.21 38.38
CA GLU E 57 -31.27 4.14 39.75
C GLU E 57 -31.34 2.72 40.29
N ASN E 58 -31.11 2.53 41.59
CA ASN E 58 -31.09 1.22 42.26
C ASN E 58 -30.10 0.16 41.70
N VAL E 59 -29.39 0.39 40.60
CA VAL E 59 -28.36 -0.52 40.12
C VAL E 59 -27.07 -0.74 40.90
N THR E 60 -26.51 -1.95 40.86
CA THR E 60 -25.26 -2.33 41.55
C THR E 60 -24.65 -3.55 40.90
N GLU E 61 -23.48 -3.45 40.26
CA GLU E 61 -22.88 -4.60 39.58
C GLU E 61 -21.35 -4.60 39.53
N GLU E 62 -20.76 -5.77 39.31
CA GLU E 62 -19.32 -6.01 39.38
C GLU E 62 -18.52 -5.43 38.21
N PHE E 63 -17.65 -4.48 38.51
CA PHE E 63 -16.60 -4.01 37.61
C PHE E 63 -15.29 -4.74 37.91
N ASN E 64 -14.47 -4.97 36.89
CA ASN E 64 -13.10 -5.45 37.03
C ASN E 64 -12.24 -4.77 35.98
N MET E 65 -11.37 -3.85 36.38
CA MET E 65 -10.53 -3.10 35.45
C MET E 65 -9.34 -3.88 34.90
N TRP E 66 -8.98 -5.03 35.49
CA TRP E 66 -7.84 -5.81 35.01
C TRP E 66 -8.19 -6.62 33.77
N LYS E 67 -9.35 -7.27 33.79
CA LYS E 67 -9.88 -8.08 32.66
C LYS E 67 -10.68 -7.27 31.63
N ASN E 68 -10.70 -5.94 31.74
CA ASN E 68 -11.45 -5.03 30.89
C ASN E 68 -10.94 -5.06 29.43
N ASN E 69 -11.83 -5.21 28.46
CA ASN E 69 -11.46 -5.27 27.04
C ASN E 69 -11.02 -3.94 26.43
N MET E 70 -11.59 -2.81 26.86
CA MET E 70 -11.36 -1.57 26.11
C MET E 70 -9.95 -1.00 26.28
N VAL E 71 -9.21 -1.38 27.33
CA VAL E 71 -7.79 -1.01 27.46
C VAL E 71 -6.95 -1.61 26.34
N GLU E 72 -7.27 -2.83 25.92
CA GLU E 72 -6.54 -3.53 24.89
C GLU E 72 -6.87 -2.95 23.50
N GLN E 73 -8.12 -2.53 23.28
CA GLN E 73 -8.48 -1.76 22.09
C GLN E 73 -7.75 -0.42 22.06
N MET E 74 -7.66 0.30 23.18
CA MET E 74 -6.90 1.55 23.21
C MET E 74 -5.44 1.29 22.84
N HIS E 75 -4.81 0.30 23.45
CA HIS E 75 -3.41 -0.03 23.16
C HIS E 75 -3.21 -0.32 21.67
N THR E 76 -4.08 -1.13 21.09
CA THR E 76 -3.99 -1.50 19.68
C THR E 76 -4.31 -0.34 18.74
N ASP E 77 -5.28 0.50 19.07
CA ASP E 77 -5.56 1.71 18.31
C ASP E 77 -4.34 2.63 18.30
N ILE E 78 -3.79 2.97 19.47
CA ILE E 78 -2.69 3.93 19.54
C ILE E 78 -1.50 3.46 18.71
N ILE E 79 -1.13 2.18 18.78
CA ILE E 79 -0.05 1.65 17.93
C ILE E 79 -0.38 1.85 16.44
N SER E 80 -1.60 1.55 16.01
CA SER E 80 -1.94 1.69 14.60
C SER E 80 -1.93 3.16 14.15
N LEU E 81 -2.48 4.07 14.96
CA LEU E 81 -2.51 5.50 14.67
C LEU E 81 -1.10 6.10 14.64
N TRP E 82 -0.22 5.63 15.53
CA TRP E 82 1.18 5.98 15.50
C TRP E 82 1.83 5.59 14.18
N ASP E 83 1.75 4.32 13.77
CA ASP E 83 2.39 3.89 12.52
C ASP E 83 1.95 4.71 11.31
N GLN E 84 0.65 4.92 11.16
CA GLN E 84 0.17 5.64 9.99
C GLN E 84 0.53 7.12 10.02
N SER E 85 0.81 7.71 11.19
CA SER E 85 1.37 9.06 11.23
C SER E 85 2.81 9.11 10.70
N LEU E 86 3.56 8.01 10.74
CA LEU E 86 4.90 7.91 10.19
C LEU E 86 4.92 7.49 8.72
N LYS E 87 3.99 6.61 8.29
CA LYS E 87 4.03 6.00 6.95
C LYS E 87 4.22 6.97 5.76
N PRO E 88 3.60 8.17 5.69
CA PRO E 88 3.85 9.10 4.59
C PRO E 88 5.24 9.77 4.60
N CYS E 89 5.99 9.71 5.70
CA CYS E 89 7.25 10.45 5.87
C CYS E 89 8.46 9.75 5.24
N VAL E 90 9.55 10.50 5.04
CA VAL E 90 10.77 10.05 4.36
C VAL E 90 11.52 8.95 5.11
N LYS E 91 11.87 7.86 4.40
CA LYS E 91 12.71 6.78 4.92
C LYS E 91 14.16 7.24 4.86
N LEU E 92 14.84 7.24 6.01
CA LEU E 92 16.12 7.90 6.21
C LEU E 92 17.32 7.02 5.83
N THR E 93 17.11 5.95 5.06
CA THR E 93 18.09 4.89 4.76
C THR E 93 19.47 5.39 4.32
N PRO E 94 19.62 6.41 3.45
CA PRO E 94 20.93 6.86 2.98
C PRO E 94 21.83 7.44 4.07
N LEU E 95 21.31 7.75 5.26
CA LEU E 95 22.10 8.21 6.41
C LEU E 95 22.86 7.09 7.12
N CYS E 96 22.51 5.83 6.89
CA CYS E 96 23.22 4.67 7.45
C CYS E 96 24.55 4.47 6.71
N VAL E 97 25.55 5.27 7.06
CA VAL E 97 26.83 5.43 6.35
C VAL E 97 27.95 5.79 7.32
N THR E 98 29.22 5.56 6.94
CA THR E 98 30.37 5.75 7.85
C THR E 98 30.60 7.22 8.22
N LEU E 99 30.76 7.52 9.51
CA LEU E 99 30.91 8.87 10.07
C LEU E 99 32.31 9.11 10.65
N GLN E 100 32.94 10.24 10.37
CA GLN E 100 34.12 10.72 11.11
C GLN E 100 33.65 11.65 12.22
N CYS E 101 34.15 11.55 13.47
CA CYS E 101 33.59 12.33 14.58
C CYS E 101 34.64 12.88 15.57
N THR E 102 34.25 13.91 16.31
CA THR E 102 35.00 14.52 17.42
C THR E 102 34.06 15.09 18.48
N ASN E 103 34.54 15.30 19.72
CA ASN E 103 33.72 15.90 20.78
C ASN E 103 33.35 17.35 20.43
N VAL E 104 32.23 17.84 20.95
CA VAL E 104 31.82 19.25 20.81
C VAL E 104 32.71 20.21 21.63
N THR E 105 32.75 21.49 21.28
CA THR E 105 33.76 22.45 21.79
C THR E 105 33.25 23.43 22.86
N ASN E 106 32.15 24.15 22.60
CA ASN E 106 31.74 25.37 23.32
C ASN E 106 30.96 25.15 24.63
N ASN E 107 31.32 24.14 25.42
CA ASN E 107 30.77 23.97 26.78
C ASN E 107 31.22 25.11 27.70
N MET E 112 28.84 18.88 33.90
CA MET E 112 29.74 18.53 32.80
C MET E 112 29.10 17.55 31.81
N ARG E 113 29.57 17.61 30.56
CA ARG E 113 29.07 16.83 29.42
C ARG E 113 30.22 16.30 28.56
N GLY E 114 30.12 15.04 28.16
CA GLY E 114 30.74 14.47 26.95
C GLY E 114 29.69 13.89 25.98
N GLU E 115 28.42 14.28 26.16
CA GLU E 115 27.25 13.66 25.54
C GLU E 115 27.04 14.01 24.07
N LEU E 116 27.67 15.06 23.55
CA LEU E 116 27.48 15.51 22.18
C LEU E 116 28.73 15.23 21.34
N LYS E 117 28.53 14.53 20.22
CA LYS E 117 29.54 14.30 19.20
C LYS E 117 29.18 15.05 17.93
N ASN E 118 30.21 15.57 17.29
CA ASN E 118 30.14 16.34 16.06
C ASN E 118 30.70 15.48 14.95
N CYS E 119 29.92 15.20 13.92
CA CYS E 119 30.21 14.15 12.95
C CYS E 119 30.05 14.60 11.50
N SER E 120 30.95 14.15 10.64
CA SER E 120 31.03 14.51 9.22
C SER E 120 30.99 13.27 8.34
N PHE E 121 30.31 13.35 7.19
CA PHE E 121 30.03 12.21 6.33
C PHE E 121 29.73 12.65 4.89
N ASN E 122 29.59 11.71 3.96
CA ASN E 122 29.28 11.99 2.55
C ASN E 122 27.83 11.66 2.25
N MET E 123 27.11 12.55 1.57
CA MET E 123 25.67 12.39 1.31
C MET E 123 25.27 12.77 -0.11
N THR E 124 24.37 12.03 -0.73
CA THR E 124 23.89 12.30 -2.10
C THR E 124 23.16 13.63 -2.20
N THR E 125 23.45 14.42 -3.25
CA THR E 125 22.61 15.55 -3.63
C THR E 125 21.31 15.04 -4.28
N GLU E 126 20.47 15.93 -4.79
CA GLU E 126 19.33 15.51 -5.60
C GLU E 126 19.77 14.81 -6.89
N LEU E 127 20.83 15.32 -7.52
CA LEU E 127 21.42 14.73 -8.72
C LEU E 127 22.08 13.39 -8.37
N ARG E 128 21.65 12.30 -9.01
CA ARG E 128 22.15 10.95 -8.72
C ARG E 128 23.67 10.85 -8.74
N ASP E 129 24.34 11.49 -9.69
CA ASP E 129 25.79 11.38 -9.86
C ASP E 129 26.61 12.32 -8.97
N LYS E 130 26.00 13.14 -8.11
CA LYS E 130 26.69 14.14 -7.28
C LYS E 130 26.42 13.95 -5.80
N LYS E 131 27.47 14.07 -4.98
CA LYS E 131 27.42 13.91 -3.52
C LYS E 131 28.39 14.85 -2.82
N GLN E 132 28.08 15.18 -1.57
CA GLN E 132 28.68 16.30 -0.83
C GLN E 132 29.27 15.83 0.50
N LYS E 133 30.33 16.48 0.97
CA LYS E 133 30.73 16.42 2.39
C LYS E 133 29.77 17.27 3.21
N VAL E 134 29.28 16.75 4.32
CA VAL E 134 28.32 17.44 5.20
C VAL E 134 28.52 17.02 6.65
N TYR E 135 28.07 17.82 7.62
CA TYR E 135 28.29 17.55 9.04
C TYR E 135 27.08 17.89 9.93
N SER E 136 26.96 17.23 11.09
CA SER E 136 25.88 17.45 12.05
C SER E 136 26.27 17.00 13.48
N LEU E 137 25.51 17.45 14.48
CA LEU E 137 25.67 17.05 15.88
C LEU E 137 24.71 15.90 16.25
N PHE E 138 25.19 14.91 16.98
CA PHE E 138 24.42 13.77 17.47
C PHE E 138 24.73 13.50 18.95
N TYR E 139 23.81 12.88 19.68
CA TYR E 139 24.09 12.46 21.05
C TYR E 139 24.89 11.17 21.06
N ARG E 140 25.69 10.96 22.09
CA ARG E 140 26.50 9.75 22.30
C ARG E 140 25.67 8.47 22.32
N LEU E 141 24.37 8.58 22.60
CA LEU E 141 23.40 7.50 22.57
C LEU E 141 22.88 7.16 21.15
N ASP E 142 22.99 8.07 20.18
CA ASP E 142 22.57 7.82 18.79
C ASP E 142 23.64 7.09 17.95
N VAL E 143 24.91 7.05 18.40
CA VAL E 143 26.05 6.60 17.58
C VAL E 143 26.85 5.48 18.24
N VAL E 144 27.44 4.62 17.42
CA VAL E 144 28.29 3.50 17.84
C VAL E 144 29.63 3.58 17.15
N GLN E 145 30.71 3.35 17.87
CA GLN E 145 32.06 3.34 17.32
C GLN E 145 32.25 2.11 16.43
N ILE E 146 32.37 2.29 15.11
CA ILE E 146 32.57 1.18 14.17
C ILE E 146 34.04 0.75 14.10
N ASN E 147 34.96 1.67 14.42
CA ASN E 147 36.39 1.37 14.56
C ASN E 147 36.65 0.26 15.60
N SER E 157 44.90 8.37 15.09
CA SER E 157 43.78 8.45 14.15
C SER E 157 42.47 8.84 14.85
N ASN E 158 41.58 9.60 14.19
CA ASN E 158 40.27 9.97 14.75
C ASN E 158 39.33 8.75 14.83
N LYS E 159 38.41 8.78 15.80
CA LYS E 159 37.38 7.75 15.92
C LYS E 159 36.33 7.86 14.83
N GLU E 160 35.71 6.72 14.51
CA GLU E 160 34.84 6.54 13.35
C GLU E 160 33.60 5.75 13.76
N TYR E 161 32.42 6.14 13.26
CA TYR E 161 31.14 5.76 13.83
C TYR E 161 30.10 5.37 12.78
N ARG E 162 28.99 4.79 13.22
CA ARG E 162 27.73 4.65 12.48
C ARG E 162 26.57 5.03 13.40
N LEU E 163 25.36 5.22 12.88
CA LEU E 163 24.19 5.27 13.75
C LEU E 163 23.93 3.92 14.44
N ILE E 164 23.33 3.96 15.63
CA ILE E 164 23.02 2.80 16.46
C ILE E 164 22.12 1.78 15.75
N ASN E 165 21.06 2.21 15.08
CA ASN E 165 20.08 1.33 14.43
C ASN E 165 20.61 0.62 13.17
N CYS E 166 21.67 1.15 12.58
CA CYS E 166 22.04 0.91 11.18
C CYS E 166 22.45 -0.54 10.89
N ASN E 167 22.73 -1.38 11.90
CA ASN E 167 22.91 -2.82 11.72
C ASN E 167 21.61 -3.64 11.77
N THR E 168 20.49 -3.09 12.27
CA THR E 168 19.28 -3.86 12.59
C THR E 168 18.03 -3.38 11.85
N SER E 169 17.88 -2.09 11.54
CA SER E 169 16.79 -1.61 10.69
C SER E 169 17.09 -0.25 10.07
N ALA E 170 16.38 0.10 9.01
CA ALA E 170 16.22 1.50 8.61
C ALA E 170 15.38 2.27 9.65
N CYS E 171 15.23 3.59 9.47
CA CYS E 171 14.38 4.45 10.30
C CYS E 171 13.57 5.40 9.43
N THR E 172 12.40 5.82 9.89
CA THR E 172 11.62 6.90 9.26
C THR E 172 11.85 8.21 10.01
N GLN E 173 12.10 9.31 9.32
CA GLN E 173 12.10 10.63 9.95
C GLN E 173 10.65 11.04 10.23
N ALA E 174 10.31 11.43 11.46
CA ALA E 174 8.99 11.98 11.75
C ALA E 174 8.79 13.35 11.05
N CYS E 175 7.69 13.51 10.30
CA CYS E 175 7.40 14.73 9.55
C CYS E 175 7.24 15.96 10.47
N PRO E 176 7.94 17.09 10.25
CA PRO E 176 7.88 18.23 11.16
C PRO E 176 6.50 18.85 11.35
N LYS E 177 5.63 18.80 10.33
CA LYS E 177 4.27 19.34 10.41
C LYS E 177 3.34 18.56 11.36
N VAL E 178 3.67 17.31 11.69
CA VAL E 178 2.89 16.47 12.60
C VAL E 178 3.45 16.58 14.01
N SER E 179 2.63 17.02 14.95
CA SER E 179 2.99 17.15 16.35
C SER E 179 2.63 15.89 17.15
N PHE E 180 3.49 15.53 18.09
CA PHE E 180 3.27 14.42 19.02
C PHE E 180 2.38 14.77 20.22
N GLU E 181 1.94 16.04 20.36
CA GLU E 181 1.11 16.44 21.50
C GLU E 181 -0.22 15.64 21.55
N PRO E 182 -0.63 15.13 22.73
CA PRO E 182 -1.77 14.25 22.84
C PRO E 182 -3.09 15.04 22.94
N ILE E 183 -3.95 14.93 21.93
CA ILE E 183 -5.32 15.48 22.00
C ILE E 183 -6.25 14.59 22.85
N PRO E 184 -7.33 15.12 23.43
CA PRO E 184 -8.37 14.30 24.01
C PRO E 184 -9.06 13.44 22.94
N ILE E 185 -9.37 12.20 23.32
CA ILE E 185 -10.03 11.15 22.56
C ILE E 185 -11.16 10.61 23.42
N HIS E 186 -12.34 10.40 22.83
CA HIS E 186 -13.48 9.78 23.49
C HIS E 186 -13.75 8.44 22.83
N TYR E 187 -14.13 7.44 23.61
CA TYR E 187 -14.53 6.13 23.12
C TYR E 187 -16.04 6.00 23.25
N CYS E 188 -16.72 5.65 22.16
CA CYS E 188 -18.17 5.62 22.05
C CYS E 188 -18.67 4.20 21.78
N ALA E 189 -19.84 3.85 22.32
CA ALA E 189 -20.42 2.53 22.13
C ALA E 189 -21.14 2.40 20.79
N PRO E 190 -20.96 1.31 20.02
CA PRO E 190 -21.76 1.04 18.83
C PRO E 190 -23.21 0.72 19.22
N ALA E 191 -24.15 0.86 18.28
CA ALA E 191 -25.57 0.75 18.60
C ALA E 191 -25.96 -0.62 19.15
N GLY E 192 -26.86 -0.64 20.13
CA GLY E 192 -27.24 -1.87 20.84
C GLY E 192 -26.24 -2.32 21.90
N PHE E 193 -25.27 -1.50 22.24
CA PHE E 193 -24.37 -1.63 23.39
C PHE E 193 -24.39 -0.34 24.20
N ALA E 194 -24.05 -0.42 25.47
CA ALA E 194 -23.92 0.74 26.34
C ALA E 194 -22.60 0.69 27.10
N ILE E 195 -21.93 1.82 27.28
CA ILE E 195 -20.92 1.96 28.32
C ILE E 195 -21.63 2.13 29.67
N LEU E 196 -21.08 1.53 30.71
CA LEU E 196 -21.38 1.80 32.10
C LEU E 196 -20.19 2.48 32.74
N LYS E 197 -20.43 3.36 33.68
CA LYS E 197 -19.44 4.15 34.41
C LYS E 197 -19.67 3.95 35.89
N CYS E 198 -18.71 3.41 36.63
CA CYS E 198 -18.82 3.34 38.09
C CYS E 198 -18.60 4.72 38.69
N LYS E 199 -19.60 5.26 39.38
CA LYS E 199 -19.59 6.63 39.90
C LYS E 199 -18.97 6.72 41.31
N ASP E 200 -18.87 5.61 42.03
CA ASP E 200 -18.43 5.57 43.42
C ASP E 200 -16.97 6.05 43.61
N LYS E 201 -16.77 7.14 44.35
CA LYS E 201 -15.47 7.80 44.57
C LYS E 201 -14.49 6.99 45.41
N LYS E 202 -14.90 5.88 46.00
CA LYS E 202 -14.03 4.94 46.75
C LYS E 202 -13.83 3.60 46.03
N PHE E 203 -14.14 3.53 44.72
CA PHE E 203 -13.92 2.33 43.92
C PHE E 203 -12.43 2.03 43.70
N ASN E 204 -12.03 0.77 43.90
CA ASN E 204 -10.63 0.32 43.83
C ASN E 204 -10.30 -0.51 42.57
N GLY E 205 -11.18 -0.55 41.57
CA GLY E 205 -10.93 -1.28 40.32
C GLY E 205 -11.40 -2.73 40.32
N THR E 206 -11.93 -3.30 41.41
CA THR E 206 -12.43 -4.69 41.41
C THR E 206 -13.50 -4.91 42.48
N GLY E 207 -14.77 -4.97 42.07
CA GLY E 207 -15.87 -5.29 42.98
C GLY E 207 -17.23 -4.76 42.54
N PRO E 208 -18.30 -5.05 43.30
CA PRO E 208 -19.63 -4.55 43.03
C PRO E 208 -19.72 -3.03 43.28
N CYS E 209 -19.78 -2.25 42.21
CA CYS E 209 -19.96 -0.80 42.29
C CYS E 209 -21.41 -0.47 42.68
N PRO E 210 -21.68 0.22 43.79
CA PRO E 210 -23.03 0.43 44.31
C PRO E 210 -23.76 1.66 43.74
N SER E 211 -23.19 2.34 42.76
CA SER E 211 -23.83 3.47 42.08
C SER E 211 -23.23 3.68 40.70
N VAL E 212 -24.05 3.64 39.65
CA VAL E 212 -23.55 3.63 38.26
C VAL E 212 -24.35 4.58 37.38
N SER E 213 -23.73 5.05 36.32
CA SER E 213 -24.41 5.71 35.22
C SER E 213 -24.15 4.95 33.94
N THR E 214 -25.08 4.98 33.00
CA THR E 214 -24.71 4.76 31.62
C THR E 214 -24.21 6.07 31.01
N VAL E 215 -23.43 5.99 29.94
CA VAL E 215 -23.13 7.14 29.09
C VAL E 215 -22.91 6.64 27.66
N GLN E 216 -23.19 7.44 26.63
CA GLN E 216 -22.95 7.00 25.25
C GLN E 216 -21.46 6.95 24.91
N CYS E 217 -20.66 7.87 25.48
CA CYS E 217 -19.25 8.01 25.16
C CYS E 217 -18.42 8.53 26.35
N THR E 218 -17.16 8.13 26.47
CA THR E 218 -16.31 8.38 27.65
C THR E 218 -15.93 9.85 27.86
N HIS E 219 -15.19 10.12 28.95
CA HIS E 219 -14.23 11.23 29.10
C HIS E 219 -13.44 11.51 27.83
N GLY E 220 -12.89 12.72 27.71
CA GLY E 220 -11.77 12.99 26.83
C GLY E 220 -10.47 12.43 27.42
N ILE E 221 -10.21 11.15 27.21
CA ILE E 221 -8.95 10.49 27.57
C ILE E 221 -7.84 11.06 26.69
N LYS E 222 -6.67 11.44 27.22
CA LYS E 222 -5.55 11.91 26.38
C LYS E 222 -4.42 10.87 26.34
N PRO E 223 -3.94 10.43 25.16
CA PRO E 223 -2.94 9.37 25.04
C PRO E 223 -1.51 9.90 25.25
N VAL E 224 -1.20 10.38 26.45
CA VAL E 224 0.20 10.55 26.90
C VAL E 224 0.93 9.21 26.86
N VAL E 225 2.26 9.22 26.86
CA VAL E 225 3.04 8.01 27.15
C VAL E 225 4.20 8.31 28.07
N SER E 226 4.37 7.55 29.15
CA SER E 226 5.49 7.69 30.07
C SER E 226 5.74 6.44 30.89
N THR E 227 6.95 6.31 31.42
CA THR E 227 7.39 5.08 32.10
C THR E 227 7.06 5.07 33.59
N GLN E 228 7.93 5.62 34.44
CA GLN E 228 7.91 5.37 35.88
C GLN E 228 6.77 6.10 36.61
N LEU E 229 6.32 7.22 36.08
CA LEU E 229 5.23 8.01 36.64
C LEU E 229 4.41 8.62 35.51
N LEU E 230 3.15 8.94 35.77
CA LEU E 230 2.16 9.28 34.76
C LEU E 230 1.49 10.61 35.05
N LEU E 231 1.23 11.37 34.00
CA LEU E 231 1.11 12.83 34.08
C LEU E 231 0.10 13.39 33.07
N ASN E 232 -0.47 14.55 33.39
CA ASN E 232 -1.66 15.16 32.77
C ASN E 232 -2.94 14.30 32.75
N GLY E 233 -2.94 13.08 33.31
CA GLY E 233 -4.13 12.24 33.46
C GLY E 233 -5.06 12.71 34.59
N SER E 234 -6.22 12.04 34.75
CA SER E 234 -7.23 12.38 35.76
C SER E 234 -6.91 11.82 37.16
N LEU E 235 -7.41 12.49 38.21
CA LEU E 235 -7.10 12.21 39.62
C LEU E 235 -8.35 12.18 40.52
N ALA E 236 -8.47 11.18 41.39
CA ALA E 236 -9.62 10.98 42.27
C ALA E 236 -9.73 12.05 43.37
N GLU E 237 -10.95 12.35 43.80
CA GLU E 237 -11.29 13.47 44.70
C GLU E 237 -11.31 13.11 46.19
N GLU E 238 -11.46 11.83 46.53
CA GLU E 238 -11.67 11.37 47.90
C GLU E 238 -10.36 11.25 48.70
N GLU E 239 -9.38 10.53 48.16
CA GLU E 239 -8.11 10.17 48.79
C GLU E 239 -7.12 9.68 47.72
N VAL E 240 -5.83 9.56 48.06
CA VAL E 240 -4.88 8.83 47.18
C VAL E 240 -5.40 7.41 46.98
N MET E 241 -5.59 6.96 45.76
CA MET E 241 -6.02 5.59 45.50
C MET E 241 -4.84 4.73 45.10
N ILE E 242 -4.75 3.54 45.68
CA ILE E 242 -3.74 2.53 45.33
C ILE E 242 -4.46 1.23 45.02
N ARG E 243 -4.12 0.60 43.90
CA ARG E 243 -4.85 -0.58 43.41
C ARG E 243 -3.98 -1.49 42.57
N SER E 244 -4.30 -2.78 42.61
CA SER E 244 -3.54 -3.83 41.93
C SER E 244 -4.41 -5.06 41.68
N GLU E 245 -4.05 -5.89 40.71
CA GLU E 245 -4.76 -7.15 40.45
C GLU E 245 -4.68 -8.13 41.63
N ASN E 246 -3.66 -8.01 42.50
CA ASN E 246 -3.63 -8.75 43.79
C ASN E 246 -2.83 -8.09 44.94
N ILE E 247 -1.99 -7.07 44.69
CA ILE E 247 -1.01 -6.49 45.65
C ILE E 247 0.05 -7.50 46.10
N THR E 248 -0.33 -8.55 46.82
CA THR E 248 0.57 -9.46 47.52
C THR E 248 1.51 -10.24 46.59
N ASN E 249 1.13 -10.48 45.34
CA ASN E 249 1.98 -11.09 44.33
C ASN E 249 2.91 -10.05 43.68
N ASN E 250 4.21 -10.08 43.99
CA ASN E 250 5.21 -9.08 43.56
C ASN E 250 5.25 -8.80 42.06
N ALA E 251 4.96 -9.79 41.21
CA ALA E 251 5.01 -9.61 39.77
C ALA E 251 3.92 -8.67 39.23
N LYS E 252 2.91 -8.30 40.03
CA LYS E 252 1.88 -7.32 39.67
C LYS E 252 2.30 -5.90 40.05
N ASN E 253 2.03 -4.95 39.17
CA ASN E 253 2.18 -3.52 39.48
C ASN E 253 1.21 -3.08 40.56
N ILE E 254 1.53 -1.95 41.21
CA ILE E 254 0.58 -1.13 41.96
C ILE E 254 0.42 0.16 41.18
N LEU E 255 -0.80 0.51 40.79
CA LEU E 255 -1.09 1.83 40.23
C LEU E 255 -1.47 2.73 41.39
N VAL E 256 -0.81 3.89 41.50
CA VAL E 256 -1.12 4.93 42.48
C VAL E 256 -1.69 6.13 41.75
N GLN E 257 -2.85 6.63 42.18
CA GLN E 257 -3.49 7.84 41.67
C GLN E 257 -3.59 8.87 42.78
N PHE E 258 -3.10 10.10 42.57
CA PHE E 258 -3.03 11.09 43.65
C PHE E 258 -4.37 11.79 43.93
N ASN E 259 -4.50 12.35 45.14
CA ASN E 259 -5.64 13.17 45.54
C ASN E 259 -5.56 14.60 44.97
N THR E 260 -4.35 15.05 44.62
CA THR E 260 -4.01 16.36 44.05
C THR E 260 -2.82 16.21 43.11
N PRO E 261 -2.66 17.06 42.07
CA PRO E 261 -1.46 17.01 41.26
C PRO E 261 -0.24 17.42 42.08
N VAL E 262 0.95 17.09 41.59
CA VAL E 262 2.21 17.74 42.00
C VAL E 262 2.95 18.17 40.75
N GLN E 263 3.43 19.40 40.70
CA GLN E 263 3.63 20.08 39.42
C GLN E 263 5.10 20.09 39.03
N ILE E 264 5.42 19.55 37.86
CA ILE E 264 6.78 19.39 37.36
C ILE E 264 7.07 20.43 36.27
N ASN E 265 8.23 21.06 36.32
CA ASN E 265 8.79 21.91 35.26
C ASN E 265 9.94 21.14 34.60
N CYS E 266 10.04 21.08 33.28
CA CYS E 266 11.17 20.43 32.57
C CYS E 266 11.72 21.33 31.47
N THR E 267 13.02 21.32 31.22
CA THR E 267 13.66 22.26 30.29
C THR E 267 14.83 21.66 29.52
N ARG E 268 15.07 22.19 28.32
CA ARG E 268 16.22 21.91 27.45
C ARG E 268 16.89 23.25 27.14
N PRO E 269 17.92 23.65 27.91
CA PRO E 269 18.42 25.02 27.92
C PRO E 269 19.35 25.38 26.74
N ASN E 270 19.66 24.46 25.83
CA ASN E 270 20.43 24.76 24.62
C ASN E 270 19.62 25.60 23.62
N ASN E 271 20.20 26.66 23.07
CA ASN E 271 19.60 27.40 21.95
C ASN E 271 19.85 26.65 20.64
N ASN E 272 19.00 25.66 20.37
CA ASN E 272 19.21 24.65 19.32
C ASN E 272 18.95 25.17 17.90
N THR E 273 19.79 24.83 16.93
CA THR E 273 19.64 25.26 15.53
C THR E 273 19.44 24.07 14.58
N ARG E 274 18.31 24.00 13.88
CA ARG E 274 18.05 23.02 12.81
C ARG E 274 18.70 23.46 11.51
N LYS E 275 19.24 22.51 10.74
CA LYS E 275 19.73 22.69 9.38
C LYS E 275 19.10 21.65 8.45
N SER E 276 18.84 21.99 7.19
CA SER E 276 18.20 21.10 6.22
C SER E 276 19.21 20.55 5.23
N ILE E 277 19.19 19.25 4.98
CA ILE E 277 20.01 18.59 3.97
C ILE E 277 19.10 17.92 2.95
N ARG E 278 19.24 18.19 1.65
CA ARG E 278 18.58 17.37 0.63
C ARG E 278 19.28 16.03 0.47
N ILE E 279 18.55 14.97 0.77
CA ILE E 279 18.96 13.57 0.58
C ILE E 279 18.76 13.16 -0.88
N GLY E 280 17.75 13.71 -1.54
CA GLY E 280 17.34 13.29 -2.88
C GLY E 280 16.34 14.27 -3.51
N PRO E 281 15.78 13.95 -4.68
CA PRO E 281 14.87 14.82 -5.41
C PRO E 281 13.54 14.99 -4.68
N GLY E 282 13.48 15.99 -3.80
CA GLY E 282 12.32 16.30 -2.96
C GLY E 282 12.34 15.69 -1.56
N GLN E 283 13.41 14.99 -1.17
CA GLN E 283 13.57 14.39 0.15
C GLN E 283 14.62 15.17 0.94
N ALA E 284 14.29 15.57 2.16
CA ALA E 284 15.23 16.28 3.03
C ALA E 284 15.25 15.76 4.46
N PHE E 285 16.44 15.78 5.04
CA PHE E 285 16.78 15.34 6.39
C PHE E 285 17.14 16.55 7.24
N TYR E 286 16.58 16.65 8.44
CA TYR E 286 16.80 17.78 9.33
C TYR E 286 17.94 17.51 10.30
N ALA E 287 19.13 17.92 9.93
CA ALA E 287 20.34 17.80 10.73
C ALA E 287 20.30 18.73 11.95
N THR E 288 20.87 18.29 13.08
CA THR E 288 21.25 19.22 14.15
C THR E 288 22.40 20.08 13.61
N GLY E 289 22.17 21.37 13.43
CA GLY E 289 23.12 22.25 12.75
C GLY E 289 24.17 22.84 13.67
N ASP E 290 23.72 23.52 14.72
CA ASP E 290 24.61 24.16 15.70
C ASP E 290 23.91 24.45 17.03
N ILE E 291 24.68 24.56 18.11
CA ILE E 291 24.20 25.05 19.41
C ILE E 291 24.90 26.38 19.69
N ILE E 292 24.12 27.46 19.73
CA ILE E 292 24.66 28.80 20.06
C ILE E 292 24.59 29.07 21.56
N GLY E 293 25.45 29.96 22.06
CA GLY E 293 25.64 30.16 23.50
C GLY E 293 26.31 28.95 24.15
N ASP E 294 26.15 28.80 25.46
CA ASP E 294 26.67 27.64 26.19
C ASP E 294 25.78 26.41 26.05
N ILE E 295 26.44 25.26 25.91
CA ILE E 295 25.82 23.94 26.01
C ILE E 295 25.54 23.65 27.49
N ARG E 296 24.30 23.29 27.84
CA ARG E 296 23.89 23.03 29.23
C ARG E 296 22.86 21.89 29.32
N GLN E 297 22.84 21.18 30.43
CA GLN E 297 22.08 19.93 30.59
C GLN E 297 20.56 20.12 30.60
N ALA E 298 19.80 19.26 29.91
CA ALA E 298 18.36 19.19 30.07
C ALA E 298 17.98 18.56 31.42
N HIS E 299 16.97 19.10 32.12
CA HIS E 299 16.64 18.70 33.48
C HIS E 299 15.21 19.05 33.87
N CYS E 300 14.73 18.48 34.97
CA CYS E 300 13.39 18.71 35.50
C CYS E 300 13.41 19.07 36.99
N ASN E 301 12.43 19.85 37.43
CA ASN E 301 12.27 20.32 38.80
C ASN E 301 10.91 19.92 39.34
N VAL E 302 10.84 19.62 40.64
CA VAL E 302 9.58 19.50 41.38
C VAL E 302 9.78 19.97 42.82
N SER E 303 8.75 20.53 43.46
CA SER E 303 8.87 21.11 44.79
C SER E 303 9.17 20.05 45.85
N LYS E 304 10.26 20.20 46.62
CA LYS E 304 10.62 19.22 47.63
C LYS E 304 9.56 19.13 48.72
N ALA E 305 8.95 20.25 49.08
CA ALA E 305 7.92 20.29 50.12
C ALA E 305 6.67 19.49 49.74
N THR E 306 6.04 19.78 48.59
CA THR E 306 4.79 19.09 48.21
C THR E 306 5.04 17.67 47.75
N TRP E 307 6.20 17.36 47.19
CA TRP E 307 6.56 15.98 46.91
C TRP E 307 6.69 15.15 48.19
N ASN E 308 7.44 15.64 49.17
CA ASN E 308 7.58 14.97 50.46
C ASN E 308 6.21 14.79 51.14
N GLU E 309 5.36 15.80 51.12
CA GLU E 309 3.98 15.67 51.62
C GLU E 309 3.19 14.59 50.87
N THR E 310 3.30 14.55 49.54
CA THR E 310 2.54 13.59 48.72
C THR E 310 2.96 12.16 49.02
N LEU E 311 4.25 11.86 49.13
CA LEU E 311 4.68 10.55 49.62
C LEU E 311 4.15 10.28 51.02
N GLY E 312 4.14 11.27 51.90
CA GLY E 312 3.54 11.15 53.22
C GLY E 312 2.09 10.66 53.20
N LYS E 313 1.32 11.02 52.15
CA LYS E 313 -0.04 10.50 51.94
C LYS E 313 -0.05 9.10 51.34
N VAL E 314 0.75 8.77 50.33
CA VAL E 314 0.73 7.40 49.78
C VAL E 314 1.19 6.37 50.80
N VAL E 315 2.16 6.70 51.66
CA VAL E 315 2.58 5.80 52.74
C VAL E 315 1.44 5.46 53.67
N LYS E 316 0.62 6.45 54.06
CA LYS E 316 -0.52 6.19 54.95
C LYS E 316 -1.53 5.24 54.31
N GLN E 317 -1.70 5.26 52.99
CA GLN E 317 -2.50 4.23 52.33
C GLN E 317 -1.82 2.87 52.37
N LEU E 318 -0.56 2.76 52.00
CA LEU E 318 0.12 1.45 51.98
C LEU E 318 0.15 0.79 53.36
N ARG E 319 0.18 1.56 54.45
CA ARG E 319 0.07 0.99 55.80
C ARG E 319 -1.22 0.21 56.01
N LYS E 320 -2.34 0.57 55.36
CA LYS E 320 -3.59 -0.18 55.48
C LYS E 320 -3.44 -1.64 55.00
N HIS E 321 -2.63 -1.87 53.98
CA HIS E 321 -2.37 -3.22 53.46
C HIS E 321 -1.20 -3.91 54.14
N PHE E 322 -0.24 -3.17 54.71
CA PHE E 322 1.00 -3.71 55.27
C PHE E 322 1.17 -3.43 56.76
N GLY E 323 0.40 -4.13 57.60
CA GLY E 323 0.52 -4.08 59.07
C GLY E 323 0.26 -2.71 59.68
N ASN E 324 1.17 -2.22 60.53
CA ASN E 324 1.15 -0.85 61.05
C ASN E 324 2.54 -0.23 60.96
N ASN E 325 3.42 -0.50 61.93
CA ASN E 325 4.82 -0.08 61.85
C ASN E 325 5.69 -1.05 61.04
N THR E 326 5.27 -1.36 59.82
CA THR E 326 6.18 -1.85 58.79
C THR E 326 7.00 -0.68 58.26
N ILE E 327 8.31 -0.86 58.06
CA ILE E 327 9.21 0.22 57.71
C ILE E 327 9.15 0.48 56.19
N ILE E 328 8.06 1.06 55.71
CA ILE E 328 7.87 1.34 54.28
C ILE E 328 8.95 2.28 53.76
N ARG E 329 9.62 1.94 52.66
CA ARG E 329 10.72 2.73 52.11
C ARG E 329 10.80 2.66 50.59
N PHE E 330 11.38 3.67 49.98
CA PHE E 330 11.49 3.80 48.54
C PHE E 330 12.95 3.71 48.09
N ALA E 331 13.17 3.22 46.88
CA ALA E 331 14.48 3.11 46.26
C ALA E 331 14.35 3.38 44.75
N ASN E 332 15.46 3.64 44.08
CA ASN E 332 15.46 3.90 42.64
C ASN E 332 15.30 2.64 41.80
N SER E 333 15.04 2.80 40.51
CA SER E 333 14.71 1.69 39.59
C SER E 333 15.92 0.82 39.24
N SER E 334 16.31 -0.07 40.14
CA SER E 334 17.56 -0.83 40.05
C SER E 334 17.70 -1.64 38.77
N GLY E 335 18.77 -1.36 38.03
CA GLY E 335 19.32 -2.22 36.98
C GLY E 335 18.54 -2.29 35.67
N GLY E 336 19.10 -3.03 34.72
CA GLY E 336 18.61 -3.12 33.34
C GLY E 336 19.16 -2.01 32.43
N ASP E 337 18.45 -1.73 31.34
CA ASP E 337 18.80 -0.71 30.35
C ASP E 337 18.21 0.69 30.66
N LEU E 338 18.46 1.67 29.79
CA LEU E 338 18.03 3.05 30.01
C LEU E 338 16.51 3.22 30.14
N GLU E 339 15.69 2.44 29.43
CA GLU E 339 14.25 2.66 29.36
C GLU E 339 13.50 2.16 30.60
N VAL E 340 14.05 1.19 31.33
CA VAL E 340 13.51 0.81 32.66
C VAL E 340 14.12 1.65 33.77
N THR E 341 15.41 1.98 33.69
CA THR E 341 16.07 2.76 34.73
C THR E 341 15.62 4.22 34.81
N THR E 342 14.93 4.77 33.82
CA THR E 342 14.55 6.20 33.80
C THR E 342 13.07 6.48 33.57
N HIS E 343 12.61 7.60 34.12
CA HIS E 343 11.38 8.26 33.71
C HIS E 343 11.56 8.80 32.30
N SER E 344 10.58 8.61 31.42
CA SER E 344 10.70 8.98 30.01
C SER E 344 9.39 9.51 29.47
N PHE E 345 9.46 10.47 28.55
CA PHE E 345 8.32 11.18 27.97
C PHE E 345 8.74 11.98 26.75
N ASN E 346 7.79 12.48 25.96
CA ASN E 346 8.06 13.52 24.97
C ASN E 346 7.60 14.88 25.52
N CYS E 347 8.46 15.88 25.42
CA CYS E 347 8.12 17.27 25.70
C CYS E 347 8.30 18.10 24.42
N GLY E 348 7.22 18.76 23.96
CA GLY E 348 7.28 19.74 22.87
C GLY E 348 7.72 19.22 21.49
N GLY E 349 7.88 17.90 21.32
CA GLY E 349 8.50 17.30 20.14
C GLY E 349 9.98 16.91 20.35
N GLU E 350 10.41 16.60 21.58
CA GLU E 350 11.76 16.14 21.93
C GLU E 350 11.68 15.11 23.07
N PHE E 351 12.34 13.96 22.94
CA PHE E 351 12.24 12.85 23.88
C PHE E 351 13.24 12.88 25.04
N PHE E 352 12.77 12.63 26.27
CA PHE E 352 13.53 12.76 27.51
C PHE E 352 13.68 11.42 28.23
N TYR E 353 14.76 11.29 28.99
CA TYR E 353 15.09 10.15 29.85
C TYR E 353 15.76 10.68 31.11
N CYS E 354 15.16 10.52 32.29
CA CYS E 354 15.60 11.17 33.53
C CYS E 354 15.74 10.18 34.70
N ASN E 355 16.79 10.28 35.52
CA ASN E 355 17.03 9.30 36.59
C ASN E 355 16.45 9.75 37.93
N THR E 356 15.24 9.29 38.21
CA THR E 356 14.35 9.70 39.31
C THR E 356 14.81 9.36 40.73
N SER E 357 16.04 8.93 40.96
CA SER E 357 16.52 8.64 42.32
C SER E 357 16.52 9.84 43.26
N GLY E 358 16.42 11.07 42.74
CA GLY E 358 16.17 12.26 43.58
C GLY E 358 14.81 12.23 44.29
N LEU E 359 13.82 11.57 43.70
CA LEU E 359 12.46 11.44 44.23
C LEU E 359 12.30 10.22 45.13
N PHE E 360 12.71 9.05 44.65
CA PHE E 360 12.47 7.76 45.31
C PHE E 360 13.66 7.34 46.18
N ASN E 361 13.94 8.09 47.23
CA ASN E 361 15.05 7.80 48.14
C ASN E 361 14.69 8.25 49.56
N SER E 362 13.89 7.46 50.27
CA SER E 362 13.32 7.81 51.58
C SER E 362 12.89 6.58 52.36
N THR E 363 12.73 6.71 53.68
CA THR E 363 12.27 5.63 54.56
C THR E 363 11.33 6.18 55.64
N TRP E 364 10.30 5.44 56.02
CA TRP E 364 9.19 5.93 56.85
C TRP E 364 8.87 5.00 58.02
N ILE E 365 8.63 5.59 59.19
CA ILE E 365 8.32 4.87 60.44
C ILE E 365 7.02 5.44 61.01
N SER E 366 6.17 4.60 61.61
CA SER E 366 4.76 4.91 61.96
C SER E 366 4.59 5.78 63.22
N ASN E 367 5.27 6.91 63.29
CA ASN E 367 5.16 7.88 64.39
C ASN E 367 3.82 8.61 64.37
N ASN E 379 9.47 24.61 49.67
CA ASN E 379 10.18 25.87 49.84
C ASN E 379 11.32 26.04 48.81
N ASP E 380 11.84 24.93 48.32
CA ASP E 380 12.84 24.82 47.24
C ASP E 380 12.66 23.49 46.47
N SER E 381 13.26 23.39 45.28
CA SER E 381 12.98 22.31 44.34
C SER E 381 14.06 21.23 44.34
N ILE E 382 13.63 19.96 44.30
CA ILE E 382 14.45 18.87 43.77
C ILE E 382 14.72 19.17 42.30
N THR E 383 15.94 18.96 41.82
CA THR E 383 16.25 18.99 40.38
C THR E 383 16.84 17.66 39.96
N LEU E 384 16.22 16.96 39.03
CA LEU E 384 16.66 15.66 38.54
C LEU E 384 17.14 15.76 37.08
N PRO E 385 18.34 15.28 36.75
CA PRO E 385 18.93 15.46 35.43
C PRO E 385 18.32 14.53 34.39
N CYS E 386 18.45 14.90 33.12
CA CYS E 386 17.89 14.17 32.00
C CYS E 386 18.90 14.02 30.85
N ARG E 387 18.58 13.13 29.93
CA ARG E 387 19.33 12.80 28.70
C ARG E 387 18.33 12.72 27.55
N ILE E 388 18.79 12.92 26.33
CA ILE E 388 17.95 13.01 25.13
C ILE E 388 18.45 12.01 24.08
N LYS E 389 17.55 11.50 23.23
CA LYS E 389 17.87 10.66 22.07
C LYS E 389 17.16 11.19 20.84
N GLN E 390 17.77 11.12 19.66
CA GLN E 390 17.09 11.50 18.42
C GLN E 390 16.39 10.31 17.77
N ILE E 391 17.05 9.16 17.68
CA ILE E 391 16.35 7.92 17.32
C ILE E 391 15.60 7.39 18.54
N ILE E 392 14.38 6.90 18.35
CA ILE E 392 13.58 6.25 19.39
C ILE E 392 12.93 4.99 18.82
N ASN E 393 12.48 4.09 19.70
CA ASN E 393 11.93 2.81 19.30
C ASN E 393 10.77 2.41 20.23
N MET E 394 9.55 2.78 19.87
CA MET E 394 8.41 2.69 20.79
C MET E 394 7.83 1.26 20.92
N TRP E 395 7.34 0.90 22.11
CA TRP E 395 6.82 -0.43 22.47
C TRP E 395 7.75 -1.61 22.18
N GLN E 396 9.08 -1.36 22.21
CA GLN E 396 10.13 -2.35 21.96
C GLN E 396 10.00 -3.16 20.66
N ARG E 397 9.27 -2.65 19.67
CA ARG E 397 9.07 -3.30 18.36
C ARG E 397 10.37 -3.24 17.57
N ILE E 398 11.06 -4.36 17.40
CA ILE E 398 12.48 -4.39 17.02
C ILE E 398 12.80 -3.65 15.70
N GLY E 399 11.96 -3.78 14.68
CA GLY E 399 12.16 -3.12 13.39
C GLY E 399 11.74 -1.65 13.33
N GLN E 400 10.85 -1.19 14.21
CA GLN E 400 10.28 0.16 14.17
C GLN E 400 11.13 1.17 14.95
N CYS E 401 12.36 1.38 14.49
CA CYS E 401 13.06 2.62 14.74
C CYS E 401 12.30 3.79 14.10
N MET E 402 12.29 4.97 14.73
CA MET E 402 12.02 6.23 14.03
C MET E 402 12.93 7.34 14.55
N TYR E 403 13.18 8.35 13.72
CA TYR E 403 14.08 9.45 14.02
C TYR E 403 13.25 10.72 14.23
N ALA E 404 13.36 11.34 15.41
CA ALA E 404 12.67 12.58 15.73
C ALA E 404 13.56 13.77 15.38
N PRO E 405 13.13 14.70 14.51
CA PRO E 405 13.98 15.79 14.06
C PRO E 405 14.28 16.80 15.18
N PRO E 406 15.42 17.51 15.13
CA PRO E 406 15.73 18.58 16.07
C PRO E 406 14.70 19.70 15.96
N ILE E 407 14.30 20.28 17.10
CA ILE E 407 13.35 21.39 17.17
C ILE E 407 14.05 22.68 17.63
N GLN E 408 13.67 23.82 17.05
CA GLN E 408 14.43 25.05 17.16
C GLN E 408 14.37 25.70 18.55
N GLY E 409 15.51 26.18 19.05
CA GLY E 409 15.62 27.03 20.24
C GLY E 409 15.44 26.31 21.58
N VAL E 410 15.51 27.07 22.67
CA VAL E 410 15.25 26.58 24.03
C VAL E 410 13.79 26.18 24.15
N ILE E 411 13.50 25.06 24.80
CA ILE E 411 12.14 24.54 24.99
C ILE E 411 11.94 23.97 26.38
N ARG E 412 10.71 24.01 26.86
CA ARG E 412 10.33 23.57 28.21
C ARG E 412 8.87 23.17 28.29
N CYS E 413 8.53 22.36 29.28
CA CYS E 413 7.19 21.83 29.53
C CYS E 413 6.82 21.97 31.00
N VAL E 414 5.53 22.12 31.26
CA VAL E 414 4.91 22.10 32.59
C VAL E 414 3.86 21.00 32.60
N SER E 415 3.84 20.14 33.61
CA SER E 415 2.85 19.05 33.69
C SER E 415 2.35 18.82 35.11
N ASN E 416 1.15 18.30 35.22
CA ASN E 416 0.64 17.76 36.48
C ASN E 416 1.12 16.30 36.59
N ILE E 417 1.98 15.92 37.54
CA ILE E 417 2.17 14.49 37.82
C ILE E 417 0.90 14.00 38.52
N THR E 418 0.19 13.11 37.87
CA THR E 418 -1.14 12.63 38.26
C THR E 418 -1.05 11.47 39.24
N GLY E 419 -0.04 10.62 39.06
CA GLY E 419 0.09 9.36 39.77
C GLY E 419 1.34 8.61 39.31
N LEU E 420 1.61 7.46 39.90
CA LEU E 420 2.86 6.75 39.67
C LEU E 420 2.69 5.25 39.77
N ILE E 421 3.65 4.50 39.26
CA ILE E 421 3.61 3.05 39.22
C ILE E 421 4.67 2.52 40.18
N LEU E 422 4.27 1.68 41.13
CA LEU E 422 5.20 1.06 42.06
C LEU E 422 5.28 -0.44 41.82
N THR E 423 6.42 -1.03 42.12
CA THR E 423 6.63 -2.48 42.18
C THR E 423 7.26 -2.82 43.54
N ARG E 424 6.92 -3.96 44.13
CA ARG E 424 7.36 -4.38 45.47
C ARG E 424 8.44 -5.45 45.42
N ASP E 425 9.11 -5.71 46.54
CA ASP E 425 10.08 -6.78 46.73
C ASP E 425 9.76 -7.62 47.97
N GLY E 426 10.22 -8.87 48.04
CA GLY E 426 10.07 -9.68 49.26
C GLY E 426 10.81 -9.10 50.47
N GLY E 427 10.66 -9.71 51.66
CA GLY E 427 11.23 -9.24 52.93
C GLY E 427 12.71 -8.83 52.84
N SER E 428 13.00 -7.53 52.94
CA SER E 428 14.27 -6.98 52.42
C SER E 428 15.50 -7.40 53.21
N THR E 429 15.35 -7.59 54.53
CA THR E 429 16.23 -8.40 55.39
C THR E 429 15.35 -9.02 56.48
N ASN E 430 14.75 -8.20 57.36
CA ASN E 430 13.64 -8.52 58.25
C ASN E 430 12.87 -7.23 58.63
N SER E 431 11.70 -7.37 59.27
CA SER E 431 10.69 -6.32 59.50
C SER E 431 10.03 -5.80 58.23
N THR E 432 10.73 -5.06 57.38
CA THR E 432 10.13 -4.56 56.13
C THR E 432 9.99 -5.65 55.07
N THR E 433 8.81 -5.64 54.42
CA THR E 433 8.46 -6.34 53.19
C THR E 433 8.08 -5.34 52.09
N GLU E 434 8.64 -4.12 52.16
CA GLU E 434 8.13 -2.96 51.44
C GLU E 434 9.21 -2.02 50.90
N THR E 435 10.36 -2.51 50.46
CA THR E 435 11.14 -1.72 49.50
C THR E 435 10.33 -1.56 48.21
N PHE E 436 9.75 -0.39 47.98
CA PHE E 436 9.07 -0.07 46.73
C PHE E 436 10.01 0.60 45.75
N ARG E 437 9.84 0.32 44.46
CA ARG E 437 10.66 0.86 43.37
C ARG E 437 9.76 1.35 42.25
N PRO E 438 10.09 2.41 41.51
CA PRO E 438 9.28 2.86 40.38
C PRO E 438 9.30 1.80 39.29
N GLY E 439 8.13 1.32 38.92
CA GLY E 439 7.95 0.15 38.09
C GLY E 439 7.91 0.45 36.60
N GLY E 440 7.10 -0.31 35.86
CA GLY E 440 6.88 -0.15 34.43
C GLY E 440 6.21 -1.38 33.82
N GLY E 441 6.46 -1.60 32.53
CA GLY E 441 5.97 -2.74 31.77
C GLY E 441 5.65 -2.33 30.34
N ASP E 442 4.68 -3.00 29.74
CA ASP E 442 3.97 -2.50 28.57
C ASP E 442 3.23 -1.20 28.92
N MET E 443 3.14 -0.26 27.96
CA MET E 443 2.51 1.05 28.19
C MET E 443 1.02 0.91 28.52
N ARG E 444 0.43 -0.26 28.27
CA ARG E 444 -0.99 -0.61 28.41
C ARG E 444 -1.61 -0.14 29.72
N ASP E 445 -0.91 -0.19 30.84
CA ASP E 445 -1.52 0.23 32.10
C ASP E 445 -1.60 1.76 32.29
N ASN E 446 -0.94 2.58 31.46
CA ASN E 446 -1.30 4.00 31.37
C ASN E 446 -2.76 4.15 30.92
N TRP E 447 -3.26 3.29 30.02
CA TRP E 447 -4.67 3.31 29.64
C TRP E 447 -5.53 2.81 30.78
N ARG E 448 -5.12 1.76 31.47
CA ARG E 448 -5.84 1.24 32.64
C ARG E 448 -5.96 2.27 33.77
N SER E 449 -5.06 3.23 33.87
CA SER E 449 -5.23 4.38 34.76
C SER E 449 -6.45 5.23 34.40
N GLU E 450 -6.69 5.52 33.12
CA GLU E 450 -7.79 6.40 32.71
C GLU E 450 -9.11 5.65 32.56
N LEU E 451 -9.05 4.41 32.07
CA LEU E 451 -10.19 3.50 31.88
C LEU E 451 -10.50 2.69 33.15
N TYR E 452 -10.13 3.18 34.34
CA TYR E 452 -10.27 2.44 35.60
C TYR E 452 -11.72 2.19 36.02
N LYS E 453 -12.67 2.97 35.51
CA LYS E 453 -14.09 2.98 35.93
C LYS E 453 -15.13 2.71 34.86
N TYR E 454 -14.76 2.53 33.60
CA TYR E 454 -15.71 2.17 32.54
C TYR E 454 -15.84 0.66 32.35
N LYS E 455 -16.96 0.23 31.78
CA LYS E 455 -17.31 -1.14 31.41
C LYS E 455 -18.22 -1.09 30.18
N VAL E 456 -18.32 -2.14 29.38
CA VAL E 456 -19.21 -2.19 28.21
C VAL E 456 -20.15 -3.38 28.26
N VAL E 457 -21.42 -3.19 27.88
CA VAL E 457 -22.46 -4.22 27.95
C VAL E 457 -23.31 -4.23 26.69
N LYS E 458 -23.82 -5.41 26.33
CA LYS E 458 -24.71 -5.66 25.20
C LYS E 458 -26.14 -5.69 25.70
N ILE E 459 -27.05 -4.93 25.11
CA ILE E 459 -28.47 -4.94 25.45
C ILE E 459 -29.11 -6.24 24.97
N GLU E 460 -29.99 -6.85 25.77
CA GLU E 460 -30.80 -8.01 25.38
C GLU E 460 -32.30 -7.65 25.49
N PRO E 461 -32.88 -7.05 24.45
CA PRO E 461 -34.13 -6.33 24.58
C PRO E 461 -35.35 -7.26 24.70
N LEU E 462 -35.27 -8.51 24.23
CA LEU E 462 -36.36 -9.49 24.35
C LEU E 462 -36.50 -9.98 25.79
N GLY E 463 -37.73 -10.14 26.24
CA GLY E 463 -38.03 -10.79 27.52
C GLY E 463 -39.31 -11.58 27.43
N VAL E 464 -39.44 -12.62 28.24
CA VAL E 464 -40.65 -13.43 28.35
C VAL E 464 -41.01 -13.62 29.80
N ALA E 465 -42.26 -13.35 30.19
CA ALA E 465 -42.67 -13.37 31.58
C ALA E 465 -44.17 -13.67 31.70
N PRO E 466 -44.62 -14.28 32.80
CA PRO E 466 -45.98 -14.77 32.88
C PRO E 466 -46.94 -13.75 33.47
N THR E 467 -48.16 -13.73 32.94
CA THR E 467 -49.28 -12.95 33.46
C THR E 467 -50.58 -13.62 33.04
N ARG E 468 -51.73 -13.19 33.55
CA ARG E 468 -53.03 -13.83 33.30
C ARG E 468 -53.78 -13.28 32.08
N CYS E 469 -53.17 -13.26 30.90
CA CYS E 469 -53.83 -12.85 29.64
C CYS E 469 -53.56 -13.80 28.47
N LYS E 470 -54.55 -14.01 27.59
CA LYS E 470 -54.56 -15.03 26.53
C LYS E 470 -55.09 -14.45 25.22
N ARG E 471 -54.56 -14.83 24.06
CA ARG E 471 -55.08 -14.43 22.74
C ARG E 471 -56.16 -15.39 22.22
N ARG E 472 -56.99 -14.97 21.27
CA ARG E 472 -58.11 -15.78 20.74
C ARG E 472 -58.12 -15.87 19.22
N VAL E 473 -58.64 -16.97 18.70
CA VAL E 473 -58.59 -17.36 17.28
C VAL E 473 -59.99 -17.40 16.66
N ALA F 1 -32.16 12.10 40.95
CA ALA F 1 -31.61 10.97 40.16
C ALA F 1 -32.20 9.62 40.60
N VAL F 2 -31.77 9.07 41.75
CA VAL F 2 -32.11 7.70 42.15
C VAL F 2 -33.58 7.52 42.58
N GLY F 3 -34.37 6.80 41.80
CA GLY F 3 -35.63 6.21 42.26
C GLY F 3 -36.58 5.69 41.18
N ILE F 4 -37.64 5.02 41.61
CA ILE F 4 -38.71 4.51 40.73
C ILE F 4 -39.43 5.65 39.98
N GLY F 5 -39.77 5.44 38.71
CA GLY F 5 -40.54 6.38 37.86
C GLY F 5 -39.79 7.62 37.36
N ALA F 6 -38.71 8.02 38.03
CA ALA F 6 -38.02 9.30 37.78
C ALA F 6 -37.26 9.34 36.44
N VAL F 7 -36.23 8.50 36.30
CA VAL F 7 -35.28 8.52 35.16
C VAL F 7 -35.79 7.77 33.91
N PHE F 8 -37.04 7.33 33.88
CA PHE F 8 -37.56 6.51 32.77
C PHE F 8 -37.49 7.23 31.41
N LEU F 9 -37.46 8.58 31.39
CA LEU F 9 -37.29 9.36 30.17
C LEU F 9 -35.88 9.29 29.54
N GLY F 10 -34.95 8.54 30.14
CA GLY F 10 -33.63 8.24 29.57
C GLY F 10 -33.43 6.75 29.30
N PHE F 11 -32.54 6.44 28.35
CA PHE F 11 -32.15 5.09 27.99
C PHE F 11 -31.75 4.25 29.20
N LEU F 12 -32.27 3.04 29.37
CA LEU F 12 -32.01 2.16 30.52
C LEU F 12 -32.36 2.70 31.91
N GLY F 13 -32.81 3.95 32.06
CA GLY F 13 -32.95 4.56 33.39
C GLY F 13 -33.84 3.76 34.34
N ALA F 14 -34.80 3.01 33.81
CA ALA F 14 -35.65 2.15 34.59
C ALA F 14 -34.97 0.91 35.22
N ALA F 15 -33.72 0.57 34.90
CA ALA F 15 -33.22 -0.80 35.10
C ALA F 15 -33.27 -1.33 36.54
N GLY F 16 -33.23 -0.47 37.56
CA GLY F 16 -33.42 -0.88 38.96
C GLY F 16 -34.86 -0.85 39.47
N SER F 17 -35.80 -0.29 38.72
CA SER F 17 -37.21 -0.31 39.08
C SER F 17 -37.81 -1.70 38.92
N THR F 18 -38.92 -1.99 39.60
CA THR F 18 -39.53 -3.31 39.54
C THR F 18 -40.30 -3.54 38.24
N MET F 19 -40.47 -4.81 37.82
CA MET F 19 -40.89 -5.19 36.47
C MET F 19 -42.19 -4.54 36.01
N GLY F 20 -43.16 -4.40 36.90
CA GLY F 20 -44.42 -3.73 36.60
C GLY F 20 -44.21 -2.30 36.12
N ALA F 21 -43.54 -1.46 36.91
CA ALA F 21 -43.31 -0.08 36.54
C ALA F 21 -42.37 0.07 35.34
N ALA F 22 -41.36 -0.79 35.21
CA ALA F 22 -40.47 -0.74 34.04
C ALA F 22 -41.21 -1.03 32.72
N SER F 23 -42.32 -1.76 32.75
CA SER F 23 -43.09 -2.12 31.55
C SER F 23 -43.65 -0.94 30.76
N MET F 24 -43.70 0.28 31.32
CA MET F 24 -44.10 1.47 30.59
C MET F 24 -43.01 2.02 29.65
N THR F 25 -41.72 1.77 29.93
CA THR F 25 -40.61 2.44 29.25
C THR F 25 -40.07 1.70 28.03
N LEU F 26 -40.73 0.64 27.57
CA LEU F 26 -40.17 -0.32 26.61
C LEU F 26 -39.84 0.32 25.26
N THR F 27 -40.63 1.29 24.83
CA THR F 27 -40.37 2.03 23.59
C THR F 27 -38.99 2.71 23.58
N VAL F 28 -38.49 3.18 24.73
CA VAL F 28 -37.23 3.93 24.80
C VAL F 28 -36.01 3.06 24.46
N GLN F 29 -35.89 1.88 25.06
CA GLN F 29 -34.84 0.94 24.64
C GLN F 29 -35.05 0.52 23.19
N ALA F 30 -36.29 0.21 22.77
CA ALA F 30 -36.55 -0.24 21.41
C ALA F 30 -36.06 0.79 20.37
N ARG F 31 -36.36 2.07 20.55
CA ARG F 31 -35.88 3.13 19.66
C ARG F 31 -34.36 3.28 19.67
N ASN F 32 -33.75 3.31 20.85
CA ASN F 32 -32.31 3.58 20.97
C ASN F 32 -31.45 2.38 20.55
N LEU F 33 -32.03 1.19 20.45
CA LEU F 33 -31.37 -0.04 19.99
C LEU F 33 -30.90 0.02 18.52
N LEU F 34 -31.52 0.85 17.70
CA LEU F 34 -31.15 1.02 16.29
C LEU F 34 -30.76 2.46 15.97
N SER F 35 -31.62 3.43 16.29
CA SER F 35 -31.41 4.84 15.89
C SER F 35 -30.22 5.53 16.54
N GLY F 36 -29.56 4.93 17.54
CA GLY F 36 -28.24 5.37 18.03
C GLY F 36 -27.18 5.44 16.92
N ILE F 37 -27.42 4.78 15.78
CA ILE F 37 -26.63 4.90 14.55
C ILE F 37 -26.54 6.35 14.00
N VAL F 38 -27.38 7.29 14.48
CA VAL F 38 -27.21 8.73 14.20
C VAL F 38 -25.81 9.24 14.60
N GLN F 39 -25.25 8.72 15.70
CA GLN F 39 -23.90 9.02 16.18
C GLN F 39 -22.79 8.39 15.32
N GLN F 40 -23.15 7.67 14.27
CA GLN F 40 -22.25 7.08 13.26
C GLN F 40 -22.42 7.81 11.92
N GLN F 41 -23.65 7.82 11.38
CA GLN F 41 -23.89 8.35 10.03
C GLN F 41 -23.77 9.88 9.93
N SER F 42 -23.83 10.60 11.06
CA SER F 42 -23.61 12.05 11.11
C SER F 42 -22.14 12.44 10.97
N ASN F 43 -21.20 11.54 11.25
CA ASN F 43 -19.80 11.90 11.50
C ASN F 43 -18.74 11.00 10.82
N LEU F 44 -19.12 9.83 10.29
CA LEU F 44 -18.22 9.01 9.46
C LEU F 44 -17.86 9.78 8.18
N LEU F 45 -16.55 10.01 7.96
CA LEU F 45 -16.04 10.89 6.90
C LEU F 45 -14.69 10.41 6.33
N ARG F 46 -14.39 10.70 5.05
CA ARG F 46 -13.20 10.03 4.44
C ARG F 46 -12.07 10.93 3.94
N ALA F 47 -11.60 10.72 2.71
CA ALA F 47 -10.40 11.43 2.17
C ALA F 47 -10.67 12.91 1.91
N ILE F 48 -9.63 13.74 1.88
CA ILE F 48 -9.75 15.21 1.69
C ILE F 48 -10.29 15.82 2.98
N GLU F 49 -11.44 15.33 3.45
CA GLU F 49 -12.05 15.85 4.69
C GLU F 49 -11.25 15.35 5.90
N ALA F 50 -10.71 16.26 6.72
CA ALA F 50 -9.89 15.93 7.90
C ALA F 50 -8.56 15.17 7.65
N GLN F 51 -8.45 14.42 6.55
CA GLN F 51 -7.37 13.50 6.21
C GLN F 51 -6.89 13.74 4.78
N GLN F 52 -5.59 13.61 4.50
CA GLN F 52 -5.06 13.49 3.14
C GLN F 52 -3.92 12.47 3.07
N HIS F 53 -4.00 11.51 2.14
CA HIS F 53 -3.26 10.24 2.18
C HIS F 53 -3.39 9.57 3.57
N LEU F 54 -2.31 9.02 4.14
CA LEU F 54 -2.31 8.11 5.29
C LEU F 54 -3.35 6.98 5.08
N LEU F 55 -3.44 6.43 3.86
CA LEU F 55 -4.70 5.86 3.34
C LEU F 55 -5.31 4.74 4.20
N LYS F 56 -4.50 3.97 4.94
CA LYS F 56 -5.01 2.99 5.91
C LYS F 56 -5.88 3.59 7.01
N LEU F 57 -5.79 4.89 7.30
CA LEU F 57 -6.68 5.61 8.21
C LEU F 57 -8.01 6.06 7.59
N THR F 58 -8.18 6.03 6.26
CA THR F 58 -9.53 6.06 5.67
C THR F 58 -10.14 4.65 5.75
N VAL F 59 -9.36 3.62 5.38
CA VAL F 59 -9.76 2.20 5.41
C VAL F 59 -9.84 1.62 6.83
N TRP F 60 -9.37 2.36 7.85
CA TRP F 60 -9.67 2.16 9.27
C TRP F 60 -11.17 2.29 9.58
N GLY F 61 -11.91 3.09 8.78
CA GLY F 61 -13.36 3.24 8.88
C GLY F 61 -14.15 1.94 8.70
N ILE F 62 -13.52 0.86 8.23
CA ILE F 62 -14.11 -0.48 8.28
C ILE F 62 -14.54 -0.85 9.71
N LYS F 63 -13.83 -0.47 10.78
CA LYS F 63 -14.33 -0.72 12.15
C LYS F 63 -15.71 -0.11 12.39
N GLN F 64 -15.89 1.15 12.01
CA GLN F 64 -17.16 1.84 12.17
C GLN F 64 -18.26 1.26 11.27
N LEU F 65 -17.94 0.94 10.01
CA LEU F 65 -18.92 0.34 9.10
C LEU F 65 -19.32 -1.08 9.54
N GLN F 66 -18.37 -1.88 10.01
CA GLN F 66 -18.61 -3.22 10.53
C GLN F 66 -19.51 -3.20 11.76
N ALA F 67 -19.35 -2.23 12.65
CA ALA F 67 -20.27 -2.05 13.77
C ALA F 67 -21.70 -1.74 13.29
N ARG F 68 -21.86 -0.90 12.26
CA ARG F 68 -23.18 -0.60 11.70
C ARG F 68 -23.86 -1.83 11.13
N VAL F 69 -23.17 -2.66 10.36
CA VAL F 69 -23.83 -3.86 9.79
C VAL F 69 -24.19 -4.85 10.89
N LEU F 70 -23.36 -5.01 11.92
CA LEU F 70 -23.74 -5.84 13.07
C LEU F 70 -24.98 -5.29 13.78
N ALA F 71 -25.06 -3.99 13.98
CA ALA F 71 -26.20 -3.37 14.66
C ALA F 71 -27.52 -3.59 13.91
N VAL F 72 -27.60 -3.26 12.62
CA VAL F 72 -28.85 -3.45 11.86
C VAL F 72 -29.23 -4.91 11.78
N GLU F 73 -28.25 -5.80 11.66
CA GLU F 73 -28.49 -7.21 11.45
C GLU F 73 -28.92 -7.91 12.76
N ARG F 74 -28.29 -7.60 13.88
CA ARG F 74 -28.71 -8.11 15.19
C ARG F 74 -30.10 -7.60 15.58
N TYR F 75 -30.43 -6.36 15.25
CA TYR F 75 -31.79 -5.86 15.40
C TYR F 75 -32.77 -6.63 14.50
N LEU F 76 -32.45 -6.79 13.22
CA LEU F 76 -33.33 -7.43 12.25
C LEU F 76 -33.67 -8.87 12.66
N ARG F 77 -32.70 -9.59 13.24
CA ARG F 77 -32.95 -10.94 13.77
C ARG F 77 -33.99 -10.98 14.87
N ASP F 78 -34.09 -9.96 15.72
CA ASP F 78 -35.19 -9.92 16.70
C ASP F 78 -36.53 -9.81 16.00
N GLN F 79 -36.64 -9.01 14.94
CA GLN F 79 -37.91 -8.86 14.23
C GLN F 79 -38.33 -10.16 13.55
N GLN F 80 -37.37 -10.95 13.05
CA GLN F 80 -37.65 -12.30 12.62
C GLN F 80 -38.15 -13.17 13.77
N LEU F 81 -37.41 -13.23 14.87
CA LEU F 81 -37.72 -14.13 15.99
C LEU F 81 -39.03 -13.78 16.70
N LEU F 82 -39.36 -12.49 16.79
CA LEU F 82 -40.64 -12.02 17.29
C LEU F 82 -41.76 -12.26 16.27
N GLY F 83 -41.44 -12.26 14.98
CA GLY F 83 -42.39 -12.49 13.91
C GLY F 83 -42.90 -13.93 13.86
N ILE F 84 -42.02 -14.93 13.90
CA ILE F 84 -42.46 -16.33 13.77
C ILE F 84 -43.33 -16.81 14.95
N TRP F 85 -43.27 -16.17 16.13
CA TRP F 85 -44.21 -16.42 17.23
C TRP F 85 -45.59 -15.82 17.01
N GLY F 86 -45.82 -15.14 15.89
CA GLY F 86 -47.12 -14.54 15.52
C GLY F 86 -47.38 -13.24 16.27
N CYS F 87 -46.39 -12.35 16.30
CA CYS F 87 -46.33 -11.28 17.30
C CYS F 87 -45.62 -10.00 16.81
N SER F 88 -45.26 -9.87 15.52
CA SER F 88 -44.36 -8.81 15.02
C SER F 88 -44.86 -7.38 15.15
N GLY F 89 -46.17 -7.16 15.21
CA GLY F 89 -46.73 -5.80 15.19
C GLY F 89 -46.62 -5.02 16.50
N LYS F 90 -46.12 -5.62 17.57
CA LYS F 90 -46.44 -5.22 18.95
C LYS F 90 -45.20 -5.20 19.85
N LEU F 91 -45.26 -4.40 20.92
CA LEU F 91 -44.25 -4.41 22.00
C LEU F 91 -44.60 -5.41 23.10
N ILE F 92 -45.83 -5.90 23.14
CA ILE F 92 -46.41 -6.80 24.12
C ILE F 92 -47.17 -7.88 23.37
N CYS F 93 -47.16 -9.14 23.76
CA CYS F 93 -48.13 -10.12 23.25
C CYS F 93 -48.64 -10.98 24.38
N CYS F 94 -49.95 -11.21 24.45
CA CYS F 94 -50.46 -12.41 25.09
C CYS F 94 -50.32 -13.58 24.11
N THR F 95 -50.01 -14.78 24.59
CA THR F 95 -49.83 -15.97 23.73
C THR F 95 -50.39 -17.20 24.41
N ASN F 96 -50.69 -18.26 23.66
CA ASN F 96 -51.45 -19.40 24.19
C ASN F 96 -50.58 -20.54 24.72
N VAL F 97 -49.31 -20.26 25.03
CA VAL F 97 -48.46 -21.19 25.78
C VAL F 97 -48.71 -20.99 27.29
N PRO F 98 -49.14 -22.02 28.04
CA PRO F 98 -49.36 -21.90 29.47
C PRO F 98 -48.02 -21.84 30.22
N TRP F 99 -47.96 -21.08 31.30
CA TRP F 99 -46.74 -21.00 32.10
C TRP F 99 -46.56 -22.28 32.91
N ASN F 100 -45.58 -23.11 32.54
CA ASN F 100 -45.22 -24.27 33.36
C ASN F 100 -44.45 -23.79 34.59
N SER F 101 -45.09 -23.76 35.75
CA SER F 101 -44.50 -23.18 36.97
C SER F 101 -43.29 -23.96 37.52
N SER F 102 -42.88 -25.06 36.87
CA SER F 102 -41.53 -25.59 37.05
C SER F 102 -40.44 -24.57 36.67
N TRP F 103 -40.66 -23.75 35.65
CA TRP F 103 -39.70 -22.72 35.20
C TRP F 103 -39.48 -21.63 36.26
N SER F 104 -40.52 -21.25 36.98
CA SER F 104 -40.38 -20.58 38.28
C SER F 104 -41.66 -20.75 39.08
N ASN F 105 -41.49 -21.03 40.37
CA ASN F 105 -42.58 -21.24 41.33
C ASN F 105 -43.22 -19.92 41.79
N ARG F 106 -42.57 -18.78 41.51
CA ARG F 106 -42.91 -17.46 42.05
C ARG F 106 -44.25 -16.96 41.54
N ASN F 107 -45.08 -16.43 42.43
CA ASN F 107 -46.46 -16.05 42.12
C ASN F 107 -46.56 -14.74 41.31
N LEU F 108 -47.75 -14.47 40.76
CA LEU F 108 -47.96 -13.34 39.86
C LEU F 108 -47.64 -11.99 40.51
N SER F 109 -47.87 -11.82 41.81
CA SER F 109 -47.53 -10.56 42.45
C SER F 109 -46.02 -10.36 42.50
N GLU F 110 -45.29 -11.30 43.09
CA GLU F 110 -43.90 -11.02 43.44
C GLU F 110 -43.00 -10.81 42.21
N ILE F 111 -43.31 -11.43 41.07
CA ILE F 111 -42.58 -11.19 39.84
C ILE F 111 -42.80 -9.78 39.29
N TRP F 112 -44.02 -9.23 39.33
CA TRP F 112 -44.28 -7.90 38.79
C TRP F 112 -44.00 -6.80 39.80
N ASP F 113 -44.15 -7.08 41.08
CA ASP F 113 -44.18 -6.08 42.15
C ASP F 113 -42.87 -5.98 42.94
N ASN F 114 -42.00 -7.00 42.90
CA ASN F 114 -40.77 -7.01 43.68
C ASN F 114 -39.51 -7.03 42.80
N MET F 115 -39.39 -7.98 41.88
CA MET F 115 -38.14 -8.16 41.12
C MET F 115 -37.89 -7.04 40.11
N THR F 116 -36.63 -6.83 39.76
CA THR F 116 -36.23 -6.05 38.57
C THR F 116 -36.03 -7.00 37.38
N TRP F 117 -36.04 -6.49 36.15
CA TRP F 117 -35.86 -7.36 34.99
C TRP F 117 -34.51 -8.08 34.97
N LEU F 118 -33.43 -7.42 35.40
CA LEU F 118 -32.11 -8.05 35.53
C LEU F 118 -32.10 -9.20 36.53
N GLN F 119 -33.00 -9.21 37.52
CA GLN F 119 -33.12 -10.33 38.44
C GLN F 119 -33.93 -11.47 37.81
N TRP F 120 -35.03 -11.15 37.12
CA TRP F 120 -35.86 -12.18 36.49
C TRP F 120 -35.10 -12.94 35.39
N ASP F 121 -34.27 -12.24 34.61
CA ASP F 121 -33.38 -12.82 33.61
C ASP F 121 -32.62 -14.04 34.15
N LYS F 122 -32.06 -13.92 35.34
CA LYS F 122 -31.19 -14.96 35.92
C LYS F 122 -31.96 -16.21 36.36
N GLU F 123 -33.28 -16.15 36.53
CA GLU F 123 -34.07 -17.38 36.64
C GLU F 123 -34.33 -17.98 35.27
N ILE F 124 -35.11 -17.31 34.42
CA ILE F 124 -35.66 -17.89 33.20
C ILE F 124 -34.61 -18.20 32.13
N SER F 125 -33.40 -17.66 32.23
CA SER F 125 -32.28 -18.04 31.36
C SER F 125 -31.89 -19.53 31.44
N ASN F 126 -32.37 -20.26 32.45
CA ASN F 126 -32.32 -21.72 32.46
C ASN F 126 -33.27 -22.36 31.42
N TYR F 127 -34.48 -21.82 31.28
CA TYR F 127 -35.59 -22.47 30.57
C TYR F 127 -35.95 -21.85 29.21
N THR F 128 -35.37 -20.70 28.89
CA THR F 128 -35.81 -19.89 27.74
C THR F 128 -35.79 -20.66 26.42
N GLN F 129 -34.82 -21.52 26.17
CA GLN F 129 -34.78 -22.33 24.95
C GLN F 129 -35.88 -23.41 24.86
N ILE F 130 -36.50 -23.81 25.98
CA ILE F 130 -37.76 -24.56 25.95
C ILE F 130 -38.86 -23.62 25.45
N ILE F 131 -38.98 -22.46 26.10
CA ILE F 131 -40.12 -21.55 25.94
C ILE F 131 -40.19 -21.02 24.50
N TYR F 132 -39.06 -20.67 23.90
CA TYR F 132 -39.03 -20.28 22.48
C TYR F 132 -39.47 -21.42 21.55
N GLY F 133 -39.14 -22.66 21.87
CA GLY F 133 -39.60 -23.82 21.11
C GLY F 133 -41.12 -23.97 21.18
N LEU F 134 -41.70 -23.81 22.36
CA LEU F 134 -43.15 -23.88 22.52
C LEU F 134 -43.87 -22.75 21.80
N LEU F 135 -43.38 -21.51 21.90
CA LEU F 135 -44.00 -20.38 21.23
C LEU F 135 -44.04 -20.59 19.70
N GLU F 136 -42.93 -21.02 19.10
CA GLU F 136 -42.89 -21.28 17.67
C GLU F 136 -43.96 -22.30 17.27
N GLU F 137 -44.04 -23.43 17.96
CA GLU F 137 -45.01 -24.48 17.60
C GLU F 137 -46.45 -24.04 17.82
N SER F 138 -46.71 -23.30 18.90
CA SER F 138 -48.04 -22.77 19.18
C SER F 138 -48.54 -21.88 18.05
N GLN F 139 -47.69 -21.04 17.46
CA GLN F 139 -48.08 -20.28 16.28
C GLN F 139 -48.14 -21.15 15.02
N ASN F 140 -47.20 -22.06 14.81
CA ASN F 140 -47.12 -22.83 13.57
C ASN F 140 -48.41 -23.62 13.30
N GLN F 141 -49.00 -24.22 14.34
CA GLN F 141 -50.30 -24.87 14.22
C GLN F 141 -51.45 -23.86 14.13
N GLN F 142 -51.39 -22.73 14.83
CA GLN F 142 -52.44 -21.70 14.78
C GLN F 142 -52.66 -21.16 13.37
N GLU F 143 -51.59 -20.94 12.60
CA GLU F 143 -51.68 -20.51 11.20
C GLU F 143 -52.52 -21.49 10.37
N LYS F 144 -52.31 -22.79 10.58
CA LYS F 144 -53.01 -23.87 9.89
C LYS F 144 -54.47 -23.95 10.34
N ASN F 145 -54.74 -23.87 11.63
CA ASN F 145 -56.10 -23.89 12.16
C ASN F 145 -56.95 -22.75 11.58
N GLU F 146 -56.36 -21.57 11.45
CA GLU F 146 -57.02 -20.42 10.82
C GLU F 146 -57.29 -20.67 9.34
N GLN F 147 -56.33 -21.22 8.59
CA GLN F 147 -56.54 -21.52 7.18
C GLN F 147 -57.65 -22.55 6.94
N ASP F 148 -57.74 -23.59 7.77
CA ASP F 148 -58.87 -24.51 7.73
C ASP F 148 -60.20 -23.80 8.02
N LEU F 149 -60.27 -22.92 9.01
CA LEU F 149 -61.51 -22.20 9.33
C LEU F 149 -61.97 -21.31 8.17
N LEU F 150 -61.07 -20.52 7.60
CA LEU F 150 -61.36 -19.69 6.43
C LEU F 150 -61.74 -20.52 5.20
N ALA F 151 -61.39 -21.81 5.17
CA ALA F 151 -61.76 -22.74 4.10
C ALA F 151 -63.10 -23.43 4.33
N LEU F 152 -63.32 -24.02 5.51
CA LEU F 152 -64.51 -24.84 5.78
C LEU F 152 -65.80 -24.00 5.79
N ASP F 153 -65.71 -22.71 6.09
CA ASP F 153 -66.82 -21.77 6.00
C ASP F 153 -67.38 -21.68 4.57
N GLN G 1 -14.59 -14.24 -37.06
CA GLN G 1 -13.19 -13.77 -37.11
C GLN G 1 -12.25 -14.77 -36.44
N VAL G 2 -11.42 -15.47 -37.21
CA VAL G 2 -10.26 -16.22 -36.71
C VAL G 2 -9.02 -15.68 -37.43
N GLN G 3 -8.03 -15.19 -36.69
CA GLN G 3 -6.92 -14.45 -37.27
C GLN G 3 -5.57 -14.89 -36.71
N LEU G 4 -4.65 -15.21 -37.62
CA LEU G 4 -3.31 -15.72 -37.33
C LEU G 4 -2.28 -14.79 -37.99
N ILE G 5 -1.33 -14.26 -37.22
CA ILE G 5 -0.33 -13.31 -37.71
C ILE G 5 1.07 -13.87 -37.47
N GLN G 6 1.84 -14.12 -38.53
CA GLN G 6 3.19 -14.64 -38.42
C GLN G 6 4.26 -13.54 -38.39
N SER G 7 5.47 -13.90 -37.95
CA SER G 7 6.69 -13.12 -38.19
C SER G 7 6.92 -12.86 -39.69
N GLY G 8 7.60 -11.75 -40.01
CA GLY G 8 7.97 -11.38 -41.38
C GLY G 8 9.00 -12.31 -42.03
N PRO G 9 9.42 -12.04 -43.27
CA PRO G 9 10.46 -12.79 -43.97
C PRO G 9 11.80 -12.75 -43.24
N GLN G 10 12.64 -13.75 -43.48
CA GLN G 10 13.96 -13.89 -42.87
C GLN G 10 14.99 -14.50 -43.83
N PHE G 11 16.25 -14.11 -43.62
CA PHE G 11 17.42 -14.66 -44.28
C PHE G 11 18.40 -15.15 -43.23
N LYS G 12 18.91 -16.38 -43.36
CA LYS G 12 19.76 -17.04 -42.36
C LYS G 12 20.92 -17.78 -43.01
N THR G 13 22.04 -17.86 -42.31
CA THR G 13 23.25 -18.55 -42.78
C THR G 13 23.29 -20.00 -42.32
N PRO G 14 23.81 -20.95 -43.12
CA PRO G 14 23.94 -22.36 -42.76
C PRO G 14 24.48 -22.58 -41.35
N GLY G 15 23.88 -23.51 -40.61
CA GLY G 15 24.25 -23.81 -39.22
C GLY G 15 23.49 -22.98 -38.17
N ALA G 16 22.88 -21.85 -38.54
CA ALA G 16 22.04 -21.08 -37.61
C ALA G 16 20.75 -21.83 -37.23
N SER G 17 20.00 -21.30 -36.26
CA SER G 17 18.69 -21.82 -35.86
C SER G 17 17.61 -20.74 -35.94
N VAL G 18 16.51 -21.00 -36.63
CA VAL G 18 15.50 -20.00 -36.99
C VAL G 18 14.24 -20.12 -36.15
N THR G 19 13.73 -18.99 -35.66
CA THR G 19 12.44 -18.90 -34.98
C THR G 19 11.41 -18.22 -35.86
N VAL G 20 10.23 -18.83 -36.03
CA VAL G 20 9.05 -18.20 -36.62
C VAL G 20 7.94 -18.17 -35.58
N SER G 21 7.40 -16.99 -35.27
CA SER G 21 6.27 -16.86 -34.36
C SER G 21 4.95 -16.84 -35.11
N CYS G 22 3.85 -17.18 -34.44
CA CYS G 22 2.49 -17.11 -34.94
C CYS G 22 1.55 -16.66 -33.81
N LYS G 23 1.10 -15.41 -33.84
CA LYS G 23 0.14 -14.84 -32.90
C LYS G 23 -1.26 -15.31 -33.30
N ALA G 24 -2.07 -15.75 -32.34
CA ALA G 24 -3.38 -16.34 -32.61
C ALA G 24 -4.49 -15.57 -31.87
N SER G 25 -5.58 -15.30 -32.57
CA SER G 25 -6.62 -14.39 -32.06
C SER G 25 -8.02 -14.68 -32.61
N GLY G 26 -9.05 -14.28 -31.84
CA GLY G 26 -10.45 -14.29 -32.27
C GLY G 26 -11.28 -15.48 -31.80
N TYR G 27 -10.69 -16.45 -31.12
CA TYR G 27 -11.35 -17.67 -30.65
C TYR G 27 -10.61 -18.25 -29.43
N ILE G 28 -11.25 -19.17 -28.71
CA ILE G 28 -10.66 -19.79 -27.52
C ILE G 28 -9.39 -20.57 -27.88
N PHE G 29 -8.23 -19.95 -27.67
CA PHE G 29 -6.97 -20.41 -28.23
C PHE G 29 -6.57 -21.81 -27.76
N THR G 30 -6.92 -22.16 -26.52
CA THR G 30 -6.58 -23.46 -25.95
C THR G 30 -7.29 -24.63 -26.62
N ASP G 31 -8.31 -24.43 -27.43
CA ASP G 31 -9.21 -25.53 -27.80
C ASP G 31 -8.99 -26.09 -29.20
N TYR G 32 -7.96 -25.63 -29.91
CA TYR G 32 -7.66 -26.12 -31.26
C TYR G 32 -6.18 -26.39 -31.46
N LEU G 33 -5.86 -27.53 -32.05
CA LEU G 33 -4.48 -27.86 -32.39
C LEU G 33 -4.01 -27.00 -33.55
N ILE G 34 -2.86 -26.34 -33.37
CA ILE G 34 -2.13 -25.63 -34.42
C ILE G 34 -1.20 -26.60 -35.12
N HIS G 35 -1.00 -26.44 -36.42
CA HIS G 35 -0.07 -27.22 -37.23
C HIS G 35 0.92 -26.31 -37.92
N TRP G 36 2.09 -26.83 -38.26
CA TRP G 36 3.06 -26.13 -39.11
C TRP G 36 3.27 -26.87 -40.42
N VAL G 37 3.21 -26.16 -41.53
CA VAL G 37 3.35 -26.71 -42.88
C VAL G 37 4.35 -25.89 -43.66
N ARG G 38 5.27 -26.54 -44.36
CA ARG G 38 6.37 -25.92 -45.07
C ARG G 38 6.16 -26.09 -46.56
N LEU G 39 6.17 -24.99 -47.30
CA LEU G 39 6.08 -24.97 -48.75
C LEU G 39 7.46 -24.70 -49.33
N VAL G 40 8.21 -25.77 -49.60
CA VAL G 40 9.38 -25.73 -50.48
C VAL G 40 8.88 -25.36 -51.87
N PRO G 41 9.27 -24.22 -52.46
CA PRO G 41 8.64 -23.71 -53.67
C PRO G 41 8.87 -24.63 -54.88
N GLY G 42 7.88 -24.69 -55.78
CA GLY G 42 7.83 -25.60 -56.92
C GLY G 42 7.45 -27.05 -56.56
N LYS G 43 7.96 -27.59 -55.44
CA LYS G 43 7.57 -28.89 -54.88
C LYS G 43 6.26 -28.83 -54.09
N GLY G 44 5.77 -30.00 -53.67
CA GLY G 44 4.61 -30.12 -52.80
C GLY G 44 4.83 -29.53 -51.41
N LEU G 45 3.75 -29.29 -50.68
CA LEU G 45 3.82 -28.95 -49.26
C LEU G 45 4.42 -30.11 -48.46
N GLU G 46 4.93 -29.83 -47.27
CA GLU G 46 5.45 -30.82 -46.33
C GLU G 46 4.99 -30.50 -44.90
N TRP G 47 4.53 -31.48 -44.14
CA TRP G 47 4.00 -31.26 -42.79
C TRP G 47 5.10 -31.44 -41.76
N LEU G 48 5.27 -30.46 -40.86
CA LEU G 48 6.31 -30.47 -39.84
C LEU G 48 5.84 -31.14 -38.55
N GLY G 49 4.69 -30.73 -38.05
CA GLY G 49 4.16 -31.22 -36.78
C GLY G 49 2.95 -30.42 -36.31
N ARG G 50 2.43 -30.78 -35.14
CA ARG G 50 1.29 -30.11 -34.51
C ARG G 50 1.49 -29.97 -33.02
N ILE G 51 0.86 -28.98 -32.41
CA ILE G 51 1.06 -28.63 -31.02
C ILE G 51 -0.28 -28.47 -30.32
N ASN G 52 -0.45 -29.11 -29.17
CA ASN G 52 -1.69 -29.07 -28.40
C ASN G 52 -1.69 -27.80 -27.56
N THR G 53 -2.41 -26.78 -27.99
CA THR G 53 -2.30 -25.46 -27.37
C THR G 53 -2.77 -25.42 -25.92
N ASN G 54 -3.60 -26.34 -25.45
CA ASN G 54 -3.94 -26.44 -24.04
C ASN G 54 -2.74 -26.95 -23.24
N ALA G 55 -2.37 -28.21 -23.43
CA ALA G 55 -1.40 -28.89 -22.57
C ALA G 55 0.05 -28.46 -22.82
N GLY G 56 0.37 -27.95 -24.01
CA GLY G 56 1.73 -27.55 -24.41
C GLY G 56 2.55 -28.68 -25.04
N LEU G 57 2.06 -29.91 -25.01
CA LEU G 57 2.70 -31.05 -25.69
C LEU G 57 2.84 -30.80 -27.19
N MET G 58 3.73 -31.51 -27.85
CA MET G 58 3.88 -31.46 -29.31
C MET G 58 4.03 -32.84 -29.94
N TYR G 59 3.78 -32.92 -31.24
CA TYR G 59 3.90 -34.13 -32.05
C TYR G 59 4.55 -33.76 -33.37
N LEU G 60 5.54 -34.51 -33.83
CA LEU G 60 6.36 -34.13 -34.97
C LEU G 60 6.37 -35.19 -36.05
N SER G 61 6.58 -34.79 -37.30
CA SER G 61 6.93 -35.74 -38.33
C SER G 61 8.27 -36.37 -37.97
N HIS G 62 8.38 -37.70 -37.95
CA HIS G 62 9.53 -38.41 -37.35
C HIS G 62 10.88 -37.92 -37.87
N LYS G 63 10.94 -37.69 -39.18
CA LYS G 63 12.06 -37.09 -39.91
C LYS G 63 12.67 -35.84 -39.24
N PHE G 64 11.88 -35.02 -38.59
CA PHE G 64 12.29 -33.75 -37.98
C PHE G 64 12.54 -33.84 -36.46
N GLU G 65 12.37 -34.99 -35.81
CA GLU G 65 12.60 -35.07 -34.37
C GLU G 65 14.04 -34.69 -33.99
N GLY G 66 14.20 -34.02 -32.83
CA GLY G 66 15.46 -33.43 -32.36
C GLY G 66 15.83 -32.12 -33.05
N ARG G 67 15.62 -32.02 -34.36
CA ARG G 67 15.93 -30.84 -35.19
C ARG G 67 14.91 -29.71 -35.06
N LEU G 68 13.76 -29.96 -34.46
CA LEU G 68 12.61 -29.06 -34.40
C LEU G 68 12.06 -28.98 -32.98
N ILE G 69 11.70 -27.78 -32.50
CA ILE G 69 11.02 -27.58 -31.22
C ILE G 69 9.83 -26.65 -31.44
N LEU G 70 8.65 -26.99 -30.93
CA LEU G 70 7.47 -26.13 -30.94
C LEU G 70 7.11 -25.74 -29.52
N ARG G 71 6.81 -24.47 -29.24
CA ARG G 71 6.38 -23.99 -27.92
C ARG G 71 5.09 -23.19 -28.03
N ARG G 72 4.31 -23.16 -26.96
CA ARG G 72 3.06 -22.41 -26.85
C ARG G 72 3.15 -21.44 -25.70
N VAL G 73 2.73 -20.18 -25.91
CA VAL G 73 2.53 -19.20 -24.83
C VAL G 73 1.05 -18.89 -24.68
N VAL G 74 0.52 -18.92 -23.45
CA VAL G 74 -0.88 -18.60 -23.15
C VAL G 74 -1.02 -18.04 -21.74
N ASP G 75 -2.01 -17.19 -21.52
CA ASP G 75 -2.44 -16.76 -20.19
C ASP G 75 -3.83 -17.31 -19.89
N TRP G 76 -4.08 -17.73 -18.64
CA TRP G 76 -5.39 -18.23 -18.23
C TRP G 76 -6.45 -17.11 -18.22
N ARG G 77 -6.03 -15.86 -18.15
CA ARG G 77 -6.83 -14.65 -18.45
C ARG G 77 -6.82 -14.39 -19.97
N THR G 78 -7.86 -13.74 -20.49
CA THR G 78 -7.95 -13.39 -21.93
C THR G 78 -7.81 -14.59 -22.89
N PRO G 79 -8.60 -15.67 -22.72
CA PRO G 79 -8.45 -16.93 -23.47
C PRO G 79 -8.68 -16.82 -24.98
N SER G 80 -9.22 -15.71 -25.49
CA SER G 80 -9.42 -15.45 -26.92
C SER G 80 -8.13 -15.18 -27.72
N LEU G 81 -6.97 -15.27 -27.06
CA LEU G 81 -5.65 -14.85 -27.56
C LEU G 81 -4.55 -15.84 -27.14
N GLY G 82 -3.48 -15.94 -27.91
CA GLY G 82 -2.34 -16.80 -27.60
C GLY G 82 -1.20 -16.72 -28.63
N THR G 83 -0.18 -17.56 -28.52
CA THR G 83 0.94 -17.59 -29.47
C THR G 83 1.59 -18.97 -29.58
N VAL G 84 2.12 -19.30 -30.75
CA VAL G 84 2.94 -20.48 -30.99
C VAL G 84 4.27 -20.07 -31.62
N ASN G 85 5.38 -20.68 -31.19
CA ASN G 85 6.71 -20.43 -31.74
C ASN G 85 7.31 -21.72 -32.29
N MET G 86 7.77 -21.70 -33.53
CA MET G 86 8.48 -22.81 -34.16
C MET G 86 9.97 -22.49 -34.19
N GLU G 87 10.80 -23.37 -33.66
CA GLU G 87 12.26 -23.26 -33.72
C GLU G 87 12.84 -24.42 -34.52
N LEU G 88 13.27 -24.17 -35.75
CA LEU G 88 13.98 -25.16 -36.56
C LEU G 88 15.47 -24.95 -36.34
N ARG G 89 16.13 -25.95 -35.77
CA ARG G 89 17.54 -25.91 -35.38
C ARG G 89 18.43 -26.31 -36.54
N ASN G 90 19.67 -25.81 -36.55
CA ASN G 90 20.72 -26.32 -37.43
C ASN G 90 20.32 -26.30 -38.92
N VAL G 91 19.82 -25.17 -39.42
CA VAL G 91 19.27 -25.07 -40.77
C VAL G 91 20.31 -25.29 -41.87
N ARG G 92 19.85 -25.60 -43.07
CA ARG G 92 20.67 -25.73 -44.29
C ARG G 92 19.98 -25.06 -45.47
N SER G 93 20.71 -24.83 -46.56
CA SER G 93 20.20 -24.12 -47.73
C SER G 93 18.93 -24.76 -48.34
N ASP G 94 18.75 -26.07 -48.19
CA ASP G 94 17.53 -26.78 -48.61
C ASP G 94 16.34 -26.63 -47.65
N ASP G 95 16.51 -26.08 -46.45
CA ASP G 95 15.39 -25.62 -45.62
C ASP G 95 14.77 -24.31 -46.11
N SER G 96 15.24 -23.75 -47.22
CA SER G 96 14.67 -22.54 -47.82
C SER G 96 13.26 -22.81 -48.31
N ALA G 97 12.28 -22.14 -47.71
CA ALA G 97 10.86 -22.37 -47.97
C ALA G 97 10.00 -21.27 -47.37
N ILE G 98 8.71 -21.24 -47.72
CA ILE G 98 7.72 -20.53 -46.91
C ILE G 98 7.29 -21.46 -45.78
N TYR G 99 7.24 -20.97 -44.54
CA TYR G 99 6.75 -21.71 -43.39
C TYR G 99 5.40 -21.14 -42.97
N PHE G 100 4.36 -21.97 -42.93
CA PHE G 100 3.00 -21.59 -42.59
C PHE G 100 2.57 -22.13 -41.24
N CYS G 101 2.06 -21.24 -40.41
CA CYS G 101 1.20 -21.55 -39.28
C CYS G 101 -0.23 -21.83 -39.76
N GLY G 102 -0.97 -22.74 -39.12
CA GLY G 102 -2.40 -22.87 -39.39
C GLY G 102 -3.16 -23.64 -38.33
N ARG G 103 -4.49 -23.53 -38.32
CA ARG G 103 -5.40 -24.10 -37.32
C ARG G 103 -6.35 -25.10 -37.95
N VAL G 104 -6.74 -26.15 -37.23
CA VAL G 104 -7.71 -27.12 -37.75
C VAL G 104 -9.11 -26.54 -37.93
N VAL G 105 -9.90 -27.20 -38.77
CA VAL G 105 -11.36 -27.08 -38.84
C VAL G 105 -12.00 -27.34 -37.47
N ASP G 106 -13.07 -26.64 -37.13
CA ASP G 106 -13.77 -26.80 -35.85
C ASP G 106 -14.20 -28.25 -35.57
N GLY G 107 -14.10 -28.70 -34.33
CA GLY G 107 -14.46 -30.06 -33.90
C GLY G 107 -13.57 -31.19 -34.43
N PHE G 108 -12.63 -30.88 -35.31
CA PHE G 108 -11.82 -31.85 -36.06
C PHE G 108 -10.40 -32.06 -35.50
N ASN G 109 -10.17 -31.75 -34.21
CA ASN G 109 -8.87 -31.79 -33.53
C ASN G 109 -8.12 -33.13 -33.61
N ALA G 110 -8.77 -34.24 -33.95
CA ALA G 110 -8.12 -35.53 -34.07
C ALA G 110 -7.33 -35.73 -35.38
N ALA G 111 -7.37 -34.80 -36.34
CA ALA G 111 -6.82 -35.00 -37.69
C ALA G 111 -6.32 -33.68 -38.32
N GLY G 112 -6.22 -33.62 -39.66
CA GLY G 112 -5.42 -32.62 -40.38
C GLY G 112 -6.09 -31.52 -41.23
N PRO G 113 -7.41 -31.41 -41.45
CA PRO G 113 -7.93 -30.35 -42.31
C PRO G 113 -7.67 -28.97 -41.70
N LEU G 114 -6.92 -28.13 -42.42
CA LEU G 114 -6.46 -26.82 -41.97
C LEU G 114 -7.27 -25.71 -42.62
N GLU G 115 -7.93 -24.90 -41.79
CA GLU G 115 -8.91 -23.93 -42.26
C GLU G 115 -8.36 -22.51 -42.27
N PHE G 116 -7.78 -22.09 -41.15
CA PHE G 116 -7.29 -20.74 -40.95
C PHE G 116 -5.78 -20.74 -40.98
N TRP G 117 -5.17 -19.85 -41.76
CA TRP G 117 -3.73 -19.87 -42.03
C TRP G 117 -3.11 -18.51 -41.72
N GLY G 118 -1.89 -18.51 -41.21
CA GLY G 118 -1.06 -17.31 -41.18
C GLY G 118 -0.61 -16.92 -42.59
N GLN G 119 -0.08 -15.71 -42.76
CA GLN G 119 0.28 -15.18 -44.08
C GLN G 119 1.51 -15.85 -44.73
N GLY G 120 2.13 -16.82 -44.05
CA GLY G 120 3.36 -17.48 -44.48
C GLY G 120 4.59 -16.61 -44.26
N SER G 121 5.64 -17.18 -43.67
CA SER G 121 6.92 -16.50 -43.48
C SER G 121 7.94 -17.12 -44.43
N PRO G 122 8.50 -16.39 -45.40
CA PRO G 122 9.64 -16.85 -46.16
C PRO G 122 10.85 -16.96 -45.25
N VAL G 123 11.49 -18.11 -45.19
CA VAL G 123 12.80 -18.28 -44.56
C VAL G 123 13.72 -18.81 -45.65
N ILE G 124 14.69 -18.00 -46.06
CA ILE G 124 15.67 -18.37 -47.09
C ILE G 124 17.02 -18.56 -46.43
N VAL G 125 17.70 -19.66 -46.74
CA VAL G 125 19.00 -19.98 -46.19
C VAL G 125 20.06 -19.91 -47.29
N SER G 126 21.10 -19.10 -47.08
CA SER G 126 22.28 -19.01 -47.96
C SER G 126 23.50 -18.54 -47.16
N SER G 127 24.71 -18.93 -47.58
CA SER G 127 25.97 -18.38 -47.06
C SER G 127 26.25 -16.94 -47.53
N ALA G 128 25.52 -16.45 -48.54
CA ALA G 128 25.74 -15.14 -49.16
C ALA G 128 25.50 -13.95 -48.20
N SER G 129 25.91 -12.77 -48.63
CA SER G 129 25.66 -11.47 -47.98
C SER G 129 25.29 -10.40 -49.01
N THR G 130 24.67 -9.31 -48.58
CA THR G 130 24.04 -8.31 -49.45
C THR G 130 24.98 -7.81 -50.55
N LYS G 131 24.55 -7.91 -51.82
CA LYS G 131 25.36 -7.66 -53.01
C LYS G 131 24.47 -7.27 -54.20
N GLY G 132 24.78 -6.15 -54.85
CA GLY G 132 24.10 -5.73 -56.07
C GLY G 132 24.48 -6.55 -57.31
N PRO G 133 23.62 -6.57 -58.35
CA PRO G 133 23.84 -7.35 -59.56
C PRO G 133 24.93 -6.76 -60.45
N SER G 134 25.61 -7.64 -61.20
CA SER G 134 26.21 -7.27 -62.49
C SER G 134 25.12 -7.21 -63.57
N VAL G 135 25.33 -6.44 -64.64
CA VAL G 135 24.32 -6.21 -65.68
C VAL G 135 24.91 -6.47 -67.06
N PHE G 136 24.68 -7.68 -67.59
CA PHE G 136 25.30 -8.13 -68.85
C PHE G 136 24.30 -8.14 -70.02
N PRO G 137 24.60 -7.53 -71.17
CA PRO G 137 23.65 -7.40 -72.26
C PRO G 137 23.51 -8.69 -73.06
N LEU G 138 22.28 -9.18 -73.20
CA LEU G 138 21.91 -10.15 -74.24
C LEU G 138 21.57 -9.35 -75.50
N ALA G 139 22.59 -8.70 -76.03
CA ALA G 139 22.47 -7.74 -77.13
C ALA G 139 21.73 -8.37 -78.33
N PRO G 140 20.84 -7.64 -79.03
CA PRO G 140 19.87 -8.21 -79.95
C PRO G 140 20.46 -9.28 -80.87
N SER G 141 19.84 -10.46 -80.84
CA SER G 141 20.34 -11.65 -81.51
C SER G 141 20.44 -11.38 -83.01
N SER G 142 21.57 -11.74 -83.63
CA SER G 142 21.92 -11.31 -85.00
C SER G 142 20.79 -11.59 -85.98
N LYS G 143 20.61 -10.77 -87.03
CA LYS G 143 19.56 -10.99 -88.05
C LYS G 143 19.63 -12.39 -88.67
N SER G 144 20.85 -12.92 -88.81
CA SER G 144 21.13 -14.31 -89.22
C SER G 144 20.56 -15.38 -88.28
N THR G 145 20.48 -15.10 -86.97
CA THR G 145 19.83 -15.96 -85.97
C THR G 145 18.33 -15.69 -85.81
N SER G 146 17.94 -14.42 -85.78
CA SER G 146 16.64 -13.95 -85.25
C SER G 146 15.57 -13.66 -86.32
N GLY G 147 15.94 -13.50 -87.59
CA GLY G 147 14.99 -13.28 -88.68
C GLY G 147 14.15 -12.00 -88.52
N GLY G 148 12.83 -12.13 -88.62
CA GLY G 148 11.88 -11.01 -88.58
C GLY G 148 11.60 -10.42 -87.19
N THR G 149 12.05 -11.05 -86.10
CA THR G 149 11.85 -10.54 -84.73
C THR G 149 13.18 -10.27 -84.04
N ALA G 150 13.43 -9.02 -83.66
CA ALA G 150 14.48 -8.66 -82.73
C ALA G 150 14.08 -9.04 -81.30
N ALA G 151 14.42 -10.27 -80.90
CA ALA G 151 14.57 -10.60 -79.49
C ALA G 151 15.92 -10.08 -78.98
N LEU G 152 15.90 -9.49 -77.79
CA LEU G 152 17.06 -8.98 -77.07
C LEU G 152 16.84 -9.10 -75.56
N GLY G 153 17.87 -8.97 -74.74
CA GLY G 153 17.69 -9.09 -73.29
C GLY G 153 18.80 -8.51 -72.43
N CYS G 154 18.67 -8.72 -71.14
CA CYS G 154 19.50 -8.12 -70.11
C CYS G 154 19.70 -9.13 -68.98
N LEU G 155 20.82 -9.84 -68.98
CA LEU G 155 21.16 -10.86 -67.99
C LEU G 155 21.63 -10.19 -66.69
N VAL G 156 20.66 -9.73 -65.90
CA VAL G 156 20.91 -9.20 -64.56
C VAL G 156 21.31 -10.37 -63.67
N LYS G 157 22.49 -10.30 -63.04
CA LYS G 157 23.16 -11.51 -62.54
C LYS G 157 23.92 -11.32 -61.23
N ASP G 158 23.89 -12.39 -60.43
CA ASP G 158 24.65 -12.62 -59.20
C ASP G 158 24.47 -11.53 -58.15
N TYR G 159 23.26 -11.46 -57.62
CA TYR G 159 22.86 -10.54 -56.55
C TYR G 159 22.23 -11.28 -55.38
N PHE G 160 22.19 -10.67 -54.20
CA PHE G 160 21.49 -11.20 -53.04
C PHE G 160 21.17 -10.09 -52.03
N PRO G 161 20.12 -10.22 -51.21
CA PRO G 161 18.95 -11.04 -51.45
C PRO G 161 18.12 -10.48 -52.63
N GLU G 162 16.92 -11.00 -52.88
CA GLU G 162 15.88 -10.26 -53.61
C GLU G 162 15.38 -9.05 -52.77
N PRO G 163 14.81 -7.99 -53.39
CA PRO G 163 14.43 -7.89 -54.79
C PRO G 163 15.38 -7.07 -55.68
N VAL G 164 15.51 -7.48 -56.95
CA VAL G 164 15.81 -6.54 -58.05
C VAL G 164 14.53 -5.95 -58.63
N THR G 165 14.66 -4.88 -59.43
CA THR G 165 13.65 -4.50 -60.44
C THR G 165 14.33 -4.35 -61.79
N VAL G 166 13.62 -4.71 -62.86
CA VAL G 166 14.12 -4.68 -64.25
C VAL G 166 13.02 -4.15 -65.17
N SER G 167 13.36 -3.24 -66.08
CA SER G 167 12.42 -2.62 -67.03
C SER G 167 13.16 -2.07 -68.25
N TRP G 168 12.44 -1.76 -69.33
CA TRP G 168 13.04 -1.28 -70.58
C TRP G 168 12.59 0.13 -70.93
N ASN G 169 13.54 0.98 -71.33
CA ASN G 169 13.36 2.43 -71.52
C ASN G 169 12.67 3.08 -70.30
N SER G 170 13.10 2.68 -69.10
CA SER G 170 12.54 3.13 -67.81
C SER G 170 11.04 2.84 -67.67
N GLY G 171 10.57 1.72 -68.23
CA GLY G 171 9.17 1.32 -68.24
C GLY G 171 8.34 1.92 -69.38
N ALA G 172 8.94 2.72 -70.27
CA ALA G 172 8.28 3.20 -71.48
C ALA G 172 8.10 2.10 -72.54
N LEU G 173 8.89 1.03 -72.50
CA LEU G 173 8.73 -0.16 -73.33
C LEU G 173 8.26 -1.34 -72.48
N THR G 174 7.15 -1.97 -72.88
CA THR G 174 6.43 -2.99 -72.09
C THR G 174 5.94 -4.15 -72.95
N SER G 175 5.42 -3.85 -74.15
CA SER G 175 5.08 -4.84 -75.18
C SER G 175 6.29 -5.72 -75.48
N GLY G 176 6.10 -7.04 -75.44
CA GLY G 176 7.17 -8.01 -75.70
C GLY G 176 8.26 -8.10 -74.62
N VAL G 177 8.16 -7.36 -73.50
CA VAL G 177 9.03 -7.57 -72.32
C VAL G 177 8.58 -8.81 -71.55
N HIS G 178 9.53 -9.64 -71.13
CA HIS G 178 9.31 -10.69 -70.14
C HIS G 178 10.41 -10.65 -69.07
N THR G 179 10.02 -10.85 -67.81
CA THR G 179 10.88 -10.76 -66.62
C THR G 179 10.79 -12.06 -65.82
N PHE G 180 11.33 -13.13 -66.42
CA PHE G 180 11.33 -14.50 -65.88
C PHE G 180 11.77 -14.52 -64.41
N PRO G 181 11.05 -15.23 -63.52
CA PRO G 181 11.29 -15.15 -62.09
C PRO G 181 12.71 -15.60 -61.73
N ALA G 182 13.28 -14.95 -60.72
CA ALA G 182 14.70 -15.06 -60.41
C ALA G 182 15.07 -16.45 -59.85
N VAL G 183 15.87 -17.21 -60.60
CA VAL G 183 16.48 -18.44 -60.08
C VAL G 183 17.54 -18.08 -59.03
N LEU G 184 17.45 -18.66 -57.85
CA LEU G 184 18.51 -18.61 -56.85
C LEU G 184 19.52 -19.71 -57.16
N GLN G 185 20.64 -19.32 -57.76
CA GLN G 185 21.61 -20.22 -58.39
C GLN G 185 22.47 -20.96 -57.36
N SER G 186 23.26 -21.96 -57.80
CA SER G 186 24.15 -22.75 -56.93
C SER G 186 25.24 -21.94 -56.23
N SER G 187 25.52 -20.72 -56.72
CA SER G 187 26.37 -19.71 -56.07
C SER G 187 25.84 -19.22 -54.72
N GLY G 188 24.55 -19.43 -54.42
CA GLY G 188 23.86 -18.75 -53.33
C GLY G 188 23.41 -17.32 -53.71
N LEU G 189 23.46 -16.96 -55.00
CA LEU G 189 23.07 -15.66 -55.54
C LEU G 189 22.02 -15.82 -56.65
N TYR G 190 21.14 -14.85 -56.81
CA TYR G 190 20.08 -14.83 -57.82
C TYR G 190 20.56 -14.40 -59.21
N SER G 191 19.78 -14.71 -60.24
CA SER G 191 19.82 -14.04 -61.54
C SER G 191 18.43 -13.91 -62.18
N LEU G 192 18.21 -12.84 -62.95
CA LEU G 192 16.94 -12.51 -63.60
C LEU G 192 17.16 -12.27 -65.11
N SER G 193 17.02 -13.33 -65.91
CA SER G 193 17.41 -13.38 -67.33
C SER G 193 16.39 -12.73 -68.29
N SER G 194 16.00 -11.48 -68.06
CA SER G 194 14.93 -10.75 -68.80
C SER G 194 15.20 -10.57 -70.30
N VAL G 195 14.11 -10.53 -71.10
CA VAL G 195 14.13 -10.18 -72.53
C VAL G 195 13.10 -9.10 -72.86
N VAL G 196 13.31 -8.44 -73.99
CA VAL G 196 12.31 -7.66 -74.71
C VAL G 196 12.34 -8.02 -76.20
N THR G 197 11.18 -7.99 -76.85
CA THR G 197 10.98 -8.45 -78.22
C THR G 197 10.21 -7.44 -79.05
N VAL G 198 10.67 -7.17 -80.27
CA VAL G 198 10.10 -6.20 -81.24
C VAL G 198 10.36 -6.69 -82.68
N PRO G 199 9.64 -6.26 -83.72
CA PRO G 199 9.98 -6.63 -85.10
C PRO G 199 11.33 -6.04 -85.52
N SER G 200 12.11 -6.76 -86.34
CA SER G 200 13.54 -6.44 -86.61
C SER G 200 13.78 -5.06 -87.26
N SER G 201 12.79 -4.50 -87.96
CA SER G 201 12.83 -3.12 -88.46
C SER G 201 13.00 -2.06 -87.35
N SER G 202 12.75 -2.42 -86.09
CA SER G 202 12.94 -1.56 -84.92
C SER G 202 14.40 -1.31 -84.53
N LEU G 203 15.36 -2.08 -85.06
CA LEU G 203 16.73 -2.15 -84.50
C LEU G 203 17.53 -0.83 -84.58
N GLY G 204 17.35 -0.04 -85.63
CA GLY G 204 18.00 1.27 -85.79
C GLY G 204 17.19 2.45 -85.25
N THR G 205 15.98 2.23 -84.72
CA THR G 205 14.98 3.29 -84.48
C THR G 205 14.40 3.30 -83.07
N GLN G 206 14.16 2.14 -82.48
CA GLN G 206 13.49 1.98 -81.19
C GLN G 206 14.54 1.73 -80.09
N THR G 207 14.48 2.48 -78.98
CA THR G 207 15.51 2.48 -77.92
C THR G 207 15.56 1.16 -77.13
N TYR G 208 16.75 0.74 -76.69
CA TYR G 208 16.96 -0.49 -75.89
C TYR G 208 17.77 -0.23 -74.63
N ILE G 209 17.27 0.65 -73.74
CA ILE G 209 17.84 0.82 -72.41
C ILE G 209 17.27 -0.27 -71.49
N CYS G 210 18.09 -1.24 -71.07
CA CYS G 210 17.81 -2.00 -69.86
C CYS G 210 18.00 -1.11 -68.63
N ASN G 211 16.96 -0.93 -67.83
CA ASN G 211 16.96 -0.15 -66.60
C ASN G 211 16.81 -1.12 -65.42
N VAL G 212 17.78 -1.09 -64.49
CA VAL G 212 17.94 -2.08 -63.41
C VAL G 212 18.16 -1.41 -62.07
N ASN G 213 17.63 -2.00 -61.01
CA ASN G 213 17.82 -1.53 -59.65
C ASN G 213 17.83 -2.73 -58.67
N HIS G 214 18.46 -2.62 -57.50
CA HIS G 214 18.54 -3.67 -56.45
C HIS G 214 18.37 -3.05 -55.08
N LYS G 215 17.15 -3.11 -54.55
CA LYS G 215 16.75 -2.41 -53.31
C LYS G 215 17.55 -2.80 -52.07
N PRO G 216 17.98 -4.06 -51.86
CA PRO G 216 18.73 -4.45 -50.67
C PRO G 216 20.08 -3.75 -50.54
N SER G 217 20.81 -3.59 -51.66
CA SER G 217 22.08 -2.82 -51.68
C SER G 217 21.91 -1.34 -52.01
N ASN G 218 20.72 -0.90 -52.43
CA ASN G 218 20.44 0.41 -53.03
C ASN G 218 21.28 0.71 -54.30
N THR G 219 21.69 -0.30 -55.06
CA THR G 219 22.35 -0.14 -56.37
C THR G 219 21.30 0.22 -57.49
N LYS G 220 21.47 1.26 -58.34
CA LYS G 220 20.71 1.59 -59.59
C LYS G 220 21.75 1.49 -60.74
N VAL G 221 21.46 0.78 -61.84
CA VAL G 221 22.28 0.64 -63.07
C VAL G 221 21.40 0.78 -64.33
N ASP G 222 21.96 1.21 -65.47
CA ASP G 222 21.27 1.24 -66.77
C ASP G 222 22.24 0.85 -67.91
N LYS G 223 21.71 0.35 -69.04
CA LYS G 223 22.52 -0.22 -70.13
C LYS G 223 21.80 -0.15 -71.48
N LYS G 224 22.35 0.57 -72.46
CA LYS G 224 21.93 0.52 -73.87
C LYS G 224 22.51 -0.71 -74.59
N VAL G 225 21.84 -1.21 -75.64
CA VAL G 225 22.31 -2.32 -76.52
C VAL G 225 22.03 -2.10 -78.02
N GLU G 226 22.71 -2.88 -78.87
CA GLU G 226 22.64 -2.86 -80.35
C GLU G 226 22.84 -4.28 -80.92
N PRO G 227 22.39 -4.59 -82.16
CA PRO G 227 22.46 -5.95 -82.70
C PRO G 227 23.88 -6.53 -82.83
N LYS G 228 24.03 -7.83 -82.51
CA LYS G 228 25.29 -8.59 -82.59
C LYS G 228 25.67 -9.00 -84.02
N SER G 229 26.96 -9.32 -84.22
CA SER G 229 27.51 -9.93 -85.45
C SER G 229 26.81 -11.23 -85.84
N GLN H 1 5.33 -44.33 -44.57
CA GLN H 1 4.40 -43.17 -44.68
C GLN H 1 3.52 -43.31 -45.93
N VAL H 2 2.29 -42.78 -45.91
CA VAL H 2 1.32 -42.94 -47.01
C VAL H 2 1.72 -42.10 -48.22
N VAL H 3 1.81 -42.71 -49.39
CA VAL H 3 2.15 -42.02 -50.64
C VAL H 3 0.87 -41.61 -51.36
N MET H 4 0.82 -40.37 -51.83
CA MET H 4 -0.32 -39.78 -52.52
C MET H 4 0.01 -39.50 -53.97
N THR H 5 -0.76 -40.05 -54.90
CA THR H 5 -0.60 -39.81 -56.34
C THR H 5 -1.74 -38.97 -56.87
N GLN H 6 -1.48 -37.81 -57.47
CA GLN H 6 -2.49 -37.07 -58.23
C GLN H 6 -2.36 -37.34 -59.73
N SER H 7 -3.46 -37.23 -60.47
CA SER H 7 -3.46 -37.17 -61.93
C SER H 7 -4.65 -36.37 -62.49
N PRO H 8 -4.51 -35.73 -63.66
CA PRO H 8 -3.26 -35.47 -64.37
C PRO H 8 -2.36 -34.48 -63.62
N ALA H 9 -1.12 -34.30 -64.07
CA ALA H 9 -0.23 -33.27 -63.55
C ALA H 9 -0.71 -31.86 -63.91
N THR H 10 -1.26 -31.67 -65.11
CA THR H 10 -1.98 -30.45 -65.47
C THR H 10 -3.20 -30.73 -66.32
N LEU H 11 -4.28 -29.98 -66.06
CA LEU H 11 -5.57 -30.10 -66.72
C LEU H 11 -5.91 -28.78 -67.40
N SER H 12 -6.12 -28.84 -68.72
CA SER H 12 -6.34 -27.66 -69.55
C SER H 12 -7.82 -27.56 -69.93
N LEU H 13 -8.50 -26.49 -69.52
CA LEU H 13 -9.96 -26.32 -69.70
C LEU H 13 -10.31 -24.90 -70.09
N SER H 14 -11.34 -24.74 -70.92
CA SER H 14 -11.88 -23.43 -71.27
C SER H 14 -12.76 -22.91 -70.13
N PRO H 15 -12.88 -21.59 -69.95
CA PRO H 15 -13.86 -21.05 -69.02
C PRO H 15 -15.26 -21.60 -69.30
N GLY H 16 -16.00 -21.96 -68.26
CA GLY H 16 -17.33 -22.57 -68.36
C GLY H 16 -17.36 -24.10 -68.61
N GLU H 17 -16.22 -24.77 -68.80
CA GLU H 17 -16.18 -26.25 -68.77
C GLU H 17 -16.25 -26.79 -67.33
N THR H 18 -16.08 -28.10 -67.15
CA THR H 18 -16.07 -28.78 -65.84
C THR H 18 -14.82 -29.65 -65.66
N ALA H 19 -14.28 -29.69 -64.45
CA ALA H 19 -13.00 -30.33 -64.10
C ALA H 19 -13.18 -31.53 -63.16
N ALA H 20 -12.29 -32.51 -63.26
CA ALA H 20 -12.24 -33.70 -62.40
C ALA H 20 -10.79 -34.12 -62.13
N VAL H 21 -10.23 -33.76 -60.96
CA VAL H 21 -8.85 -34.06 -60.60
C VAL H 21 -8.82 -35.25 -59.65
N SER H 22 -8.11 -36.32 -60.04
CA SER H 22 -8.01 -37.56 -59.25
C SER H 22 -6.90 -37.50 -58.23
N CYS H 23 -7.09 -38.17 -57.10
CA CYS H 23 -6.07 -38.43 -56.10
C CYS H 23 -6.21 -39.88 -55.59
N ARG H 24 -5.11 -40.58 -55.37
CA ARG H 24 -5.10 -41.97 -54.90
C ARG H 24 -4.08 -42.16 -53.78
N ALA H 25 -4.47 -42.88 -52.72
CA ALA H 25 -3.59 -43.22 -51.62
C ALA H 25 -2.96 -44.61 -51.81
N SER H 26 -1.72 -44.81 -51.35
CA SER H 26 -0.99 -46.09 -51.47
C SER H 26 -1.57 -47.26 -50.67
N GLN H 27 -2.43 -46.99 -49.69
CA GLN H 27 -3.19 -47.98 -48.91
C GLN H 27 -4.48 -47.34 -48.38
N TYR H 28 -5.40 -48.16 -47.88
CA TYR H 28 -6.72 -47.72 -47.43
C TYR H 28 -6.68 -46.52 -46.48
N VAL H 29 -7.47 -45.49 -46.76
CA VAL H 29 -7.78 -44.40 -45.84
C VAL H 29 -9.28 -44.11 -45.91
N ASP H 30 -9.94 -44.07 -44.75
CA ASP H 30 -11.40 -44.00 -44.68
C ASP H 30 -11.89 -42.56 -44.92
N ARG H 31 -12.14 -42.18 -46.17
CA ARG H 31 -12.74 -40.88 -46.57
C ARG H 31 -12.01 -39.64 -46.03
N SER H 32 -10.75 -39.81 -45.64
CA SER H 32 -9.94 -38.87 -44.85
C SER H 32 -8.93 -38.14 -45.72
N ILE H 33 -9.48 -37.30 -46.59
CA ILE H 33 -8.78 -36.53 -47.61
C ILE H 33 -9.27 -35.10 -47.54
N SER H 34 -8.38 -34.14 -47.62
CA SER H 34 -8.71 -32.73 -47.78
C SER H 34 -8.13 -32.21 -49.07
N TRP H 35 -8.79 -31.25 -49.70
CA TRP H 35 -8.28 -30.61 -50.91
C TRP H 35 -7.99 -29.13 -50.67
N TYR H 36 -6.79 -28.70 -51.02
CA TYR H 36 -6.41 -27.30 -50.99
C TYR H 36 -6.26 -26.76 -52.41
N GLN H 37 -6.89 -25.62 -52.68
CA GLN H 37 -6.47 -24.74 -53.77
C GLN H 37 -5.22 -23.99 -53.33
N LEU H 38 -4.20 -23.89 -54.16
CA LEU H 38 -3.08 -22.98 -53.94
C LEU H 38 -3.00 -21.97 -55.09
N LYS H 39 -3.21 -20.69 -54.77
CA LYS H 39 -2.93 -19.54 -55.64
C LYS H 39 -1.60 -18.94 -55.22
N THR H 40 -0.76 -18.56 -56.19
CA THR H 40 0.59 -18.02 -55.92
C THR H 40 0.56 -16.82 -54.96
N GLY H 41 1.52 -16.77 -54.04
CA GLY H 41 1.69 -15.69 -53.06
C GLY H 41 0.76 -15.72 -51.85
N ARG H 42 -0.14 -16.71 -51.76
CA ARG H 42 -1.17 -16.83 -50.72
C ARG H 42 -1.11 -18.19 -50.03
N ALA H 43 -1.58 -18.26 -48.79
CA ALA H 43 -1.79 -19.54 -48.13
C ALA H 43 -2.73 -20.43 -48.96
N PRO H 44 -2.60 -21.76 -48.93
CA PRO H 44 -3.58 -22.63 -49.54
C PRO H 44 -4.97 -22.40 -48.92
N ARG H 45 -6.02 -22.64 -49.69
CA ARG H 45 -7.42 -22.45 -49.29
C ARG H 45 -8.14 -23.79 -49.27
N LEU H 46 -8.74 -24.13 -48.14
CA LEU H 46 -9.41 -25.42 -47.94
C LEU H 46 -10.74 -25.48 -48.69
N LEU H 47 -10.83 -26.33 -49.69
CA LEU H 47 -12.08 -26.53 -50.43
C LEU H 47 -13.01 -27.52 -49.73
N VAL H 48 -12.44 -28.65 -49.32
CA VAL H 48 -13.14 -29.88 -48.99
C VAL H 48 -12.36 -30.55 -47.84
N TYR H 49 -13.01 -30.92 -46.73
CA TYR H 49 -12.32 -31.30 -45.49
C TYR H 49 -12.58 -32.73 -44.98
N ALA H 50 -13.45 -33.44 -45.66
CA ALA H 50 -13.48 -34.89 -45.76
C ALA H 50 -14.04 -35.17 -47.16
N ALA H 51 -13.98 -36.39 -47.67
CA ALA H 51 -14.54 -36.65 -49.00
C ALA H 51 -16.00 -36.13 -49.08
N SER H 52 -16.30 -35.34 -50.10
CA SER H 52 -17.56 -34.59 -50.31
C SER H 52 -17.90 -33.46 -49.32
N SER H 53 -17.36 -33.41 -48.12
CA SER H 53 -17.70 -32.36 -47.13
C SER H 53 -17.09 -31.01 -47.52
N ARG H 54 -17.85 -30.11 -48.14
CA ARG H 54 -17.34 -28.78 -48.54
C ARG H 54 -17.09 -27.89 -47.33
N SER H 55 -16.03 -27.09 -47.37
CA SER H 55 -15.81 -26.02 -46.40
C SER H 55 -16.96 -25.02 -46.46
N ILE H 56 -17.24 -24.35 -45.34
CA ILE H 56 -17.97 -23.08 -45.36
C ILE H 56 -17.22 -22.07 -46.23
N GLY H 57 -17.95 -21.11 -46.81
CA GLY H 57 -17.37 -20.00 -47.57
C GLY H 57 -16.81 -20.34 -48.96
N VAL H 58 -16.94 -21.57 -49.44
CA VAL H 58 -16.46 -21.98 -50.78
C VAL H 58 -17.64 -22.04 -51.75
N PRO H 59 -17.54 -21.45 -52.95
CA PRO H 59 -18.63 -21.42 -53.92
C PRO H 59 -19.00 -22.81 -54.42
N ASP H 60 -20.28 -23.01 -54.69
CA ASP H 60 -20.90 -24.34 -54.74
C ASP H 60 -20.45 -25.19 -55.94
N ARG H 61 -19.71 -24.61 -56.89
CA ARG H 61 -19.14 -25.34 -58.02
C ARG H 61 -18.14 -26.43 -57.63
N PHE H 62 -17.47 -26.28 -56.48
CA PHE H 62 -16.57 -27.30 -55.94
C PHE H 62 -17.35 -28.41 -55.21
N SER H 63 -17.10 -29.67 -55.55
CA SER H 63 -17.62 -30.81 -54.80
C SER H 63 -16.63 -31.97 -54.80
N GLY H 64 -16.37 -32.56 -53.64
CA GLY H 64 -15.52 -33.76 -53.53
C GLY H 64 -16.30 -35.07 -53.67
N SER H 65 -15.57 -36.17 -53.83
CA SER H 65 -16.10 -37.54 -53.90
C SER H 65 -14.97 -38.55 -53.69
N GLY H 66 -15.29 -39.80 -53.35
CA GLY H 66 -14.28 -40.85 -53.26
C GLY H 66 -14.70 -42.08 -52.47
N SER H 67 -13.83 -43.10 -52.51
CA SER H 67 -13.98 -44.41 -51.88
C SER H 67 -13.26 -44.46 -50.51
N GLY H 68 -12.61 -45.58 -50.19
CA GLY H 68 -11.58 -45.68 -49.16
C GLY H 68 -10.13 -45.72 -49.68
N ARG H 69 -9.88 -45.44 -50.97
CA ARG H 69 -8.53 -45.43 -51.56
C ARG H 69 -8.31 -44.43 -52.70
N ASP H 70 -9.36 -43.96 -53.35
CA ASP H 70 -9.25 -42.98 -54.43
C ASP H 70 -10.39 -41.96 -54.38
N PHE H 71 -10.09 -40.76 -54.86
CA PHE H 71 -10.86 -39.55 -54.56
C PHE H 71 -10.85 -38.64 -55.77
N THR H 72 -11.82 -37.74 -55.88
CA THR H 72 -11.93 -36.86 -57.04
C THR H 72 -12.56 -35.54 -56.66
N LEU H 73 -11.80 -34.45 -56.79
CA LEU H 73 -12.33 -33.09 -56.72
C LEU H 73 -12.97 -32.73 -58.06
N THR H 74 -14.23 -32.30 -58.03
CA THR H 74 -14.97 -31.87 -59.23
C THR H 74 -15.27 -30.38 -59.17
N ILE H 75 -15.15 -29.68 -60.30
CA ILE H 75 -15.53 -28.26 -60.43
C ILE H 75 -16.55 -28.12 -61.56
N ARG H 76 -17.68 -27.43 -61.36
CA ARG H 76 -18.68 -27.18 -62.42
C ARG H 76 -18.71 -25.72 -62.85
N GLY H 77 -18.43 -25.45 -64.13
CA GLY H 77 -18.29 -24.09 -64.64
C GLY H 77 -17.01 -23.42 -64.14
N VAL H 78 -15.87 -23.87 -64.64
CA VAL H 78 -14.54 -23.33 -64.32
C VAL H 78 -14.50 -21.83 -64.63
N GLN H 79 -14.23 -21.01 -63.64
CA GLN H 79 -14.16 -19.54 -63.77
C GLN H 79 -12.71 -19.05 -63.85
N SER H 80 -12.51 -17.78 -64.21
CA SER H 80 -11.17 -17.24 -64.51
C SER H 80 -10.20 -17.25 -63.32
N ASP H 81 -10.67 -17.29 -62.06
CA ASP H 81 -9.78 -17.43 -60.89
C ASP H 81 -9.60 -18.88 -60.42
N ASP H 82 -10.26 -19.87 -61.02
CA ASP H 82 -10.02 -21.29 -60.70
C ASP H 82 -8.70 -21.81 -61.28
N PHE H 83 -8.11 -21.13 -62.26
CA PHE H 83 -6.79 -21.49 -62.78
C PHE H 83 -5.70 -21.25 -61.71
N ALA H 84 -5.21 -22.34 -61.12
CA ALA H 84 -4.40 -22.39 -59.90
C ALA H 84 -3.77 -23.79 -59.74
N LEU H 85 -2.99 -24.02 -58.69
CA LEU H 85 -2.60 -25.38 -58.27
C LEU H 85 -3.66 -25.99 -57.33
N TYR H 86 -3.80 -27.32 -57.33
CA TYR H 86 -4.64 -28.06 -56.39
C TYR H 86 -3.91 -29.27 -55.80
N TYR H 87 -4.01 -29.45 -54.48
CA TYR H 87 -3.36 -30.51 -53.73
C TYR H 87 -4.36 -31.31 -52.92
N CYS H 88 -4.35 -32.64 -53.02
CA CYS H 88 -5.02 -33.50 -52.04
C CYS H 88 -4.07 -33.82 -50.89
N GLN H 89 -4.63 -34.06 -49.71
CA GLN H 89 -3.89 -34.24 -48.48
C GLN H 89 -4.47 -35.37 -47.64
N GLN H 90 -3.63 -36.31 -47.22
CA GLN H 90 -3.99 -37.49 -46.44
C GLN H 90 -3.57 -37.32 -44.99
N ASP H 91 -4.44 -37.64 -44.03
CA ASP H 91 -4.22 -37.38 -42.60
C ASP H 91 -4.73 -38.51 -41.69
N TYR H 92 -4.88 -39.70 -42.25
CA TYR H 92 -5.43 -40.87 -41.57
C TYR H 92 -4.35 -41.59 -40.76
N TYR H 93 -3.17 -41.78 -41.36
CA TYR H 93 -1.93 -42.11 -40.64
C TYR H 93 -1.04 -40.86 -40.60
N TRP H 94 -0.47 -40.50 -39.46
CA TRP H 94 0.64 -39.54 -39.46
C TRP H 94 1.85 -40.11 -40.19
N PRO H 95 2.75 -39.29 -40.75
CA PRO H 95 2.62 -37.84 -40.91
C PRO H 95 1.58 -37.49 -41.97
N VAL H 96 1.04 -36.27 -41.92
CA VAL H 96 0.16 -35.79 -43.00
C VAL H 96 0.96 -35.72 -44.29
N THR H 97 0.46 -36.24 -45.41
CA THR H 97 1.17 -36.22 -46.70
C THR H 97 0.32 -35.66 -47.83
N PHE H 98 0.95 -35.00 -48.79
CA PHE H 98 0.31 -34.31 -49.89
C PHE H 98 0.75 -34.89 -51.22
N GLY H 99 -0.13 -34.91 -52.22
CA GLY H 99 0.26 -35.30 -53.58
C GLY H 99 1.26 -34.33 -54.22
N GLN H 100 1.74 -34.63 -55.43
CA GLN H 100 2.64 -33.74 -56.18
C GLN H 100 1.94 -32.51 -56.81
N GLY H 101 0.65 -32.31 -56.54
CA GLY H 101 -0.14 -31.19 -57.05
C GLY H 101 -0.61 -31.36 -58.49
N THR H 102 -1.67 -30.62 -58.85
CA THR H 102 -2.18 -30.53 -60.22
C THR H 102 -2.39 -29.08 -60.59
N ARG H 103 -1.95 -28.67 -61.78
CA ARG H 103 -2.11 -27.30 -62.30
C ARG H 103 -3.34 -27.22 -63.19
N LEU H 104 -4.22 -26.25 -62.95
CA LEU H 104 -5.37 -25.98 -63.81
C LEU H 104 -5.05 -24.79 -64.72
N ASP H 105 -5.22 -24.98 -66.03
CA ASP H 105 -4.68 -24.11 -67.08
C ASP H 105 -5.79 -23.70 -68.07
N MET H 106 -5.85 -22.42 -68.42
CA MET H 106 -6.85 -21.90 -69.34
C MET H 106 -6.60 -22.39 -70.78
N LYS H 107 -7.36 -23.38 -71.23
CA LYS H 107 -7.29 -23.95 -72.59
C LYS H 107 -7.31 -22.84 -73.65
N ARG H 108 -6.42 -22.99 -74.64
CA ARG H 108 -6.21 -22.12 -75.78
C ARG H 108 -5.61 -22.93 -76.94
N THR H 109 -5.63 -22.42 -78.16
CA THR H 109 -5.13 -23.12 -79.36
C THR H 109 -3.63 -23.35 -79.36
N VAL H 110 -3.15 -24.38 -80.06
CA VAL H 110 -1.72 -24.70 -80.13
C VAL H 110 -0.93 -23.55 -80.74
N ALA H 111 0.20 -23.19 -80.14
CA ALA H 111 1.11 -22.16 -80.59
C ALA H 111 2.57 -22.62 -80.38
N ALA H 112 3.28 -22.90 -81.47
CA ALA H 112 4.69 -23.23 -81.43
C ALA H 112 5.52 -22.02 -80.94
N PRO H 113 6.63 -22.24 -80.20
CA PRO H 113 7.51 -21.17 -79.76
C PRO H 113 8.15 -20.42 -80.92
N SER H 114 8.31 -19.10 -80.79
CA SER H 114 9.38 -18.38 -81.49
C SER H 114 10.69 -18.58 -80.71
N VAL H 115 11.84 -18.73 -81.40
CA VAL H 115 13.07 -19.25 -80.77
C VAL H 115 14.33 -18.44 -81.13
N PHE H 116 15.16 -18.14 -80.13
CA PHE H 116 16.35 -17.29 -80.24
C PHE H 116 17.51 -17.78 -79.35
N ILE H 117 18.74 -17.37 -79.66
CA ILE H 117 19.96 -17.66 -78.89
C ILE H 117 20.86 -16.41 -78.80
N PHE H 118 21.62 -16.31 -77.72
CA PHE H 118 22.58 -15.26 -77.44
C PHE H 118 23.90 -15.86 -76.95
N PRO H 119 25.05 -15.51 -77.55
CA PRO H 119 26.36 -15.75 -76.95
C PRO H 119 26.53 -14.99 -75.63
N PRO H 120 27.53 -15.34 -74.82
CA PRO H 120 27.89 -14.56 -73.65
C PRO H 120 28.29 -13.13 -74.02
N SER H 121 27.92 -12.16 -73.18
CA SER H 121 28.20 -10.75 -73.45
C SER H 121 29.70 -10.46 -73.44
N ASP H 122 30.15 -9.51 -74.25
CA ASP H 122 31.55 -9.11 -74.35
C ASP H 122 32.13 -8.68 -72.98
N GLU H 123 31.37 -7.90 -72.21
CA GLU H 123 31.69 -7.52 -70.82
C GLU H 123 31.78 -8.74 -69.91
N GLN H 124 30.91 -9.72 -70.13
CA GLN H 124 30.87 -10.94 -69.34
C GLN H 124 32.11 -11.81 -69.62
N LEU H 125 32.47 -11.98 -70.89
CA LEU H 125 33.69 -12.68 -71.31
C LEU H 125 34.94 -12.07 -70.69
N LYS H 126 35.05 -10.74 -70.72
CA LYS H 126 36.12 -10.01 -70.02
C LYS H 126 36.09 -10.21 -68.50
N SER H 127 34.90 -10.37 -67.90
CA SER H 127 34.75 -10.72 -66.48
C SER H 127 35.10 -12.18 -66.14
N GLY H 128 35.50 -13.00 -67.12
CA GLY H 128 35.99 -14.38 -66.89
C GLY H 128 34.91 -15.45 -66.79
N THR H 129 33.65 -15.13 -67.13
CA THR H 129 32.54 -16.10 -67.12
C THR H 129 31.64 -15.92 -68.34
N ALA H 130 30.90 -16.96 -68.71
CA ALA H 130 30.32 -17.08 -70.03
C ALA H 130 28.93 -17.73 -69.96
N SER H 131 27.89 -16.91 -69.91
CA SER H 131 26.49 -17.38 -69.94
C SER H 131 25.91 -17.27 -71.35
N VAL H 132 25.70 -18.42 -71.99
CA VAL H 132 24.90 -18.53 -73.20
C VAL H 132 23.41 -18.51 -72.81
N VAL H 133 22.56 -17.79 -73.55
CA VAL H 133 21.13 -17.68 -73.22
C VAL H 133 20.27 -18.03 -74.42
N CYS H 134 19.11 -18.63 -74.16
CA CYS H 134 18.14 -19.04 -75.16
C CYS H 134 16.74 -18.59 -74.76
N LEU H 135 15.91 -18.20 -75.73
CA LEU H 135 14.55 -17.76 -75.50
C LEU H 135 13.57 -18.58 -76.34
N LEU H 136 12.54 -19.11 -75.69
CA LEU H 136 11.38 -19.74 -76.31
C LEU H 136 10.19 -18.86 -75.94
N ASN H 137 9.50 -18.25 -76.91
CA ASN H 137 8.60 -17.13 -76.62
C ASN H 137 7.16 -17.35 -77.10
N ASN H 138 6.22 -17.03 -76.21
CA ASN H 138 4.76 -17.07 -76.38
C ASN H 138 4.22 -18.38 -76.99
N PHE H 139 4.64 -19.52 -76.45
CA PHE H 139 4.12 -20.83 -76.84
C PHE H 139 2.90 -21.22 -76.00
N TYR H 140 2.09 -22.13 -76.52
CA TYR H 140 1.03 -22.82 -75.77
C TYR H 140 0.72 -24.20 -76.38
N PRO H 141 0.28 -25.20 -75.63
CA PRO H 141 0.35 -25.37 -74.17
C PRO H 141 1.77 -25.34 -73.60
N ARG H 142 1.87 -25.41 -72.26
CA ARG H 142 3.11 -25.24 -71.46
C ARG H 142 4.20 -26.28 -71.73
N GLU H 143 3.85 -27.42 -72.32
CA GLU H 143 4.75 -28.55 -72.61
C GLU H 143 5.93 -28.16 -73.53
N ALA H 144 7.07 -27.81 -72.93
CA ALA H 144 8.27 -27.35 -73.64
C ALA H 144 9.55 -27.70 -72.87
N LYS H 145 10.69 -27.73 -73.57
CA LYS H 145 12.03 -27.95 -72.99
C LYS H 145 13.14 -27.31 -73.84
N VAL H 146 14.21 -26.84 -73.19
CA VAL H 146 15.50 -26.52 -73.83
C VAL H 146 16.48 -27.67 -73.65
N GLN H 147 17.15 -28.04 -74.73
CA GLN H 147 18.35 -28.87 -74.75
C GLN H 147 19.55 -27.96 -75.11
N TRP H 148 20.65 -28.03 -74.35
CA TRP H 148 21.86 -27.24 -74.62
C TRP H 148 22.97 -28.10 -75.21
N LYS H 149 23.53 -27.65 -76.33
CA LYS H 149 24.63 -28.32 -77.04
C LYS H 149 25.88 -27.45 -77.09
N VAL H 150 27.03 -28.09 -76.93
CA VAL H 150 28.35 -27.45 -76.98
C VAL H 150 29.28 -28.34 -77.82
N ASP H 151 30.10 -27.72 -78.67
CA ASP H 151 30.62 -28.30 -79.92
C ASP H 151 29.52 -28.97 -80.77
N ASN H 152 28.28 -28.50 -80.59
CA ASN H 152 27.02 -29.09 -81.08
C ASN H 152 26.79 -30.57 -80.70
N ALA H 153 27.59 -31.15 -79.81
CA ALA H 153 27.23 -32.34 -79.05
C ALA H 153 26.32 -31.95 -77.88
N LEU H 154 25.30 -32.76 -77.55
CA LEU H 154 24.38 -32.46 -76.45
C LEU H 154 25.07 -32.60 -75.08
N GLN H 155 24.71 -31.75 -74.12
CA GLN H 155 25.38 -31.63 -72.80
C GLN H 155 24.36 -31.56 -71.65
N SER H 156 24.85 -31.54 -70.41
CA SER H 156 24.02 -31.62 -69.19
C SER H 156 24.59 -30.83 -68.00
N GLY H 157 23.74 -30.50 -67.02
CA GLY H 157 24.09 -29.98 -65.69
C GLY H 157 24.51 -28.50 -65.63
N ASN H 158 25.21 -28.05 -66.66
CA ASN H 158 25.74 -26.70 -66.90
C ASN H 158 24.67 -25.60 -67.13
N SER H 159 23.38 -25.91 -67.00
CA SER H 159 22.29 -25.06 -67.51
C SER H 159 20.99 -25.15 -66.71
N GLN H 160 20.17 -24.10 -66.83
CA GLN H 160 18.97 -23.83 -66.03
C GLN H 160 17.83 -23.29 -66.92
N GLU H 161 16.59 -23.37 -66.45
CA GLU H 161 15.40 -22.81 -67.13
C GLU H 161 14.49 -22.06 -66.14
N SER H 162 14.01 -20.88 -66.52
CA SER H 162 12.98 -20.12 -65.79
C SER H 162 11.84 -19.75 -66.76
N VAL H 163 10.61 -19.80 -66.27
CA VAL H 163 9.40 -19.73 -67.11
C VAL H 163 8.43 -18.70 -66.57
N THR H 164 7.76 -17.96 -67.45
CA THR H 164 6.73 -16.99 -67.06
C THR H 164 5.56 -17.67 -66.32
N GLU H 165 4.78 -16.87 -65.61
CA GLU H 165 3.39 -17.23 -65.30
C GLU H 165 2.61 -17.50 -66.60
N GLN H 166 1.42 -18.10 -66.52
CA GLN H 166 0.48 -18.10 -67.64
C GLN H 166 0.19 -16.67 -68.07
N ASP H 167 0.38 -16.37 -69.35
CA ASP H 167 -0.03 -15.08 -69.91
C ASP H 167 -1.55 -14.97 -69.89
N SER H 168 -2.09 -14.10 -69.04
CA SER H 168 -3.54 -13.89 -68.93
C SER H 168 -4.17 -13.38 -70.22
N LYS H 169 -3.38 -12.75 -71.11
CA LYS H 169 -3.86 -12.23 -72.39
C LYS H 169 -4.28 -13.35 -73.35
N ASP H 170 -3.55 -14.46 -73.35
CA ASP H 170 -3.62 -15.42 -74.46
C ASP H 170 -3.23 -16.87 -74.07
N SER H 171 -3.20 -17.14 -72.78
CA SER H 171 -2.75 -18.37 -72.11
C SER H 171 -1.28 -18.76 -72.31
N THR H 172 -0.51 -18.10 -73.18
CA THR H 172 0.84 -18.57 -73.55
C THR H 172 1.83 -18.50 -72.40
N TYR H 173 2.99 -19.12 -72.61
CA TYR H 173 4.13 -19.06 -71.73
C TYR H 173 5.37 -18.70 -72.53
N SER H 174 6.36 -18.13 -71.86
CA SER H 174 7.70 -17.93 -72.40
C SER H 174 8.73 -18.50 -71.43
N LEU H 175 9.81 -19.06 -71.96
CA LEU H 175 10.85 -19.74 -71.20
C LEU H 175 12.19 -19.14 -71.58
N SER H 176 12.97 -18.77 -70.57
CA SER H 176 14.35 -18.30 -70.70
C SER H 176 15.29 -19.33 -70.11
N SER H 177 16.23 -19.82 -70.91
CA SER H 177 17.20 -20.83 -70.49
C SER H 177 18.62 -20.29 -70.54
N THR H 178 19.41 -20.60 -69.52
CA THR H 178 20.77 -20.09 -69.38
C THR H 178 21.74 -21.26 -69.20
N LEU H 179 22.75 -21.34 -70.05
CA LEU H 179 23.89 -22.27 -70.00
C LEU H 179 25.09 -21.44 -69.55
N THR H 180 25.83 -21.85 -68.52
CA THR H 180 27.03 -21.11 -68.09
C THR H 180 28.28 -21.97 -68.06
N LEU H 181 29.37 -21.37 -68.52
CA LEU H 181 30.74 -21.88 -68.54
C LEU H 181 31.66 -20.83 -67.90
N SER H 182 32.82 -21.23 -67.36
CA SER H 182 33.91 -20.25 -67.15
C SER H 182 34.42 -19.78 -68.51
N LYS H 183 35.07 -18.61 -68.62
CA LYS H 183 35.55 -18.15 -69.94
C LYS H 183 36.54 -19.14 -70.55
N ALA H 184 37.38 -19.77 -69.73
CA ALA H 184 38.24 -20.87 -70.15
C ALA H 184 37.42 -22.00 -70.79
N ASP H 185 36.43 -22.54 -70.09
CA ASP H 185 35.57 -23.63 -70.57
C ASP H 185 34.81 -23.25 -71.84
N TYR H 186 34.29 -22.02 -71.89
CA TYR H 186 33.67 -21.45 -73.09
C TYR H 186 34.60 -21.48 -74.31
N GLU H 187 35.89 -21.22 -74.09
CA GLU H 187 36.93 -21.24 -75.13
C GLU H 187 37.62 -22.60 -75.31
N LYS H 188 37.41 -23.58 -74.44
CA LYS H 188 37.79 -24.99 -74.70
C LYS H 188 36.94 -25.58 -75.82
N HIS H 189 35.69 -25.15 -75.91
CA HIS H 189 34.77 -25.45 -77.01
C HIS H 189 34.69 -24.30 -78.03
N LYS H 190 34.01 -24.53 -79.15
CA LYS H 190 33.95 -23.62 -80.30
C LYS H 190 32.55 -23.47 -80.91
N VAL H 191 31.64 -24.42 -80.70
CA VAL H 191 30.28 -24.36 -81.30
C VAL H 191 29.21 -24.47 -80.21
N TYR H 192 28.09 -23.77 -80.37
CA TYR H 192 27.02 -23.71 -79.38
C TYR H 192 25.66 -23.84 -80.04
N ALA H 193 24.71 -24.54 -79.41
CA ALA H 193 23.32 -24.53 -79.83
C ALA H 193 22.33 -24.70 -78.68
N CYS H 194 21.17 -24.07 -78.83
CA CYS H 194 19.97 -24.35 -78.06
C CYS H 194 18.96 -25.06 -78.96
N GLU H 195 18.50 -26.23 -78.54
CA GLU H 195 17.45 -27.00 -79.21
C GLU H 195 16.15 -26.96 -78.41
N VAL H 196 15.03 -26.82 -79.10
CA VAL H 196 13.70 -26.67 -78.53
C VAL H 196 12.83 -27.88 -78.79
N THR H 197 12.27 -28.43 -77.72
CA THR H 197 11.16 -29.38 -77.77
C THR H 197 9.88 -28.65 -77.37
N HIS H 198 8.79 -28.84 -78.11
CA HIS H 198 7.45 -28.36 -77.75
C HIS H 198 6.41 -29.38 -78.17
N GLN H 199 5.27 -29.43 -77.47
CA GLN H 199 4.16 -30.35 -77.75
C GLN H 199 3.73 -30.33 -79.23
N GLY H 200 3.58 -29.14 -79.81
CA GLY H 200 3.41 -28.90 -81.24
C GLY H 200 4.65 -28.23 -81.84
N LEU H 201 5.36 -28.93 -82.71
CA LEU H 201 6.38 -28.41 -83.64
C LEU H 201 6.62 -29.44 -84.76
N SER H 202 7.16 -29.00 -85.90
CA SER H 202 7.52 -29.90 -87.01
C SER H 202 8.72 -30.79 -86.66
N SER H 203 9.82 -30.16 -86.23
CA SER H 203 11.05 -30.80 -85.74
C SER H 203 11.64 -29.95 -84.59
N PRO H 204 12.59 -30.46 -83.80
CA PRO H 204 13.19 -29.72 -82.69
C PRO H 204 13.94 -28.47 -83.15
N VAL H 205 13.25 -27.31 -83.20
CA VAL H 205 13.84 -26.06 -83.71
C VAL H 205 15.09 -25.71 -82.91
N THR H 206 16.20 -25.52 -83.63
CA THR H 206 17.52 -25.36 -83.01
C THR H 206 18.21 -24.11 -83.57
N LYS H 207 18.78 -23.29 -82.68
CA LYS H 207 19.49 -22.05 -83.04
C LYS H 207 20.90 -22.10 -82.48
N SER H 208 21.88 -21.69 -83.27
CA SER H 208 23.29 -22.10 -83.10
C SER H 208 24.29 -21.01 -83.46
N PHE H 209 25.52 -21.09 -82.93
CA PHE H 209 26.61 -20.18 -83.30
C PHE H 209 28.01 -20.78 -83.12
N ASN H 210 29.01 -20.18 -83.78
CA ASN H 210 30.43 -20.44 -83.55
C ASN H 210 31.05 -19.34 -82.68
N ARG H 211 31.89 -19.72 -81.72
CA ARG H 211 32.30 -18.92 -80.56
C ARG H 211 32.83 -17.54 -80.95
N GLY H 212 32.25 -16.50 -80.35
CA GLY H 212 32.58 -15.09 -80.62
C GLY H 212 31.66 -14.40 -81.63
N GLU H 213 30.82 -15.13 -82.35
CA GLU H 213 29.73 -14.61 -83.19
C GLU H 213 28.37 -15.17 -82.73
N CYS H 214 27.25 -14.54 -83.09
CA CYS H 214 25.92 -15.10 -82.84
C CYS H 214 25.41 -15.90 -84.05
N GLN I 1 -11.21 38.71 10.79
CA GLN I 1 -9.75 38.94 10.78
C GLN I 1 -9.23 38.86 9.35
N VAL I 2 -8.49 39.88 8.87
CA VAL I 2 -7.78 39.87 7.58
C VAL I 2 -6.32 40.26 7.80
N GLN I 3 -5.40 39.53 7.19
CA GLN I 3 -3.98 39.70 7.48
C GLN I 3 -3.10 39.43 6.25
N LEU I 4 -2.29 40.43 5.90
CA LEU I 4 -1.28 40.39 4.84
C LEU I 4 0.13 40.49 5.45
N ILE I 5 1.01 39.56 5.12
CA ILE I 5 2.40 39.52 5.62
C ILE I 5 3.38 39.56 4.44
N GLN I 6 4.26 40.56 4.38
CA GLN I 6 5.29 40.68 3.33
C GLN I 6 6.67 40.17 3.78
N SER I 7 7.60 40.08 2.83
CA SER I 7 9.04 39.88 3.07
C SER I 7 9.70 41.08 3.77
N GLY I 8 10.80 40.83 4.49
CA GLY I 8 11.63 41.87 5.10
C GLY I 8 12.34 42.79 4.08
N PRO I 9 13.05 43.84 4.53
CA PRO I 9 13.75 44.79 3.69
C PRO I 9 14.85 44.13 2.84
N GLN I 10 15.25 44.78 1.74
CA GLN I 10 16.30 44.30 0.84
C GLN I 10 17.19 45.41 0.29
N PHE I 11 18.43 45.04 -0.01
CA PHE I 11 19.38 45.83 -0.79
C PHE I 11 19.68 45.11 -2.10
N LYS I 12 19.63 45.82 -3.23
CA LYS I 12 19.91 45.26 -4.55
C LYS I 12 20.81 46.18 -5.36
N THR I 13 21.62 45.59 -6.23
CA THR I 13 22.52 46.29 -7.14
C THR I 13 21.83 46.61 -8.47
N PRO I 14 22.17 47.72 -9.15
CA PRO I 14 21.53 48.09 -10.41
C PRO I 14 21.52 46.97 -11.45
N GLY I 15 20.46 46.89 -12.25
CA GLY I 15 20.26 45.84 -13.25
C GLY I 15 19.77 44.49 -12.70
N ALA I 16 19.74 44.29 -11.38
CA ALA I 16 19.18 43.08 -10.78
C ALA I 16 17.64 42.99 -10.91
N SER I 17 17.05 41.84 -10.56
CA SER I 17 15.60 41.66 -10.45
C SER I 17 15.20 41.40 -9.00
N VAL I 18 14.25 42.18 -8.46
CA VAL I 18 13.84 42.12 -7.06
C VAL I 18 12.47 41.46 -6.90
N THR I 19 12.36 40.52 -5.96
CA THR I 19 11.11 39.83 -5.63
C THR I 19 10.60 40.28 -4.26
N VAL I 20 9.33 40.68 -4.17
CA VAL I 20 8.62 40.88 -2.90
C VAL I 20 7.45 39.91 -2.83
N SER I 21 7.39 39.08 -1.79
CA SER I 21 6.26 38.18 -1.58
C SER I 21 5.23 38.80 -0.64
N CYS I 22 3.99 38.33 -0.69
CA CYS I 22 2.90 38.74 0.18
C CYS I 22 1.99 37.54 0.48
N LYS I 23 2.09 36.98 1.69
CA LYS I 23 1.16 35.95 2.20
C LYS I 23 -0.17 36.61 2.54
N ALA I 24 -1.27 35.95 2.22
CA ALA I 24 -2.61 36.47 2.43
C ALA I 24 -3.47 35.46 3.21
N SER I 25 -4.19 35.93 4.22
CA SER I 25 -4.89 35.04 5.16
C SER I 25 -6.14 35.67 5.79
N GLY I 26 -7.08 34.81 6.19
CA GLY I 26 -8.25 35.17 7.00
C GLY I 26 -9.56 35.37 6.22
N TYR I 27 -9.52 35.26 4.89
CA TYR I 27 -10.66 35.46 4.00
C TYR I 27 -10.48 34.63 2.73
N ILE I 28 -11.54 34.42 1.95
CA ILE I 28 -11.46 33.62 0.71
C ILE I 28 -10.56 34.30 -0.31
N PHE I 29 -9.31 33.84 -0.41
CA PHE I 29 -8.25 34.57 -1.09
C PHE I 29 -8.51 34.78 -2.58
N THR I 30 -9.23 33.86 -3.23
CA THR I 30 -9.60 34.01 -4.65
C THR I 30 -10.53 35.19 -4.92
N ASP I 31 -11.19 35.77 -3.93
CA ASP I 31 -12.34 36.63 -4.19
C ASP I 31 -12.06 38.12 -4.06
N TYR I 32 -10.81 38.54 -3.94
CA TYR I 32 -10.43 39.96 -3.99
C TYR I 32 -9.19 40.21 -4.82
N LEU I 33 -9.20 41.27 -5.61
CA LEU I 33 -8.02 41.73 -6.32
C LEU I 33 -7.02 42.31 -5.33
N ILE I 34 -5.80 41.80 -5.35
CA ILE I 34 -4.64 42.40 -4.68
C ILE I 34 -4.06 43.48 -5.59
N HIS I 35 -3.56 44.55 -5.02
CA HIS I 35 -2.91 45.66 -5.71
C HIS I 35 -1.50 45.85 -5.15
N TRP I 36 -0.60 46.42 -5.95
CA TRP I 36 0.72 46.82 -5.50
C TRP I 36 0.90 48.32 -5.60
N VAL I 37 1.30 48.95 -4.50
CA VAL I 37 1.49 50.40 -4.42
C VAL I 37 2.87 50.68 -3.85
N ARG I 38 3.58 51.62 -4.44
CA ARG I 38 4.97 51.93 -4.14
C ARG I 38 5.05 53.30 -3.51
N LEU I 39 5.59 53.39 -2.30
CA LEU I 39 5.88 54.65 -1.63
C LEU I 39 7.34 55.01 -1.85
N VAL I 40 7.60 55.86 -2.84
CA VAL I 40 8.90 56.52 -2.99
C VAL I 40 9.02 57.57 -1.88
N PRO I 41 10.09 57.59 -1.06
CA PRO I 41 10.18 58.47 0.09
C PRO I 41 10.09 59.95 -0.27
N GLY I 42 9.41 60.74 0.57
CA GLY I 42 9.14 62.17 0.38
C GLY I 42 8.09 62.51 -0.69
N LYS I 43 8.05 61.75 -1.79
CA LYS I 43 7.06 61.85 -2.88
C LYS I 43 5.73 61.16 -2.53
N GLY I 44 4.71 61.40 -3.36
CA GLY I 44 3.43 60.69 -3.27
C GLY I 44 3.56 59.21 -3.62
N LEU I 45 2.53 58.43 -3.30
CA LEU I 45 2.45 57.03 -3.68
C LEU I 45 2.39 56.88 -5.20
N GLU I 46 2.69 55.69 -5.71
CA GLU I 46 2.56 55.33 -7.13
C GLU I 46 1.98 53.92 -7.26
N TRP I 47 1.11 53.68 -8.24
CA TRP I 47 0.43 52.39 -8.39
C TRP I 47 1.06 51.56 -9.49
N LEU I 48 1.40 50.30 -9.18
CA LEU I 48 2.10 49.40 -10.08
C LEU I 48 1.12 48.59 -10.92
N GLY I 49 0.16 47.94 -10.29
CA GLY I 49 -0.77 47.04 -10.95
C GLY I 49 -1.67 46.31 -9.98
N ARG I 50 -2.58 45.48 -10.51
CA ARG I 50 -3.46 44.62 -9.74
C ARG I 50 -3.52 43.23 -10.33
N ILE I 51 -3.83 42.23 -9.53
CA ILE I 51 -3.84 40.83 -9.93
C ILE I 51 -5.16 40.17 -9.56
N ASN I 52 -5.79 39.47 -10.49
CA ASN I 52 -7.03 38.74 -10.24
C ASN I 52 -6.69 37.42 -9.59
N THR I 53 -6.71 37.34 -8.26
CA THR I 53 -6.21 36.17 -7.54
C THR I 53 -6.93 34.86 -7.88
N ASN I 54 -8.15 34.90 -8.41
CA ASN I 54 -8.80 33.70 -8.94
C ASN I 54 -8.15 33.26 -10.25
N ALA I 55 -8.38 34.01 -11.33
CA ALA I 55 -7.99 33.60 -12.68
C ALA I 55 -6.48 33.64 -12.92
N GLY I 56 -5.72 34.40 -12.12
CA GLY I 56 -4.27 34.55 -12.20
C GLY I 56 -3.78 35.66 -13.13
N LEU I 57 -4.68 36.28 -13.89
CA LEU I 57 -4.36 37.40 -14.80
C LEU I 57 -3.80 38.59 -14.04
N MET I 58 -2.99 39.42 -14.71
CA MET I 58 -2.49 40.68 -14.15
C MET I 58 -2.81 41.87 -15.04
N TYR I 59 -2.89 43.06 -14.45
CA TYR I 59 -3.12 44.33 -15.13
C TYR I 59 -2.16 45.37 -14.56
N LEU I 60 -1.46 46.12 -15.41
CA LEU I 60 -0.33 46.93 -14.97
C LEU I 60 -0.49 48.38 -15.39
N SER I 61 0.06 49.30 -14.61
CA SER I 61 0.23 50.68 -15.05
C SER I 61 1.16 50.70 -16.26
N HIS I 62 0.77 51.37 -17.35
CA HIS I 62 1.42 51.23 -18.66
C HIS I 62 2.94 51.42 -18.62
N LYS I 63 3.38 52.38 -17.82
CA LYS I 63 4.78 52.68 -17.52
C LYS I 63 5.64 51.47 -17.13
N PHE I 64 5.07 50.47 -16.46
CA PHE I 64 5.80 49.32 -15.93
C PHE I 64 5.69 48.06 -16.80
N GLU I 65 4.99 48.10 -17.94
CA GLU I 65 4.83 46.88 -18.75
C GLU I 65 6.16 46.32 -19.24
N GLY I 66 6.26 44.99 -19.31
CA GLY I 66 7.47 44.24 -19.63
C GLY I 66 8.47 44.17 -18.47
N ARG I 67 8.71 45.29 -17.79
CA ARG I 67 9.63 45.43 -16.64
C ARG I 67 9.11 44.82 -15.34
N LEU I 68 7.83 44.51 -15.25
CA LEU I 68 7.16 44.02 -14.04
C LEU I 68 6.36 42.74 -14.34
N ILE I 69 6.39 41.78 -13.43
CA ILE I 69 5.54 40.58 -13.48
C ILE I 69 4.93 40.33 -12.11
N LEU I 70 3.63 40.01 -12.05
CA LEU I 70 2.93 39.59 -10.84
C LEU I 70 2.49 38.13 -10.98
N ARG I 71 2.59 37.33 -9.93
CA ARG I 71 2.17 35.91 -9.93
C ARG I 71 1.37 35.60 -8.69
N ARG I 72 0.55 34.54 -8.74
CA ARG I 72 -0.33 34.09 -7.66
C ARG I 72 -0.14 32.61 -7.39
N VAL I 73 0.00 32.21 -6.14
CA VAL I 73 0.03 30.79 -5.72
C VAL I 73 -1.16 30.49 -4.82
N VAL I 74 -1.87 29.39 -5.07
CA VAL I 74 -3.07 28.99 -4.33
C VAL I 74 -3.33 27.49 -4.45
N ASP I 75 -4.12 26.91 -3.54
CA ASP I 75 -4.62 25.54 -3.59
C ASP I 75 -6.16 25.54 -3.54
N TRP I 76 -6.82 24.59 -4.17
CA TRP I 76 -8.27 24.43 -4.10
C TRP I 76 -8.71 23.96 -2.70
N ARG I 77 -7.82 23.28 -1.97
CA ARG I 77 -7.89 23.06 -0.52
C ARG I 77 -7.44 24.32 0.22
N THR I 78 -7.94 24.57 1.43
CA THR I 78 -7.57 25.75 2.24
C THR I 78 -7.75 27.11 1.52
N PRO I 79 -8.95 27.45 1.02
CA PRO I 79 -9.20 28.69 0.28
C PRO I 79 -9.03 29.98 1.11
N SER I 80 -8.97 29.88 2.44
CA SER I 80 -8.74 31.01 3.35
C SER I 80 -7.30 31.54 3.36
N LEU I 81 -6.43 31.01 2.50
CA LEU I 81 -4.98 31.21 2.47
C LEU I 81 -4.49 31.33 1.02
N GLY I 82 -3.42 32.10 0.79
CA GLY I 82 -2.82 32.26 -0.54
C GLY I 82 -1.57 33.12 -0.55
N THR I 83 -1.03 33.43 -1.73
CA THR I 83 0.18 34.26 -1.88
C THR I 83 0.20 35.02 -3.20
N VAL I 84 0.77 36.21 -3.19
CA VAL I 84 1.12 36.97 -4.40
C VAL I 84 2.61 37.30 -4.38
N ASN I 85 3.29 37.20 -5.52
CA ASN I 85 4.69 37.59 -5.68
C ASN I 85 4.83 38.65 -6.74
N MET I 86 5.54 39.73 -6.44
CA MET I 86 5.88 40.79 -7.38
C MET I 86 7.33 40.64 -7.78
N GLU I 87 7.63 40.62 -9.07
CA GLU I 87 9.00 40.68 -9.60
C GLU I 87 9.18 41.97 -10.42
N LEU I 88 9.94 42.93 -9.89
CA LEU I 88 10.36 44.09 -10.66
C LEU I 88 11.73 43.78 -11.24
N ARG I 89 11.82 43.73 -12.56
CA ARG I 89 13.04 43.36 -13.30
C ARG I 89 13.90 44.59 -13.52
N ASN I 90 15.20 44.37 -13.68
CA ASN I 90 16.10 45.38 -14.24
C ASN I 90 16.06 46.71 -13.45
N VAL I 91 16.21 46.64 -12.13
CA VAL I 91 16.04 47.80 -11.23
C VAL I 91 17.05 48.92 -11.48
N ARG I 92 16.63 50.16 -11.23
CA ARG I 92 17.51 51.34 -11.17
C ARG I 92 17.66 51.79 -9.72
N SER I 93 18.65 52.63 -9.40
CA SER I 93 18.72 53.22 -8.06
C SER I 93 17.49 54.07 -7.71
N ASP I 94 16.84 54.70 -8.69
CA ASP I 94 15.60 55.45 -8.50
C ASP I 94 14.35 54.57 -8.31
N ASP I 95 14.45 53.24 -8.40
CA ASP I 95 13.40 52.34 -7.90
C ASP I 95 13.43 52.16 -6.37
N SER I 96 14.33 52.85 -5.67
CA SER I 96 14.43 52.77 -4.21
C SER I 96 13.16 53.32 -3.55
N ALA I 97 12.43 52.46 -2.86
CA ALA I 97 11.10 52.77 -2.33
C ALA I 97 10.65 51.69 -1.34
N ILE I 98 9.50 51.91 -0.68
CA ILE I 98 8.79 50.85 0.01
C ILE I 98 7.74 50.28 -0.95
N TYR I 99 7.66 48.96 -1.08
CA TYR I 99 6.67 48.31 -1.92
C TYR I 99 5.61 47.69 -1.02
N PHE I 100 4.36 48.12 -1.15
CA PHE I 100 3.22 47.66 -0.36
C PHE I 100 2.33 46.74 -1.16
N CYS I 101 2.07 45.57 -0.59
CA CYS I 101 0.95 44.72 -0.94
C CYS I 101 -0.34 45.30 -0.35
N GLY I 102 -1.44 45.36 -1.08
CA GLY I 102 -2.72 45.87 -0.57
C GLY I 102 -3.93 45.16 -1.16
N ARG I 103 -5.09 45.21 -0.51
CA ARG I 103 -6.31 44.52 -0.93
C ARG I 103 -7.50 45.46 -0.95
N VAL I 104 -8.40 45.30 -1.92
CA VAL I 104 -9.58 46.17 -2.03
C VAL I 104 -10.58 45.99 -0.89
N VAL I 105 -11.35 47.05 -0.66
CA VAL I 105 -12.60 47.06 0.11
C VAL I 105 -13.57 45.99 -0.38
N ASP I 106 -14.34 45.39 0.52
CA ASP I 106 -15.30 44.33 0.18
C ASP I 106 -16.33 44.77 -0.88
N GLY I 107 -16.67 43.88 -1.81
CA GLY I 107 -17.65 44.13 -2.88
C GLY I 107 -17.26 45.18 -3.91
N PHE I 108 -16.01 45.63 -3.88
CA PHE I 108 -15.49 46.78 -4.63
C PHE I 108 -14.38 46.38 -5.62
N ASN I 109 -14.41 45.14 -6.12
CA ASN I 109 -13.45 44.50 -7.02
C ASN I 109 -13.26 45.15 -8.41
N ALA I 110 -13.67 46.39 -8.62
CA ALA I 110 -13.54 47.12 -9.87
C ALA I 110 -12.81 48.47 -9.74
N ALA I 111 -12.18 48.75 -8.60
CA ALA I 111 -11.55 50.04 -8.31
C ALA I 111 -10.36 49.90 -7.34
N GLY I 112 -9.84 51.01 -6.83
CA GLY I 112 -8.62 51.07 -6.02
C GLY I 112 -8.72 51.49 -4.53
N PRO I 113 -9.87 51.48 -3.82
CA PRO I 113 -9.85 51.74 -2.39
C PRO I 113 -9.29 50.52 -1.64
N LEU I 114 -8.14 50.66 -1.00
CA LEU I 114 -7.43 49.56 -0.35
C LEU I 114 -7.62 49.59 1.16
N GLU I 115 -8.22 48.54 1.69
CA GLU I 115 -8.58 48.45 3.11
C GLU I 115 -7.46 47.81 3.93
N PHE I 116 -6.89 46.73 3.44
CA PHE I 116 -5.88 45.95 4.16
C PHE I 116 -4.54 46.03 3.44
N TRP I 117 -3.47 46.17 4.20
CA TRP I 117 -2.14 46.43 3.66
C TRP I 117 -1.12 45.54 4.37
N GLY I 118 -0.11 45.06 3.65
CA GLY I 118 1.07 44.49 4.26
C GLY I 118 1.93 45.55 4.94
N GLN I 119 2.94 45.14 5.70
CA GLN I 119 3.78 46.06 6.47
C GLN I 119 4.70 46.94 5.61
N GLY I 120 4.74 46.72 4.30
CA GLY I 120 5.62 47.41 3.36
C GLY I 120 7.06 46.92 3.45
N SER I 121 7.62 46.48 2.32
CA SER I 121 9.01 46.03 2.26
C SER I 121 9.86 47.15 1.67
N PRO I 122 10.84 47.71 2.40
CA PRO I 122 11.82 48.60 1.82
C PRO I 122 12.71 47.86 0.84
N VAL I 123 12.88 48.42 -0.35
CA VAL I 123 13.85 47.97 -1.33
C VAL I 123 14.71 49.17 -1.68
N ILE I 124 15.97 49.13 -1.26
CA ILE I 124 16.94 50.20 -1.53
C ILE I 124 17.93 49.69 -2.58
N VAL I 125 18.17 50.47 -3.62
CA VAL I 125 19.00 50.06 -4.74
C VAL I 125 20.23 50.95 -4.85
N SER I 126 21.42 50.36 -4.65
CA SER I 126 22.71 51.06 -4.72
C SER I 126 23.83 50.09 -5.14
N SER I 127 24.89 50.60 -5.75
CA SER I 127 26.12 49.84 -6.02
C SER I 127 27.02 49.72 -4.79
N ALA I 128 26.75 50.47 -3.72
CA ALA I 128 27.55 50.49 -2.49
C ALA I 128 27.62 49.11 -1.80
N SER I 129 28.55 48.98 -0.84
CA SER I 129 28.75 47.78 -0.02
C SER I 129 29.04 48.15 1.44
N THR I 130 28.84 47.21 2.35
CA THR I 130 28.83 47.44 3.80
C THR I 130 30.04 48.23 4.28
N LYS I 131 29.82 49.42 4.85
CA LYS I 131 30.86 50.39 5.20
C LYS I 131 30.42 51.24 6.38
N GLY I 132 31.22 51.26 7.45
CA GLY I 132 30.99 52.14 8.59
C GLY I 132 31.27 53.62 8.28
N PRO I 133 30.65 54.55 9.02
CA PRO I 133 30.82 55.99 8.82
C PRO I 133 32.22 56.46 9.20
N SER I 134 32.72 57.46 8.48
CA SER I 134 33.74 58.35 9.02
C SER I 134 33.07 59.32 10.01
N VAL I 135 33.73 59.65 11.11
CA VAL I 135 33.21 60.64 12.07
C VAL I 135 34.04 61.92 11.99
N PHE I 136 33.41 63.02 11.57
CA PHE I 136 34.02 64.35 11.52
C PHE I 136 33.33 65.29 12.52
N PRO I 137 34.06 65.97 13.41
CA PRO I 137 33.45 66.90 14.35
C PRO I 137 33.00 68.18 13.63
N LEU I 138 31.77 68.58 13.87
CA LEU I 138 31.32 69.97 13.69
C LEU I 138 31.60 70.70 15.00
N ALA I 139 32.89 70.92 15.25
CA ALA I 139 33.40 71.44 16.51
C ALA I 139 32.74 72.81 16.82
N PRO I 140 32.33 73.07 18.08
CA PRO I 140 31.37 74.11 18.42
C PRO I 140 31.59 75.45 17.73
N SER I 141 30.53 75.95 17.09
CA SER I 141 30.49 77.21 16.38
C SER I 141 30.71 78.35 17.39
N SER I 142 31.75 79.15 17.16
CA SER I 142 32.37 80.00 18.19
C SER I 142 31.54 81.24 18.53
N LYS I 143 31.84 81.91 19.64
CA LYS I 143 31.21 83.20 20.00
C LYS I 143 31.37 84.30 18.94
N SER I 144 32.36 84.18 18.05
CA SER I 144 32.52 85.02 16.85
C SER I 144 31.58 84.61 15.68
N THR I 145 30.51 83.85 15.95
CA THR I 145 29.53 83.35 14.96
C THR I 145 28.16 83.01 15.60
N SER I 146 28.13 82.35 16.76
CA SER I 146 26.94 81.66 17.32
C SER I 146 26.14 82.42 18.39
N GLY I 147 26.70 83.45 19.04
CA GLY I 147 26.02 84.18 20.12
C GLY I 147 25.80 83.34 21.39
N GLY I 148 24.62 83.47 22.02
CA GLY I 148 24.30 82.85 23.32
C GLY I 148 24.06 81.34 23.32
N THR I 149 23.95 80.71 22.16
CA THR I 149 23.84 79.25 22.02
C THR I 149 25.10 78.66 21.37
N ALA I 150 25.76 77.75 22.08
CA ALA I 150 26.80 76.90 21.53
C ALA I 150 26.13 75.79 20.70
N ALA I 151 26.16 75.95 19.39
CA ALA I 151 25.81 74.90 18.44
C ALA I 151 27.06 74.08 18.12
N LEU I 152 26.96 72.76 18.23
CA LEU I 152 28.02 71.82 17.87
C LEU I 152 27.44 70.58 17.20
N GLY I 153 28.27 69.72 16.62
CA GLY I 153 27.78 68.50 15.98
C GLY I 153 28.84 67.48 15.62
N CYS I 154 28.40 66.43 14.94
CA CYS I 154 29.25 65.41 14.32
C CYS I 154 28.64 65.05 12.96
N LEU I 155 29.35 65.36 11.89
CA LEU I 155 29.01 64.99 10.54
C LEU I 155 29.36 63.51 10.33
N VAL I 156 28.47 62.62 10.78
CA VAL I 156 28.62 61.18 10.63
C VAL I 156 28.36 60.85 9.17
N LYS I 157 29.41 60.48 8.42
CA LYS I 157 29.40 60.64 6.96
C LYS I 157 29.90 59.40 6.20
N ASP I 158 29.27 59.19 5.05
CA ASP I 158 29.65 58.23 4.01
C ASP I 158 29.68 56.78 4.48
N TYR I 159 28.48 56.26 4.78
CA TYR I 159 28.25 54.90 5.23
C TYR I 159 27.13 54.22 4.46
N PHE I 160 27.09 52.89 4.47
CA PHE I 160 25.99 52.12 3.88
C PHE I 160 25.95 50.69 4.46
N PRO I 161 24.79 50.03 4.50
CA PRO I 161 23.46 50.62 4.46
C PRO I 161 23.16 51.43 5.74
N GLU I 162 21.93 51.88 5.95
CA GLU I 162 21.44 52.18 7.31
C GLU I 162 21.30 50.90 8.15
N PRO I 163 21.32 50.98 9.49
CA PRO I 163 21.35 52.21 10.29
C PRO I 163 22.72 52.55 10.91
N VAL I 164 23.00 53.85 11.07
CA VAL I 164 23.87 54.31 12.16
C VAL I 164 23.05 54.48 13.45
N THR I 165 23.73 54.52 14.59
CA THR I 165 23.16 55.00 15.85
C THR I 165 24.09 56.05 16.44
N VAL I 166 23.53 57.13 16.97
CA VAL I 166 24.28 58.30 17.45
C VAL I 166 23.72 58.79 18.79
N SER I 167 24.58 59.13 19.75
CA SER I 167 24.21 59.82 21.00
C SER I 167 25.31 60.79 21.45
N TRP I 168 24.99 61.70 22.36
CA TRP I 168 25.98 62.61 22.97
C TRP I 168 26.23 62.25 24.43
N ASN I 169 27.49 62.20 24.84
CA ASN I 169 27.95 61.74 26.16
C ASN I 169 27.38 60.35 26.52
N SER I 170 27.35 59.45 25.52
CA SER I 170 26.72 58.12 25.60
C SER I 170 25.26 58.14 26.08
N GLY I 171 24.53 59.20 25.73
CA GLY I 171 23.13 59.41 26.07
C GLY I 171 22.89 60.26 27.33
N ALA I 172 23.94 60.66 28.06
CA ALA I 172 23.79 61.56 29.20
C ALA I 172 23.39 63.00 28.78
N LEU I 173 23.65 63.40 27.53
CA LEU I 173 23.20 64.67 26.96
C LEU I 173 22.10 64.41 25.92
N THR I 174 20.92 64.97 26.15
CA THR I 174 19.76 64.88 25.23
C THR I 174 19.13 66.25 24.93
N SER I 175 19.24 67.21 25.83
CA SER I 175 18.79 68.60 25.63
C SER I 175 19.44 69.21 24.39
N GLY I 176 18.60 69.69 23.46
CA GLY I 176 19.06 70.31 22.22
C GLY I 176 19.73 69.37 21.21
N VAL I 177 19.77 68.05 21.45
CA VAL I 177 20.25 67.07 20.46
C VAL I 177 19.26 66.92 19.32
N HIS I 178 19.75 66.93 18.08
CA HIS I 178 18.97 66.61 16.89
C HIS I 178 19.80 65.74 15.94
N THR I 179 19.52 64.44 15.91
CA THR I 179 20.06 63.49 14.93
C THR I 179 19.29 63.61 13.62
N PHE I 180 19.60 64.64 12.84
CA PHE I 180 18.94 64.96 11.57
C PHE I 180 18.81 63.74 10.64
N PRO I 181 17.63 63.47 10.06
CA PRO I 181 17.40 62.25 9.31
C PRO I 181 18.33 62.17 8.10
N ALA I 182 18.92 60.99 7.89
CA ALA I 182 20.04 60.82 6.96
C ALA I 182 19.63 60.97 5.50
N VAL I 183 20.49 61.57 4.68
CA VAL I 183 20.32 61.67 3.22
C VAL I 183 21.22 60.66 2.53
N LEU I 184 20.64 59.84 1.66
CA LEU I 184 21.37 58.92 0.79
C LEU I 184 21.93 59.71 -0.39
N GLN I 185 23.20 60.09 -0.31
CA GLN I 185 23.84 61.08 -1.20
C GLN I 185 24.04 60.53 -2.63
N SER I 186 24.42 61.43 -3.54
CA SER I 186 24.81 61.11 -4.93
C SER I 186 25.96 60.08 -5.05
N SER I 187 26.75 59.91 -3.99
CA SER I 187 27.79 58.87 -3.87
C SER I 187 27.24 57.44 -3.74
N GLY I 188 25.94 57.27 -3.45
CA GLY I 188 25.37 55.98 -3.07
C GLY I 188 25.57 55.63 -1.59
N LEU I 189 26.05 56.58 -0.76
CA LEU I 189 26.25 56.42 0.68
C LEU I 189 25.43 57.44 1.49
N TYR I 190 24.97 57.03 2.66
CA TYR I 190 24.26 57.90 3.60
C TYR I 190 25.19 58.89 4.30
N SER I 191 24.61 59.99 4.77
CA SER I 191 25.25 60.96 5.65
C SER I 191 24.25 61.59 6.61
N LEU I 192 24.72 61.99 7.80
CA LEU I 192 23.89 62.36 8.94
C LEU I 192 24.53 63.54 9.71
N SER I 193 24.15 64.76 9.33
CA SER I 193 24.65 66.02 9.92
C SER I 193 24.07 66.29 11.32
N SER I 194 24.40 65.44 12.29
CA SER I 194 23.92 65.49 13.69
C SER I 194 24.44 66.70 14.46
N VAL I 195 23.62 67.25 15.37
CA VAL I 195 23.95 68.43 16.18
C VAL I 195 23.46 68.33 17.61
N VAL I 196 24.03 69.16 18.48
CA VAL I 196 23.50 69.48 19.80
C VAL I 196 23.71 70.97 20.14
N THR I 197 22.72 71.57 20.79
CA THR I 197 22.73 72.99 21.20
C THR I 197 22.64 73.16 22.71
N VAL I 198 23.54 73.95 23.28
CA VAL I 198 23.77 74.14 24.73
C VAL I 198 24.17 75.60 25.01
N PRO I 199 24.10 76.15 26.24
CA PRO I 199 24.39 77.53 26.50
C PRO I 199 25.86 77.89 26.29
N SER I 200 26.11 79.06 25.69
CA SER I 200 27.49 79.58 25.45
C SER I 200 28.26 79.97 26.71
N SER I 201 27.71 79.71 27.91
CA SER I 201 28.48 79.61 29.15
C SER I 201 29.48 78.45 29.15
N SER I 202 29.21 77.41 28.35
CA SER I 202 29.82 76.08 28.47
C SER I 202 30.34 75.58 27.12
N LEU I 203 31.10 76.40 26.38
CA LEU I 203 31.49 76.18 24.98
C LEU I 203 32.21 74.84 24.74
N GLY I 204 33.09 74.45 25.66
CA GLY I 204 33.85 73.20 25.64
C GLY I 204 34.26 72.68 27.04
N THR I 205 34.02 73.47 28.09
CA THR I 205 34.31 73.15 29.50
C THR I 205 33.44 72.01 30.03
N GLN I 206 32.13 72.06 29.75
CA GLN I 206 31.21 70.94 29.94
C GLN I 206 31.41 69.91 28.81
N THR I 207 31.29 68.61 29.10
CA THR I 207 31.65 67.52 28.19
C THR I 207 30.76 67.43 26.93
N TYR I 208 31.39 67.22 25.76
CA TYR I 208 30.74 66.94 24.48
C TYR I 208 31.50 65.84 23.72
N ILE I 209 31.00 64.61 23.82
CA ILE I 209 31.47 63.46 23.05
C ILE I 209 30.31 63.00 22.16
N CYS I 210 30.46 62.99 20.85
CA CYS I 210 29.54 62.22 20.00
C CYS I 210 29.95 60.75 20.03
N ASN I 211 29.00 59.88 20.33
CA ASN I 211 29.15 58.45 20.40
C ASN I 211 28.44 57.85 19.18
N VAL I 212 29.18 57.14 18.35
CA VAL I 212 28.77 56.72 17.00
C VAL I 212 28.93 55.21 16.83
N ASN I 213 28.00 54.59 16.10
CA ASN I 213 27.97 53.16 15.83
C ASN I 213 27.24 52.88 14.50
N HIS I 214 27.51 51.73 13.87
CA HIS I 214 26.92 51.33 12.60
C HIS I 214 26.76 49.81 12.56
N LYS I 215 25.57 49.34 12.91
CA LYS I 215 25.27 47.90 13.10
C LYS I 215 25.51 47.01 11.86
N PRO I 216 25.35 47.47 10.61
CA PRO I 216 25.62 46.63 9.44
C PRO I 216 27.09 46.20 9.34
N SER I 217 28.02 47.13 9.54
CA SER I 217 29.46 46.82 9.65
C SER I 217 29.90 46.42 11.07
N ASN I 218 29.06 46.66 12.08
CA ASN I 218 29.37 46.65 13.51
C ASN I 218 30.55 47.58 13.88
N THR I 219 30.76 48.66 13.12
CA THR I 219 31.78 49.67 13.41
C THR I 219 31.35 50.58 14.55
N LYS I 220 32.25 50.92 15.47
CA LYS I 220 31.97 51.81 16.61
C LYS I 220 33.10 52.82 16.83
N VAL I 221 32.75 54.10 17.02
CA VAL I 221 33.68 55.25 17.10
C VAL I 221 33.14 56.29 18.09
N ASP I 222 34.00 57.14 18.66
CA ASP I 222 33.59 58.29 19.49
C ASP I 222 34.52 59.48 19.25
N LYS I 223 34.04 60.70 19.52
CA LYS I 223 34.81 61.93 19.28
C LYS I 223 34.40 63.07 20.21
N LYS I 224 35.35 63.58 20.99
CA LYS I 224 35.25 64.81 21.80
C LYS I 224 35.37 66.07 20.93
N VAL I 225 34.77 67.19 21.37
CA VAL I 225 34.86 68.50 20.69
C VAL I 225 35.05 69.70 21.65
N GLU I 226 35.54 70.82 21.11
CA GLU I 226 35.80 72.11 21.78
C GLU I 226 35.68 73.26 20.74
N PRO I 227 35.56 74.54 21.12
CA PRO I 227 35.14 75.59 20.18
C PRO I 227 36.16 75.85 19.06
N LYS I 228 35.64 76.17 17.86
CA LYS I 228 36.43 76.66 16.72
C LYS I 228 36.94 78.10 16.96
N SER I 229 37.79 78.61 16.06
CA SER I 229 38.38 79.96 16.11
C SER I 229 37.33 81.09 16.13
N GLN J 1 -3.23 60.26 -18.63
CA GLN J 1 -3.57 59.79 -17.27
C GLN J 1 -4.17 60.93 -16.44
N VAL J 2 -5.03 60.62 -15.46
CA VAL J 2 -5.70 61.63 -14.63
C VAL J 2 -4.72 62.27 -13.65
N VAL J 3 -4.65 63.60 -13.62
CA VAL J 3 -3.85 64.36 -12.66
C VAL J 3 -4.73 64.79 -11.50
N MET J 4 -4.25 64.57 -10.28
CA MET J 4 -4.90 65.03 -9.05
C MET J 4 -4.13 66.19 -8.45
N THR J 5 -4.81 67.29 -8.16
CA THR J 5 -4.27 68.42 -7.38
C THR J 5 -4.84 68.39 -5.98
N GLN J 6 -4.01 68.45 -4.93
CA GLN J 6 -4.48 68.78 -3.58
C GLN J 6 -4.15 70.23 -3.21
N SER J 7 -4.88 70.77 -2.24
CA SER J 7 -4.49 72.00 -1.53
C SER J 7 -5.06 72.01 -0.10
N PRO J 8 -4.44 72.76 0.83
CA PRO J 8 -3.12 73.39 0.71
C PRO J 8 -1.98 72.35 0.69
N ALA J 9 -0.74 72.79 0.50
CA ALA J 9 0.41 71.92 0.69
C ALA J 9 0.54 71.46 2.16
N THR J 10 0.31 72.37 3.10
CA THR J 10 0.12 72.03 4.51
C THR J 10 -0.98 72.87 5.17
N LEU J 11 -1.75 72.23 6.05
CA LEU J 11 -2.80 72.83 6.85
C LEU J 11 -2.35 72.89 8.31
N SER J 12 -2.38 74.07 8.91
CA SER J 12 -1.89 74.32 10.27
C SER J 12 -3.06 74.55 11.22
N LEU J 13 -3.25 73.70 12.25
CA LEU J 13 -4.41 73.74 13.15
C LEU J 13 -4.05 73.42 14.60
N SER J 14 -4.77 74.04 15.54
CA SER J 14 -4.66 73.74 16.97
C SER J 14 -5.51 72.52 17.31
N PRO J 15 -5.17 71.72 18.34
CA PRO J 15 -6.03 70.67 18.84
C PRO J 15 -7.45 71.19 19.12
N GLY J 16 -8.47 70.47 18.66
CA GLY J 16 -9.87 70.85 18.80
C GLY J 16 -10.44 71.80 17.73
N GLU J 17 -9.63 72.32 16.79
CA GLU J 17 -10.16 73.03 15.61
C GLU J 17 -10.73 72.06 14.55
N THR J 18 -11.22 72.56 13.43
CA THR J 18 -11.77 71.75 12.32
C THR J 18 -11.05 72.00 10.99
N ALA J 19 -10.84 70.92 10.23
CA ALA J 19 -10.02 70.85 9.01
C ALA J 19 -10.86 70.67 7.73
N ALA J 20 -10.38 71.25 6.62
CA ALA J 20 -10.96 71.10 5.29
C ALA J 20 -9.85 71.02 4.22
N VAL J 21 -9.56 69.81 3.71
CA VAL J 21 -8.49 69.56 2.74
C VAL J 21 -9.12 69.30 1.38
N SER J 22 -8.74 70.07 0.36
CA SER J 22 -9.33 69.99 -0.98
C SER J 22 -8.56 69.06 -1.89
N CYS J 23 -9.27 68.43 -2.82
CA CYS J 23 -8.72 67.62 -3.90
C CYS J 23 -9.51 67.86 -5.18
N ARG J 24 -8.86 67.85 -6.34
CA ARG J 24 -9.48 68.15 -7.63
C ARG J 24 -8.85 67.34 -8.75
N ALA J 25 -9.65 66.93 -9.73
CA ALA J 25 -9.21 66.08 -10.83
C ALA J 25 -9.13 66.85 -12.16
N SER J 26 -8.18 66.51 -13.03
CA SER J 26 -7.98 67.14 -14.35
C SER J 26 -9.13 66.96 -15.35
N GLN J 27 -10.02 66.00 -15.10
CA GLN J 27 -11.28 65.78 -15.82
C GLN J 27 -12.28 65.10 -14.89
N TYR J 28 -13.53 65.02 -15.32
CA TYR J 28 -14.61 64.39 -14.55
C TYR J 28 -14.24 63.00 -14.03
N VAL J 29 -14.44 62.75 -12.74
CA VAL J 29 -14.45 61.41 -12.14
C VAL J 29 -15.64 61.29 -11.20
N ASP J 30 -16.42 60.22 -11.33
CA ASP J 30 -17.74 60.13 -10.72
C ASP J 30 -17.65 59.66 -9.25
N ARG J 31 -17.58 60.58 -8.29
CA ARG J 31 -17.58 60.28 -6.84
C ARG J 31 -16.51 59.29 -6.34
N SER J 32 -15.54 58.95 -7.20
CA SER J 32 -14.63 57.80 -7.02
C SER J 32 -13.24 58.24 -6.57
N ILE J 33 -13.24 58.93 -5.42
CA ILE J 33 -12.06 59.38 -4.71
C ILE J 33 -11.97 58.66 -3.38
N SER J 34 -10.87 57.96 -3.11
CA SER J 34 -10.52 57.51 -1.76
C SER J 34 -9.72 58.59 -1.05
N TRP J 35 -9.69 58.58 0.28
CA TRP J 35 -8.72 59.36 1.05
C TRP J 35 -7.92 58.47 2.00
N TYR J 36 -6.61 58.60 1.97
CA TYR J 36 -5.70 57.90 2.86
C TYR J 36 -5.01 58.86 3.82
N GLN J 37 -5.05 58.55 5.11
CA GLN J 37 -4.12 59.11 6.09
C GLN J 37 -2.81 58.33 6.02
N LEU J 38 -1.67 59.00 5.91
CA LEU J 38 -0.36 58.38 6.03
C LEU J 38 0.35 58.89 7.29
N LYS J 39 0.59 57.99 8.23
CA LYS J 39 1.46 58.17 9.40
C LYS J 39 2.81 57.53 9.10
N THR J 40 3.90 58.19 9.46
CA THR J 40 5.27 57.77 9.07
C THR J 40 5.63 56.37 9.57
N GLY J 41 6.29 55.59 8.71
CA GLY J 41 6.76 54.24 9.00
C GLY J 41 5.68 53.16 9.04
N ARG J 42 4.44 53.49 8.66
CA ARG J 42 3.26 52.60 8.70
C ARG J 42 2.52 52.64 7.36
N ALA J 43 1.77 51.59 7.06
CA ALA J 43 0.94 51.57 5.85
C ALA J 43 -0.06 52.73 5.85
N PRO J 44 -0.42 53.31 4.70
CA PRO J 44 -1.51 54.28 4.65
C PRO J 44 -2.81 53.67 5.17
N ARG J 45 -3.68 54.49 5.75
CA ARG J 45 -4.94 54.06 6.37
C ARG J 45 -6.13 54.67 5.67
N LEU J 46 -7.09 53.84 5.26
CA LEU J 46 -8.23 54.26 4.46
C LEU J 46 -9.29 54.96 5.30
N LEU J 47 -9.52 56.25 5.08
CA LEU J 47 -10.56 57.01 5.77
C LEU J 47 -11.91 56.90 5.10
N VAL J 48 -11.94 57.14 3.79
CA VAL J 48 -13.13 57.30 2.97
C VAL J 48 -12.91 56.55 1.66
N TYR J 49 -13.87 55.76 1.19
CA TYR J 49 -13.65 54.84 0.06
C TYR J 49 -14.49 55.10 -1.20
N ALA J 50 -15.40 56.04 -1.13
CA ALA J 50 -15.96 56.82 -2.23
C ALA J 50 -16.49 58.09 -1.57
N ALA J 51 -16.80 59.15 -2.30
CA ALA J 51 -17.16 60.42 -1.67
C ALA J 51 -18.24 60.24 -0.58
N SER J 52 -17.89 60.64 0.65
CA SER J 52 -18.65 60.47 1.92
C SER J 52 -18.79 59.05 2.49
N SER J 53 -18.50 57.97 1.76
CA SER J 53 -18.56 56.61 2.30
C SER J 53 -17.41 56.34 3.26
N ARG J 54 -17.59 56.62 4.56
CA ARG J 54 -16.55 56.41 5.57
C ARG J 54 -16.20 54.92 5.67
N SER J 55 -14.92 54.59 5.83
CA SER J 55 -14.50 53.21 6.08
C SER J 55 -15.08 52.72 7.40
N ILE J 56 -15.32 51.41 7.49
CA ILE J 56 -15.57 50.77 8.79
C ILE J 56 -14.38 51.00 9.72
N GLY J 57 -14.64 51.09 11.02
CA GLY J 57 -13.60 51.26 12.04
C GLY J 57 -12.92 52.63 12.08
N VAL J 58 -13.48 53.66 11.44
CA VAL J 58 -12.93 55.03 11.42
C VAL J 58 -13.82 55.96 12.26
N PRO J 59 -13.26 56.78 13.16
CA PRO J 59 -14.03 57.64 14.05
C PRO J 59 -14.73 58.76 13.30
N ASP J 60 -15.94 59.09 13.71
CA ASP J 60 -16.87 59.89 12.93
C ASP J 60 -16.48 61.37 12.78
N ARG J 61 -15.38 61.82 13.38
CA ARG J 61 -14.82 63.15 13.09
C ARG J 61 -14.38 63.32 11.64
N PHE J 62 -13.99 62.24 10.96
CA PHE J 62 -13.72 62.25 9.53
C PHE J 62 -15.01 62.18 8.71
N SER J 63 -15.16 63.07 7.72
CA SER J 63 -16.22 62.95 6.72
C SER J 63 -15.75 63.48 5.36
N GLY J 64 -15.81 62.64 4.33
CA GLY J 64 -15.57 63.06 2.96
C GLY J 64 -16.80 63.74 2.34
N SER J 65 -16.60 64.40 1.21
CA SER J 65 -17.66 65.01 0.39
C SER J 65 -17.12 65.34 -1.01
N GLY J 66 -17.98 65.51 -2.01
CA GLY J 66 -17.55 66.01 -3.32
C GLY J 66 -18.54 65.83 -4.46
N SER J 67 -18.16 66.42 -5.60
CA SER J 67 -18.93 66.51 -6.84
C SER J 67 -18.54 65.38 -7.84
N GLY J 68 -18.43 65.71 -9.13
CA GLY J 68 -17.73 64.92 -10.15
C GLY J 68 -16.36 65.47 -10.57
N ARG J 69 -15.84 66.53 -9.96
CA ARG J 69 -14.50 67.08 -10.27
C ARG J 69 -13.72 67.60 -9.09
N ASP J 70 -14.36 67.92 -7.97
CA ASP J 70 -13.69 68.41 -6.76
C ASP J 70 -14.31 67.86 -5.48
N PHE J 71 -13.48 67.75 -4.46
CA PHE J 71 -13.71 66.89 -3.30
C PHE J 71 -13.10 67.51 -2.06
N THR J 72 -13.59 67.16 -0.87
CA THR J 72 -13.13 67.77 0.38
C THR J 72 -13.23 66.80 1.54
N LEU J 73 -12.08 66.35 2.05
CA LEU J 73 -11.99 65.67 3.33
C LEU J 73 -12.14 66.69 4.45
N THR J 74 -12.98 66.39 5.42
CA THR J 74 -13.30 67.30 6.52
C THR J 74 -13.06 66.58 7.85
N ILE J 75 -12.46 67.26 8.84
CA ILE J 75 -12.23 66.68 10.17
C ILE J 75 -12.79 67.64 11.23
N ARG J 76 -13.57 67.17 12.21
CA ARG J 76 -14.08 68.02 13.30
C ARG J 76 -13.42 67.68 14.64
N GLY J 77 -12.74 68.66 15.23
CA GLY J 77 -11.93 68.44 16.44
C GLY J 77 -10.66 67.65 16.14
N VAL J 78 -9.71 68.27 15.44
CA VAL J 78 -8.39 67.70 15.13
C VAL J 78 -7.68 67.30 16.43
N GLN J 79 -7.17 66.06 16.47
CA GLN J 79 -6.54 65.47 17.66
C GLN J 79 -5.03 65.29 17.51
N SER J 80 -4.34 64.92 18.59
CA SER J 80 -2.86 64.86 18.63
C SER J 80 -2.21 63.91 17.62
N ASP J 81 -2.91 62.85 17.17
CA ASP J 81 -2.40 61.96 16.11
C ASP J 81 -3.01 62.23 14.73
N ASP J 82 -3.91 63.21 14.58
CA ASP J 82 -4.38 63.65 13.26
C ASP J 82 -3.31 64.45 12.50
N PHE J 83 -2.29 64.97 13.18
CA PHE J 83 -1.14 65.59 12.52
C PHE J 83 -0.31 64.52 11.77
N ALA J 84 -0.42 64.50 10.44
CA ALA J 84 0.06 63.44 9.54
C ALA J 84 0.00 63.93 8.07
N LEU J 85 0.29 63.08 7.09
CA LEU J 85 -0.01 63.36 5.67
C LEU J 85 -1.40 62.82 5.28
N TYR J 86 -2.10 63.49 4.38
CA TYR J 86 -3.35 63.01 3.79
C TYR J 86 -3.31 63.06 2.27
N TYR J 87 -3.61 61.94 1.60
CA TYR J 87 -3.63 61.80 0.14
C TYR J 87 -5.03 61.49 -0.35
N CYS J 88 -5.54 62.22 -1.35
CA CYS J 88 -6.68 61.76 -2.14
C CYS J 88 -6.20 60.88 -3.29
N GLN J 89 -7.02 59.90 -3.68
CA GLN J 89 -6.67 58.91 -4.69
C GLN J 89 -7.83 58.69 -5.64
N GLN J 90 -7.56 58.63 -6.93
CA GLN J 90 -8.53 58.55 -8.02
C GLN J 90 -8.39 57.20 -8.74
N ASP J 91 -9.49 56.59 -9.16
CA ASP J 91 -9.47 55.27 -9.83
C ASP J 91 -10.63 55.06 -10.82
N TYR J 92 -11.22 56.14 -11.29
CA TYR J 92 -12.28 56.10 -12.29
C TYR J 92 -11.74 55.73 -13.67
N TYR J 93 -10.52 56.18 -13.99
CA TYR J 93 -9.71 55.68 -15.10
C TYR J 93 -8.45 55.02 -14.55
N TRP J 94 -8.04 53.87 -15.05
CA TRP J 94 -6.69 53.38 -14.78
C TRP J 94 -5.64 54.25 -15.48
N PRO J 95 -4.39 54.30 -15.01
CA PRO J 95 -3.92 53.76 -13.75
C PRO J 95 -4.45 54.59 -12.57
N VAL J 96 -4.50 54.00 -11.39
CA VAL J 96 -4.84 54.71 -10.16
C VAL J 96 -3.83 55.84 -9.95
N THR J 97 -4.25 57.05 -9.58
CA THR J 97 -3.31 58.16 -9.31
C THR J 97 -3.65 58.88 -8.01
N PHE J 98 -2.65 59.54 -7.42
CA PHE J 98 -2.73 60.17 -6.12
C PHE J 98 -2.26 61.62 -6.22
N GLY J 99 -2.82 62.52 -5.42
CA GLY J 99 -2.31 63.90 -5.32
C GLY J 99 -0.90 63.95 -4.72
N GLN J 100 -0.32 65.15 -4.59
CA GLN J 100 0.97 65.32 -3.91
C GLN J 100 0.89 65.19 -2.37
N GLY J 101 -0.31 65.05 -1.81
CA GLY J 101 -0.54 64.94 -0.38
C GLY J 101 -0.51 66.28 0.35
N THR J 102 -1.22 66.36 1.47
CA THR J 102 -1.27 67.54 2.34
C THR J 102 -0.80 67.17 3.73
N ARG J 103 0.18 67.89 4.28
CA ARG J 103 0.61 67.74 5.68
C ARG J 103 -0.34 68.47 6.61
N LEU J 104 -0.71 67.84 7.73
CA LEU J 104 -1.45 68.47 8.82
C LEU J 104 -0.50 68.74 9.98
N ASP J 105 -0.36 70.00 10.34
CA ASP J 105 0.66 70.55 11.23
C ASP J 105 0.03 71.18 12.48
N MET J 106 0.58 70.89 13.66
CA MET J 106 0.07 71.47 14.90
C MET J 106 0.41 72.97 15.02
N LYS J 107 -0.61 73.82 14.83
CA LYS J 107 -0.52 75.28 14.97
C LYS J 107 0.12 75.69 16.31
N ARG J 108 0.98 76.69 16.22
CA ARG J 108 1.70 77.35 17.32
C ARG J 108 2.11 78.75 16.86
N THR J 109 2.50 79.63 17.78
CA THR J 109 2.89 81.02 17.48
C THR J 109 4.16 81.13 16.63
N VAL J 110 4.35 82.25 15.92
CA VAL J 110 5.56 82.45 15.11
C VAL J 110 6.82 82.42 15.98
N ALA J 111 7.88 81.76 15.50
CA ALA J 111 9.19 81.70 16.14
C ALA J 111 10.30 81.69 15.08
N ALA J 112 11.11 82.74 15.04
CA ALA J 112 12.26 82.84 14.14
C ALA J 112 13.34 81.79 14.47
N PRO J 113 14.10 81.30 13.47
CA PRO J 113 15.20 80.37 13.70
C PRO J 113 16.35 81.03 14.48
N SER J 114 17.00 80.28 15.38
CA SER J 114 18.41 80.55 15.71
C SER J 114 19.30 79.95 14.60
N VAL J 115 20.45 80.57 14.31
CA VAL J 115 21.25 80.26 13.11
C VAL J 115 22.75 80.17 13.39
N PHE J 116 23.40 79.14 12.82
CA PHE J 116 24.81 78.82 13.04
C PHE J 116 25.47 78.29 11.76
N ILE J 117 26.79 78.43 11.62
CA ILE J 117 27.57 77.84 10.53
C ILE J 117 28.84 77.17 11.08
N PHE J 118 29.34 76.18 10.36
CA PHE J 118 30.62 75.50 10.59
C PHE J 118 31.41 75.41 9.27
N PRO J 119 32.70 75.77 9.26
CA PRO J 119 33.64 75.30 8.25
C PRO J 119 33.80 73.77 8.32
N PRO J 120 34.45 73.15 7.34
CA PRO J 120 34.74 71.72 7.37
C PRO J 120 35.65 71.34 8.54
N SER J 121 35.53 70.11 9.04
CA SER J 121 36.46 69.66 10.09
C SER J 121 37.88 69.54 9.55
N ASP J 122 38.87 69.80 10.41
CA ASP J 122 40.28 69.70 10.07
C ASP J 122 40.64 68.30 9.56
N GLU J 123 40.10 67.25 10.18
CA GLU J 123 40.25 65.86 9.74
C GLU J 123 39.57 65.62 8.39
N GLN J 124 38.43 66.26 8.14
CA GLN J 124 37.76 66.19 6.86
C GLN J 124 38.62 66.82 5.75
N LEU J 125 39.17 68.01 5.98
CA LEU J 125 40.09 68.67 5.05
C LEU J 125 41.30 67.80 4.73
N LYS J 126 41.91 67.20 5.77
CA LYS J 126 43.02 66.25 5.62
C LYS J 126 42.61 64.98 4.86
N SER J 127 41.36 64.54 4.99
CA SER J 127 40.80 63.44 4.18
C SER J 127 40.54 63.81 2.70
N GLY J 128 40.73 65.07 2.31
CA GLY J 128 40.64 65.54 0.91
C GLY J 128 39.27 66.04 0.47
N THR J 129 38.34 66.28 1.40
CA THR J 129 36.98 66.74 1.10
C THR J 129 36.48 67.75 2.15
N ALA J 130 35.48 68.54 1.82
CA ALA J 130 35.09 69.70 2.59
C ALA J 130 33.56 69.85 2.62
N SER J 131 32.95 69.61 3.78
CA SER J 131 31.54 69.91 4.00
C SER J 131 31.40 71.15 4.88
N VAL J 132 30.71 72.16 4.36
CA VAL J 132 30.38 73.36 5.12
C VAL J 132 28.94 73.21 5.59
N VAL J 133 28.70 73.34 6.89
CA VAL J 133 27.43 72.95 7.51
C VAL J 133 26.76 74.16 8.14
N CYS J 134 25.43 74.25 8.02
CA CYS J 134 24.65 75.34 8.59
C CYS J 134 23.44 74.77 9.34
N LEU J 135 23.20 75.25 10.55
CA LEU J 135 22.10 74.82 11.41
C LEU J 135 21.11 75.97 11.63
N LEU J 136 19.84 75.71 11.37
CA LEU J 136 18.71 76.56 11.70
C LEU J 136 17.90 75.82 12.75
N ASN J 137 17.68 76.37 13.94
CA ASN J 137 17.19 75.56 15.07
C ASN J 137 15.89 76.08 15.69
N ASN J 138 14.95 75.16 15.91
CA ASN J 138 13.68 75.31 16.61
C ASN J 138 12.84 76.54 16.20
N PHE J 139 12.57 76.67 14.90
CA PHE J 139 11.66 77.67 14.34
C PHE J 139 10.23 77.15 14.20
N TYR J 140 9.26 78.05 14.05
CA TYR J 140 7.91 77.73 13.56
C TYR J 140 7.31 78.93 12.79
N PRO J 141 6.50 78.74 11.73
CA PRO J 141 6.13 77.50 11.04
C PRO J 141 7.29 76.83 10.29
N ARG J 142 7.01 75.67 9.67
CA ARG J 142 7.98 74.77 9.01
C ARG J 142 8.75 75.40 7.84
N GLU J 143 8.19 76.41 7.18
CA GLU J 143 8.74 76.97 5.94
C GLU J 143 10.09 77.69 6.14
N ALA J 144 11.17 77.03 5.74
CA ALA J 144 12.55 77.50 5.89
C ALA J 144 13.41 77.07 4.70
N LYS J 145 14.48 77.83 4.39
CA LYS J 145 15.44 77.52 3.32
C LYS J 145 16.83 78.09 3.62
N VAL J 146 17.88 77.43 3.13
CA VAL J 146 19.24 78.01 3.03
C VAL J 146 19.56 78.41 1.60
N GLN J 147 20.18 79.57 1.46
CA GLN J 147 20.90 79.99 0.27
C GLN J 147 22.40 79.87 0.58
N TRP J 148 23.16 79.11 -0.22
CA TRP J 148 24.60 78.89 0.02
C TRP J 148 25.43 79.79 -0.88
N LYS J 149 26.38 80.51 -0.28
CA LYS J 149 27.25 81.46 -0.98
C LYS J 149 28.72 81.10 -0.80
N VAL J 150 29.49 81.24 -1.87
CA VAL J 150 30.91 80.93 -1.92
C VAL J 150 31.64 82.09 -2.63
N ASP J 151 32.77 82.50 -2.07
CA ASP J 151 33.28 83.89 -2.16
C ASP J 151 32.20 84.93 -1.82
N ASN J 152 31.21 84.49 -1.03
CA ASN J 152 29.92 85.14 -0.76
C ASN J 152 29.14 85.59 -2.02
N ALA J 153 29.50 85.09 -3.21
CA ALA J 153 28.62 85.04 -4.38
C ALA J 153 27.69 83.82 -4.25
N LEU J 154 26.40 83.99 -4.55
CA LEU J 154 25.39 82.94 -4.39
C LEU J 154 25.60 81.77 -5.37
N GLN J 155 25.37 80.52 -4.92
CA GLN J 155 25.63 79.28 -5.66
C GLN J 155 24.47 78.28 -5.54
N SER J 156 24.48 77.21 -6.34
CA SER J 156 23.42 76.19 -6.36
C SER J 156 23.94 74.77 -6.65
N GLY J 157 23.14 73.75 -6.33
CA GLY J 157 23.35 72.33 -6.69
C GLY J 157 24.47 71.60 -5.93
N ASN J 158 25.19 72.31 -5.07
CA ASN J 158 26.37 71.86 -4.33
C ASN J 158 26.06 71.53 -2.85
N SER J 159 24.78 71.34 -2.49
CA SER J 159 24.34 71.14 -1.11
C SER J 159 23.14 70.18 -0.98
N GLN J 160 22.98 69.62 0.22
CA GLN J 160 21.83 68.81 0.63
C GLN J 160 21.25 69.35 1.94
N GLU J 161 19.95 69.17 2.17
CA GLU J 161 19.25 69.73 3.34
C GLU J 161 18.38 68.67 4.01
N SER J 162 18.42 68.60 5.34
CA SER J 162 17.65 67.67 6.16
C SER J 162 16.87 68.44 7.23
N VAL J 163 15.65 68.00 7.53
CA VAL J 163 14.72 68.71 8.42
C VAL J 163 14.14 67.72 9.42
N THR J 164 14.04 68.12 10.69
CA THR J 164 13.50 67.27 11.75
C THR J 164 12.02 66.94 11.54
N GLU J 165 11.54 65.88 12.18
CA GLU J 165 10.10 65.73 12.45
C GLU J 165 9.58 66.96 13.24
N GLN J 166 8.26 67.21 13.23
CA GLN J 166 7.69 68.28 14.05
C GLN J 166 7.96 68.04 15.53
N ASP J 167 8.45 69.05 16.23
CA ASP J 167 8.72 68.97 17.65
C ASP J 167 7.41 68.86 18.45
N SER J 168 7.17 67.73 19.10
CA SER J 168 5.96 67.48 19.89
C SER J 168 5.83 68.43 21.09
N LYS J 169 6.94 68.98 21.61
CA LYS J 169 6.92 69.86 22.78
C LYS J 169 6.38 71.24 22.45
N ASP J 170 6.70 71.77 21.27
CA ASP J 170 6.52 73.19 20.97
C ASP J 170 6.18 73.50 19.49
N SER J 171 5.81 72.47 18.72
CA SER J 171 5.54 72.50 17.28
C SER J 171 6.70 72.91 16.39
N THR J 172 7.88 73.28 16.92
CA THR J 172 8.95 73.80 16.08
C THR J 172 9.60 72.73 15.20
N TYR J 173 10.48 73.18 14.33
CA TYR J 173 11.32 72.34 13.49
C TYR J 173 12.73 72.91 13.48
N SER J 174 13.69 72.06 13.12
CA SER J 174 15.08 72.47 12.86
C SER J 174 15.50 71.97 11.48
N LEU J 175 16.39 72.69 10.82
CA LEU J 175 16.93 72.37 9.49
C LEU J 175 18.46 72.33 9.57
N SER J 176 19.06 71.27 9.06
CA SER J 176 20.49 71.10 8.94
C SER J 176 20.86 71.04 7.46
N SER J 177 21.63 72.01 7.01
CA SER J 177 22.01 72.21 5.61
C SER J 177 23.49 71.95 5.44
N THR J 178 23.91 71.37 4.33
CA THR J 178 25.31 70.97 4.12
C THR J 178 25.72 71.19 2.67
N LEU J 179 26.43 72.28 2.42
CA LEU J 179 27.25 72.51 1.23
C LEU J 179 28.44 71.55 1.26
N THR J 180 28.84 70.94 0.14
CA THR J 180 30.02 70.07 0.11
C THR J 180 30.81 70.18 -1.20
N LEU J 181 32.13 70.12 -1.09
CA LEU J 181 33.12 70.40 -2.13
C LEU J 181 34.30 69.41 -1.99
N SER J 182 35.05 69.17 -3.07
CA SER J 182 36.42 68.62 -2.93
C SER J 182 37.30 69.63 -2.19
N LYS J 183 38.35 69.20 -1.48
CA LYS J 183 39.16 70.16 -0.71
C LYS J 183 39.83 71.20 -1.61
N ALA J 184 40.19 70.83 -2.83
CA ALA J 184 40.70 71.76 -3.83
C ALA J 184 39.65 72.82 -4.18
N ASP J 185 38.41 72.42 -4.47
CA ASP J 185 37.33 73.37 -4.79
C ASP J 185 37.02 74.30 -3.60
N TYR J 186 37.04 73.75 -2.38
CA TYR J 186 36.93 74.52 -1.15
C TYR J 186 38.05 75.57 -1.00
N GLU J 187 39.30 75.20 -1.30
CA GLU J 187 40.45 76.10 -1.20
C GLU J 187 40.70 76.97 -2.43
N LYS J 188 40.04 76.70 -3.57
CA LYS J 188 39.97 77.61 -4.72
C LYS J 188 39.17 78.88 -4.43
N HIS J 189 38.28 78.83 -3.44
CA HIS J 189 37.57 79.99 -2.89
C HIS J 189 38.12 80.40 -1.51
N LYS J 190 37.73 81.58 -1.03
CA LYS J 190 38.22 82.22 0.21
C LYS J 190 37.10 82.67 1.14
N VAL J 191 35.85 82.89 0.70
CA VAL J 191 34.74 83.26 1.60
C VAL J 191 33.57 82.28 1.52
N TYR J 192 32.84 82.07 2.62
CA TYR J 192 31.67 81.21 2.71
C TYR J 192 30.55 81.87 3.49
N ALA J 193 29.30 81.65 3.06
CA ALA J 193 28.13 82.01 3.83
C ALA J 193 26.92 81.09 3.61
N CYS J 194 26.13 80.96 4.65
CA CYS J 194 24.78 80.42 4.65
C CYS J 194 23.82 81.58 4.96
N GLU J 195 22.90 81.88 4.05
CA GLU J 195 21.82 82.84 4.27
C GLU J 195 20.51 82.11 4.51
N VAL J 196 19.78 82.50 5.55
CA VAL J 196 18.56 81.84 6.01
C VAL J 196 17.32 82.61 5.61
N THR J 197 16.37 81.91 4.99
CA THR J 197 15.03 82.39 4.68
C THR J 197 14.01 81.67 5.56
N HIS J 198 13.10 82.40 6.20
CA HIS J 198 12.01 81.84 7.03
C HIS J 198 10.76 82.72 6.98
N GLN J 199 9.59 82.12 7.22
CA GLN J 199 8.28 82.78 7.16
C GLN J 199 8.22 84.07 7.99
N GLY J 200 8.59 83.98 9.27
CA GLY J 200 8.92 85.14 10.11
C GLY J 200 10.43 85.30 10.22
N LEU J 201 10.97 86.36 9.62
CA LEU J 201 12.27 86.98 9.92
C LEU J 201 12.25 88.45 9.50
N SER J 202 13.06 89.29 10.13
CA SER J 202 13.20 90.71 9.78
C SER J 202 13.92 90.91 8.44
N SER J 203 15.01 90.17 8.24
CA SER J 203 15.76 90.03 6.99
C SER J 203 16.52 88.69 6.99
N PRO J 204 16.99 88.18 5.84
CA PRO J 204 17.64 86.88 5.79
C PRO J 204 18.94 86.81 6.60
N VAL J 205 18.88 86.22 7.80
CA VAL J 205 20.03 86.07 8.70
C VAL J 205 21.13 85.29 7.99
N THR J 206 22.32 85.88 7.88
CA THR J 206 23.45 85.28 7.16
C THR J 206 24.64 85.07 8.08
N LYS J 207 25.13 83.83 8.17
CA LYS J 207 26.30 83.45 8.98
C LYS J 207 27.44 82.99 8.06
N SER J 208 28.66 83.43 8.35
CA SER J 208 29.73 83.56 7.34
C SER J 208 31.13 83.33 7.89
N PHE J 209 32.09 83.02 7.02
CA PHE J 209 33.52 83.02 7.36
C PHE J 209 34.45 83.23 6.15
N ASN J 210 35.68 83.70 6.40
CA ASN J 210 36.82 83.53 5.50
C ASN J 210 37.51 82.19 5.78
N ARG J 211 37.94 81.50 4.72
CA ARG J 211 38.33 80.08 4.75
C ARG J 211 39.43 79.78 5.77
N GLY J 212 39.16 78.82 6.66
CA GLY J 212 40.05 78.42 7.75
C GLY J 212 39.62 78.92 9.14
N GLU J 213 38.76 79.93 9.22
CA GLU J 213 38.12 80.40 10.46
C GLU J 213 36.60 80.15 10.41
N CYS J 214 35.88 80.26 11.53
CA CYS J 214 34.41 80.19 11.58
C CYS J 214 33.77 81.60 11.64
N GLN K 1 3.17 -27.89 30.97
CA GLN K 1 4.56 -27.78 30.48
C GLN K 1 5.20 -26.47 30.95
N VAL K 2 6.38 -26.53 31.59
CA VAL K 2 7.29 -25.40 31.80
C VAL K 2 8.67 -25.80 31.32
N GLN K 3 9.32 -24.97 30.51
CA GLN K 3 10.57 -25.32 29.87
C GLN K 3 11.50 -24.12 29.78
N LEU K 4 12.67 -24.24 30.43
CA LEU K 4 13.74 -23.25 30.43
C LEU K 4 14.95 -23.82 29.68
N ILE K 5 15.46 -23.14 28.67
CA ILE K 5 16.56 -23.61 27.81
C ILE K 5 17.74 -22.64 27.89
N GLN K 6 18.93 -23.09 28.23
CA GLN K 6 20.11 -22.23 28.35
C GLN K 6 21.06 -22.34 27.16
N SER K 7 21.89 -21.31 26.98
CA SER K 7 23.09 -21.36 26.11
C SER K 7 24.05 -22.49 26.47
N GLY K 8 24.78 -23.00 25.48
CA GLY K 8 25.77 -24.07 25.64
C GLY K 8 26.95 -23.72 26.56
N PRO K 9 27.82 -24.68 26.87
CA PRO K 9 29.02 -24.44 27.67
C PRO K 9 29.97 -23.46 27.00
N GLN K 10 30.82 -22.79 27.78
CA GLN K 10 31.74 -21.76 27.31
C GLN K 10 33.09 -21.78 28.01
N PHE K 11 34.09 -21.21 27.33
CA PHE K 11 35.40 -20.92 27.87
C PHE K 11 35.74 -19.44 27.65
N LYS K 12 36.34 -18.78 28.64
CA LYS K 12 36.71 -17.36 28.59
C LYS K 12 38.03 -17.09 29.31
N THR K 13 38.68 -15.98 28.99
CA THR K 13 39.95 -15.54 29.60
C THR K 13 39.73 -14.49 30.69
N PRO K 14 40.58 -14.42 31.72
CA PRO K 14 40.45 -13.44 32.80
C PRO K 14 40.20 -12.02 32.33
N GLY K 15 39.24 -11.34 32.94
CA GLY K 15 38.83 -9.99 32.57
C GLY K 15 37.73 -9.91 31.49
N ALA K 16 37.40 -11.00 30.80
CA ALA K 16 36.29 -11.02 29.85
C ALA K 16 34.92 -10.79 30.53
N SER K 17 33.90 -10.42 29.73
CA SER K 17 32.51 -10.32 30.18
C SER K 17 31.66 -11.38 29.49
N VAL K 18 31.02 -12.26 30.26
CA VAL K 18 30.32 -13.45 29.76
C VAL K 18 28.81 -13.27 29.77
N THR K 19 28.14 -13.60 28.67
CA THR K 19 26.68 -13.63 28.59
C THR K 19 26.19 -15.07 28.64
N VAL K 20 25.27 -15.38 29.55
CA VAL K 20 24.53 -16.65 29.60
C VAL K 20 23.06 -16.36 29.41
N SER K 21 22.42 -16.96 28.41
CA SER K 21 21.04 -16.62 28.05
C SER K 21 20.10 -17.78 28.33
N CYS K 22 18.95 -17.50 28.94
CA CYS K 22 17.92 -18.47 29.26
C CYS K 22 16.61 -18.12 28.53
N LYS K 23 16.12 -18.99 27.65
CA LYS K 23 14.82 -18.86 26.99
C LYS K 23 13.77 -19.52 27.86
N ALA K 24 12.66 -18.86 28.13
CA ALA K 24 11.57 -19.37 28.94
C ALA K 24 10.32 -19.63 28.08
N SER K 25 9.67 -20.78 28.30
CA SER K 25 8.53 -21.20 27.49
C SER K 25 7.49 -22.01 28.28
N GLY K 26 6.24 -21.94 27.84
CA GLY K 26 5.13 -22.78 28.34
C GLY K 26 4.27 -22.17 29.45
N TYR K 27 4.65 -21.03 30.01
CA TYR K 27 3.88 -20.31 31.04
C TYR K 27 3.92 -18.80 30.80
N ILE K 28 3.03 -18.06 31.45
CA ILE K 28 2.96 -16.60 31.32
C ILE K 28 4.21 -15.96 31.92
N PHE K 29 5.16 -15.63 31.06
CA PHE K 29 6.54 -15.32 31.44
C PHE K 29 6.64 -14.13 32.40
N THR K 30 5.74 -13.16 32.28
CA THR K 30 5.70 -11.99 33.14
C THR K 30 5.41 -12.29 34.60
N ASP K 31 4.81 -13.42 34.95
CA ASP K 31 4.18 -13.56 36.26
C ASP K 31 5.04 -14.28 37.31
N TYR K 32 6.28 -14.61 36.98
CA TYR K 32 7.18 -15.29 37.91
C TYR K 32 8.59 -14.73 37.90
N LEU K 33 9.16 -14.53 39.08
CA LEU K 33 10.54 -14.10 39.22
C LEU K 33 11.48 -15.26 38.85
N ILE K 34 12.33 -15.04 37.86
CA ILE K 34 13.47 -15.90 37.55
C ILE K 34 14.61 -15.59 38.50
N HIS K 35 15.30 -16.60 39.00
CA HIS K 35 16.53 -16.47 39.77
C HIS K 35 17.72 -16.98 38.96
N TRP K 36 18.94 -16.61 39.36
CA TRP K 36 20.17 -17.24 38.87
C TRP K 36 20.96 -17.82 40.03
N VAL K 37 21.39 -19.07 39.88
CA VAL K 37 22.11 -19.81 40.91
C VAL K 37 23.34 -20.46 40.29
N ARG K 38 24.46 -20.40 40.99
CA ARG K 38 25.75 -20.86 40.51
C ARG K 38 26.18 -22.07 41.30
N LEU K 39 26.37 -23.19 40.63
CA LEU K 39 27.03 -24.37 41.19
C LEU K 39 28.51 -24.30 40.84
N VAL K 40 29.30 -23.75 41.78
CA VAL K 40 30.76 -23.94 41.74
C VAL K 40 31.04 -25.40 42.09
N PRO K 41 31.61 -26.23 41.21
CA PRO K 41 31.88 -27.63 41.51
C PRO K 41 32.89 -27.76 42.65
N GLY K 42 32.73 -28.77 43.50
CA GLY K 42 33.55 -28.93 44.72
C GLY K 42 33.17 -27.99 45.88
N LYS K 43 32.02 -27.30 45.78
CA LYS K 43 31.46 -26.37 46.77
C LYS K 43 29.93 -26.44 46.79
N GLY K 44 29.31 -25.86 47.81
CA GLY K 44 27.87 -25.63 47.82
C GLY K 44 27.43 -24.66 46.72
N LEU K 45 26.13 -24.63 46.43
CA LEU K 45 25.54 -23.66 45.52
C LEU K 45 25.74 -22.24 46.05
N GLU K 46 25.68 -21.24 45.17
CA GLU K 46 25.72 -19.82 45.53
C GLU K 46 24.65 -19.05 44.76
N TRP K 47 23.97 -18.10 45.39
CA TRP K 47 22.88 -17.36 44.77
C TRP K 47 23.37 -16.01 44.25
N LEU K 48 23.08 -15.72 42.98
CA LEU K 48 23.52 -14.49 42.32
C LEU K 48 22.50 -13.37 42.48
N GLY K 49 21.24 -13.63 42.17
CA GLY K 49 20.19 -12.62 42.19
C GLY K 49 18.91 -13.10 41.54
N ARG K 50 17.92 -12.23 41.45
CA ARG K 50 16.62 -12.50 40.83
C ARG K 50 16.12 -11.32 40.03
N ILE K 51 15.24 -11.55 39.08
CA ILE K 51 14.75 -10.54 38.15
C ILE K 51 13.23 -10.56 38.06
N ASN K 52 12.58 -9.40 38.17
CA ASN K 52 11.13 -9.29 38.06
C ASN K 52 10.77 -9.18 36.59
N THR K 53 10.38 -10.29 35.97
CA THR K 53 10.23 -10.34 34.51
C THR K 53 9.15 -9.42 33.96
N ASN K 54 8.15 -9.03 34.74
CA ASN K 54 7.19 -8.02 34.29
C ASN K 54 7.85 -6.65 34.19
N ALA K 55 8.29 -6.10 35.32
CA ALA K 55 8.77 -4.73 35.42
C ALA K 55 10.19 -4.52 34.86
N GLY K 56 11.00 -5.58 34.74
CA GLY K 56 12.38 -5.53 34.25
C GLY K 56 13.43 -5.25 35.32
N LEU K 57 13.03 -4.84 36.53
CA LEU K 57 13.93 -4.57 37.64
C LEU K 57 14.75 -5.80 38.03
N MET K 58 15.92 -5.62 38.62
CA MET K 58 16.76 -6.70 39.13
C MET K 58 17.14 -6.51 40.60
N TYR K 59 17.46 -7.60 41.27
CA TYR K 59 17.89 -7.62 42.67
C TYR K 59 19.06 -8.59 42.81
N LEU K 60 20.10 -8.25 43.55
CA LEU K 60 21.36 -8.99 43.55
C LEU K 60 21.82 -9.35 44.96
N SER K 61 22.56 -10.44 45.08
CA SER K 61 23.39 -10.66 46.26
C SER K 61 24.41 -9.53 46.33
N HIS K 62 24.56 -8.88 47.48
CA HIS K 62 25.36 -7.66 47.59
C HIS K 62 26.83 -7.85 47.20
N LYS K 63 27.33 -9.07 47.36
CA LYS K 63 28.66 -9.51 46.91
C LYS K 63 28.93 -9.30 45.41
N PHE K 64 27.90 -9.17 44.56
CA PHE K 64 28.04 -9.10 43.10
C PHE K 64 27.57 -7.78 42.47
N GLU K 65 27.11 -6.78 43.24
CA GLU K 65 26.63 -5.54 42.64
C GLU K 65 27.71 -4.85 41.77
N GLY K 66 27.30 -4.25 40.65
CA GLY K 66 28.18 -3.61 39.66
C GLY K 66 28.90 -4.61 38.75
N ARG K 67 29.36 -5.74 39.28
CA ARG K 67 30.03 -6.82 38.54
C ARG K 67 29.06 -7.68 37.73
N LEU K 68 27.78 -7.69 38.08
CA LEU K 68 26.72 -8.50 37.47
C LEU K 68 25.57 -7.60 36.98
N ILE K 69 24.98 -7.93 35.83
CA ILE K 69 23.79 -7.29 35.27
C ILE K 69 22.82 -8.35 34.76
N LEU K 70 21.52 -8.20 35.01
CA LEU K 70 20.48 -9.10 34.51
C LEU K 70 19.52 -8.31 33.61
N ARG K 71 19.10 -8.85 32.49
CA ARG K 71 18.14 -8.20 31.57
C ARG K 71 17.03 -9.14 31.13
N ARG K 72 15.91 -8.58 30.70
CA ARG K 72 14.70 -9.28 30.30
C ARG K 72 14.25 -8.80 28.93
N VAL K 73 14.01 -9.71 27.99
CA VAL K 73 13.37 -9.40 26.71
C VAL K 73 11.97 -10.00 26.67
N VAL K 74 10.95 -9.20 26.34
CA VAL K 74 9.56 -9.65 26.24
C VAL K 74 8.76 -8.83 25.24
N ASP K 75 7.78 -9.47 24.60
CA ASP K 75 6.81 -8.85 23.70
C ASP K 75 5.44 -8.76 24.38
N TRP K 76 4.67 -7.70 24.15
CA TRP K 76 3.32 -7.58 24.71
C TRP K 76 2.35 -8.59 24.09
N ARG K 77 2.68 -9.14 22.92
CA ARG K 77 2.07 -10.32 22.29
C ARG K 77 2.80 -11.60 22.74
N THR K 78 2.20 -12.78 22.53
CA THR K 78 2.84 -14.07 22.82
C THR K 78 3.41 -14.20 24.25
N PRO K 79 2.64 -13.90 25.32
CA PRO K 79 3.13 -13.88 26.70
C PRO K 79 3.59 -15.24 27.25
N SER K 80 3.34 -16.34 26.54
CA SER K 80 3.84 -17.69 26.87
C SER K 80 5.35 -17.89 26.66
N LEU K 81 6.08 -16.86 26.24
CA LEU K 81 7.49 -16.90 25.83
C LEU K 81 8.25 -15.67 26.32
N GLY K 82 9.56 -15.82 26.54
CA GLY K 82 10.46 -14.68 26.77
C GLY K 82 11.91 -15.10 27.01
N THR K 83 12.77 -14.19 27.43
CA THR K 83 14.20 -14.48 27.64
C THR K 83 14.80 -13.66 28.78
N VAL K 84 15.73 -14.27 29.52
CA VAL K 84 16.53 -13.62 30.55
C VAL K 84 18.00 -13.77 30.24
N ASN K 85 18.76 -12.69 30.24
CA ASN K 85 20.21 -12.69 29.98
C ASN K 85 20.99 -12.30 31.23
N MET K 86 21.92 -13.15 31.64
CA MET K 86 22.86 -12.84 32.70
C MET K 86 24.16 -12.35 32.07
N GLU K 87 24.61 -11.16 32.41
CA GLU K 87 25.94 -10.65 32.04
C GLU K 87 26.79 -10.57 33.31
N LEU K 88 27.83 -11.39 33.40
CA LEU K 88 28.81 -11.29 34.47
C LEU K 88 30.08 -10.70 33.89
N ARG K 89 30.50 -9.56 34.41
CA ARG K 89 31.61 -8.75 33.88
C ARG K 89 32.90 -9.11 34.60
N ASN K 90 34.04 -8.85 33.95
CA ASN K 90 35.34 -8.92 34.59
C ASN K 90 35.62 -10.27 35.28
N VAL K 91 35.33 -11.38 34.59
CA VAL K 91 35.39 -12.72 35.19
C VAL K 91 36.78 -13.09 35.67
N ARG K 92 36.86 -13.72 36.83
CA ARG K 92 38.08 -14.30 37.40
C ARG K 92 38.21 -15.77 37.01
N SER K 93 39.39 -16.36 37.11
CA SER K 93 39.54 -17.82 36.90
C SER K 93 38.68 -18.65 37.86
N ASP K 94 38.42 -18.17 39.08
CA ASP K 94 37.57 -18.84 40.06
C ASP K 94 36.06 -18.54 39.91
N ASP K 95 35.62 -17.77 38.93
CA ASP K 95 34.22 -17.77 38.49
C ASP K 95 33.86 -19.03 37.67
N SER K 96 34.78 -19.98 37.53
CA SER K 96 34.56 -21.24 36.81
C SER K 96 33.51 -22.08 37.51
N ALA K 97 32.33 -22.22 36.90
CA ALA K 97 31.18 -22.88 37.53
C ALA K 97 30.08 -23.18 36.51
N ILE K 98 29.08 -23.96 36.91
CA ILE K 98 27.83 -24.05 36.16
C ILE K 98 26.91 -22.92 36.63
N TYR K 99 26.31 -22.18 35.70
CA TYR K 99 25.32 -21.16 35.99
C TYR K 99 23.95 -21.69 35.59
N PHE K 100 23.01 -21.71 36.53
CA PHE K 100 21.66 -22.21 36.35
C PHE K 100 20.65 -21.07 36.36
N CYS K 101 19.83 -21.04 35.32
CA CYS K 101 18.56 -20.32 35.29
C CYS K 101 17.49 -21.11 36.05
N GLY K 102 16.59 -20.48 36.79
CA GLY K 102 15.48 -21.20 37.41
C GLY K 102 14.32 -20.32 37.85
N ARG K 103 13.14 -20.90 38.04
CA ARG K 103 11.88 -20.17 38.30
C ARG K 103 11.29 -20.58 39.64
N VAL K 104 10.64 -19.66 40.34
CA VAL K 104 9.98 -19.98 41.61
C VAL K 104 8.79 -20.93 41.45
N VAL K 105 8.44 -21.61 42.53
CA VAL K 105 7.17 -22.32 42.73
C VAL K 105 5.98 -21.40 42.47
N ASP K 106 4.86 -21.94 42.00
CA ASP K 106 3.66 -21.15 41.71
C ASP K 106 3.15 -20.35 42.92
N GLY K 107 2.66 -19.13 42.70
CA GLY K 107 2.15 -18.22 43.74
C GLY K 107 3.18 -17.76 44.78
N PHE K 108 4.46 -18.11 44.61
CA PHE K 108 5.49 -18.02 45.62
C PHE K 108 6.56 -16.95 45.32
N ASN K 109 6.22 -15.92 44.55
CA ASN K 109 7.11 -14.83 44.11
C ASN K 109 7.78 -14.03 45.23
N ALA K 110 7.39 -14.20 46.49
CA ALA K 110 8.04 -13.56 47.64
C ALA K 110 9.38 -14.18 48.06
N ALA K 111 9.77 -15.35 47.54
CA ALA K 111 10.86 -16.17 48.10
C ALA K 111 11.66 -16.92 47.03
N GLY K 112 12.42 -17.95 47.41
CA GLY K 112 13.34 -18.69 46.54
C GLY K 112 13.21 -20.22 46.44
N PRO K 113 12.07 -20.89 46.70
CA PRO K 113 11.93 -22.28 46.28
C PRO K 113 11.82 -22.32 44.75
N LEU K 114 12.79 -22.93 44.07
CA LEU K 114 12.89 -22.99 42.62
C LEU K 114 12.44 -24.34 42.10
N GLU K 115 11.38 -24.35 41.31
CA GLU K 115 10.73 -25.57 40.84
C GLU K 115 11.27 -26.03 39.48
N PHE K 116 11.38 -25.11 38.53
CA PHE K 116 11.77 -25.39 37.16
C PHE K 116 13.13 -24.79 36.88
N TRP K 117 14.07 -25.58 36.37
CA TRP K 117 15.46 -25.19 36.15
C TRP K 117 15.87 -25.42 34.70
N GLY K 118 16.73 -24.55 34.16
CA GLY K 118 17.40 -24.82 32.89
C GLY K 118 18.50 -25.87 33.05
N GLN K 119 19.05 -26.38 31.95
CA GLN K 119 20.00 -27.49 31.97
C GLN K 119 21.40 -27.14 32.50
N GLY K 120 21.61 -25.90 32.92
CA GLY K 120 22.90 -25.39 33.38
C GLY K 120 23.87 -25.11 32.25
N SER K 121 24.66 -24.04 32.38
CA SER K 121 25.71 -23.69 31.42
C SER K 121 27.04 -23.70 32.16
N PRO K 122 27.94 -24.67 31.89
CA PRO K 122 29.29 -24.62 32.39
C PRO K 122 30.03 -23.46 31.73
N VAL K 123 30.64 -22.62 32.55
CA VAL K 123 31.47 -21.50 32.11
C VAL K 123 32.79 -21.66 32.83
N ILE K 124 33.85 -22.04 32.12
CA ILE K 124 35.18 -22.26 32.70
C ILE K 124 36.11 -21.14 32.24
N VAL K 125 36.83 -20.55 33.18
CA VAL K 125 37.70 -19.40 32.93
C VAL K 125 39.16 -19.80 33.10
N SER K 126 39.96 -19.62 32.06
CA SER K 126 41.39 -19.96 32.03
C SER K 126 42.16 -19.05 31.06
N SER K 127 43.45 -18.84 31.28
CA SER K 127 44.33 -18.18 30.31
C SER K 127 44.79 -19.12 29.18
N ALA K 128 44.71 -20.43 29.38
CA ALA K 128 45.21 -21.44 28.44
C ALA K 128 44.41 -21.50 27.12
N SER K 129 44.94 -22.21 26.12
CA SER K 129 44.32 -22.43 24.81
C SER K 129 44.45 -23.89 24.34
N THR K 130 43.60 -24.31 23.40
CA THR K 130 43.42 -25.70 22.96
C THR K 130 44.73 -26.45 22.75
N LYS K 131 44.92 -27.55 23.49
CA LYS K 131 46.20 -28.29 23.57
C LYS K 131 45.98 -29.74 24.01
N GLY K 132 46.48 -30.70 23.25
CA GLY K 132 46.51 -32.12 23.63
C GLY K 132 47.53 -32.46 24.74
N PRO K 133 47.35 -33.60 25.44
CA PRO K 133 48.17 -34.02 26.58
C PRO K 133 49.55 -34.54 26.20
N SER K 134 50.47 -34.53 27.17
CA SER K 134 51.58 -35.50 27.23
C SER K 134 51.06 -36.82 27.81
N VAL K 135 51.57 -37.98 27.37
CA VAL K 135 51.04 -39.29 27.78
C VAL K 135 52.10 -40.10 28.50
N PHE K 136 52.35 -39.73 29.76
CA PHE K 136 53.36 -40.38 30.60
C PHE K 136 52.86 -41.70 31.20
N PRO K 137 53.68 -42.77 31.21
CA PRO K 137 53.32 -44.03 31.81
C PRO K 137 53.46 -43.98 33.34
N LEU K 138 52.47 -44.51 34.04
CA LEU K 138 52.60 -44.96 35.43
C LEU K 138 52.87 -46.46 35.37
N ALA K 139 54.10 -46.78 34.99
CA ALA K 139 54.51 -48.12 34.60
C ALA K 139 54.26 -49.15 35.73
N PRO K 140 53.82 -50.39 35.42
CA PRO K 140 53.41 -51.38 36.41
C PRO K 140 54.34 -51.45 37.63
N SER K 141 53.78 -51.11 38.79
CA SER K 141 54.59 -50.84 39.98
C SER K 141 55.34 -52.09 40.40
N SER K 142 56.63 -51.95 40.76
CA SER K 142 57.58 -53.06 40.87
C SER K 142 57.09 -54.17 41.81
N LYS K 143 57.50 -55.43 41.58
CA LYS K 143 57.15 -56.55 42.45
C LYS K 143 57.63 -56.35 43.89
N SER K 144 58.71 -55.58 44.08
CA SER K 144 59.24 -55.11 45.37
C SER K 144 58.43 -53.98 46.04
N THR K 145 57.29 -53.56 45.46
CA THR K 145 56.42 -52.49 46.00
C THR K 145 54.92 -52.81 45.91
N SER K 146 54.46 -53.37 44.78
CA SER K 146 53.03 -53.58 44.48
C SER K 146 52.44 -54.88 45.04
N GLY K 147 53.26 -55.87 45.40
CA GLY K 147 52.80 -57.17 45.92
C GLY K 147 52.10 -58.03 44.87
N GLY K 148 51.04 -58.74 45.26
CA GLY K 148 50.29 -59.67 44.40
C GLY K 148 49.38 -59.01 43.36
N THR K 149 49.27 -57.68 43.31
CA THR K 149 48.53 -56.94 42.26
C THR K 149 49.41 -55.93 41.54
N ALA K 150 49.50 -56.03 40.22
CA ALA K 150 50.03 -55.00 39.35
C ALA K 150 49.01 -53.86 39.21
N ALA K 151 49.19 -52.79 39.98
CA ALA K 151 48.66 -51.48 39.60
C ALA K 151 49.57 -50.85 38.54
N LEU K 152 48.96 -50.25 37.53
CA LEU K 152 49.63 -49.52 36.45
C LEU K 152 48.73 -48.38 35.96
N GLY K 153 49.23 -47.46 35.13
CA GLY K 153 48.43 -46.33 34.67
C GLY K 153 49.05 -45.53 33.53
N CYS K 154 48.33 -44.48 33.15
CA CYS K 154 48.79 -43.44 32.23
C CYS K 154 48.39 -42.08 32.80
N LEU K 155 49.39 -41.27 33.17
CA LEU K 155 49.21 -39.92 33.66
C LEU K 155 48.98 -38.98 32.47
N VAL K 156 47.79 -39.04 31.89
CA VAL K 156 47.39 -38.22 30.75
C VAL K 156 47.31 -36.78 31.21
N LYS K 157 48.32 -35.97 30.87
CA LYS K 157 48.65 -34.77 31.62
C LYS K 157 48.83 -33.52 30.76
N ASP K 158 48.39 -32.41 31.32
CA ASP K 158 48.55 -31.04 30.81
C ASP K 158 47.89 -30.83 29.45
N TYR K 159 46.56 -30.81 29.46
CA TYR K 159 45.72 -30.58 28.29
C TYR K 159 44.57 -29.62 28.58
N PHE K 160 44.02 -28.99 27.56
CA PHE K 160 42.84 -28.12 27.70
C PHE K 160 42.11 -27.96 26.37
N PRO K 161 40.79 -27.75 26.36
CA PRO K 161 39.85 -28.02 27.46
C PRO K 161 39.72 -29.54 27.70
N GLU K 162 38.83 -29.98 28.59
CA GLU K 162 38.30 -31.35 28.51
C GLU K 162 37.45 -31.52 27.23
N PRO K 163 37.29 -32.74 26.69
CA PRO K 163 37.67 -34.02 27.30
C PRO K 163 38.96 -34.66 26.77
N VAL K 164 39.54 -35.56 27.57
CA VAL K 164 40.33 -36.70 27.05
C VAL K 164 39.52 -37.96 27.25
N THR K 165 39.45 -38.80 26.21
CA THR K 165 38.74 -40.08 26.27
C THR K 165 39.77 -41.21 26.24
N VAL K 166 39.71 -42.12 27.21
CA VAL K 166 40.81 -43.04 27.55
C VAL K 166 40.29 -44.46 27.75
N SER K 167 41.00 -45.46 27.22
CA SER K 167 40.70 -46.89 27.42
C SER K 167 41.97 -47.74 27.42
N TRP K 168 41.91 -48.95 27.97
CA TRP K 168 43.03 -49.90 27.99
C TRP K 168 42.82 -51.01 26.97
N ASN K 169 43.86 -51.29 26.18
CA ASN K 169 43.84 -52.24 25.06
C ASN K 169 42.67 -51.93 24.08
N SER K 170 42.42 -50.63 23.84
CA SER K 170 41.27 -50.14 23.06
C SER K 170 39.92 -50.61 23.61
N GLY K 171 39.79 -50.63 24.94
CA GLY K 171 38.59 -51.09 25.66
C GLY K 171 38.51 -52.60 25.85
N ALA K 172 39.50 -53.37 25.38
CA ALA K 172 39.54 -54.81 25.60
C ALA K 172 39.86 -55.19 27.06
N LEU K 173 40.46 -54.28 27.84
CA LEU K 173 40.68 -54.42 29.27
C LEU K 173 39.84 -53.39 30.06
N THR K 174 39.04 -53.86 31.02
CA THR K 174 38.15 -52.99 31.83
C THR K 174 38.16 -53.28 33.32
N SER K 175 38.47 -54.52 33.75
CA SER K 175 38.53 -54.85 35.19
C SER K 175 39.63 -54.05 35.89
N GLY K 176 39.27 -53.36 36.97
CA GLY K 176 40.18 -52.48 37.70
C GLY K 176 40.54 -51.17 36.99
N VAL K 177 39.96 -50.86 35.81
CA VAL K 177 40.14 -49.54 35.17
C VAL K 177 39.42 -48.46 35.98
N HIS K 178 40.13 -47.39 36.30
CA HIS K 178 39.59 -46.20 36.95
C HIS K 178 40.14 -44.96 36.26
N THR K 179 39.34 -44.35 35.40
CA THR K 179 39.66 -43.09 34.70
C THR K 179 39.43 -41.91 35.64
N PHE K 180 40.26 -41.82 36.69
CA PHE K 180 40.16 -40.85 37.79
C PHE K 180 39.81 -39.44 37.32
N PRO K 181 38.73 -38.82 37.81
CA PRO K 181 38.21 -37.58 37.24
C PRO K 181 39.24 -36.46 37.31
N ALA K 182 39.37 -35.71 36.21
CA ALA K 182 40.46 -34.78 35.99
C ALA K 182 40.42 -33.58 36.95
N VAL K 183 41.59 -33.07 37.32
CA VAL K 183 41.76 -31.82 38.07
C VAL K 183 42.30 -30.73 37.14
N LEU K 184 41.61 -29.60 37.08
CA LEU K 184 42.07 -28.42 36.32
C LEU K 184 43.11 -27.67 37.15
N GLN K 185 44.38 -28.03 36.95
CA GLN K 185 45.53 -27.57 37.74
C GLN K 185 45.77 -26.06 37.60
N SER K 186 46.61 -25.50 38.47
CA SER K 186 47.01 -24.09 38.46
C SER K 186 47.72 -23.62 37.18
N SER K 187 48.17 -24.55 36.34
CA SER K 187 48.64 -24.30 34.97
C SER K 187 47.56 -23.74 34.04
N GLY K 188 46.27 -23.88 34.39
CA GLY K 188 45.16 -23.68 33.46
C GLY K 188 44.94 -24.88 32.54
N LEU K 189 45.59 -26.03 32.81
CA LEU K 189 45.44 -27.28 32.07
C LEU K 189 45.01 -28.42 33.01
N TYR K 190 44.19 -29.33 32.48
CA TYR K 190 43.77 -30.55 33.14
C TYR K 190 44.89 -31.59 33.25
N SER K 191 44.75 -32.50 34.21
CA SER K 191 45.47 -33.76 34.26
C SER K 191 44.55 -34.89 34.76
N LEU K 192 44.77 -36.10 34.28
CA LEU K 192 43.92 -37.26 34.51
C LEU K 192 44.80 -38.48 34.87
N SER K 193 45.02 -38.70 36.16
CA SER K 193 45.92 -39.74 36.69
C SER K 193 45.30 -41.15 36.65
N SER K 194 44.97 -41.63 35.44
CA SER K 194 44.27 -42.91 35.16
C SER K 194 45.07 -44.16 35.55
N VAL K 195 44.37 -45.22 35.99
CA VAL K 195 44.98 -46.50 36.39
C VAL K 195 44.17 -47.72 35.93
N VAL K 196 44.84 -48.87 35.89
CA VAL K 196 44.25 -50.20 35.82
C VAL K 196 45.01 -51.19 36.73
N THR K 197 44.29 -52.10 37.38
CA THR K 197 44.84 -53.11 38.31
C THR K 197 44.55 -54.53 37.83
N VAL K 198 45.56 -55.40 37.79
CA VAL K 198 45.42 -56.84 37.52
C VAL K 198 46.36 -57.66 38.42
N PRO K 199 46.10 -58.94 38.73
CA PRO K 199 47.00 -59.76 39.54
C PRO K 199 48.41 -59.83 38.94
N SER K 200 49.47 -59.74 39.76
CA SER K 200 50.87 -59.56 39.31
C SER K 200 51.41 -60.69 38.42
N SER K 201 50.81 -61.88 38.48
CA SER K 201 51.03 -62.96 37.51
C SER K 201 50.81 -62.52 36.05
N SER K 202 49.96 -61.52 35.82
CA SER K 202 49.61 -60.98 34.50
C SER K 202 50.75 -60.20 33.82
N LEU K 203 51.84 -59.87 34.51
CA LEU K 203 52.88 -58.94 34.02
C LEU K 203 53.59 -59.41 32.75
N GLY K 204 53.80 -60.72 32.59
CA GLY K 204 54.42 -61.31 31.39
C GLY K 204 53.45 -61.69 30.28
N THR K 205 52.13 -61.56 30.49
CA THR K 205 51.13 -62.35 29.75
C THR K 205 49.90 -61.55 29.28
N GLN K 206 49.62 -60.40 29.87
CA GLN K 206 48.45 -59.57 29.57
C GLN K 206 48.91 -58.21 29.00
N THR K 207 48.22 -57.69 27.99
CA THR K 207 48.63 -56.47 27.27
C THR K 207 48.39 -55.19 28.09
N TYR K 208 49.29 -54.20 28.02
CA TYR K 208 49.18 -52.94 28.75
C TYR K 208 49.34 -51.73 27.83
N ILE K 209 48.34 -51.49 26.99
CA ILE K 209 48.27 -50.32 26.11
C ILE K 209 47.24 -49.34 26.70
N CYS K 210 47.59 -48.08 26.91
CA CYS K 210 46.58 -47.03 27.11
C CYS K 210 46.36 -46.29 25.79
N ASN K 211 45.10 -46.19 25.40
CA ASN K 211 44.64 -45.56 24.16
C ASN K 211 43.95 -44.24 24.53
N VAL K 212 44.41 -43.13 23.94
CA VAL K 212 44.05 -41.75 24.30
C VAL K 212 43.58 -40.97 23.07
N ASN K 213 42.57 -40.11 23.23
CA ASN K 213 42.32 -38.98 22.34
C ASN K 213 41.97 -37.73 23.15
N HIS K 214 42.50 -36.57 22.78
CA HIS K 214 42.02 -35.26 23.21
C HIS K 214 41.11 -34.68 22.14
N LYS K 215 39.82 -34.99 22.19
CA LYS K 215 38.85 -34.61 21.14
C LYS K 215 38.83 -33.12 20.74
N PRO K 216 39.10 -32.13 21.60
CA PRO K 216 39.07 -30.72 21.20
C PRO K 216 40.11 -30.37 20.14
N SER K 217 41.35 -30.85 20.30
CA SER K 217 42.37 -30.80 19.23
C SER K 217 42.29 -31.99 18.25
N ASN K 218 41.55 -33.03 18.63
CA ASN K 218 41.58 -34.39 18.07
C ASN K 218 42.99 -35.00 18.03
N THR K 219 43.84 -34.65 19.01
CA THR K 219 45.17 -35.26 19.15
C THR K 219 45.03 -36.69 19.66
N LYS K 220 45.25 -37.68 18.80
CA LYS K 220 45.05 -39.11 19.10
C LYS K 220 46.40 -39.82 19.28
N VAL K 221 46.57 -40.49 20.42
CA VAL K 221 47.88 -40.98 20.92
C VAL K 221 47.70 -42.29 21.69
N ASP K 222 48.73 -43.11 21.79
CA ASP K 222 48.73 -44.36 22.57
C ASP K 222 50.11 -44.61 23.19
N LYS K 223 50.17 -45.43 24.24
CA LYS K 223 51.41 -45.83 24.93
C LYS K 223 51.28 -47.25 25.47
N LYS K 224 52.40 -47.96 25.58
CA LYS K 224 52.53 -49.32 26.13
C LYS K 224 53.50 -49.32 27.32
N VAL K 225 53.31 -50.21 28.30
CA VAL K 225 54.07 -50.22 29.57
C VAL K 225 54.51 -51.62 30.06
N GLU K 226 55.55 -51.63 30.89
CA GLU K 226 56.23 -52.80 31.49
C GLU K 226 56.85 -52.39 32.85
N PRO K 227 57.10 -53.31 33.80
CA PRO K 227 57.43 -52.94 35.18
C PRO K 227 58.81 -52.26 35.37
N LYS K 228 58.92 -51.46 36.43
CA LYS K 228 60.13 -50.71 36.85
C LYS K 228 61.03 -51.53 37.78
N SER K 229 62.30 -51.12 37.90
CA SER K 229 63.29 -51.69 38.82
C SER K 229 62.87 -51.54 40.30
N GLN L 1 24.47 -12.08 57.06
CA GLN L 1 23.70 -13.05 56.25
C GLN L 1 23.49 -14.36 57.02
N VAL L 2 22.42 -15.11 56.71
CA VAL L 2 22.11 -16.36 57.43
C VAL L 2 23.07 -17.48 57.05
N VAL L 3 23.71 -18.09 58.03
CA VAL L 3 24.62 -19.23 57.83
C VAL L 3 23.84 -20.51 58.08
N MET L 4 23.90 -21.45 57.14
CA MET L 4 23.22 -22.73 57.20
C MET L 4 24.19 -23.84 57.49
N THR L 5 23.89 -24.66 58.50
CA THR L 5 24.64 -25.86 58.87
C THR L 5 23.85 -27.11 58.49
N GLN L 6 24.49 -28.11 57.89
CA GLN L 6 23.93 -29.46 57.80
C GLN L 6 24.76 -30.45 58.60
N SER L 7 24.14 -31.54 59.05
CA SER L 7 24.86 -32.68 59.60
C SER L 7 24.10 -33.99 59.34
N PRO L 8 24.81 -35.12 59.16
CA PRO L 8 26.26 -35.24 58.93
C PRO L 8 26.69 -34.71 57.54
N ALA L 9 28.00 -34.74 57.29
CA ALA L 9 28.56 -34.52 55.96
C ALA L 9 28.19 -35.65 54.98
N THR L 10 28.26 -36.91 55.43
CA THR L 10 27.77 -38.06 54.66
C THR L 10 27.03 -39.05 55.56
N LEU L 11 25.90 -39.57 55.05
CA LEU L 11 25.00 -40.47 55.75
C LEU L 11 24.93 -41.81 55.00
N SER L 12 25.33 -42.90 55.65
CA SER L 12 25.48 -44.20 54.99
C SER L 12 24.33 -45.14 55.38
N LEU L 13 23.53 -45.60 54.40
CA LEU L 13 22.31 -46.39 54.63
C LEU L 13 22.13 -47.48 53.57
N SER L 14 21.49 -48.58 53.96
CA SER L 14 21.15 -49.68 53.05
C SER L 14 19.82 -49.41 52.34
N PRO L 15 19.56 -50.00 51.16
CA PRO L 15 18.24 -49.92 50.55
C PRO L 15 17.15 -50.42 51.51
N GLY L 16 16.01 -49.75 51.56
CA GLY L 16 14.91 -50.06 52.48
C GLY L 16 15.05 -49.53 53.91
N GLU L 17 16.18 -48.92 54.30
CA GLU L 17 16.25 -48.15 55.55
C GLU L 17 15.57 -46.77 55.42
N THR L 18 15.57 -45.95 56.48
CA THR L 18 15.02 -44.59 56.45
C THR L 18 16.05 -43.51 56.85
N ALA L 19 16.17 -42.47 56.02
CA ALA L 19 17.12 -41.36 56.20
C ALA L 19 16.53 -40.19 57.01
N ALA L 20 17.39 -39.43 57.69
CA ALA L 20 17.05 -38.24 58.48
C ALA L 20 18.15 -37.16 58.42
N VAL L 21 18.24 -36.44 57.30
CA VAL L 21 19.25 -35.41 57.07
C VAL L 21 18.88 -34.15 57.86
N SER L 22 19.75 -33.68 58.74
CA SER L 22 19.50 -32.52 59.61
C SER L 22 20.03 -31.21 59.02
N CYS L 23 19.33 -30.11 59.24
CA CYS L 23 19.74 -28.76 58.85
C CYS L 23 19.38 -27.76 59.96
N ARG L 24 20.20 -26.72 60.13
CA ARG L 24 20.05 -25.73 61.19
C ARG L 24 20.49 -24.34 60.70
N ALA L 25 19.85 -23.28 61.17
CA ALA L 25 20.11 -21.90 60.75
C ALA L 25 20.73 -21.08 61.89
N SER L 26 21.57 -20.10 61.54
CA SER L 26 22.30 -19.25 62.47
C SER L 26 21.43 -18.31 63.33
N GLN L 27 20.18 -18.07 62.92
CA GLN L 27 19.17 -17.32 63.67
C GLN L 27 17.77 -17.79 63.26
N TYR L 28 16.74 -17.25 63.89
CA TYR L 28 15.36 -17.56 63.55
C TYR L 28 15.07 -17.39 62.05
N VAL L 29 14.43 -18.39 61.45
CA VAL L 29 13.80 -18.31 60.13
C VAL L 29 12.45 -19.02 60.18
N ASP L 30 11.40 -18.36 59.73
CA ASP L 30 10.02 -18.82 59.92
C ASP L 30 9.64 -19.92 58.92
N ARG L 31 9.86 -21.20 59.25
CA ARG L 31 9.44 -22.38 58.43
C ARG L 31 9.91 -22.39 56.96
N SER L 32 10.83 -21.51 56.59
CA SER L 32 11.15 -21.14 55.20
C SER L 32 12.46 -21.75 54.71
N ILE L 33 12.56 -23.06 54.85
CA ILE L 33 13.67 -23.88 54.39
C ILE L 33 13.18 -24.77 53.27
N SER L 34 13.75 -24.64 52.08
CA SER L 34 13.54 -25.60 51.00
C SER L 34 14.57 -26.71 51.07
N TRP L 35 14.31 -27.85 50.46
CA TRP L 35 15.30 -28.92 50.30
C TRP L 35 15.49 -29.31 48.85
N TYR L 36 16.74 -29.36 48.41
CA TYR L 36 17.15 -29.75 47.08
C TYR L 36 17.89 -31.07 47.08
N GLN L 37 17.54 -31.94 46.13
CA GLN L 37 18.30 -33.15 45.79
C GLN L 37 19.18 -32.84 44.59
N LEU L 38 20.47 -33.14 44.68
CA LEU L 38 21.44 -32.95 43.62
C LEU L 38 22.03 -34.29 43.18
N LYS L 39 21.72 -34.72 41.95
CA LYS L 39 22.43 -35.79 41.24
C LYS L 39 23.45 -35.16 40.30
N THR L 40 24.64 -35.74 40.22
CA THR L 40 25.78 -35.17 39.49
C THR L 40 25.47 -34.87 38.02
N GLY L 41 25.90 -33.71 37.55
CA GLY L 41 25.76 -33.28 36.15
C GLY L 41 24.37 -32.80 35.71
N ARG L 42 23.42 -32.65 36.64
CA ARG L 42 22.01 -32.29 36.37
C ARG L 42 21.53 -31.19 37.31
N ALA L 43 20.58 -30.39 36.87
CA ALA L 43 19.96 -29.38 37.72
C ALA L 43 19.34 -30.05 38.95
N PRO L 44 19.58 -29.58 40.19
CA PRO L 44 18.98 -30.19 41.37
C PRO L 44 17.45 -30.10 41.32
N ARG L 45 16.78 -31.05 41.98
CA ARG L 45 15.32 -31.16 42.05
C ARG L 45 14.81 -30.69 43.41
N LEU L 46 13.75 -29.90 43.42
CA LEU L 46 13.11 -29.41 44.65
C LEU L 46 12.23 -30.48 45.28
N LEU L 47 12.57 -30.94 46.48
CA LEU L 47 11.77 -31.92 47.22
C LEU L 47 10.64 -31.26 48.02
N VAL L 48 11.00 -30.25 48.80
CA VAL L 48 10.16 -29.63 49.83
C VAL L 48 10.34 -28.11 49.72
N TYR L 49 9.27 -27.31 49.68
CA TYR L 49 9.39 -25.87 49.36
C TYR L 49 9.07 -24.91 50.51
N ALA L 50 8.50 -25.43 51.59
CA ALA L 50 8.53 -24.89 52.93
C ALA L 50 8.44 -26.12 53.84
N ALA L 51 8.78 -26.04 55.11
CA ALA L 51 8.89 -27.26 55.93
C ALA L 51 7.61 -28.14 55.82
N SER L 52 7.80 -29.43 55.57
CA SER L 52 6.77 -30.44 55.22
C SER L 52 5.99 -30.26 53.91
N SER L 53 5.94 -29.08 53.31
CA SER L 53 5.20 -28.85 52.06
C SER L 53 5.90 -29.44 50.85
N ARG L 54 5.66 -30.72 50.55
CA ARG L 54 6.29 -31.44 49.44
C ARG L 54 5.93 -30.83 48.08
N SER L 55 6.87 -30.82 47.15
CA SER L 55 6.59 -30.45 45.75
C SER L 55 5.60 -31.43 45.15
N ILE L 56 4.77 -30.96 44.21
CA ILE L 56 4.12 -31.86 43.26
C ILE L 56 5.17 -32.66 42.47
N GLY L 57 4.82 -33.88 42.04
CA GLY L 57 5.68 -34.72 41.21
C GLY L 57 6.83 -35.43 41.92
N VAL L 58 6.95 -35.33 43.25
CA VAL L 58 7.99 -36.00 44.06
C VAL L 58 7.37 -37.09 44.94
N PRO L 59 7.93 -38.31 44.97
CA PRO L 59 7.30 -39.46 45.62
C PRO L 59 7.21 -39.33 47.14
N ASP L 60 6.15 -39.92 47.69
CA ASP L 60 5.65 -39.64 49.04
C ASP L 60 6.62 -40.00 50.19
N ARG L 61 7.69 -40.76 49.90
CA ARG L 61 8.72 -41.06 50.91
C ARG L 61 9.46 -39.83 51.41
N PHE L 62 9.59 -38.80 50.59
CA PHE L 62 10.18 -37.52 50.98
C PHE L 62 9.27 -36.75 51.92
N SER L 63 9.72 -36.53 53.14
CA SER L 63 8.91 -36.02 54.24
C SER L 63 9.72 -35.04 55.08
N GLY L 64 9.66 -33.78 54.69
CA GLY L 64 10.29 -32.66 55.40
C GLY L 64 9.58 -32.33 56.71
N SER L 65 10.27 -31.62 57.59
CA SER L 65 9.76 -31.15 58.89
C SER L 65 10.68 -30.07 59.46
N GLY L 66 10.22 -29.28 60.43
CA GLY L 66 11.09 -28.33 61.12
C GLY L 66 10.39 -27.32 62.01
N SER L 67 11.21 -26.51 62.67
CA SER L 67 10.84 -25.50 63.67
C SER L 67 10.95 -24.07 63.11
N GLY L 68 11.35 -23.10 63.93
CA GLY L 68 11.85 -21.80 63.52
C GLY L 68 13.38 -21.69 63.41
N ARG L 69 14.14 -22.76 63.62
CA ARG L 69 15.63 -22.73 63.65
C ARG L 69 16.34 -24.00 63.22
N ASP L 70 15.68 -25.15 63.27
CA ASP L 70 16.23 -26.42 62.83
C ASP L 70 15.17 -27.28 62.14
N PHE L 71 15.63 -28.14 61.24
CA PHE L 71 14.83 -28.72 60.18
C PHE L 71 15.33 -30.12 59.88
N THR L 72 14.48 -31.00 59.37
CA THR L 72 14.89 -32.36 59.02
C THR L 72 14.18 -32.83 57.77
N LEU L 73 14.94 -33.40 56.83
CA LEU L 73 14.41 -34.08 55.66
C LEU L 73 14.46 -35.58 55.94
N THR L 74 13.32 -36.23 55.84
CA THR L 74 13.18 -37.65 56.17
C THR L 74 12.83 -38.44 54.91
N ILE L 75 13.43 -39.61 54.70
CA ILE L 75 13.11 -40.49 53.56
C ILE L 75 12.66 -41.85 54.09
N ARG L 76 11.45 -42.30 53.78
CA ARG L 76 10.97 -43.68 54.07
C ARG L 76 11.39 -44.67 52.98
N GLY L 77 12.24 -45.65 53.28
CA GLY L 77 12.62 -46.68 52.33
C GLY L 77 13.54 -46.15 51.23
N VAL L 78 14.78 -45.80 51.60
CA VAL L 78 15.82 -45.31 50.70
C VAL L 78 16.06 -46.32 49.56
N GLN L 79 16.20 -45.85 48.33
CA GLN L 79 16.34 -46.68 47.12
C GLN L 79 17.60 -46.37 46.32
N SER L 80 17.89 -47.18 45.30
CA SER L 80 19.18 -47.21 44.59
C SER L 80 19.63 -45.88 43.97
N ASP L 81 18.72 -44.94 43.69
CA ASP L 81 19.06 -43.59 43.20
C ASP L 81 18.91 -42.47 44.24
N ASP L 82 18.42 -42.76 45.45
CA ASP L 82 18.39 -41.77 46.53
C ASP L 82 19.80 -41.42 47.03
N PHE L 83 20.79 -42.27 46.78
CA PHE L 83 22.20 -41.99 47.05
C PHE L 83 22.71 -40.85 46.14
N ALA L 84 22.83 -39.65 46.71
CA ALA L 84 23.10 -38.38 46.01
C ALA L 84 23.51 -37.29 47.02
N LEU L 85 23.62 -36.02 46.62
CA LEU L 85 23.80 -34.90 47.55
C LEU L 85 22.45 -34.24 47.89
N TYR L 86 22.28 -33.82 49.14
CA TYR L 86 21.08 -33.08 49.59
C TYR L 86 21.45 -31.75 50.27
N TYR L 87 20.82 -30.66 49.84
CA TYR L 87 21.09 -29.30 50.31
C TYR L 87 19.84 -28.65 50.88
N CYS L 88 19.90 -28.07 52.10
CA CYS L 88 18.84 -27.18 52.59
C CYS L 88 19.13 -25.74 52.19
N GLN L 89 18.08 -24.98 51.87
CA GLN L 89 18.18 -23.64 51.31
C GLN L 89 17.27 -22.68 52.06
N GLN L 90 17.77 -21.51 52.40
CA GLN L 90 17.14 -20.52 53.26
C GLN L 90 16.84 -19.25 52.49
N ASP L 91 15.68 -18.63 52.67
CA ASP L 91 15.30 -17.39 51.98
C ASP L 91 14.37 -16.46 52.79
N TYR L 92 14.31 -16.63 54.10
CA TYR L 92 13.60 -15.71 54.97
C TYR L 92 14.29 -14.33 55.00
N TYR L 93 15.62 -14.31 54.92
CA TYR L 93 16.43 -13.11 54.66
C TYR L 93 17.16 -13.26 53.33
N TRP L 94 17.25 -12.22 52.50
CA TRP L 94 18.28 -12.18 51.45
C TRP L 94 19.67 -12.02 52.06
N PRO L 95 20.75 -12.42 51.37
CA PRO L 95 20.74 -13.24 50.16
C PRO L 95 20.32 -14.68 50.48
N VAL L 96 19.82 -15.40 49.48
CA VAL L 96 19.49 -16.81 49.66
C VAL L 96 20.76 -17.59 49.99
N THR L 97 20.76 -18.46 50.98
CA THR L 97 21.96 -19.24 51.37
C THR L 97 21.68 -20.73 51.48
N PHE L 98 22.72 -21.55 51.37
CA PHE L 98 22.64 -23.01 51.35
C PHE L 98 23.66 -23.62 52.32
N GLY L 99 23.34 -24.75 52.94
CA GLY L 99 24.32 -25.50 53.73
C GLY L 99 25.44 -26.10 52.86
N GLN L 100 26.40 -26.80 53.47
CA GLN L 100 27.48 -27.47 52.73
C GLN L 100 27.02 -28.73 51.96
N GLY L 101 25.80 -29.19 52.18
CA GLY L 101 25.23 -30.38 51.55
C GLY L 101 25.63 -31.69 52.26
N THR L 102 24.75 -32.69 52.21
CA THR L 102 24.96 -34.01 52.80
C THR L 102 24.96 -35.08 51.72
N ARG L 103 26.02 -35.88 51.62
CA ARG L 103 26.13 -37.02 50.68
C ARG L 103 25.43 -38.24 51.28
N LEU L 104 24.34 -38.70 50.67
CA LEU L 104 23.74 -39.99 51.00
C LEU L 104 24.51 -41.11 50.28
N ASP L 105 24.93 -42.12 51.04
CA ASP L 105 25.95 -43.10 50.63
C ASP L 105 25.44 -44.53 50.86
N MET L 106 25.66 -45.43 49.90
CA MET L 106 25.11 -46.78 50.01
C MET L 106 25.91 -47.63 51.00
N LYS L 107 25.31 -47.95 52.16
CA LYS L 107 25.91 -48.80 53.21
C LYS L 107 26.40 -50.13 52.66
N ARG L 108 27.58 -50.55 53.12
CA ARG L 108 28.26 -51.81 52.79
C ARG L 108 29.29 -52.13 53.89
N THR L 109 29.82 -53.36 53.91
CA THR L 109 30.81 -53.83 54.92
C THR L 109 32.13 -53.05 54.89
N VAL L 110 32.84 -52.97 56.01
CA VAL L 110 34.13 -52.27 56.06
C VAL L 110 35.15 -52.96 55.15
N ALA L 111 35.93 -52.17 54.40
CA ALA L 111 36.95 -52.66 53.48
C ALA L 111 38.17 -51.72 53.48
N ALA L 112 39.31 -52.22 53.94
CA ALA L 112 40.58 -51.50 53.87
C ALA L 112 41.03 -51.28 52.41
N PRO L 113 41.76 -50.19 52.10
CA PRO L 113 42.30 -49.97 50.78
C PRO L 113 43.38 -50.99 50.44
N SER L 114 43.41 -51.43 49.19
CA SER L 114 44.66 -51.87 48.55
C SER L 114 45.49 -50.63 48.19
N VAL L 115 46.82 -50.68 48.27
CA VAL L 115 47.68 -49.49 48.19
C VAL L 115 48.92 -49.69 47.32
N PHE L 116 49.29 -48.69 46.51
CA PHE L 116 50.39 -48.75 45.53
C PHE L 116 51.07 -47.37 45.31
N ILE L 117 52.28 -47.34 44.77
CA ILE L 117 53.01 -46.11 44.40
C ILE L 117 53.81 -46.28 43.09
N PHE L 118 54.05 -45.16 42.40
CA PHE L 118 54.89 -45.04 41.21
C PHE L 118 55.88 -43.87 41.37
N PRO L 119 57.18 -44.07 41.10
CA PRO L 119 58.09 -42.99 40.79
C PRO L 119 57.74 -42.32 39.46
N PRO L 120 58.27 -41.12 39.18
CA PRO L 120 58.13 -40.45 37.90
C PRO L 120 58.69 -41.29 36.74
N SER L 121 58.10 -41.15 35.55
CA SER L 121 58.56 -41.88 34.36
C SER L 121 59.89 -41.36 33.81
N ASP L 122 60.58 -42.17 33.01
CA ASP L 122 61.80 -41.78 32.32
C ASP L 122 61.56 -40.61 31.34
N GLU L 123 60.44 -40.64 30.61
CA GLU L 123 60.00 -39.51 29.78
C GLU L 123 59.74 -38.27 30.63
N GLN L 124 59.18 -38.43 31.83
CA GLN L 124 58.94 -37.32 32.75
C GLN L 124 60.23 -36.68 33.25
N LEU L 125 61.20 -37.45 33.76
CA LEU L 125 62.47 -36.87 34.19
C LEU L 125 63.14 -36.11 33.04
N LYS L 126 63.12 -36.68 31.83
CA LYS L 126 63.62 -36.02 30.62
C LYS L 126 62.81 -34.77 30.23
N SER L 127 61.50 -34.73 30.50
CA SER L 127 60.66 -33.55 30.26
C SER L 127 60.98 -32.36 31.18
N GLY L 128 61.70 -32.59 32.29
CA GLY L 128 61.99 -31.56 33.30
C GLY L 128 60.94 -31.44 34.41
N THR L 129 59.87 -32.24 34.41
CA THR L 129 58.91 -32.32 35.53
C THR L 129 58.62 -33.77 35.92
N ALA L 130 58.60 -34.01 37.22
CA ALA L 130 58.50 -35.31 37.84
C ALA L 130 57.17 -35.41 38.60
N SER L 131 56.35 -36.41 38.31
CA SER L 131 55.13 -36.72 39.07
C SER L 131 55.26 -38.05 39.78
N VAL L 132 55.11 -38.03 41.10
CA VAL L 132 55.01 -39.22 41.94
C VAL L 132 53.52 -39.50 42.15
N VAL L 133 53.07 -40.73 41.96
CA VAL L 133 51.64 -41.07 42.02
C VAL L 133 51.39 -42.24 42.95
N CYS L 134 50.30 -42.17 43.70
CA CYS L 134 49.90 -43.17 44.69
C CYS L 134 48.43 -43.56 44.51
N LEU L 135 48.12 -44.84 44.55
CA LEU L 135 46.77 -45.38 44.35
C LEU L 135 46.28 -46.11 45.59
N LEU L 136 45.10 -45.71 46.09
CA LEU L 136 44.36 -46.36 47.16
C LEU L 136 43.10 -46.93 46.50
N ASN L 137 42.82 -48.23 46.61
CA ASN L 137 41.87 -48.86 45.71
C ASN L 137 40.85 -49.80 46.38
N ASN L 138 39.59 -49.65 45.97
CA ASN L 138 38.38 -50.35 46.39
C ASN L 138 38.21 -50.44 47.93
N PHE L 139 38.35 -49.32 48.63
CA PHE L 139 38.03 -49.22 50.04
C PHE L 139 36.56 -48.85 50.27
N TYR L 140 36.03 -49.13 51.45
CA TYR L 140 34.76 -48.57 51.93
C TYR L 140 34.75 -48.48 53.46
N PRO L 141 34.05 -47.50 54.07
CA PRO L 141 33.52 -46.25 53.51
C PRO L 141 34.59 -45.30 52.95
N ARG L 142 34.12 -44.18 52.39
CA ARG L 142 34.84 -43.15 51.62
C ARG L 142 35.96 -42.42 52.38
N GLU L 143 36.04 -42.58 53.69
CA GLU L 143 36.97 -41.88 54.58
C GLU L 143 38.44 -42.33 54.38
N ALA L 144 39.17 -41.63 53.50
CA ALA L 144 40.60 -41.83 53.28
C ALA L 144 41.36 -40.53 53.03
N LYS L 145 42.68 -40.54 53.22
CA LYS L 145 43.61 -39.45 52.89
C LYS L 145 45.00 -39.99 52.53
N VAL L 146 45.75 -39.29 51.66
CA VAL L 146 47.18 -39.49 51.43
C VAL L 146 48.01 -38.43 52.12
N GLN L 147 49.09 -38.85 52.77
CA GLN L 147 50.15 -37.98 53.28
C GLN L 147 51.43 -38.26 52.48
N TRP L 148 52.00 -37.23 51.83
CA TRP L 148 53.22 -37.37 51.03
C TRP L 148 54.47 -37.11 51.86
N LYS L 149 55.43 -38.03 51.83
CA LYS L 149 56.71 -37.92 52.55
C LYS L 149 57.89 -37.86 51.59
N VAL L 150 58.80 -36.93 51.83
CA VAL L 150 60.00 -36.69 51.01
C VAL L 150 61.21 -36.50 51.92
N ASP L 151 62.34 -37.12 51.57
CA ASP L 151 63.39 -37.55 52.52
C ASP L 151 62.79 -38.29 53.73
N ASN L 152 61.67 -38.97 53.47
CA ASN L 152 60.71 -39.57 54.41
C ASN L 152 60.17 -38.62 55.53
N ALA L 153 60.43 -37.31 55.46
CA ALA L 153 59.75 -36.31 56.27
C ALA L 153 58.43 -35.90 55.59
N LEU L 154 57.35 -35.68 56.36
CA LEU L 154 56.04 -35.33 55.80
C LEU L 154 56.02 -33.93 55.16
N GLN L 155 55.31 -33.77 54.04
CA GLN L 155 55.24 -32.55 53.21
C GLN L 155 53.80 -32.21 52.80
N SER L 156 53.60 -31.02 52.25
CA SER L 156 52.27 -30.46 51.93
C SER L 156 52.30 -29.51 50.72
N GLY L 157 51.14 -29.25 50.10
CA GLY L 157 50.91 -28.25 49.04
C GLY L 157 51.42 -28.62 47.65
N ASN L 158 52.52 -29.39 47.60
CA ASN L 158 53.15 -29.98 46.42
C ASN L 158 52.31 -31.06 45.71
N SER L 159 51.08 -31.33 46.15
CA SER L 159 50.34 -32.57 45.86
C SER L 159 48.82 -32.44 45.94
N GLN L 160 48.12 -33.41 45.34
CA GLN L 160 46.69 -33.41 45.02
C GLN L 160 46.06 -34.80 45.22
N GLU L 161 44.73 -34.88 45.30
CA GLU L 161 43.95 -36.12 45.25
C GLU L 161 42.75 -36.01 44.30
N SER L 162 42.52 -37.05 43.49
CA SER L 162 41.27 -37.29 42.76
C SER L 162 40.62 -38.58 43.28
N VAL L 163 39.29 -38.61 43.39
CA VAL L 163 38.55 -39.72 44.01
C VAL L 163 37.41 -40.17 43.10
N THR L 164 37.15 -41.46 43.03
CA THR L 164 36.10 -42.03 42.17
C THR L 164 34.69 -41.64 42.63
N GLU L 165 33.74 -41.80 41.71
CA GLU L 165 32.34 -42.06 42.05
C GLU L 165 32.22 -43.28 42.99
N GLN L 166 31.08 -43.45 43.66
CA GLN L 166 30.79 -44.70 44.36
C GLN L 166 30.72 -45.86 43.38
N ASP L 167 31.49 -46.91 43.60
CA ASP L 167 31.37 -48.15 42.85
C ASP L 167 30.00 -48.78 43.12
N SER L 168 29.10 -48.70 42.16
CA SER L 168 27.72 -49.18 42.29
C SER L 168 27.63 -50.69 42.56
N LYS L 169 28.69 -51.45 42.26
CA LYS L 169 28.74 -52.91 42.46
C LYS L 169 28.89 -53.29 43.92
N ASP L 170 29.65 -52.51 44.68
CA ASP L 170 30.13 -52.91 46.01
C ASP L 170 30.32 -51.73 46.99
N SER L 171 29.72 -50.57 46.66
CA SER L 171 29.86 -49.28 47.33
C SER L 171 31.27 -48.70 47.40
N THR L 172 32.33 -49.38 46.97
CA THR L 172 33.69 -48.93 47.25
C THR L 172 34.06 -47.65 46.52
N TYR L 173 35.14 -47.05 47.00
CA TYR L 173 35.79 -45.90 46.44
C TYR L 173 37.26 -46.22 46.19
N SER L 174 37.83 -45.55 45.21
CA SER L 174 39.28 -45.54 44.97
C SER L 174 39.75 -44.09 44.88
N LEU L 175 41.00 -43.84 45.21
CA LEU L 175 41.61 -42.52 45.29
C LEU L 175 42.99 -42.56 44.64
N SER L 176 43.26 -41.60 43.76
CA SER L 176 44.55 -41.45 43.09
C SER L 176 45.16 -40.10 43.49
N SER L 177 46.32 -40.14 44.13
CA SER L 177 47.02 -38.97 44.63
C SER L 177 48.26 -38.70 43.80
N THR L 178 48.50 -37.44 43.43
CA THR L 178 49.63 -37.02 42.60
C THR L 178 50.42 -35.93 43.31
N LEU L 179 51.72 -36.15 43.49
CA LEU L 179 52.74 -35.20 43.96
C LEU L 179 53.57 -34.79 42.74
N THR L 180 53.78 -33.50 42.48
CA THR L 180 54.50 -33.06 41.27
C THR L 180 55.56 -31.99 41.54
N LEU L 181 56.69 -32.13 40.86
CA LEU L 181 57.96 -31.43 41.12
C LEU L 181 58.63 -31.02 39.79
N SER L 182 59.55 -30.06 39.81
CA SER L 182 60.56 -29.94 38.74
C SER L 182 61.56 -31.10 38.86
N LYS L 183 62.33 -31.40 37.81
CA LYS L 183 63.34 -32.48 37.88
C LYS L 183 64.38 -32.17 38.96
N ALA L 184 64.82 -30.92 39.08
CA ALA L 184 65.72 -30.51 40.15
C ALA L 184 65.08 -30.71 41.53
N ASP L 185 63.81 -30.35 41.70
CA ASP L 185 63.07 -30.54 42.95
C ASP L 185 62.84 -32.02 43.29
N TYR L 186 62.78 -32.88 42.28
CA TYR L 186 62.82 -34.34 42.46
C TYR L 186 64.20 -34.82 42.92
N GLU L 187 65.26 -34.38 42.24
CA GLU L 187 66.64 -34.79 42.52
C GLU L 187 67.24 -34.18 43.80
N LYS L 188 66.70 -33.08 44.34
CA LYS L 188 67.17 -32.52 45.61
C LYS L 188 66.80 -33.34 46.85
N HIS L 189 66.04 -34.42 46.68
CA HIS L 189 65.64 -35.37 47.72
C HIS L 189 65.83 -36.81 47.27
N LYS L 190 65.93 -37.75 48.22
CA LYS L 190 66.46 -39.11 47.99
C LYS L 190 65.53 -40.23 48.46
N VAL L 191 64.55 -39.96 49.33
CA VAL L 191 63.50 -40.93 49.70
C VAL L 191 62.13 -40.34 49.47
N TYR L 192 61.19 -41.13 48.94
CA TYR L 192 59.81 -40.75 48.66
C TYR L 192 58.85 -41.80 49.23
N ALA L 193 57.74 -41.36 49.81
CA ALA L 193 56.68 -42.26 50.24
C ALA L 193 55.29 -41.62 50.22
N CYS L 194 54.28 -42.48 50.09
CA CYS L 194 52.87 -42.17 50.26
C CYS L 194 52.36 -42.94 51.48
N GLU L 195 51.88 -42.22 52.50
CA GLU L 195 51.20 -42.80 53.67
C GLU L 195 49.68 -42.71 53.48
N VAL L 196 48.98 -43.80 53.80
CA VAL L 196 47.54 -43.94 53.62
C VAL L 196 46.83 -44.00 54.96
N THR L 197 45.89 -43.09 55.14
CA THR L 197 44.96 -43.07 56.28
C THR L 197 43.60 -43.54 55.78
N HIS L 198 42.95 -44.47 56.48
CA HIS L 198 41.58 -44.93 56.19
C HIS L 198 40.81 -45.20 57.49
N GLN L 199 39.49 -45.10 57.43
CA GLN L 199 38.57 -45.32 58.57
C GLN L 199 38.86 -46.65 59.31
N GLY L 200 38.92 -47.76 58.57
CA GLY L 200 39.44 -49.05 59.03
C GLY L 200 40.79 -49.33 58.40
N LEU L 201 41.85 -49.32 59.21
CA LEU L 201 43.17 -49.93 58.97
C LEU L 201 43.84 -50.16 60.33
N SER L 202 44.76 -51.13 60.42
CA SER L 202 45.54 -51.37 61.65
C SER L 202 46.53 -50.23 61.92
N SER L 203 47.29 -49.82 60.89
CA SER L 203 48.18 -48.66 60.89
C SER L 203 48.17 -47.98 59.52
N PRO L 204 48.63 -46.72 59.41
CA PRO L 204 48.66 -46.01 58.13
C PRO L 204 49.62 -46.67 57.13
N VAL L 205 49.07 -47.50 56.23
CA VAL L 205 49.86 -48.26 55.24
C VAL L 205 50.70 -47.30 54.41
N THR L 206 52.01 -47.54 54.32
CA THR L 206 52.93 -46.62 53.65
C THR L 206 53.75 -47.35 52.59
N LYS L 207 53.75 -46.83 51.36
CA LYS L 207 54.48 -47.39 50.21
C LYS L 207 55.56 -46.42 49.76
N SER L 208 56.77 -46.93 49.53
CA SER L 208 58.01 -46.12 49.62
C SER L 208 59.05 -46.51 48.56
N PHE L 209 59.90 -45.56 48.17
CA PHE L 209 61.05 -45.81 47.30
C PHE L 209 62.21 -44.84 47.55
N ASN L 210 63.42 -45.25 47.16
CA ASN L 210 64.59 -44.37 47.04
C ASN L 210 64.69 -43.84 45.61
N ARG L 211 64.97 -42.54 45.46
CA ARG L 211 64.79 -41.79 44.21
C ARG L 211 65.48 -42.47 43.02
N GLY L 212 64.71 -42.76 41.98
CA GLY L 212 65.18 -43.37 40.72
C GLY L 212 64.87 -44.87 40.57
N GLU L 213 64.45 -45.55 41.63
CA GLU L 213 63.86 -46.89 41.59
C GLU L 213 62.48 -46.89 42.28
N CYS L 214 61.72 -47.99 42.20
CA CYS L 214 60.44 -48.14 42.90
C CYS L 214 60.57 -49.14 44.05
C1 NAG M . 33.40 -22.48 -3.75
C2 NAG M . 34.26 -23.59 -3.12
C3 NAG M . 34.88 -23.08 -1.80
C4 NAG M . 35.60 -21.75 -1.98
C5 NAG M . 34.75 -20.72 -2.70
C6 NAG M . 35.53 -19.45 -3.06
C7 NAG M . 32.50 -24.99 -2.11
C8 NAG M . 31.97 -26.42 -1.98
N2 NAG M . 33.53 -24.84 -2.94
O3 NAG M . 35.81 -24.05 -1.28
O4 NAG M . 35.89 -21.25 -0.63
O5 NAG M . 34.23 -21.30 -3.95
O6 NAG M . 36.37 -19.74 -4.19
O7 NAG M . 32.00 -24.05 -1.50
C1 NAG M . 37.32 -21.10 -0.34
C2 NAG M . 37.50 -20.43 1.04
C3 NAG M . 38.99 -20.36 1.43
C4 NAG M . 39.67 -21.73 1.29
C5 NAG M . 39.42 -22.33 -0.10
C6 NAG M . 40.04 -23.72 -0.28
C7 NAG M . 37.16 -18.08 0.35
C8 NAG M . 36.33 -16.79 0.56
N2 NAG M . 36.85 -19.12 1.12
O3 NAG M . 39.15 -19.89 2.79
O4 NAG M . 41.12 -21.52 1.48
O5 NAG M . 37.95 -22.41 -0.29
O6 NAG M . 39.79 -24.15 -1.63
O7 NAG M . 38.05 -18.14 -0.50
C1 BMA M . 41.71 -22.31 2.56
C2 BMA M . 43.23 -22.07 2.59
C3 BMA M . 43.88 -22.78 3.79
C4 BMA M . 43.18 -22.43 5.12
C5 BMA M . 41.65 -22.64 5.00
C6 BMA M . 40.87 -22.18 6.23
O2 BMA M . 43.49 -20.65 2.70
O3 BMA M . 45.29 -22.40 3.84
O4 BMA M . 43.67 -23.31 6.16
O5 BMA M . 41.15 -21.88 3.84
O6 BMA M . 41.16 -23.06 7.33
C1 NAG N . 34.64 -7.27 -6.46
C2 NAG N . 34.67 -7.89 -7.89
C3 NAG N . 36.08 -7.79 -8.47
C4 NAG N . 36.67 -6.39 -8.36
C5 NAG N . 36.49 -5.76 -6.98
C6 NAG N . 36.89 -4.28 -6.95
C7 NAG N . 34.68 -10.28 -7.27
C8 NAG N . 33.99 -11.64 -7.43
N2 NAG N . 34.16 -9.26 -7.93
O3 NAG N . 36.08 -8.19 -9.86
O4 NAG N . 38.11 -6.56 -8.58
O5 NAG N . 35.08 -5.89 -6.54
O6 NAG N . 36.12 -3.54 -7.92
O7 NAG N . 35.67 -10.15 -6.56
C1 NAG N . 38.65 -5.91 -9.77
C2 NAG N . 40.17 -6.18 -9.84
C3 NAG N . 40.79 -5.68 -11.16
C4 NAG N . 40.01 -6.19 -12.39
C5 NAG N . 38.51 -5.91 -12.23
C6 NAG N . 37.65 -6.45 -13.37
C7 NAG N . 40.92 -4.38 -8.31
C8 NAG N . 41.64 -4.05 -7.00
N2 NAG N . 40.87 -5.66 -8.66
O3 NAG N . 42.17 -6.13 -11.24
O4 NAG N . 40.43 -5.45 -13.59
O5 NAG N . 38.03 -6.50 -10.95
O6 NAG N . 37.68 -7.90 -13.35
O7 NAG N . 40.38 -3.51 -8.99
C1 BMA N . 41.63 -5.87 -14.32
C2 BMA N . 41.50 -5.46 -15.80
C3 BMA N . 42.80 -5.73 -16.57
C4 BMA N . 43.99 -5.02 -15.91
C5 BMA N . 44.12 -5.43 -14.43
C6 BMA N . 45.20 -4.64 -13.66
O2 BMA N . 41.17 -4.06 -15.92
O3 BMA N . 42.64 -5.26 -17.94
O4 BMA N . 45.19 -5.43 -16.63
O5 BMA N . 42.83 -5.24 -13.73
O6 BMA N . 44.88 -3.23 -13.67
C1 NAG O . -21.37 -38.75 -17.72
C2 NAG O . -21.07 -38.69 -19.23
C3 NAG O . -22.30 -38.12 -19.95
C4 NAG O . -23.50 -39.04 -19.65
C5 NAG O . -23.77 -39.09 -18.15
C6 NAG O . -24.92 -40.01 -17.77
C7 NAG O . -18.67 -38.42 -19.59
C8 NAG O . -17.57 -37.54 -20.17
N2 NAG O . -19.89 -37.90 -19.53
O3 NAG O . -22.02 -38.03 -21.37
O4 NAG O . -24.72 -38.56 -20.31
O5 NAG O . -22.55 -39.59 -17.49
O6 NAG O . -24.87 -40.25 -16.35
O7 NAG O . -18.44 -39.57 -19.21
C1 NAG O . -24.79 -38.86 -21.73
C2 NAG O . -26.20 -39.38 -22.10
C3 NAG O . -26.34 -39.55 -23.63
C4 NAG O . -25.92 -38.26 -24.35
C5 NAG O . -24.51 -37.84 -23.95
C6 NAG O . -24.03 -36.54 -24.60
C7 NAG O . -25.81 -41.71 -21.34
C8 NAG O . -26.35 -42.86 -20.47
N2 NAG O . -26.55 -40.60 -21.36
O3 NAG O . -27.71 -39.89 -23.96
O4 NAG O . -25.95 -38.50 -25.80
O5 NAG O . -24.50 -37.65 -22.48
O6 NAG O . -22.80 -36.13 -23.95
O7 NAG O . -24.75 -41.81 -21.94
C1 BMA O . -27.00 -37.78 -26.53
C2 BMA O . -26.86 -38.03 -28.05
C3 BMA O . -28.01 -37.32 -28.78
C4 BMA O . -29.38 -37.79 -28.27
C5 BMA O . -29.49 -37.61 -26.74
C6 BMA O . -30.76 -38.23 -26.16
O2 BMA O . -26.93 -39.45 -28.34
O3 BMA O . -27.90 -37.59 -30.21
O4 BMA O . -30.41 -36.99 -28.91
O5 BMA O . -28.32 -38.25 -26.09
O6 BMA O . -30.79 -38.02 -24.74
C1 NAG P . 2.01 -35.25 1.70
C2 NAG P . 3.11 -34.21 1.50
C3 NAG P . 4.37 -34.67 2.22
C4 NAG P . 4.12 -34.82 3.73
C5 NAG P . 2.91 -35.73 3.98
C6 NAG P . 2.46 -35.72 5.44
C7 NAG P . 3.35 -32.81 -0.49
C8 NAG P . 3.65 -32.74 -1.99
N2 NAG P . 3.40 -34.00 0.08
O3 NAG P . 5.42 -33.70 2.02
O4 NAG P . 5.34 -35.43 4.33
O5 NAG P . 1.75 -35.34 3.13
O6 NAG P . 2.23 -34.36 5.87
O7 NAG P . 3.07 -31.80 0.15
C1 NAG P . 6.01 -34.75 5.44
C2 NAG P . 6.59 -33.36 5.06
C3 NAG P . 7.08 -32.59 6.30
C4 NAG P . 6.27 -32.69 7.59
C5 NAG P . 5.70 -34.09 7.81
C6 NAG P . 4.64 -34.16 8.92
C7 NAG P . 8.23 -32.57 3.43
C8 NAG P . 9.73 -32.64 3.13
N2 NAG P . 7.77 -33.54 4.22
O3 NAG P . 7.20 -31.19 5.96
O4 NAG P . 7.24 -32.46 8.69
O5 NAG P . 5.09 -34.60 6.56
O6 NAG P . 3.37 -33.71 8.40
O7 NAG P . 7.51 -31.65 3.03
C1 BMA P . 7.44 -31.13 9.31
C2 BMA P . 8.62 -31.26 10.28
C3 BMA P . 9.13 -29.92 10.81
C4 BMA P . 9.36 -28.89 9.69
C5 BMA P . 8.11 -28.78 8.81
C6 BMA P . 8.31 -27.80 7.64
O2 BMA P . 9.73 -31.92 9.59
O3 BMA P . 10.39 -30.14 11.49
O4 BMA P . 9.66 -27.60 10.29
O5 BMA P . 7.80 -30.13 8.30
O6 BMA P . 7.21 -27.90 6.71
C1 NAG Q . -17.35 -33.85 -28.50
C2 NAG Q . -18.42 -33.05 -29.27
C3 NAG Q . -18.57 -33.63 -30.68
C4 NAG Q . -17.23 -33.71 -31.40
C5 NAG Q . -16.15 -34.41 -30.58
C6 NAG Q . -14.76 -34.28 -31.20
C7 NAG Q . -20.06 -32.27 -27.63
C8 NAG Q . -21.37 -32.59 -26.87
N2 NAG Q . -19.70 -33.14 -28.57
O3 NAG Q . -19.47 -32.83 -31.48
O4 NAG Q . -17.41 -34.54 -32.59
O5 NAG Q . -16.11 -33.83 -29.24
O6 NAG Q . -14.42 -32.90 -31.37
O7 NAG Q . -19.37 -31.29 -27.35
C1 NAG Q . -17.19 -33.88 -33.87
C2 NAG Q . -16.77 -34.96 -34.86
C3 NAG Q . -16.78 -34.49 -36.32
C4 NAG Q . -17.97 -33.60 -36.71
C5 NAG Q . -18.26 -32.56 -35.62
C6 NAG Q . -19.52 -31.75 -35.91
C7 NAG Q . -15.02 -36.68 -34.75
C8 NAG Q . -13.63 -37.06 -34.24
N2 NAG Q . -15.42 -35.43 -34.54
O3 NAG Q . -16.75 -35.68 -37.12
O4 NAG Q . -17.61 -32.81 -37.90
O5 NAG Q . -18.42 -33.24 -34.32
O6 NAG Q . -19.24 -30.80 -36.94
O7 NAG Q . -15.74 -37.48 -35.36
C1 BMA Q . -17.93 -33.14 -39.30
C2 BMA Q . -17.87 -34.62 -39.64
C3 BMA Q . -17.99 -34.82 -41.15
C4 BMA Q . -19.30 -34.20 -41.63
C5 BMA Q . -19.43 -32.74 -41.16
C6 BMA Q . -20.77 -32.13 -41.49
O2 BMA Q . -18.94 -35.36 -39.01
O3 BMA Q . -17.91 -36.25 -41.54
O4 BMA Q . -19.30 -34.25 -43.07
O5 BMA Q . -19.22 -32.62 -39.70
O6 BMA Q . -20.62 -31.41 -42.75
C1 MAN Q . -16.80 -36.96 -40.92
C2 MAN Q . -16.16 -37.98 -41.85
C3 MAN Q . -16.94 -39.30 -41.92
C4 MAN Q . -17.48 -39.82 -40.59
C5 MAN Q . -18.18 -38.71 -39.80
C6 MAN Q . -18.59 -39.13 -38.38
O2 MAN Q . -14.73 -38.17 -41.49
O3 MAN Q . -16.07 -40.30 -42.51
O4 MAN Q . -18.44 -40.87 -40.87
O5 MAN Q . -17.24 -37.58 -39.67
O6 MAN Q . -19.19 -38.02 -37.71
C1 MAN Q . -14.41 -38.74 -40.18
C2 MAN Q . -13.27 -37.94 -39.52
C3 MAN Q . -11.89 -38.35 -40.01
C4 MAN Q . -11.73 -39.87 -39.91
C5 MAN Q . -12.76 -40.44 -40.88
C6 MAN Q . -12.61 -41.93 -41.11
O2 MAN Q . -13.31 -38.16 -38.09
O3 MAN Q . -10.88 -37.75 -39.16
O4 MAN Q . -10.39 -40.21 -40.27
O5 MAN Q . -14.11 -40.15 -40.35
O6 MAN Q . -12.81 -42.68 -39.91
C1 MAN Q . -21.85 -30.76 -43.18
C2 MAN Q . -21.61 -30.14 -44.56
C3 MAN Q . -20.54 -29.07 -44.46
C4 MAN Q . -20.83 -28.02 -43.37
C5 MAN Q . -21.20 -28.66 -42.02
C6 MAN Q . -21.77 -27.67 -41.01
O2 MAN Q . -22.84 -29.55 -45.07
O3 MAN Q . -20.43 -28.42 -45.75
O4 MAN Q . -19.62 -27.26 -43.17
O5 MAN Q . -22.22 -29.71 -42.22
O6 MAN Q . -20.83 -26.62 -40.77
C1 NAG R . 15.04 -45.24 -3.86
C2 NAG R . 15.49 -45.57 -2.42
C3 NAG R . 17.03 -45.58 -2.37
C4 NAG R . 17.53 -46.67 -3.35
C5 NAG R . 16.98 -46.45 -4.77
C6 NAG R . 17.31 -47.61 -5.70
C7 NAG R . 14.86 -43.39 -1.44
C8 NAG R . 14.00 -42.69 -0.38
N2 NAG R . 14.86 -44.72 -1.41
O3 NAG R . 17.48 -45.87 -1.03
O4 NAG R . 19.00 -46.67 -3.46
O5 NAG R . 15.51 -46.32 -4.72
O6 NAG R . 16.56 -48.77 -5.29
O7 NAG R . 15.49 -42.77 -2.28
C1 NAG R . 19.74 -47.36 -2.40
C2 NAG R . 20.98 -48.06 -2.99
C3 NAG R . 21.85 -48.62 -1.85
C4 NAG R . 22.22 -47.52 -0.86
C5 NAG R . 20.97 -46.88 -0.26
C6 NAG R . 21.28 -45.71 0.68
C7 NAG R . 20.94 -49.20 -5.15
C8 NAG R . 20.53 -50.48 -5.91
N2 NAG R . 20.58 -49.13 -3.89
O3 NAG R . 23.06 -49.22 -2.39
O4 NAG R . 22.99 -48.15 0.23
O5 NAG R . 20.12 -46.38 -1.37
O6 NAG R . 22.02 -44.70 -0.04
O7 NAG R . 21.57 -48.29 -5.71
C1 BMA R . 24.38 -47.69 0.35
C2 BMA R . 25.07 -48.55 1.43
C3 BMA R . 26.60 -48.44 1.41
C4 BMA R . 27.19 -48.60 -0.01
C5 BMA R . 26.50 -47.62 -0.98
C6 BMA R . 26.95 -47.75 -2.44
O2 BMA R . 24.71 -49.94 1.21
O3 BMA R . 27.15 -49.46 2.27
O4 BMA R . 28.60 -48.30 0.05
O5 BMA R . 25.05 -47.89 -0.94
O6 BMA R . 26.56 -49.03 -2.98
C1 NAG S . 11.00 -39.05 -23.63
C2 NAG S . 12.23 -38.21 -23.25
C3 NAG S . 13.16 -38.12 -24.46
C4 NAG S . 13.48 -39.49 -25.08
C5 NAG S . 12.22 -40.35 -25.30
C6 NAG S . 12.53 -41.79 -25.71
C7 NAG S . 11.84 -36.45 -21.57
C8 NAG S . 11.27 -35.07 -21.29
N2 NAG S . 11.80 -36.87 -22.82
O3 NAG S . 14.40 -37.48 -24.11
O4 NAG S . 14.09 -39.22 -26.40
O5 NAG S . 11.44 -40.37 -24.04
O6 NAG S . 12.97 -42.52 -24.54
O7 NAG S . 12.28 -37.16 -20.66
C1 NAG S . 15.44 -39.71 -26.62
C2 NAG S . 15.88 -39.43 -28.08
C3 NAG S . 17.34 -39.84 -28.33
C4 NAG S . 18.28 -39.23 -27.28
C5 NAG S . 17.76 -39.45 -25.86
C6 NAG S . 18.60 -38.66 -24.85
C7 NAG S . 14.75 -41.30 -29.26
C8 NAG S . 13.77 -41.68 -30.38
N2 NAG S . 14.96 -40.00 -29.08
O3 NAG S . 17.76 -39.40 -29.65
O4 NAG S . 19.58 -39.94 -27.35
O5 NAG S . 16.36 -38.99 -25.75
O6 NAG S . 17.90 -38.72 -23.63
O7 NAG S . 15.32 -42.14 -28.58
C1 BMA S . 20.75 -39.17 -27.75
C2 BMA S . 21.20 -37.92 -26.94
C3 BMA S . 22.14 -37.09 -27.81
C4 BMA S . 23.23 -37.94 -28.52
C5 BMA S . 22.61 -39.06 -29.37
C6 BMA S . 23.67 -39.99 -29.98
O2 BMA S . 21.91 -38.24 -25.70
O3 BMA S . 22.76 -36.08 -26.96
O4 BMA S . 23.97 -37.07 -29.40
O5 BMA S . 21.73 -39.91 -28.54
O6 BMA S . 23.02 -41.16 -30.53
C1 NAG T . 14.67 -38.41 -18.09
C2 NAG T . 14.41 -39.89 -18.46
C3 NAG T . 15.53 -40.51 -19.29
C4 NAG T . 15.77 -39.62 -20.49
C5 NAG T . 16.28 -38.26 -20.02
C6 NAG T . 16.62 -37.28 -21.15
C7 NAG T . 13.04 -40.88 -16.71
C8 NAG T . 12.99 -41.83 -15.50
N2 NAG T . 14.23 -40.70 -17.26
O3 NAG T . 15.13 -41.83 -19.72
O4 NAG T . 16.64 -40.27 -21.47
O5 NAG T . 15.20 -37.66 -19.23
O6 NAG T . 16.51 -35.94 -20.65
O7 NAG T . 12.02 -40.38 -17.19
C1 NAG T . 17.95 -40.82 -21.10
C2 NAG T . 18.23 -41.99 -22.08
C3 NAG T . 19.67 -42.46 -21.94
C4 NAG T . 20.58 -41.30 -22.32
C5 NAG T . 20.41 -40.17 -21.30
C6 NAG T . 21.23 -38.93 -21.70
C7 NAG T . 16.51 -43.59 -22.78
C8 NAG T . 15.52 -44.67 -22.34
N2 NAG T . 17.30 -43.08 -21.84
O3 NAG T . 19.91 -43.61 -22.79
O4 NAG T . 21.98 -41.77 -22.31
O5 NAG T . 18.98 -39.77 -21.24
O6 NAG T . 20.87 -37.83 -20.85
O7 NAG T . 16.60 -43.23 -23.95
C1 BMA T . 22.70 -41.51 -23.57
C2 BMA T . 24.15 -42.01 -23.36
C3 BMA T . 24.93 -41.86 -24.67
C4 BMA T . 24.24 -42.59 -25.83
C5 BMA T . 22.78 -42.17 -25.98
C6 BMA T . 22.01 -43.05 -26.97
O2 BMA T . 24.12 -43.41 -22.98
O3 BMA T . 26.26 -42.41 -24.46
O4 BMA T . 24.94 -42.27 -27.06
O5 BMA T . 22.09 -42.27 -24.67
O6 BMA T . 22.55 -42.85 -28.30
C1 NAG U . 10.52 -48.11 -22.06
C2 NAG U . 11.74 -48.58 -21.25
C3 NAG U . 12.64 -49.48 -22.09
C4 NAG U . 11.87 -50.66 -22.73
C5 NAG U . 10.59 -50.16 -23.43
C6 NAG U . 9.65 -51.30 -23.88
C7 NAG U . 12.20 -46.88 -19.55
C8 NAG U . 13.08 -45.69 -19.12
N2 NAG U . 12.49 -47.44 -20.72
O3 NAG U . 13.67 -50.01 -21.20
O4 NAG U . 12.65 -51.38 -23.77
O5 NAG U . 9.82 -49.30 -22.53
O6 NAG U . 10.24 -52.01 -24.99
O7 NAG U . 11.27 -47.29 -18.86
C1 NAG U . 13.88 -52.12 -23.46
C2 NAG U . 15.14 -51.24 -23.72
C3 NAG U . 16.41 -51.82 -23.10
C4 NAG U . 16.19 -52.28 -21.65
C5 NAG U . 15.05 -53.31 -21.59
C6 NAG U . 14.72 -53.75 -20.16
C7 NAG U . 14.78 -50.14 -25.90
C8 NAG U . 14.92 -50.31 -27.41
N2 NAG U . 15.33 -51.11 -25.16
O3 NAG U . 17.48 -50.81 -23.15
O4 NAG U . 17.41 -52.84 -21.01
O5 NAG U . 13.83 -52.68 -22.11
O6 NAG U . 14.16 -52.63 -19.45
O7 NAG U . 14.21 -49.19 -25.38
C1 BMA U . 18.40 -53.57 -21.83
C2 BMA U . 19.58 -53.99 -20.94
C3 BMA U . 20.59 -54.77 -21.80
C4 BMA U . 19.94 -55.97 -22.50
C5 BMA U . 18.72 -55.52 -23.32
C6 BMA U . 17.96 -56.70 -23.93
O2 BMA U . 19.12 -54.85 -19.86
O3 BMA U . 21.68 -55.24 -20.94
O4 BMA U . 20.91 -56.56 -23.41
O5 BMA U . 17.79 -54.77 -22.44
O6 BMA U . 18.68 -57.17 -25.09
C1 NAG V . -40.90 -39.26 -2.42
C2 NAG V . -41.86 -39.80 -1.35
C3 NAG V . -43.31 -39.87 -1.84
C4 NAG V . -43.81 -38.70 -2.72
C5 NAG V . -42.72 -38.20 -3.68
C6 NAG V . -43.07 -36.88 -4.36
C7 NAG V . -41.82 -41.73 0.17
C8 NAG V . -41.42 -43.20 0.35
N2 NAG V . -41.43 -41.14 -0.94
O3 NAG V . -44.16 -39.87 -0.65
O4 NAG V . -44.95 -39.12 -3.58
O5 NAG V . -41.46 -38.02 -2.94
O6 NAG V . -41.87 -36.29 -4.89
O7 NAG V . -42.51 -41.14 0.99
C1 NAG V . -46.26 -39.55 -3.02
C2 NAG V . -46.28 -41.04 -2.59
C3 NAG V . -47.44 -41.42 -1.65
C4 NAG V . -47.57 -40.35 -0.57
C5 NAG V . -47.94 -39.04 -1.26
C6 NAG V . -48.41 -37.92 -0.31
C7 NAG V . -47.07 -42.05 -4.72
C8 NAG V . -46.74 -43.05 -5.83
N2 NAG V . -46.18 -41.94 -3.74
O3 NAG V . -47.21 -42.71 -1.01
O4 NAG V . -48.59 -40.79 0.39
O5 NAG V . -46.71 -38.61 -1.96
O6 NAG V . -49.49 -37.19 -0.92
O7 NAG V . -48.08 -41.35 -4.73
C1 BMA V . -48.10 -41.16 1.73
C2 BMA V . -49.13 -42.12 2.35
C3 BMA V . -48.63 -42.63 3.71
C4 BMA V . -47.27 -43.33 3.59
C5 BMA V . -46.23 -42.44 2.88
C6 BMA V . -44.96 -43.19 2.45
O2 BMA V . -49.29 -43.24 1.44
O3 BMA V . -49.59 -43.56 4.27
O4 BMA V . -46.80 -43.61 4.93
O5 BMA V . -46.81 -41.86 1.64
O6 BMA V . -45.25 -43.98 1.27
C1 NAG W . 22.08 14.07 -30.98
C2 NAG W . 22.34 14.09 -32.49
C3 NAG W . 22.87 12.73 -32.95
C4 NAG W . 24.03 12.21 -32.09
C5 NAG W . 23.78 12.36 -30.59
C6 NAG W . 24.99 12.05 -29.72
C7 NAG W . 20.02 13.81 -33.29
C8 NAG W . 18.92 14.38 -34.20
N2 NAG W . 21.15 14.50 -33.26
O3 NAG W . 23.33 12.83 -34.33
O4 NAG W . 24.12 10.77 -32.39
O5 NAG W . 23.33 13.74 -30.30
O6 NAG W . 26.06 12.96 -30.05
O7 NAG W . 19.85 12.79 -32.62
C1 NAG W . 25.33 10.36 -33.11
C2 NAG W . 25.30 8.83 -33.31
C3 NAG W . 26.48 8.36 -34.17
C4 NAG W . 26.56 9.17 -35.47
C5 NAG W . 26.59 10.67 -35.18
C6 NAG W . 26.65 11.51 -36.46
C7 NAG W . 26.08 8.21 -31.04
C8 NAG W . 25.77 7.41 -29.76
N2 NAG W . 25.21 8.09 -32.05
O3 NAG W . 26.35 6.96 -34.52
O4 NAG W . 27.82 8.78 -36.13
O5 NAG W . 25.35 11.00 -34.43
O6 NAG W . 26.36 12.89 -36.14
O7 NAG W . 27.06 8.94 -31.13
C1 BMA W . 27.70 8.23 -37.49
C2 BMA W . 29.12 7.88 -38.00
C3 BMA W . 29.02 7.24 -39.38
C4 BMA W . 28.09 6.02 -39.41
C5 BMA W . 26.71 6.35 -38.80
C6 BMA W . 25.85 5.11 -38.58
O2 BMA W . 29.73 6.93 -37.09
O3 BMA W . 30.36 6.85 -39.80
O4 BMA W . 27.91 5.63 -40.79
O5 BMA W . 26.89 7.01 -37.48
O6 BMA W . 25.56 4.49 -39.84
C1 NAG X . 29.53 9.07 -18.53
C2 NAG X . 29.67 10.61 -18.34
C3 NAG X . 31.11 11.04 -18.66
C4 NAG X . 32.15 10.22 -17.87
C5 NAG X . 31.90 8.71 -17.96
C6 NAG X . 32.78 7.93 -16.99
C7 NAG X . 28.61 11.34 -20.46
C8 NAG X . 27.50 12.18 -21.09
N2 NAG X . 28.70 11.37 -19.13
O3 NAG X . 31.31 12.43 -18.33
O4 NAG X . 33.42 10.51 -18.54
O5 NAG X . 30.49 8.40 -17.66
O6 NAG X . 32.42 8.25 -15.62
O7 NAG X . 29.36 10.66 -21.15
C1 NAG X . 34.46 11.15 -17.73
C2 NAG X . 35.77 11.18 -18.55
C3 NAG X . 36.88 11.96 -17.83
C4 NAG X . 36.38 13.34 -17.40
C5 NAG X . 35.08 13.24 -16.60
C6 NAG X . 34.52 14.61 -16.17
C7 NAG X . 36.51 8.87 -18.12
C8 NAG X . 36.86 7.52 -18.77
N2 NAG X . 36.18 9.84 -18.96
O3 NAG X . 38.03 12.12 -18.71
O4 NAG X . 37.40 13.96 -16.51
O5 NAG X . 34.06 12.53 -17.41
O6 NAG X . 34.27 15.42 -17.32
O7 NAG X . 36.52 9.04 -16.91
C1 BMA X . 38.32 14.92 -17.12
C2 BMA X . 38.62 16.00 -16.06
C3 BMA X . 39.77 16.92 -16.48
C4 BMA X . 41.02 16.12 -16.89
C5 BMA X . 40.66 15.11 -17.99
C6 BMA X . 41.84 14.22 -18.41
O2 BMA X . 38.99 15.34 -14.82
O3 BMA X . 40.08 17.80 -15.38
O4 BMA X . 42.00 17.07 -17.39
O5 BMA X . 39.56 14.23 -17.53
O6 BMA X . 42.18 13.32 -17.33
C1 NAG Y . -31.15 33.70 -13.72
C2 NAG Y . -30.45 34.97 -13.19
C3 NAG Y . -31.15 35.37 -11.89
C4 NAG Y . -32.61 35.69 -12.23
C5 NAG Y . -33.30 34.43 -12.79
C6 NAG Y . -34.76 34.65 -13.22
C7 NAG Y . -28.07 35.60 -13.25
C8 NAG Y . -26.64 35.15 -12.94
N2 NAG Y . -29.02 34.72 -12.97
O3 NAG Y . -30.50 36.51 -11.28
O4 NAG Y . -33.35 36.11 -11.03
O5 NAG Y . -32.55 33.98 -13.99
O6 NAG Y . -35.23 33.45 -13.86
O7 NAG Y . -28.32 36.71 -13.73
C1 NAG Y . -33.16 37.52 -10.65
C2 NAG Y . -34.53 38.20 -10.46
C3 NAG Y . -34.38 39.62 -9.86
C4 NAG Y . -33.47 39.62 -8.62
C5 NAG Y . -32.12 38.96 -8.95
C6 NAG Y . -31.19 38.91 -7.74
C7 NAG Y . -34.91 38.70 -12.86
C8 NAG Y . -35.86 38.53 -14.05
N2 NAG Y . -35.32 38.20 -11.69
O3 NAG Y . -35.69 40.15 -9.50
O4 NAG Y . -33.22 41.02 -8.22
O5 NAG Y . -32.37 37.58 -9.42
O6 NAG Y . -29.99 38.19 -8.11
O7 NAG Y . -33.81 39.23 -12.98
C1 BMA Y . -33.85 41.43 -6.96
C2 BMA Y . -33.23 42.78 -6.51
C3 BMA Y . -33.94 43.32 -5.27
C4 BMA Y . -35.47 43.42 -5.48
C5 BMA Y . -36.05 42.08 -5.98
C6 BMA Y . -37.53 42.21 -6.39
O2 BMA Y . -33.36 43.73 -7.59
O3 BMA Y . -33.42 44.64 -4.98
O4 BMA Y . -36.09 43.77 -4.23
O5 BMA Y . -35.29 41.61 -7.16
O6 BMA Y . -38.35 42.23 -5.22
C1 NAG Z . -12.36 15.32 -28.81
C2 NAG Z . -11.18 14.56 -28.17
C3 NAG Z . -10.20 14.06 -29.24
C4 NAG Z . -10.92 13.27 -30.32
C5 NAG Z . -12.11 14.05 -30.89
C6 NAG Z . -12.94 13.29 -31.92
C7 NAG Z . -9.86 16.47 -27.29
C8 NAG Z . -9.20 17.11 -26.07
N2 NAG Z . -10.52 15.33 -27.11
O3 NAG Z . -9.21 13.22 -28.62
O4 NAG Z . -9.94 13.02 -31.40
O5 NAG Z . -12.99 14.45 -29.77
O6 NAG Z . -13.35 12.02 -31.40
O7 NAG Z . -9.81 17.00 -28.40
C1 NAG Z . -9.75 11.64 -31.91
C2 NAG Z . -8.52 10.83 -31.45
C3 NAG Z . -8.36 9.59 -32.34
C4 NAG Z . -9.69 8.89 -32.71
C5 NAG Z . -10.69 9.89 -33.33
C6 NAG Z . -12.03 9.25 -33.67
C7 NAG Z . -6.43 11.76 -30.61
C8 NAG Z . -4.97 11.96 -31.03
N2 NAG Z . -7.30 11.62 -31.60
O3 NAG Z . -7.48 8.67 -31.65
O4 NAG Z . -9.40 7.87 -33.74
O5 NAG Z . -10.95 10.99 -32.38
O6 NAG Z . -12.74 8.96 -32.45
O7 NAG Z . -6.78 11.68 -29.44
C1 BMA Z . -9.09 6.51 -33.30
C2 BMA Z . -9.46 5.55 -34.44
C3 BMA Z . -9.02 4.11 -34.13
C4 BMA Z . -7.52 4.04 -33.73
C5 BMA Z . -7.18 5.04 -32.62
C6 BMA Z . -5.69 5.12 -32.29
O2 BMA Z . -8.82 5.99 -35.66
O3 BMA Z . -9.26 3.30 -35.31
O4 BMA Z . -7.27 2.70 -33.27
O5 BMA Z . -7.65 6.39 -33.01
O6 BMA Z . -4.95 5.59 -33.44
C1 NAG AA . -22.88 41.10 -6.95
C2 NAG AA . -23.23 41.30 -5.47
C3 NAG AA . -23.33 42.79 -5.13
C4 NAG AA . -22.07 43.56 -5.55
C5 NAG AA . -21.70 43.28 -7.01
C6 NAG AA . -20.34 43.83 -7.40
C7 NAG AA . -24.57 39.45 -4.63
C8 NAG AA . -25.98 38.93 -4.31
N2 NAG AA . -24.49 40.67 -5.14
O3 NAG AA . -23.53 42.95 -3.71
O4 NAG AA . -22.34 45.00 -5.48
O5 NAG AA . -21.67 41.83 -7.27
O6 NAG AA . -19.34 43.34 -6.48
O7 NAG AA . -23.56 38.77 -4.40
C1 NAG AA . -21.56 45.77 -4.51
C2 NAG AA . -21.37 47.17 -5.10
C3 NAG AA . -20.88 48.22 -4.12
C4 NAG AA . -21.49 48.14 -2.70
C5 NAG AA . -21.54 46.68 -2.24
C6 NAG AA . -22.21 46.52 -0.87
C7 NAG AA . -20.48 47.88 -7.28
C8 NAG AA . -19.44 47.65 -8.38
N2 NAG AA . -20.39 47.11 -6.19
O3 NAG AA . -21.17 49.50 -4.72
O4 NAG AA . -20.58 48.81 -1.75
O5 NAG AA . -22.27 45.89 -3.24
O6 NAG AA . -21.28 46.92 0.15
O7 NAG AA . -21.33 48.75 -7.35
C1 BMA AA . -20.72 50.19 -1.26
C2 BMA AA . -21.13 51.21 -2.34
C3 BMA AA . -21.02 52.62 -1.76
C4 BMA AA . -21.92 52.73 -0.53
C5 BMA AA . -21.59 51.62 0.48
C6 BMA AA . -22.52 51.60 1.67
O2 BMA AA . -22.50 51.02 -2.74
O3 BMA AA . -21.39 53.67 -2.76
O4 BMA AA . -21.68 54.03 0.06
O5 BMA AA . -21.64 50.29 -0.15
O6 BMA AA . -21.89 52.42 2.69
C1 MAN AA . -20.82 53.46 -4.09
C2 MAN AA . -20.43 54.78 -4.75
C3 MAN AA . -21.61 55.57 -5.28
C4 MAN AA . -22.66 54.73 -6.02
C5 MAN AA . -23.01 53.45 -5.25
C6 MAN AA . -23.90 52.49 -6.06
O2 MAN AA . -19.37 54.54 -5.78
O3 MAN AA . -21.11 56.60 -6.17
O4 MAN AA . -23.84 55.54 -6.15
O5 MAN AA . -21.76 52.73 -4.91
O6 MAN AA . -24.24 51.37 -5.23
C1 MAN AA . -19.72 53.76 -6.96
C2 MAN AA . -18.62 52.75 -7.31
C3 MAN AA . -17.46 53.37 -8.10
C4 MAN AA . -18.00 54.12 -9.30
C5 MAN AA . -18.85 55.27 -8.73
C6 MAN AA . -19.30 56.24 -9.80
O2 MAN AA . -19.19 51.69 -8.10
O3 MAN AA . -16.60 52.31 -8.57
O4 MAN AA . -16.89 54.61 -10.05
O5 MAN AA . -20.02 54.67 -8.06
O6 MAN AA . -20.18 55.64 -10.75
C1 MAN AA . -22.59 52.44 3.97
C2 MAN AA . -21.80 53.40 4.88
C3 MAN AA . -20.39 52.85 5.06
C4 MAN AA . -20.36 51.38 5.52
C5 MAN AA . -21.30 50.48 4.71
C6 MAN AA . -21.54 49.12 5.38
O2 MAN AA . -22.43 53.49 6.17
O3 MAN AA . -19.72 53.69 6.03
O4 MAN AA . -19.01 50.88 5.30
O5 MAN AA . -22.62 51.10 4.56
O6 MAN AA . -20.28 48.41 5.44
C1 NAG BA . -3.48 24.82 -40.66
C2 NAG BA . -3.41 23.61 -41.62
C3 NAG BA . -2.11 23.71 -42.44
C4 NAG BA . -2.10 25.02 -43.24
C5 NAG BA . -2.29 26.23 -42.33
C6 NAG BA . -2.53 27.52 -43.12
C7 NAG BA . -3.41 21.89 -39.76
C8 NAG BA . -3.47 20.37 -39.55
N2 NAG BA . -3.51 22.28 -41.03
O3 NAG BA . -2.03 22.58 -43.35
O4 NAG BA . -0.81 25.19 -43.94
O5 NAG BA . -3.46 26.04 -41.45
O6 NAG BA . -3.81 27.45 -43.76
O7 NAG BA . -3.29 22.66 -38.82
C1 NAG BA . -0.72 24.70 -45.31
C2 NAG BA . 0.30 25.55 -46.10
C3 NAG BA . 0.68 24.91 -47.45
C4 NAG BA . 1.11 23.45 -47.26
C5 NAG BA . -0.04 22.67 -46.62
C6 NAG BA . 0.25 21.18 -46.43
C7 NAG BA . 0.30 28.00 -45.92
C8 NAG BA . -0.24 29.29 -46.53
N2 NAG BA . -0.25 26.88 -46.37
O3 NAG BA . 1.76 25.65 -48.07
O4 NAG BA . 1.41 22.89 -48.61
O5 NAG BA . -0.32 23.28 -45.30
O6 NAG BA . 1.41 21.01 -45.61
O7 NAG BA . 1.19 28.00 -45.06
C1 BMA BA . 2.82 22.54 -48.81
C2 BMA BA . 3.00 21.87 -50.19
C3 BMA BA . 4.48 21.63 -50.48
C4 BMA BA . 5.34 22.90 -50.33
C5 BMA BA . 5.09 23.58 -48.97
C6 BMA BA . 5.78 24.95 -48.85
O2 BMA BA . 2.44 22.72 -51.22
O3 BMA BA . 4.60 21.11 -51.83
O4 BMA BA . 6.73 22.51 -50.43
O5 BMA BA . 3.64 23.76 -48.76
O6 BMA BA . 5.13 25.91 -49.71
C1 NAG CA . -0.55 39.28 -25.48
C2 NAG CA . 0.79 38.54 -25.48
C3 NAG CA . 1.93 39.54 -25.47
C4 NAG CA . 1.84 40.47 -26.68
C5 NAG CA . 0.46 41.17 -26.72
C6 NAG CA . 0.25 42.01 -27.99
C7 NAG CA . 0.62 36.31 -24.51
C8 NAG CA . 1.00 35.39 -23.34
N2 NAG CA . 0.89 37.60 -24.36
O3 NAG CA . 3.17 38.79 -25.51
O4 NAG CA . 2.88 41.52 -26.57
O5 NAG CA . -0.60 40.13 -26.66
O6 NAG CA . 0.07 41.14 -29.11
O7 NAG CA . 0.08 35.88 -25.52
C1 NAG CA . 4.11 41.29 -27.32
C2 NAG CA . 4.86 42.62 -27.55
C3 NAG CA . 6.24 42.39 -28.21
C4 NAG CA . 7.05 41.27 -27.54
C5 NAG CA . 6.20 40.02 -27.33
C6 NAG CA . 6.92 38.89 -26.59
C7 NAG CA . 3.70 43.37 -29.59
C8 NAG CA . 3.03 44.53 -30.34
N2 NAG CA . 4.08 43.58 -28.33
O3 NAG CA . 7.01 43.62 -28.17
O4 NAG CA . 8.11 40.89 -28.46
O5 NAG CA . 4.99 40.39 -26.58
O6 NAG CA . 7.63 38.10 -27.57
O7 NAG CA . 3.87 42.27 -30.12
C1 BMA CA . 9.44 41.44 -28.26
C2 BMA CA . 10.60 40.44 -28.13
C3 BMA CA . 11.74 41.16 -27.41
C4 BMA CA . 12.04 42.56 -28.00
C5 BMA CA . 10.80 43.48 -28.02
C6 BMA CA . 11.08 44.78 -28.80
O2 BMA CA . 11.08 39.95 -29.42
O3 BMA CA . 12.93 40.33 -27.50
O4 BMA CA . 13.03 43.17 -27.15
O5 BMA CA . 9.66 42.81 -28.68
O6 BMA CA . 9.90 45.61 -28.75
C1 NAG DA . 1.95 34.19 -29.32
C2 NAG DA . 1.29 35.15 -30.33
C3 NAG DA . 2.21 36.27 -30.83
C4 NAG DA . 2.94 36.89 -29.65
C5 NAG DA . 3.80 35.83 -28.96
C6 NAG DA . 4.65 36.36 -27.83
C7 NAG DA . -0.27 34.79 -32.23
C8 NAG DA . -0.72 33.83 -33.33
N2 NAG DA . 0.76 34.40 -31.47
O3 NAG DA . 1.45 37.29 -31.49
O4 NAG DA . 3.71 38.11 -30.00
O5 NAG DA . 2.85 34.86 -28.39
O6 NAG DA . 5.17 35.25 -27.07
O7 NAG DA . -0.81 35.88 -32.04
C1 NAG DA . 4.58 38.15 -31.18
C2 NAG DA . 4.37 39.49 -31.92
C3 NAG DA . 5.36 39.64 -33.08
C4 NAG DA . 6.80 39.47 -32.58
C5 NAG DA . 6.96 38.11 -31.87
C6 NAG DA . 8.37 37.83 -31.33
C7 NAG DA . 2.30 40.69 -32.65
C8 NAG DA . 0.79 40.54 -32.79
N2 NAG DA . 2.97 39.58 -32.35
O3 NAG DA . 5.20 40.93 -33.71
O4 NAG DA . 7.79 39.52 -33.69
O5 NAG DA . 5.99 38.03 -30.76
O6 NAG DA . 8.68 38.72 -30.24
O7 NAG DA . 2.86 41.75 -32.84
C1 BMA DA . 8.03 40.78 -34.43
C2 BMA DA . 8.20 42.00 -33.51
C3 BMA DA . 8.49 43.25 -34.36
C4 BMA DA . 9.72 43.05 -35.25
C5 BMA DA . 9.55 41.79 -36.13
C6 BMA DA . 10.82 41.44 -36.94
O2 BMA DA . 9.30 41.81 -32.58
O3 BMA DA . 8.72 44.39 -33.48
O4 BMA DA . 9.87 44.21 -36.10
O5 BMA DA . 9.23 40.63 -35.28
O6 BMA DA . 11.06 42.47 -37.92
C1 NAG EA . -4.74 42.14 -33.06
C2 NAG EA . -4.17 41.69 -34.42
C3 NAG EA . -3.43 42.84 -35.13
C4 NAG EA . -4.33 44.09 -35.26
C5 NAG EA . -4.80 44.47 -33.83
C6 NAG EA . -5.71 45.70 -33.74
C7 NAG EA . -3.70 39.30 -34.27
C8 NAG EA . -2.62 38.21 -34.21
N2 NAG EA . -3.27 40.55 -34.24
O3 NAG EA . -2.98 42.34 -36.41
O4 NAG EA . -3.67 45.31 -35.81
O5 NAG EA . -5.55 43.33 -33.27
O6 NAG EA . -6.22 45.77 -32.40
O7 NAG EA . -4.90 39.03 -34.30
C1 NAG EA . -2.91 45.32 -37.07
C2 NAG EA . -1.41 45.02 -36.81
C3 NAG EA . -0.63 44.75 -38.12
C4 NAG EA . -1.37 43.67 -38.93
C5 NAG EA . -2.78 44.16 -39.30
C6 NAG EA . -3.58 43.13 -40.12
C7 NAG EA . -0.81 46.24 -34.77
C8 NAG EA . -0.31 47.57 -34.19
N2 NAG EA . -0.81 46.16 -36.11
O3 NAG EA . 0.72 44.33 -37.79
O4 NAG EA . -0.64 43.22 -40.14
O5 NAG EA . -3.53 44.42 -38.05
O6 NAG EA . -3.90 42.00 -39.29
O7 NAG EA . -1.18 45.32 -34.06
C1 BMA EA . 0.14 44.17 -40.94
C2 BMA EA . 0.70 43.41 -42.17
C3 BMA EA . 1.46 44.38 -43.08
C4 BMA EA . 0.55 45.56 -43.50
C5 BMA EA . 0.00 46.28 -42.25
C6 BMA EA . -0.99 47.39 -42.58
O2 BMA EA . -0.40 42.82 -42.92
O3 BMA EA . 1.93 43.69 -44.27
O4 BMA EA . 1.33 46.48 -44.29
O5 BMA EA . -0.70 45.29 -41.39
O6 BMA EA . -0.29 48.47 -43.24
C1 NAG FA . -51.58 20.66 -11.73
C2 NAG FA . -52.89 20.03 -12.21
C3 NAG FA . -54.11 20.60 -11.46
C4 NAG FA . -53.92 20.86 -9.95
C5 NAG FA . -52.51 21.37 -9.60
C6 NAG FA . -52.22 21.36 -8.10
C7 NAG FA . -53.87 19.60 -14.43
C8 NAG FA . -54.01 20.11 -15.85
N2 NAG FA . -53.04 20.27 -13.64
O3 NAG FA . -55.19 19.64 -11.60
O4 NAG FA . -54.86 21.90 -9.47
O5 NAG FA . -51.52 20.53 -10.28
O6 NAG FA . -50.79 21.40 -7.90
O7 NAG FA . -54.49 18.64 -13.99
C1 NAG FA . -56.32 21.65 -9.40
C2 NAG FA . -57.05 21.99 -10.74
C3 NAG FA . -58.41 21.31 -10.91
C4 NAG FA . -58.36 19.86 -10.41
C5 NAG FA . -58.00 19.88 -8.93
C6 NAG FA . -58.14 18.52 -8.23
C7 NAG FA . -57.79 24.30 -10.21
C8 NAG FA . -57.85 25.75 -10.72
N2 NAG FA . -57.13 23.43 -10.98
O3 NAG FA . -58.85 21.31 -12.29
O4 NAG FA . -59.70 19.29 -10.66
O5 NAG FA . -56.58 20.30 -8.90
O6 NAG FA . -58.73 18.70 -6.93
O7 NAG FA . -58.32 23.96 -9.15
C1 BMA FA . -59.76 18.19 -11.63
C2 BMA FA . -61.19 18.18 -12.22
C3 BMA FA . -61.31 17.07 -13.28
C4 BMA FA . -60.26 17.22 -14.40
C5 BMA FA . -58.85 17.38 -13.83
C6 BMA FA . -57.80 17.76 -14.88
O2 BMA FA . -61.46 19.46 -12.82
O3 BMA FA . -62.66 17.13 -13.83
O4 BMA FA . -60.30 16.02 -15.20
O5 BMA FA . -58.83 18.40 -12.75
O6 BMA FA . -58.03 19.11 -15.36
C1 NAG GA . 31.82 20.59 14.20
C2 NAG GA . 32.37 21.91 14.78
C3 NAG GA . 32.47 22.99 13.71
C4 NAG GA . 33.11 22.51 12.40
C5 NAG GA . 32.58 21.15 11.95
C6 NAG GA . 33.35 20.56 10.77
C7 NAG GA . 30.33 22.77 15.87
C8 NAG GA . 29.73 23.31 17.17
N2 NAG GA . 31.60 22.37 15.93
O3 NAG GA . 33.25 24.11 14.22
O4 NAG GA . 32.70 23.50 11.39
O5 NAG GA . 32.66 20.20 13.08
O6 NAG GA . 34.66 20.17 11.21
O7 NAG GA . 29.68 22.71 14.83
C1 NAG GA . 33.76 24.35 10.86
C2 NAG GA . 33.14 25.29 9.78
C3 NAG GA . 34.17 26.30 9.28
C4 NAG GA . 34.84 27.05 10.44
C5 NAG GA . 35.41 26.07 11.46
C6 NAG GA . 36.04 26.79 12.65
C7 NAG GA . 33.13 23.67 7.91
C8 NAG GA . 32.27 22.96 6.86
N2 NAG GA . 32.51 24.54 8.69
O3 NAG GA . 33.53 27.29 8.41
O4 NAG GA . 35.95 27.86 9.89
O5 NAG GA . 34.31 25.19 11.92
O6 NAG GA . 36.48 25.81 13.63
O7 NAG GA . 34.33 23.42 8.04
C1 BMA GA . 35.84 29.30 10.12
C2 BMA GA . 37.20 29.93 9.78
C3 BMA GA . 37.10 31.46 9.92
C4 BMA GA . 35.99 32.03 9.02
C5 BMA GA . 34.64 31.35 9.30
C6 BMA GA . 33.56 31.72 8.28
O2 BMA GA . 37.56 29.56 8.43
O3 BMA GA . 38.37 32.09 9.60
O4 BMA GA . 35.87 33.45 9.32
O5 BMA GA . 34.81 29.87 9.24
O6 BMA GA . 33.31 33.14 8.36
C1 NAG HA . 33.92 12.15 1.74
C2 NAG HA . 34.63 11.24 2.79
C3 NAG HA . 36.15 11.33 2.62
C4 NAG HA . 36.59 11.09 1.18
C5 NAG HA . 35.77 11.88 0.15
C6 NAG HA . 36.07 11.45 -1.28
C7 NAG HA . 34.40 12.73 4.77
C8 NAG HA . 33.91 12.84 6.21
N2 NAG HA . 34.24 11.55 4.17
O3 NAG HA . 36.81 10.35 3.47
O4 NAG HA . 37.98 11.57 1.12
O5 NAG HA . 34.33 11.71 0.41
O6 NAG HA . 35.64 10.09 -1.49
O7 NAG HA . 34.92 13.68 4.20
C1 NAG HA . 38.99 10.56 0.86
C2 NAG HA . 40.39 11.21 0.82
C3 NAG HA . 41.49 10.16 0.62
C4 NAG HA . 41.38 9.02 1.66
C5 NAG HA . 39.94 8.46 1.71
C6 NAG HA . 39.71 7.40 2.78
C7 NAG HA . 40.23 12.20 -1.46
C8 NAG HA . 40.35 13.49 -2.27
N2 NAG HA . 40.48 12.31 -0.15
O3 NAG HA . 42.79 10.80 0.75
O4 NAG HA . 42.26 7.91 1.29
O5 NAG HA . 38.99 9.57 1.93
O6 NAG HA . 40.05 7.94 4.08
O7 NAG HA . 39.91 11.12 -1.96
C1 BMA HA . 43.63 7.92 1.85
C2 BMA HA . 44.17 6.47 1.93
C3 BMA HA . 45.62 6.51 2.43
C4 BMA HA . 46.51 7.38 1.52
C5 BMA HA . 45.93 8.81 1.40
C6 BMA HA . 46.66 9.67 0.38
O2 BMA HA . 44.15 5.85 0.62
O3 BMA HA . 46.15 5.16 2.46
O4 BMA HA . 47.83 7.46 2.13
O5 BMA HA . 44.51 8.73 0.99
O6 BMA HA . 46.38 9.21 -0.96
C1 NAG IA . -11.21 -3.95 46.21
C2 NAG IA . -10.34 -5.03 46.88
C3 NAG IA . -11.17 -6.30 47.07
C4 NAG IA . -12.44 -5.97 47.89
C5 NAG IA . -13.25 -4.87 47.20
C6 NAG IA . -14.47 -4.42 48.01
C7 NAG IA . -7.95 -4.82 46.34
C8 NAG IA . -6.80 -5.35 45.47
N2 NAG IA . -9.15 -5.34 46.08
O3 NAG IA . -10.35 -7.29 47.72
O4 NAG IA . -13.34 -7.14 48.00
O5 NAG IA . -12.38 -3.69 47.03
O6 NAG IA . -15.01 -3.24 47.39
O7 NAG IA . -7.78 -3.97 47.21
C1 NAG IA . -12.87 -8.20 48.88
C2 NAG IA . -14.04 -8.85 49.66
C3 NAG IA . -13.50 -10.02 50.52
C4 NAG IA . -12.70 -11.02 49.66
C5 NAG IA . -11.60 -10.30 48.87
C6 NAG IA . -10.83 -11.21 47.91
C7 NAG IA . -14.28 -7.04 51.33
C8 NAG IA . -15.26 -6.05 51.99
N2 NAG IA . -14.80 -7.87 50.44
O3 NAG IA . -14.60 -10.70 51.18
O4 NAG IA . -12.03 -12.00 50.54
O5 NAG IA . -12.22 -9.23 48.07
O6 NAG IA . -9.99 -10.38 47.07
O7 NAG IA . -13.08 -7.04 51.61
C1 BMA IA . -12.68 -13.31 50.68
C2 BMA IA . -11.60 -14.32 51.13
C3 BMA IA . -12.21 -15.68 51.50
C4 BMA IA . -13.35 -15.51 52.53
C5 BMA IA . -14.40 -14.52 52.03
C6 BMA IA . -15.48 -14.22 53.08
O2 BMA IA . -10.92 -13.77 52.28
O3 BMA IA . -11.17 -16.51 52.05
O4 BMA IA . -13.97 -16.80 52.73
O5 BMA IA . -13.74 -13.24 51.69
O6 BMA IA . -16.48 -15.25 53.03
C1 NAG JA . 0.88 18.46 29.96
C2 NAG JA . 1.90 18.16 28.87
C3 NAG JA . 2.68 19.42 28.49
C4 NAG JA . 1.76 20.60 28.14
C5 NAG JA . 0.73 20.81 29.26
C6 NAG JA . -0.32 21.89 28.99
C7 NAG JA . 3.42 16.26 28.50
C8 NAG JA . 4.19 15.13 29.16
N2 NAG JA . 2.83 17.12 29.31
O3 NAG JA . 3.53 19.13 27.36
O4 NAG JA . 2.64 21.79 28.02
O5 NAG JA . 0.02 19.54 29.52
O6 NAG JA . -0.95 21.66 27.72
O7 NAG JA . 3.34 16.40 27.28
C1 NAG JA . 2.42 22.85 27.01
C2 NAG JA . 2.37 22.54 25.51
C3 NAG JA . 2.87 23.81 24.80
C4 NAG JA . 2.01 25.02 25.24
C5 NAG JA . 2.05 25.25 26.76
C6 NAG JA . 1.10 26.36 27.22
C7 NAG JA . 2.77 20.38 24.44
C8 NAG JA . 3.80 19.29 24.09
N2 NAG JA . 3.21 21.40 25.17
O3 NAG JA . 2.81 23.64 23.36
O4 NAG JA . 2.55 26.26 24.61
O5 NAG JA . 1.73 24.03 27.51
O6 NAG JA . -0.25 26.01 26.88
O7 NAG JA . 1.60 20.30 24.06
C1 BMA JA . 2.13 26.57 23.25
C2 BMA JA . 1.88 28.09 23.16
C3 BMA JA . 1.52 28.48 21.73
C4 BMA JA . 2.57 28.00 20.72
C5 BMA JA . 2.93 26.51 20.88
C6 BMA JA . 4.19 26.15 20.08
O2 BMA JA . 3.09 28.79 23.54
O3 BMA JA . 1.39 29.92 21.66
O4 BMA JA . 2.03 28.20 19.39
O5 BMA JA . 3.18 26.19 22.31
O6 BMA JA . 4.50 24.77 20.30
C1 NAG KA . -2.68 -13.27 45.57
C2 NAG KA . -3.27 -14.67 45.35
C3 NAG KA . -2.88 -15.52 46.57
C4 NAG KA . -1.36 -15.64 46.63
C5 NAG KA . -0.68 -14.26 46.68
C6 NAG KA . 0.83 -14.33 46.45
C7 NAG KA . -5.28 -14.41 43.99
C8 NAG KA . -6.80 -14.25 43.95
N2 NAG KA . -4.72 -14.60 45.19
O3 NAG KA . -3.44 -16.86 46.48
O4 NAG KA . -0.99 -16.33 47.88
O5 NAG KA . -1.22 -13.37 45.66
O6 NAG KA . 1.09 -14.99 45.20
O7 NAG KA . -4.59 -14.35 42.97
C1 NAG KA . -0.21 -17.57 47.74
C2 NAG KA . 0.65 -17.69 49.00
C3 NAG KA . 1.29 -19.08 49.19
C4 NAG KA . 0.37 -20.27 48.86
C5 NAG KA . -0.42 -20.03 47.57
C6 NAG KA . -1.49 -21.09 47.34
C7 NAG KA . 2.18 -16.10 50.07
C8 NAG KA . 3.24 -15.01 49.89
N2 NAG KA . 1.72 -16.70 48.97
O3 NAG KA . 1.71 -19.14 50.56
O4 NAG KA . 1.20 -21.46 48.57
O5 NAG KA . -1.10 -18.71 47.64
O6 NAG KA . -0.86 -22.35 47.03
O7 NAG KA . 1.78 -16.45 51.18
C1 BMA KA . 1.54 -22.55 49.51
C2 BMA KA . 1.79 -22.10 50.94
C3 BMA KA . 2.31 -23.25 51.80
C4 BMA KA . 1.29 -24.39 51.75
C5 BMA KA . 0.99 -24.79 50.30
C6 BMA KA . -0.07 -25.88 50.19
O2 BMA KA . 0.56 -21.64 51.55
O3 BMA KA . 2.58 -22.82 53.19
O4 BMA KA . 1.88 -25.52 52.43
O5 BMA KA . 0.53 -23.61 49.52
O6 BMA KA . 0.63 -27.09 49.76
C1 MAN KA . 3.29 -21.55 53.29
C2 MAN KA . 4.30 -21.53 54.44
C3 MAN KA . 3.66 -21.27 55.81
C4 MAN KA . 2.56 -20.19 55.82
C5 MAN KA . 1.57 -20.40 54.67
C6 MAN KA . 0.53 -19.28 54.56
O2 MAN KA . 5.39 -20.57 54.10
O3 MAN KA . 4.71 -20.90 56.72
O4 MAN KA . 1.86 -20.30 57.08
O5 MAN KA . 2.34 -20.46 53.41
O6 MAN KA . -0.27 -19.50 53.38
C1 MAN KA . 5.06 -19.16 54.05
C2 MAN KA . 5.77 -18.47 52.86
C3 MAN KA . 7.22 -18.06 53.15
C4 MAN KA . 7.31 -17.32 54.48
C5 MAN KA . 6.84 -18.30 55.54
C6 MAN KA . 7.08 -17.81 56.95
O2 MAN KA . 5.05 -17.26 52.53
O3 MAN KA . 7.66 -17.18 52.10
O4 MAN KA . 8.68 -16.93 54.66
O5 MAN KA . 5.41 -18.56 55.34
O6 MAN KA . 6.30 -16.65 57.24
C1 MAN KA . -0.27 -28.18 49.41
C2 MAN KA . 0.58 -29.43 49.14
C3 MAN KA . 1.51 -29.19 47.94
C4 MAN KA . 0.78 -28.62 46.70
C5 MAN KA . -0.19 -27.48 47.05
C6 MAN KA . -1.14 -27.13 45.90
O2 MAN KA . -0.28 -30.55 48.83
O3 MAN KA . 2.10 -30.47 47.60
O4 MAN KA . 1.79 -28.07 45.84
O5 MAN KA . -1.03 -27.83 48.21
O6 MAN KA . -0.38 -26.75 44.75
C1 NAG LA . 15.10 24.43 38.31
C2 NAG LA . 14.84 25.86 37.80
C3 NAG LA . 16.19 26.48 37.45
C4 NAG LA . 17.01 26.57 38.74
C5 NAG LA . 17.18 25.20 39.41
C6 NAG LA . 17.78 25.31 40.81
C7 NAG LA . 13.87 25.24 35.60
C8 NAG LA . 12.77 25.57 34.60
N2 NAG LA . 13.84 25.95 36.73
O3 NAG LA . 15.99 27.82 36.89
O4 NAG LA . 18.36 27.07 38.44
O5 NAG LA . 15.85 24.55 39.56
O6 NAG LA . 16.85 26.00 41.66
O7 NAG LA . 14.71 24.39 35.40
C1 NAG LA . 18.62 28.46 38.82
C2 NAG LA . 20.14 28.69 38.98
C3 NAG LA . 20.47 30.18 39.12
C4 NAG LA . 19.86 30.99 37.98
C5 NAG LA . 18.35 30.79 37.96
C6 NAG LA . 17.64 31.56 36.83
C7 NAG LA . 21.40 26.89 40.08
C8 NAG LA . 21.93 26.35 41.42
N2 NAG LA . 20.63 27.97 40.16
O3 NAG LA . 21.91 30.39 39.14
O4 NAG LA . 20.16 32.41 38.23
O5 NAG LA . 18.07 29.35 37.80
O6 NAG LA . 18.09 31.07 35.57
O7 NAG LA . 21.68 26.37 39.01
C1 BMA LA . 21.06 33.04 37.25
C2 BMA LA . 21.11 34.57 37.50
C3 BMA LA . 22.11 35.21 36.53
C4 BMA LA . 23.51 34.57 36.66
C5 BMA LA . 23.45 33.05 36.49
C6 BMA LA . 24.79 32.35 36.80
O2 BMA LA . 21.52 34.86 38.86
O3 BMA LA . 22.18 36.63 36.81
O4 BMA LA . 24.37 35.14 35.64
O5 BMA LA . 22.41 32.48 37.37
O6 BMA LA . 25.09 32.45 38.20
C1 NAG MA . 20.41 3.98 42.04
C2 NAG MA . 21.28 4.37 40.83
C3 NAG MA . 22.72 3.91 41.08
C4 NAG MA . 23.30 4.58 42.35
C5 NAG MA . 22.38 4.30 43.55
C6 NAG MA . 22.76 5.06 44.82
C7 NAG MA . 19.92 4.52 38.83
C8 NAG MA . 19.72 4.05 37.39
N2 NAG MA . 20.78 3.84 39.57
O3 NAG MA . 23.47 4.30 39.91
O4 NAG MA . 24.64 4.02 42.64
O5 NAG MA . 20.97 4.66 43.21
O6 NAG MA . 22.46 6.47 44.64
O7 NAG MA . 19.30 5.48 39.28
C1 NAG MA . 25.83 4.69 42.08
C2 NAG MA . 27.12 4.19 42.78
C3 NAG MA . 28.38 4.81 42.13
C4 NAG MA . 28.41 4.69 40.59
C5 NAG MA . 27.07 5.03 39.95
C6 NAG MA . 27.06 4.61 38.47
C7 NAG MA . 27.11 5.59 44.80
C8 NAG MA . 27.29 5.62 46.32
N2 NAG MA . 27.10 4.39 44.22
O3 NAG MA . 29.54 4.13 42.69
O4 NAG MA . 29.34 5.69 40.03
O5 NAG MA . 25.98 4.33 40.67
O6 NAG MA . 25.82 4.98 37.85
O7 NAG MA . 27.00 6.61 44.13
C1 BMA MA . 30.75 5.32 40.08
C2 BMA MA . 31.51 5.15 38.74
C3 BMA MA . 32.81 4.37 39.04
C4 BMA MA . 33.54 4.86 40.30
C5 BMA MA . 32.63 4.79 41.53
C6 BMA MA . 33.26 5.22 42.85
O2 BMA MA . 31.89 6.42 38.10
O3 BMA MA . 33.68 4.47 37.88
O4 BMA MA . 34.70 4.02 40.52
O5 BMA MA . 31.44 5.64 41.31
O6 BMA MA . 32.24 5.23 43.87
C1 NAG NA . 21.33 10.03 38.73
C2 NAG NA . 21.37 10.44 40.21
C3 NAG NA . 22.74 10.36 40.88
C4 NAG NA . 23.31 8.98 40.61
C5 NAG NA . 23.50 8.81 39.10
C6 NAG NA . 24.17 7.48 38.75
C7 NAG NA . 20.06 12.12 41.47
C8 NAG NA . 19.48 13.53 41.52
N2 NAG NA . 20.79 11.78 40.42
O3 NAG NA . 22.60 10.53 42.31
O4 NAG NA . 24.52 8.68 41.40
O5 NAG NA . 22.16 8.83 38.49
O6 NAG NA . 24.46 7.44 37.35
O7 NAG NA . 19.89 11.31 42.39
C1 NAG NA . 25.62 9.65 41.53
C2 NAG NA . 26.07 9.66 43.01
C3 NAG NA . 27.36 10.48 43.20
C4 NAG NA . 28.44 9.94 42.26
C5 NAG NA . 27.96 10.06 40.81
C6 NAG NA . 29.00 9.55 39.82
C7 NAG NA . 24.84 9.76 45.14
C8 NAG NA . 23.53 10.21 45.82
N2 NAG NA . 24.99 10.12 43.86
O3 NAG NA . 27.82 10.37 44.58
O4 NAG NA . 29.70 10.72 42.40
O5 NAG NA . 26.72 9.25 40.66
O6 NAG NA . 28.43 9.59 38.50
O7 NAG NA . 25.72 9.15 45.74
C1 BMA NA . 30.67 10.16 43.34
C2 BMA NA . 31.98 9.89 42.59
C3 BMA NA . 33.08 9.42 43.54
C4 BMA NA . 33.26 10.38 44.72
C5 BMA NA . 31.92 10.62 45.43
C6 BMA NA . 32.00 11.65 46.57
O2 BMA NA . 32.42 11.11 41.95
O3 BMA NA . 34.32 9.30 42.80
O4 BMA NA . 34.19 9.81 45.67
O5 BMA NA . 30.93 11.11 44.44
O6 BMA NA . 32.65 11.04 47.70
C1 NAG OA . 19.45 9.39 49.42
C2 NAG OA . 20.09 10.79 49.32
C3 NAG OA . 21.36 10.92 50.16
C4 NAG OA . 21.08 10.54 51.63
C5 NAG OA . 20.44 9.14 51.68
C6 NAG OA . 20.04 8.69 53.09
C7 NAG OA . 19.52 11.88 47.21
C8 NAG OA . 19.99 12.28 45.81
N2 NAG OA . 20.37 11.13 47.93
O3 NAG OA . 21.82 12.29 50.05
O4 NAG OA . 22.28 10.48 52.50
O5 NAG OA . 19.24 9.09 50.83
O6 NAG OA . 19.40 7.40 52.99
O7 NAG OA . 18.44 12.24 47.67
C1 NAG OA . 23.17 11.63 52.75
C2 NAG OA . 24.39 11.60 51.81
C3 NAG OA . 25.24 12.88 51.94
C4 NAG OA . 24.35 14.12 51.76
C5 NAG OA . 23.22 14.14 52.81
C6 NAG OA . 22.22 15.29 52.60
C7 NAG OA . 25.00 9.24 51.57
C8 NAG OA . 25.71 8.04 52.22
N2 NAG OA . 25.21 10.43 52.12
O3 NAG OA . 26.30 12.88 50.94
O4 NAG OA . 25.07 15.41 51.78
O5 NAG OA . 22.43 12.89 52.71
O6 NAG OA . 21.46 15.04 51.41
O7 NAG OA . 24.25 9.10 50.60
C1 BMA OA . 26.25 15.62 52.64
C2 BMA OA . 26.69 17.10 52.54
C3 BMA OA . 27.83 17.40 53.54
C4 BMA OA . 27.47 16.98 54.97
C5 BMA OA . 27.05 15.50 54.99
C6 BMA OA . 26.59 15.03 56.38
O2 BMA OA . 25.57 17.96 52.85
O3 BMA OA . 28.13 18.82 53.51
O4 BMA OA . 28.65 17.17 55.80
O5 BMA OA . 25.94 15.30 54.05
O6 BMA OA . 27.71 15.01 57.28
C1 NAG PA . -35.56 1.36 44.40
C2 NAG PA . -36.52 2.56 44.49
C3 NAG PA . -37.73 2.21 45.38
C4 NAG PA . -38.31 0.80 45.26
C5 NAG PA . -37.23 -0.28 45.03
C6 NAG PA . -37.84 -1.61 44.57
C7 NAG PA . -36.29 4.94 45.11
C8 NAG PA . -35.43 5.98 45.86
N2 NAG PA . -35.82 3.69 45.08
O3 NAG PA . -38.80 3.13 45.04
O4 NAG PA . -38.92 0.45 46.56
O5 NAG PA . -36.30 0.19 43.98
O6 NAG PA . -36.77 -2.48 44.16
O7 NAG PA . -37.34 5.23 44.55
C1 NAG PA . -40.38 0.47 46.76
C2 NAG PA . -41.04 1.86 46.65
C3 NAG PA . -42.55 1.78 46.92
C4 NAG PA . -43.25 0.66 46.10
C5 NAG PA . -42.46 -0.67 46.15
C6 NAG PA . -43.02 -1.74 45.21
C7 NAG PA . -40.33 2.85 48.82
C8 NAG PA . -39.68 4.09 49.48
N2 NAG PA . -40.39 2.88 47.49
O3 NAG PA . -43.12 3.08 46.57
O4 NAG PA . -44.56 0.38 46.73
O5 NAG PA . -41.04 -0.42 45.81
O6 NAG PA . -42.23 -2.95 45.34
O7 NAG PA . -40.77 1.92 49.47
C1 BMA PA . -45.76 1.09 46.26
C2 BMA PA . -47.00 0.50 46.98
C3 BMA PA . -48.25 1.33 46.66
C4 BMA PA . -48.07 2.82 47.02
C5 BMA PA . -46.84 3.39 46.29
C6 BMA PA . -46.48 4.83 46.71
O2 BMA PA . -46.79 0.52 48.42
O3 BMA PA . -49.38 0.80 47.40
O4 BMA PA . -49.25 3.54 46.57
O5 BMA PA . -45.66 2.52 46.57
O6 BMA PA . -45.84 4.82 48.01
C1 NAG QA . 33.23 -27.88 -15.56
C2 NAG QA . 32.38 -27.28 -16.71
C3 NAG QA . 33.24 -27.13 -17.98
C4 NAG QA . 34.49 -26.30 -17.68
C5 NAG QA . 35.33 -26.99 -16.59
C6 NAG QA . 36.60 -26.21 -16.18
C7 NAG QA . 29.97 -27.70 -17.03
C8 NAG QA . 28.90 -28.71 -17.48
N2 NAG QA . 31.23 -28.14 -17.04
O3 NAG QA . 32.49 -26.48 -19.04
O4 NAG QA . 35.26 -26.24 -18.90
O5 NAG QA . 34.48 -27.15 -15.38
O6 NAG QA . 36.24 -25.08 -15.36
O7 NAG QA . 29.68 -26.55 -16.72
C1 NAG RA . 3.24 -55.60 -15.25
C2 NAG RA . 1.80 -56.06 -15.53
C3 NAG RA . 1.87 -57.20 -16.55
C4 NAG RA . 2.57 -56.72 -17.83
C5 NAG RA . 3.96 -56.11 -17.54
C6 NAG RA . 4.59 -55.44 -18.78
C7 NAG RA . -0.18 -56.51 -14.12
C8 NAG RA . -0.69 -56.81 -12.72
N2 NAG RA . 1.13 -56.50 -14.29
O3 NAG RA . 0.55 -57.68 -16.92
O4 NAG RA . 2.72 -57.87 -18.68
O5 NAG RA . 3.86 -55.10 -16.46
O6 NAG RA . 3.86 -54.24 -19.09
O7 NAG RA . -0.95 -56.31 -15.07
C1 NAG SA . -15.97 -55.18 -24.31
C2 NAG SA . -16.53 -56.58 -23.99
C3 NAG SA . -17.79 -56.44 -23.13
C4 NAG SA . -17.54 -55.56 -21.90
C5 NAG SA . -16.92 -54.20 -22.28
C6 NAG SA . -16.49 -53.34 -21.07
C7 NAG SA . -15.94 -58.02 -25.89
C8 NAG SA . -16.30 -58.40 -27.34
N2 NAG SA . -16.84 -57.28 -25.24
O3 NAG SA . -18.23 -57.75 -22.66
O4 NAG SA . -18.81 -55.32 -21.27
O5 NAG SA . -15.71 -54.43 -23.09
O6 NAG SA . -15.27 -53.90 -20.52
O7 NAG SA . -14.87 -58.34 -25.38
C1 NAG TA . 22.01 26.82 -30.24
C2 NAG TA . 21.67 27.60 -28.95
C3 NAG TA . 22.72 28.70 -28.73
C4 NAG TA . 24.15 28.15 -28.80
C5 NAG TA . 24.41 27.37 -30.10
C6 NAG TA . 25.79 26.71 -30.18
C7 NAG TA . 19.57 28.53 -28.04
C8 NAG TA . 18.11 28.91 -28.34
N2 NAG TA . 20.33 28.18 -29.07
O3 NAG TA . 22.55 29.33 -27.43
O4 NAG TA . 25.05 29.28 -28.72
O5 NAG TA . 23.38 26.32 -30.22
O6 NAG TA . 25.80 25.53 -29.35
O7 NAG TA . 20.02 28.53 -26.90
C1 NAG UA . -16.08 39.70 -39.07
C2 NAG UA . -17.49 40.16 -38.61
C3 NAG UA . -17.70 41.57 -39.18
C4 NAG UA . -16.61 42.52 -38.66
C5 NAG UA . -15.18 42.00 -38.90
C6 NAG UA . -14.11 42.81 -38.16
C7 NAG UA . -19.71 39.13 -38.50
C8 NAG UA . -20.64 38.04 -39.04
N2 NAG UA . -18.52 39.25 -39.09
O3 NAG UA . -18.99 42.12 -38.79
O4 NAG UA . -16.78 43.76 -39.39
O5 NAG UA . -15.07 40.58 -38.48
O6 NAG UA . -14.24 42.60 -36.75
O7 NAG UA . -20.03 39.86 -37.57
C1 NAG VA . -31.02 47.14 -25.71
C2 NAG VA . -31.77 47.66 -26.96
C3 NAG VA . -33.19 47.07 -26.99
C4 NAG VA . -33.11 45.53 -26.95
C5 NAG VA . -32.34 45.03 -25.71
C6 NAG VA . -32.09 43.51 -25.71
C7 NAG VA . -30.86 49.87 -27.51
C8 NAG VA . -30.97 51.38 -27.30
N2 NAG VA . -31.82 49.12 -26.95
O3 NAG VA . -33.88 47.47 -28.19
O4 NAG VA . -34.47 45.04 -26.90
O5 NAG VA . -31.02 45.68 -25.66
O6 NAG VA . -30.94 43.23 -26.54
O7 NAG VA . -29.92 49.36 -28.12
C1 NAG WA . 36.58 13.57 24.21
C2 NAG WA . 36.13 12.08 24.29
C3 NAG WA . 37.35 11.18 24.55
C4 NAG WA . 38.43 11.41 23.48
C5 NAG WA . 38.88 12.88 23.51
C6 NAG WA . 39.93 13.23 22.45
C7 NAG WA . 34.03 11.18 25.23
C8 NAG WA . 33.22 10.93 26.49
N2 NAG WA . 35.16 11.87 25.37
O3 NAG WA . 36.97 9.77 24.50
O4 NAG WA . 39.54 10.56 23.81
O5 NAG WA . 37.69 13.74 23.28
O6 NAG WA . 39.31 13.27 21.15
O7 NAG WA . 33.69 10.74 24.13
C1 NAG XA . 9.56 15.57 55.00
C2 NAG XA . 8.40 14.87 55.75
C3 NAG XA . 8.90 14.62 57.19
C4 NAG XA . 10.19 13.80 57.21
C5 NAG XA . 11.29 14.39 56.31
C6 NAG XA . 12.47 13.42 56.12
C7 NAG XA . 5.98 15.25 56.05
C8 NAG XA . 4.84 16.27 56.09
N2 NAG XA . 7.20 15.70 55.77
O3 NAG XA . 7.93 13.92 58.00
O4 NAG XA . 10.65 13.81 58.58
O5 NAG XA . 10.74 14.71 54.98
O6 NAG XA . 12.08 12.40 55.19
O7 NAG XA . 5.80 14.06 56.32
C1 NAG YA . -3.04 0.27 62.19
C2 NAG YA . -3.67 1.02 63.38
C3 NAG YA . -5.17 1.24 63.13
C4 NAG YA . -5.43 1.90 61.77
C5 NAG YA . -4.73 1.15 60.61
C6 NAG YA . -4.81 1.89 59.28
C7 NAG YA . -2.45 0.47 65.46
C8 NAG YA . -2.39 -0.47 66.68
N2 NAG YA . -3.48 0.28 64.63
O3 NAG YA . -5.74 2.08 64.16
O4 NAG YA . -6.84 1.88 61.55
O5 NAG YA . -3.30 0.97 60.94
O6 NAG YA . -3.93 3.03 59.30
O7 NAG YA . -1.62 1.34 65.25
#